data_2E30
#
_entry.id   2E30
#
_cell.length_a   1.000
_cell.length_b   1.000
_cell.length_c   1.000
_cell.angle_alpha   90.00
_cell.angle_beta   90.00
_cell.angle_gamma   90.00
#
_symmetry.space_group_name_H-M   'P 1'
#
loop_
_entity.id
_entity.type
_entity.pdbx_description
1 polymer 'Calcium-binding protein p22'
2 polymer 'Sodium/hydrogen exchanger 1'
3 non-polymer 'CALCIUM ION'
#
loop_
_entity_poly.entity_id
_entity_poly.type
_entity_poly.pdbx_seq_one_letter_code
_entity_poly.pdbx_strand_id
1 'polypeptide(L)'
;MGSRASTLLRDEELEEIKKETGFSHSQITRLYSRFTSLDKGENGTLSREDFQRIPELAINPLGDRIINAFFPEGEDQVNF
RGFMRTLAHFRPIEDNEKSKDVNGPEPLNSRSNKLHFAFRLYDLDKDEKISRDELLQVLRMMVGVNISDEQLGSIADRTI
QEADQDGDSAISFTEFVKVLEKVDVEQKMSIRFLH
;
A
2 'polypeptide(L)' VDLLAVKKKQETKRSINEEIHTQFLDHLLTGIEDICGHYGHHH B
#
# COMPACT_ATOMS: atom_id res chain seq x y z
N MET A 1 11.49 32.06 3.54
CA MET A 1 12.58 31.47 2.73
C MET A 1 12.90 30.07 3.25
N GLY A 2 14.10 29.61 3.03
CA GLY A 2 14.49 28.26 3.52
C GLY A 2 14.18 28.14 5.01
N SER A 3 14.05 26.95 5.52
CA SER A 3 13.75 26.78 6.97
C SER A 3 14.02 25.33 7.38
N ARG A 4 13.81 25.01 8.63
CA ARG A 4 14.06 23.62 9.09
C ARG A 4 12.99 22.69 8.51
N ALA A 5 11.84 23.22 8.17
CA ALA A 5 10.77 22.37 7.60
C ALA A 5 10.55 21.15 8.48
N SER A 6 11.11 20.03 8.12
CA SER A 6 10.95 18.80 8.94
C SER A 6 9.45 18.59 9.24
N THR A 7 8.73 17.98 8.35
CA THR A 7 7.28 17.74 8.58
C THR A 7 7.10 16.58 9.56
N LEU A 8 5.89 16.26 9.88
CA LEU A 8 5.64 15.13 10.83
C LEU A 8 4.15 14.80 10.85
N LEU A 9 3.80 13.56 11.02
CA LEU A 9 2.38 13.16 11.06
C LEU A 9 1.87 13.34 12.49
N ARG A 10 1.40 14.51 12.81
CA ARG A 10 0.88 14.75 14.18
C ARG A 10 -0.58 14.32 14.24
N ASP A 11 -1.20 14.45 15.37
CA ASP A 11 -2.63 14.05 15.50
C ASP A 11 -3.45 14.74 14.41
N GLU A 12 -2.95 15.77 13.80
CA GLU A 12 -3.75 16.46 12.75
C GLU A 12 -3.67 15.66 11.45
N GLU A 13 -2.48 15.28 11.05
CA GLU A 13 -2.37 14.51 9.80
C GLU A 13 -2.94 13.12 10.03
N LEU A 14 -2.82 12.60 11.23
CA LEU A 14 -3.34 11.25 11.52
C LEU A 14 -4.86 11.30 11.55
N GLU A 15 -5.40 12.12 12.40
CA GLU A 15 -6.88 12.22 12.50
C GLU A 15 -7.48 12.42 11.11
N GLU A 16 -6.84 13.19 10.28
CA GLU A 16 -7.38 13.44 8.91
C GLU A 16 -7.43 12.13 8.12
N ILE A 17 -6.31 11.56 7.80
CA ILE A 17 -6.31 10.28 7.02
C ILE A 17 -7.11 9.22 7.78
N LYS A 18 -7.11 9.28 9.08
CA LYS A 18 -7.86 8.27 9.87
C LYS A 18 -9.35 8.37 9.55
N LYS A 19 -9.90 9.55 9.58
CA LYS A 19 -11.36 9.69 9.28
C LYS A 19 -11.60 9.40 7.79
N GLU A 20 -10.60 9.59 6.97
CA GLU A 20 -10.79 9.30 5.52
C GLU A 20 -11.18 7.84 5.37
N THR A 21 -10.44 6.97 6.01
CA THR A 21 -10.74 5.52 5.96
C THR A 21 -11.58 5.14 7.17
N GLY A 22 -11.60 5.99 8.16
CA GLY A 22 -12.39 5.70 9.39
C GLY A 22 -13.81 6.25 9.23
N PHE A 23 -13.94 7.43 8.69
CA PHE A 23 -15.30 8.03 8.51
C PHE A 23 -15.32 8.87 7.22
N SER A 24 -15.81 10.08 7.30
CA SER A 24 -15.86 10.94 6.08
C SER A 24 -16.33 12.35 6.47
N HIS A 25 -15.86 12.87 7.56
CA HIS A 25 -16.28 14.24 7.98
C HIS A 25 -15.58 15.29 7.12
N SER A 26 -15.53 16.51 7.57
CA SER A 26 -14.86 17.58 6.78
C SER A 26 -13.37 17.61 7.12
N GLN A 27 -12.99 16.98 8.19
CA GLN A 27 -11.54 16.98 8.58
C GLN A 27 -10.71 16.56 7.37
N ILE A 28 -11.25 15.73 6.51
CA ILE A 28 -10.49 15.29 5.32
C ILE A 28 -10.78 16.22 4.14
N THR A 29 -12.00 16.68 4.03
CA THR A 29 -12.32 17.60 2.91
C THR A 29 -11.27 18.71 2.86
N ARG A 30 -10.95 19.28 4.00
CA ARG A 30 -9.92 20.35 4.03
C ARG A 30 -8.57 19.76 3.62
N LEU A 31 -8.25 18.60 4.12
CA LEU A 31 -6.96 17.97 3.77
C LEU A 31 -6.88 17.79 2.27
N TYR A 32 -8.00 17.61 1.63
CA TYR A 32 -7.99 17.44 0.15
C TYR A 32 -7.77 18.80 -0.49
N SER A 33 -8.22 19.85 0.14
CA SER A 33 -8.03 21.21 -0.44
C SER A 33 -6.54 21.57 -0.52
N ARG A 34 -5.80 21.32 0.53
CA ARG A 34 -4.35 21.65 0.49
C ARG A 34 -3.64 20.66 -0.43
N PHE A 35 -3.89 19.40 -0.24
CA PHE A 35 -3.25 18.37 -1.10
C PHE A 35 -3.56 18.67 -2.56
N THR A 36 -4.81 18.71 -2.91
CA THR A 36 -5.21 18.99 -4.32
C THR A 36 -4.75 20.40 -4.73
N SER A 37 -4.50 21.25 -3.78
CA SER A 37 -4.04 22.62 -4.15
C SER A 37 -2.61 22.54 -4.68
N LEU A 38 -1.88 21.52 -4.29
CA LEU A 38 -0.48 21.38 -4.78
C LEU A 38 -0.48 21.33 -6.31
N ASP A 39 -1.65 21.28 -6.90
CA ASP A 39 -1.73 21.23 -8.39
C ASP A 39 -1.20 22.55 -8.99
N LYS A 40 -0.13 23.06 -8.47
CA LYS A 40 0.43 24.33 -9.01
C LYS A 40 -0.62 25.45 -8.93
N GLY A 41 -1.80 25.13 -8.45
CA GLY A 41 -2.86 26.18 -8.32
C GLY A 41 -4.11 25.76 -9.12
N GLU A 42 -4.23 24.51 -9.46
CA GLU A 42 -5.43 24.07 -10.23
C GLU A 42 -6.58 23.82 -9.25
N ASN A 43 -6.42 22.86 -8.38
CA ASN A 43 -7.49 22.55 -7.37
C ASN A 43 -8.54 21.64 -8.03
N GLY A 44 -8.11 20.61 -8.69
CA GLY A 44 -9.07 19.68 -9.35
C GLY A 44 -8.48 18.27 -9.36
N THR A 45 -7.28 18.12 -9.84
CA THR A 45 -6.64 16.76 -9.89
C THR A 45 -5.17 16.89 -9.45
N LEU A 46 -4.46 15.79 -9.38
CA LEU A 46 -3.02 15.85 -8.97
C LEU A 46 -2.17 14.99 -9.91
N SER A 47 -1.01 15.48 -10.27
CA SER A 47 -0.10 14.72 -11.18
C SER A 47 1.15 14.28 -10.42
N ARG A 48 2.03 13.56 -11.06
CA ARG A 48 3.26 13.11 -10.36
C ARG A 48 4.03 14.31 -9.82
N GLU A 49 4.22 15.31 -10.63
CA GLU A 49 4.98 16.52 -10.19
C GLU A 49 4.33 17.14 -8.95
N ASP A 50 3.10 16.77 -8.64
CA ASP A 50 2.44 17.36 -7.45
C ASP A 50 2.70 16.50 -6.21
N PHE A 51 2.58 15.20 -6.35
CA PHE A 51 2.82 14.30 -5.18
C PHE A 51 4.24 14.51 -4.65
N GLN A 52 5.19 14.75 -5.52
CA GLN A 52 6.59 14.94 -5.04
C GLN A 52 6.64 16.14 -4.09
N ARG A 53 5.65 16.97 -4.13
CA ARG A 53 5.63 18.16 -3.24
C ARG A 53 5.54 17.71 -1.78
N ILE A 54 5.32 16.44 -1.55
CA ILE A 54 5.24 15.93 -0.16
C ILE A 54 6.56 15.22 0.14
N PRO A 55 7.08 15.35 1.34
CA PRO A 55 8.38 14.73 1.71
C PRO A 55 8.31 13.19 1.78
N GLU A 56 7.21 12.62 1.36
CA GLU A 56 7.11 11.12 1.42
C GLU A 56 7.57 10.52 0.09
N LEU A 57 6.96 10.90 -1.01
CA LEU A 57 7.37 10.34 -2.32
C LEU A 57 8.83 10.71 -2.60
N ALA A 58 9.18 11.95 -2.39
CA ALA A 58 10.59 12.39 -2.64
C ALA A 58 11.58 11.66 -1.73
N ILE A 59 11.11 10.92 -0.76
CA ILE A 59 12.05 10.20 0.16
C ILE A 59 11.66 8.72 0.21
N ASN A 60 10.77 8.29 -0.64
CA ASN A 60 10.36 6.86 -0.62
C ASN A 60 11.35 6.03 -1.47
N PRO A 61 11.73 4.86 -1.01
CA PRO A 61 12.68 3.99 -1.77
C PRO A 61 12.00 3.40 -3.01
N LEU A 62 10.73 3.11 -2.91
CA LEU A 62 9.98 2.56 -4.08
C LEU A 62 8.98 3.61 -4.56
N GLY A 63 8.10 4.04 -3.68
CA GLY A 63 7.08 5.06 -4.05
C GLY A 63 6.27 4.59 -5.27
N ASP A 64 6.66 3.53 -5.89
CA ASP A 64 5.85 3.03 -7.04
C ASP A 64 4.47 2.75 -6.48
N ARG A 65 4.40 2.71 -5.17
CA ARG A 65 3.11 2.46 -4.47
C ARG A 65 2.28 3.74 -4.49
N ILE A 66 2.81 4.82 -3.99
CA ILE A 66 2.03 6.10 -3.97
C ILE A 66 1.69 6.49 -5.41
N ILE A 67 2.65 6.41 -6.28
CA ILE A 67 2.43 6.78 -7.71
C ILE A 67 1.24 6.02 -8.28
N ASN A 68 1.21 4.72 -8.15
CA ASN A 68 0.09 3.94 -8.72
C ASN A 68 -1.09 3.91 -7.74
N ALA A 69 -0.90 4.43 -6.57
CA ALA A 69 -2.02 4.42 -5.58
C ALA A 69 -3.06 5.45 -5.98
N PHE A 70 -2.64 6.57 -6.52
CA PHE A 70 -3.63 7.61 -6.93
C PHE A 70 -4.08 7.36 -8.37
N PHE A 71 -3.22 6.87 -9.21
CA PHE A 71 -3.60 6.60 -10.61
C PHE A 71 -2.56 5.71 -11.30
N PRO A 72 -2.98 4.83 -12.18
CA PRO A 72 -2.05 3.90 -12.89
C PRO A 72 -1.13 4.63 -13.88
N GLU A 73 -0.39 3.90 -14.67
CA GLU A 73 0.52 4.51 -15.65
C GLU A 73 -0.24 4.72 -16.96
N GLY A 74 -1.08 5.71 -17.00
CA GLY A 74 -1.85 5.98 -18.24
C GLY A 74 -2.50 7.35 -18.10
N GLU A 75 -2.92 7.70 -16.91
CA GLU A 75 -3.54 9.03 -16.69
C GLU A 75 -2.48 9.99 -16.13
N ASP A 76 -2.65 11.27 -16.35
CA ASP A 76 -1.65 12.26 -15.85
C ASP A 76 -2.29 13.14 -14.78
N GLN A 77 -3.38 12.70 -14.21
CA GLN A 77 -4.05 13.54 -13.18
C GLN A 77 -5.10 12.70 -12.42
N VAL A 78 -5.07 12.73 -11.11
CA VAL A 78 -6.06 11.94 -10.31
C VAL A 78 -7.10 12.90 -9.73
N ASN A 79 -8.35 12.69 -10.03
CA ASN A 79 -9.41 13.60 -9.53
C ASN A 79 -9.74 13.28 -8.07
N PHE A 80 -10.66 14.01 -7.51
CA PHE A 80 -11.06 13.80 -6.10
C PHE A 80 -11.68 12.40 -5.95
N ARG A 81 -12.16 11.85 -7.03
CA ARG A 81 -12.79 10.50 -6.96
C ARG A 81 -11.80 9.50 -6.36
N GLY A 82 -10.69 9.28 -7.00
CA GLY A 82 -9.71 8.31 -6.46
C GLY A 82 -9.00 8.89 -5.25
N PHE A 83 -8.92 10.18 -5.15
CA PHE A 83 -8.25 10.79 -3.97
C PHE A 83 -8.82 10.13 -2.72
N MET A 84 -10.11 10.10 -2.60
CA MET A 84 -10.75 9.48 -1.42
C MET A 84 -10.86 7.95 -1.61
N ARG A 85 -10.79 7.44 -2.81
CA ARG A 85 -10.89 5.96 -2.96
C ARG A 85 -9.58 5.32 -2.51
N THR A 86 -8.49 6.02 -2.69
CA THR A 86 -7.17 5.46 -2.29
C THR A 86 -6.92 5.69 -0.79
N LEU A 87 -6.98 6.92 -0.35
CA LEU A 87 -6.72 7.20 1.08
C LEU A 87 -7.80 6.55 1.96
N ALA A 88 -8.96 6.27 1.41
CA ALA A 88 -10.03 5.64 2.24
C ALA A 88 -10.01 4.11 2.05
N HIS A 89 -9.41 3.63 1.00
CA HIS A 89 -9.37 2.15 0.78
C HIS A 89 -8.87 1.44 2.03
N PHE A 90 -8.44 2.17 3.03
CA PHE A 90 -7.93 1.52 4.26
C PHE A 90 -9.03 1.41 5.31
N ARG A 91 -10.28 1.43 4.88
CA ARG A 91 -11.40 1.32 5.86
C ARG A 91 -11.42 -0.11 6.43
N PRO A 92 -11.58 -0.27 7.73
CA PRO A 92 -11.59 -1.63 8.36
C PRO A 92 -12.87 -2.40 7.99
N ILE A 93 -12.74 -3.67 7.73
CA ILE A 93 -13.94 -4.47 7.35
C ILE A 93 -15.00 -4.34 8.45
N GLU A 94 -16.24 -4.20 8.08
CA GLU A 94 -17.33 -4.07 9.09
C GLU A 94 -18.61 -4.70 8.52
N ASP A 95 -18.59 -5.09 7.27
CA ASP A 95 -19.79 -5.71 6.65
C ASP A 95 -19.64 -7.23 6.67
N ASN A 96 -18.54 -7.73 6.21
CA ASN A 96 -18.33 -9.22 6.19
C ASN A 96 -17.75 -9.66 7.54
N GLU A 97 -17.78 -8.80 8.52
CA GLU A 97 -17.24 -9.17 9.86
C GLU A 97 -18.11 -10.25 10.49
N LYS A 98 -18.32 -11.33 9.80
CA LYS A 98 -19.17 -12.43 10.35
C LYS A 98 -20.64 -12.01 10.29
N SER A 99 -20.91 -10.73 10.30
CA SER A 99 -22.32 -10.26 10.24
C SER A 99 -22.85 -10.44 8.82
N LYS A 100 -24.15 -10.28 8.63
CA LYS A 100 -24.73 -10.44 7.26
C LYS A 100 -25.80 -9.37 7.04
N ASP A 101 -25.77 -8.31 7.81
CA ASP A 101 -26.79 -7.24 7.63
C ASP A 101 -26.40 -6.02 8.48
N VAL A 102 -25.57 -5.16 7.94
CA VAL A 102 -25.17 -3.96 8.72
C VAL A 102 -26.19 -2.83 8.48
N ASN A 103 -25.84 -1.85 7.70
CA ASN A 103 -26.79 -0.74 7.43
C ASN A 103 -26.25 0.15 6.31
N GLY A 104 -25.04 -0.10 5.87
CA GLY A 104 -24.46 0.74 4.79
C GLY A 104 -23.20 0.08 4.23
N PRO A 105 -23.36 -1.07 3.63
CA PRO A 105 -22.22 -1.83 3.02
C PRO A 105 -21.80 -1.27 1.66
N GLU A 106 -20.86 -0.37 1.64
CA GLU A 106 -20.41 0.21 0.34
C GLU A 106 -19.19 -0.57 -0.17
N PRO A 107 -19.00 -0.61 -1.47
CA PRO A 107 -17.85 -1.34 -2.07
C PRO A 107 -16.52 -0.61 -1.86
N LEU A 108 -15.75 -1.01 -0.88
CA LEU A 108 -14.45 -0.34 -0.63
C LEU A 108 -13.69 -1.10 0.45
N ASN A 109 -12.44 -1.42 0.20
CA ASN A 109 -11.62 -2.17 1.18
C ASN A 109 -12.16 -3.60 1.33
N SER A 110 -12.86 -4.08 0.34
CA SER A 110 -13.39 -5.48 0.41
C SER A 110 -12.31 -6.45 -0.04
N ARG A 111 -12.50 -7.72 0.16
CA ARG A 111 -11.49 -8.72 -0.27
C ARG A 111 -11.04 -8.41 -1.70
N SER A 112 -11.93 -8.61 -2.65
CA SER A 112 -11.56 -8.33 -4.07
C SER A 112 -10.91 -6.95 -4.17
N ASN A 113 -11.28 -6.05 -3.30
CA ASN A 113 -10.68 -4.68 -3.35
C ASN A 113 -9.27 -4.74 -2.75
N LYS A 114 -9.07 -5.58 -1.76
CA LYS A 114 -7.70 -5.67 -1.15
C LYS A 114 -6.71 -6.05 -2.24
N LEU A 115 -7.00 -7.06 -3.02
CA LEU A 115 -6.06 -7.46 -4.10
C LEU A 115 -5.93 -6.31 -5.09
N HIS A 116 -7.05 -5.77 -5.52
CA HIS A 116 -7.01 -4.65 -6.50
C HIS A 116 -6.16 -3.50 -5.95
N PHE A 117 -6.12 -3.33 -4.66
CA PHE A 117 -5.31 -2.21 -4.09
C PHE A 117 -3.83 -2.57 -4.11
N ALA A 118 -3.40 -3.50 -3.30
CA ALA A 118 -1.96 -3.90 -3.30
C ALA A 118 -1.54 -4.14 -4.75
N PHE A 119 -2.49 -4.40 -5.60
CA PHE A 119 -2.18 -4.65 -7.03
C PHE A 119 -1.76 -3.34 -7.69
N ARG A 120 -2.61 -2.35 -7.67
CA ARG A 120 -2.25 -1.04 -8.28
C ARG A 120 -0.86 -0.61 -7.81
N LEU A 121 -0.57 -0.80 -6.56
CA LEU A 121 0.76 -0.39 -6.03
C LEU A 121 1.88 -1.12 -6.77
N TYR A 122 1.78 -2.42 -6.89
CA TYR A 122 2.85 -3.20 -7.59
C TYR A 122 2.53 -3.29 -9.10
N ASP A 123 1.35 -2.89 -9.51
CA ASP A 123 1.02 -2.94 -10.97
C ASP A 123 1.60 -1.72 -11.67
N LEU A 124 2.87 -1.73 -11.94
CA LEU A 124 3.50 -0.56 -12.62
C LEU A 124 3.33 -0.70 -14.13
N ASP A 125 3.51 -1.89 -14.66
CA ASP A 125 3.39 -2.08 -16.13
C ASP A 125 1.95 -2.42 -16.53
N LYS A 126 1.10 -2.72 -15.60
CA LYS A 126 -0.30 -3.04 -15.97
C LYS A 126 -0.35 -4.37 -16.72
N ASP A 127 0.50 -5.30 -16.36
CA ASP A 127 0.48 -6.63 -17.05
C ASP A 127 -0.69 -7.42 -16.48
N GLU A 128 -1.36 -6.85 -15.51
CA GLU A 128 -2.53 -7.49 -14.84
C GLU A 128 -2.03 -8.26 -13.60
N LYS A 129 -0.73 -8.39 -13.47
CA LYS A 129 -0.16 -9.09 -12.29
C LYS A 129 1.21 -8.47 -11.99
N ILE A 130 1.78 -8.74 -10.85
CA ILE A 130 3.12 -8.15 -10.56
C ILE A 130 4.19 -8.91 -11.34
N SER A 131 4.76 -8.29 -12.33
CA SER A 131 5.81 -8.96 -13.14
C SER A 131 7.09 -9.07 -12.33
N ARG A 132 8.09 -9.71 -12.89
CA ARG A 132 9.37 -9.87 -12.14
C ARG A 132 10.12 -8.54 -12.07
N ASP A 133 10.01 -7.73 -13.07
CA ASP A 133 10.72 -6.42 -13.04
C ASP A 133 10.11 -5.57 -11.94
N GLU A 134 8.84 -5.69 -11.73
CA GLU A 134 8.18 -4.90 -10.66
C GLU A 134 8.47 -5.54 -9.31
N LEU A 135 8.01 -6.75 -9.13
CA LEU A 135 8.23 -7.45 -7.85
C LEU A 135 9.69 -7.31 -7.41
N LEU A 136 10.62 -7.53 -8.31
CA LEU A 136 12.05 -7.42 -7.95
C LEU A 136 12.39 -6.01 -7.51
N GLN A 137 11.99 -5.02 -8.26
CA GLN A 137 12.32 -3.61 -7.87
C GLN A 137 11.97 -3.40 -6.39
N VAL A 138 10.87 -3.95 -5.93
CA VAL A 138 10.48 -3.77 -4.50
C VAL A 138 11.20 -4.81 -3.65
N LEU A 139 10.88 -6.05 -3.86
CA LEU A 139 11.53 -7.16 -3.09
C LEU A 139 13.02 -6.83 -2.86
N ARG A 140 13.69 -6.32 -3.86
CA ARG A 140 15.12 -5.96 -3.68
C ARG A 140 15.24 -4.71 -2.80
N MET A 141 14.42 -3.73 -3.01
CA MET A 141 14.52 -2.50 -2.17
C MET A 141 14.04 -2.80 -0.74
N MET A 142 13.46 -3.95 -0.53
CA MET A 142 12.97 -4.30 0.83
C MET A 142 13.98 -5.20 1.55
N VAL A 143 14.79 -5.92 0.82
CA VAL A 143 15.79 -6.83 1.47
C VAL A 143 17.22 -6.36 1.14
N GLY A 144 17.39 -5.69 0.03
CA GLY A 144 18.75 -5.21 -0.33
C GLY A 144 19.38 -4.47 0.84
N VAL A 145 18.58 -4.03 1.78
CA VAL A 145 19.13 -3.31 2.95
C VAL A 145 20.23 -4.12 3.61
N ASN A 146 20.26 -5.41 3.41
CA ASN A 146 21.31 -6.25 4.03
C ASN A 146 21.59 -7.49 3.17
N ILE A 147 21.23 -7.45 1.90
CA ILE A 147 21.49 -8.63 1.02
C ILE A 147 22.55 -8.29 -0.02
N SER A 148 23.50 -9.17 -0.23
CA SER A 148 24.58 -8.91 -1.22
C SER A 148 23.96 -8.82 -2.63
N ASP A 149 24.76 -8.71 -3.64
CA ASP A 149 24.21 -8.61 -5.03
C ASP A 149 23.83 -9.99 -5.55
N GLU A 150 24.79 -10.86 -5.73
CA GLU A 150 24.48 -12.22 -6.23
C GLU A 150 23.52 -12.89 -5.26
N GLN A 151 23.53 -12.47 -4.03
CA GLN A 151 22.61 -13.07 -3.02
C GLN A 151 21.19 -12.60 -3.32
N LEU A 152 21.05 -11.34 -3.65
CA LEU A 152 19.71 -10.81 -3.95
C LEU A 152 19.23 -11.37 -5.29
N GLY A 153 20.08 -11.34 -6.28
CA GLY A 153 19.69 -11.85 -7.62
C GLY A 153 19.14 -13.27 -7.49
N SER A 154 19.72 -14.06 -6.63
CA SER A 154 19.23 -15.46 -6.47
C SER A 154 18.02 -15.52 -5.53
N ILE A 155 17.89 -14.56 -4.65
CA ILE A 155 16.73 -14.58 -3.72
C ILE A 155 15.50 -14.03 -4.46
N ALA A 156 15.72 -13.21 -5.46
CA ALA A 156 14.58 -12.65 -6.22
C ALA A 156 14.12 -13.67 -7.26
N ASP A 157 15.04 -14.29 -7.96
CA ASP A 157 14.65 -15.30 -8.98
C ASP A 157 13.90 -16.45 -8.30
N ARG A 158 14.38 -16.88 -7.16
CA ARG A 158 13.70 -18.01 -6.46
C ARG A 158 12.39 -17.51 -5.84
N THR A 159 12.33 -16.26 -5.47
CA THR A 159 11.09 -15.72 -4.85
C THR A 159 9.96 -15.72 -5.88
N ILE A 160 10.19 -15.18 -7.03
CA ILE A 160 9.11 -15.14 -8.05
C ILE A 160 8.95 -16.51 -8.69
N GLN A 161 9.93 -17.35 -8.57
CA GLN A 161 9.84 -18.70 -9.19
C GLN A 161 9.17 -19.68 -8.23
N GLU A 162 9.25 -19.42 -6.95
CA GLU A 162 8.63 -20.36 -5.97
C GLU A 162 7.18 -19.93 -5.68
N ALA A 163 6.88 -18.65 -5.74
CA ALA A 163 5.48 -18.22 -5.48
C ALA A 163 4.69 -18.34 -6.77
N ASP A 164 5.37 -18.38 -7.89
CA ASP A 164 4.66 -18.46 -9.20
C ASP A 164 3.57 -19.53 -9.11
N GLN A 165 2.39 -19.13 -8.73
CA GLN A 165 1.27 -20.10 -8.62
C GLN A 165 0.45 -20.02 -9.91
N ASP A 166 0.24 -18.83 -10.44
CA ASP A 166 -0.51 -18.75 -11.71
C ASP A 166 0.43 -19.26 -12.78
N GLY A 167 1.67 -19.46 -12.40
CA GLY A 167 2.67 -19.97 -13.34
C GLY A 167 2.97 -18.89 -14.36
N ASP A 168 2.54 -17.70 -14.08
CA ASP A 168 2.79 -16.59 -14.99
C ASP A 168 4.13 -16.00 -14.62
N SER A 169 4.89 -16.71 -13.82
CA SER A 169 6.20 -16.15 -13.37
C SER A 169 5.90 -14.75 -12.86
N ALA A 170 4.66 -14.54 -12.46
CA ALA A 170 4.24 -13.21 -11.96
C ALA A 170 3.12 -13.44 -10.96
N ILE A 171 2.90 -12.53 -10.07
CA ILE A 171 1.81 -12.74 -9.08
C ILE A 171 1.13 -11.45 -8.73
N SER A 172 -0.05 -11.57 -8.17
CA SER A 172 -0.76 -10.36 -7.67
C SER A 172 -2.04 -10.77 -6.97
N PHE A 173 -2.80 -11.55 -7.63
CA PHE A 173 -4.12 -11.97 -7.13
C PHE A 173 -4.19 -13.43 -6.71
N THR A 174 -3.34 -14.27 -7.21
CA THR A 174 -3.53 -15.73 -6.93
C THR A 174 -2.86 -16.22 -5.65
N GLU A 175 -1.56 -16.27 -5.57
CA GLU A 175 -0.99 -16.82 -4.32
C GLU A 175 -1.24 -15.78 -3.24
N PHE A 176 -1.65 -14.61 -3.65
CA PHE A 176 -1.99 -13.57 -2.65
C PHE A 176 -3.32 -14.01 -2.05
N VAL A 177 -4.30 -14.25 -2.87
CA VAL A 177 -5.60 -14.73 -2.36
C VAL A 177 -5.37 -15.99 -1.53
N LYS A 178 -4.61 -16.93 -2.06
CA LYS A 178 -4.35 -18.18 -1.28
C LYS A 178 -3.64 -17.82 0.03
N VAL A 179 -2.94 -16.72 0.06
CA VAL A 179 -2.23 -16.30 1.32
C VAL A 179 -3.23 -15.70 2.30
N LEU A 180 -4.24 -15.01 1.83
CA LEU A 180 -5.22 -14.40 2.76
C LEU A 180 -5.93 -15.51 3.52
N GLU A 181 -6.19 -16.62 2.89
CA GLU A 181 -6.87 -17.73 3.59
C GLU A 181 -6.06 -18.13 4.82
N LYS A 182 -4.85 -17.64 4.93
CA LYS A 182 -3.99 -17.98 6.10
C LYS A 182 -3.81 -16.73 6.98
N VAL A 183 -4.06 -15.56 6.44
CA VAL A 183 -3.90 -14.31 7.25
C VAL A 183 -4.93 -13.28 6.78
N ASP A 184 -5.75 -12.79 7.68
CA ASP A 184 -6.77 -11.79 7.28
C ASP A 184 -6.10 -10.42 7.09
N VAL A 185 -5.29 -10.31 6.08
CA VAL A 185 -4.60 -9.00 5.82
C VAL A 185 -5.64 -7.94 5.47
N GLU A 186 -6.81 -8.36 5.07
CA GLU A 186 -7.87 -7.37 4.70
C GLU A 186 -8.11 -6.38 5.84
N GLN A 187 -8.09 -6.83 7.06
CA GLN A 187 -8.32 -5.89 8.20
C GLN A 187 -7.02 -5.20 8.55
N LYS A 188 -5.90 -5.78 8.18
CA LYS A 188 -4.60 -5.14 8.49
C LYS A 188 -4.50 -3.83 7.70
N MET A 189 -5.13 -3.78 6.55
CA MET A 189 -5.08 -2.54 5.73
C MET A 189 -5.83 -1.42 6.45
N SER A 190 -5.48 -1.16 7.69
CA SER A 190 -6.17 -0.08 8.46
C SER A 190 -5.17 0.55 9.42
N ILE A 191 -5.09 1.86 9.43
CA ILE A 191 -4.12 2.55 10.33
C ILE A 191 -4.82 2.87 11.66
N ARG A 192 -4.13 2.68 12.76
CA ARG A 192 -4.75 2.97 14.09
C ARG A 192 -3.65 3.29 15.12
N PHE A 193 -2.74 2.38 15.31
CA PHE A 193 -1.63 2.62 16.29
C PHE A 193 -2.23 2.99 17.65
N LEU A 194 -3.40 2.47 17.96
CA LEU A 194 -4.03 2.79 19.28
C LEU A 194 -3.52 1.80 20.33
N HIS A 195 -4.16 0.67 20.47
CA HIS A 195 -3.71 -0.32 21.48
C HIS A 195 -2.27 -0.72 21.18
N VAL B 1 12.72 -34.16 25.37
CA VAL B 1 11.61 -33.91 26.32
C VAL B 1 10.44 -34.85 26.00
N ASP B 2 9.33 -34.65 26.64
CA ASP B 2 8.15 -35.54 26.38
C ASP B 2 7.79 -35.45 24.89
N LEU B 3 6.61 -35.90 24.54
CA LEU B 3 6.19 -35.84 23.11
C LEU B 3 7.29 -36.45 22.24
N LEU B 4 7.20 -36.28 20.95
CA LEU B 4 8.24 -36.84 20.03
C LEU B 4 8.54 -35.84 18.93
N ALA B 5 8.52 -36.26 17.69
CA ALA B 5 8.82 -35.32 16.58
C ALA B 5 8.47 -35.98 15.24
N VAL B 6 8.48 -35.24 14.18
CA VAL B 6 8.15 -35.82 12.85
C VAL B 6 6.83 -36.59 12.96
N LYS B 7 5.90 -36.09 13.71
CA LYS B 7 4.60 -36.80 13.86
C LYS B 7 3.68 -36.44 12.69
N LYS B 8 2.48 -36.01 12.97
CA LYS B 8 1.54 -35.64 11.86
C LYS B 8 2.07 -34.40 11.15
N LYS B 9 1.47 -34.03 10.05
CA LYS B 9 1.94 -32.82 9.31
C LYS B 9 2.13 -31.66 10.28
N GLN B 10 3.37 -31.38 10.63
CA GLN B 10 3.63 -30.27 11.58
C GLN B 10 3.35 -28.93 10.89
N GLU B 11 4.01 -27.89 11.31
CA GLU B 11 3.79 -26.55 10.68
C GLU B 11 4.45 -26.52 9.30
N THR B 12 3.98 -25.68 8.42
CA THR B 12 4.58 -25.60 7.06
C THR B 12 5.86 -24.77 7.11
N LYS B 13 6.72 -24.92 6.13
CA LYS B 13 7.97 -24.12 6.13
C LYS B 13 7.66 -22.65 5.86
N ARG B 14 8.59 -21.78 6.14
CA ARG B 14 8.34 -20.32 5.88
C ARG B 14 7.82 -20.13 4.45
N SER B 15 7.21 -19.01 4.19
CA SER B 15 6.68 -18.75 2.80
C SER B 15 7.21 -17.40 2.31
N ILE B 16 7.53 -17.31 1.05
CA ILE B 16 8.04 -16.02 0.50
C ILE B 16 6.90 -15.00 0.49
N ASN B 17 5.72 -15.43 0.15
CA ASN B 17 4.57 -14.50 0.09
C ASN B 17 4.29 -13.95 1.49
N GLU B 18 4.41 -14.76 2.51
CA GLU B 18 4.13 -14.27 3.89
C GLU B 18 5.16 -13.23 4.31
N GLU B 19 6.41 -13.60 4.35
CA GLU B 19 7.47 -12.64 4.79
C GLU B 19 7.43 -11.37 3.94
N ILE B 20 7.31 -11.48 2.65
CA ILE B 20 7.30 -10.25 1.80
C ILE B 20 5.96 -9.50 1.94
N HIS B 21 4.87 -10.20 2.00
CA HIS B 21 3.55 -9.50 2.13
C HIS B 21 3.45 -8.85 3.51
N THR B 22 4.08 -9.42 4.50
CA THR B 22 4.00 -8.84 5.87
C THR B 22 4.81 -7.53 5.92
N GLN B 23 5.99 -7.53 5.39
CA GLN B 23 6.81 -6.28 5.41
C GLN B 23 6.27 -5.31 4.36
N PHE B 24 5.76 -5.82 3.28
CA PHE B 24 5.21 -4.93 2.21
C PHE B 24 3.90 -4.30 2.69
N LEU B 25 3.00 -5.09 3.20
CA LEU B 25 1.70 -4.52 3.70
C LEU B 25 1.98 -3.53 4.84
N ASP B 26 2.99 -3.76 5.62
CA ASP B 26 3.29 -2.82 6.74
C ASP B 26 4.01 -1.57 6.21
N HIS B 27 4.97 -1.74 5.35
CA HIS B 27 5.70 -0.57 4.80
C HIS B 27 4.80 0.23 3.84
N LEU B 28 4.04 -0.46 3.04
CA LEU B 28 3.17 0.25 2.06
C LEU B 28 2.00 0.93 2.76
N LEU B 29 1.49 0.36 3.81
CA LEU B 29 0.34 1.00 4.52
C LEU B 29 0.82 2.29 5.21
N THR B 30 1.82 2.18 6.04
CA THR B 30 2.32 3.38 6.75
C THR B 30 3.08 4.28 5.76
N GLY B 31 3.49 3.73 4.65
CA GLY B 31 4.25 4.55 3.66
C GLY B 31 3.30 5.47 2.88
N ILE B 32 2.13 5.00 2.55
CA ILE B 32 1.18 5.86 1.78
C ILE B 32 0.33 6.71 2.74
N GLU B 33 0.25 6.35 3.99
CA GLU B 33 -0.56 7.17 4.93
C GLU B 33 0.30 8.34 5.42
N ASP B 34 1.58 8.13 5.55
CA ASP B 34 2.46 9.24 6.01
C ASP B 34 2.24 10.47 5.13
N ILE B 35 1.58 10.31 4.02
CA ILE B 35 1.34 11.47 3.11
C ILE B 35 0.37 12.45 3.77
N CYS B 36 -0.87 12.07 3.91
CA CYS B 36 -1.86 13.00 4.53
C CYS B 36 -1.81 14.34 3.80
N GLY B 37 -1.11 15.31 4.33
CA GLY B 37 -1.01 16.64 3.67
C GLY B 37 -1.06 17.74 4.72
N HIS B 38 -1.85 18.76 4.49
CA HIS B 38 -1.96 19.88 5.47
C HIS B 38 -0.60 20.58 5.57
N TYR B 39 -0.04 20.97 4.46
CA TYR B 39 1.28 21.67 4.50
C TYR B 39 1.50 22.43 3.18
N GLY B 40 0.45 22.95 2.61
CA GLY B 40 0.59 23.69 1.32
C GLY B 40 1.09 25.11 1.61
N HIS B 41 2.33 25.38 1.33
CA HIS B 41 2.87 26.75 1.58
C HIS B 41 2.10 27.77 0.74
N HIS B 42 1.55 27.35 -0.37
CA HIS B 42 0.79 28.30 -1.23
C HIS B 42 1.65 29.52 -1.53
N HIS B 43 2.94 29.35 -1.60
CA HIS B 43 3.84 30.50 -1.89
C HIS B 43 3.73 30.88 -3.38
N MET A 1 23.69 23.34 7.52
CA MET A 1 22.40 23.40 6.78
C MET A 1 21.75 22.01 6.78
N GLY A 2 20.52 21.91 6.37
CA GLY A 2 19.83 20.59 6.36
C GLY A 2 18.36 20.78 5.97
N SER A 3 18.02 21.91 5.41
CA SER A 3 16.60 22.16 5.02
C SER A 3 15.69 21.83 6.20
N ARG A 4 15.43 22.80 7.04
CA ARG A 4 14.53 22.54 8.21
C ARG A 4 13.08 22.53 7.74
N ALA A 5 12.15 22.83 8.62
CA ALA A 5 10.72 22.85 8.22
C ALA A 5 10.33 21.48 7.65
N SER A 6 9.55 20.72 8.39
CA SER A 6 9.14 19.38 7.89
C SER A 6 7.83 18.96 8.58
N THR A 7 7.46 19.65 9.63
CA THR A 7 6.20 19.29 10.34
C THR A 7 6.16 17.78 10.58
N LEU A 8 5.03 17.27 10.99
CA LEU A 8 4.92 15.80 11.25
C LEU A 8 3.46 15.37 11.22
N LEU A 9 3.19 14.12 11.50
CA LEU A 9 1.80 13.62 11.49
C LEU A 9 1.27 13.60 12.93
N ARG A 10 0.66 14.67 13.36
CA ARG A 10 0.11 14.71 14.74
C ARG A 10 -1.32 14.19 14.72
N ASP A 11 -1.95 14.14 15.86
CA ASP A 11 -3.35 13.64 15.91
C ASP A 11 -4.22 14.41 14.91
N GLU A 12 -3.74 15.52 14.42
CA GLU A 12 -4.54 16.30 13.44
C GLU A 12 -4.46 15.62 12.09
N GLU A 13 -3.28 15.28 11.63
CA GLU A 13 -3.16 14.59 10.33
C GLU A 13 -3.70 13.19 10.48
N LEU A 14 -3.53 12.58 11.63
CA LEU A 14 -4.07 11.23 11.80
C LEU A 14 -5.59 11.34 11.82
N GLU A 15 -6.13 12.15 12.68
CA GLU A 15 -7.62 12.29 12.74
C GLU A 15 -8.18 12.49 11.32
N GLU A 16 -7.53 13.31 10.54
CA GLU A 16 -8.04 13.57 9.16
C GLU A 16 -8.13 12.26 8.37
N ILE A 17 -7.02 11.63 8.07
CA ILE A 17 -7.10 10.37 7.28
C ILE A 17 -7.85 9.30 8.09
N LYS A 18 -7.69 9.31 9.38
CA LYS A 18 -8.39 8.31 10.24
C LYS A 18 -9.84 8.19 9.77
N LYS A 19 -10.48 9.30 9.53
CA LYS A 19 -11.89 9.27 9.08
C LYS A 19 -11.96 8.95 7.58
N GLU A 20 -10.98 9.36 6.81
CA GLU A 20 -11.03 9.06 5.36
C GLU A 20 -11.27 7.57 5.15
N THR A 21 -10.49 6.75 5.81
CA THR A 21 -10.68 5.27 5.68
C THR A 21 -11.48 4.76 6.87
N GLY A 22 -11.70 5.59 7.85
CA GLY A 22 -12.47 5.16 9.05
C GLY A 22 -13.93 5.59 8.89
N PHE A 23 -14.17 6.77 8.39
CA PHE A 23 -15.58 7.23 8.22
C PHE A 23 -15.63 8.32 7.14
N SER A 24 -16.35 9.39 7.38
CA SER A 24 -16.45 10.48 6.38
C SER A 24 -17.00 11.74 7.05
N HIS A 25 -16.33 12.85 6.89
CA HIS A 25 -16.81 14.11 7.52
C HIS A 25 -16.14 15.31 6.84
N SER A 26 -16.15 16.46 7.46
CA SER A 26 -15.52 17.66 6.85
C SER A 26 -14.04 17.70 7.23
N GLN A 27 -13.64 16.92 8.20
CA GLN A 27 -12.21 16.92 8.61
C GLN A 27 -11.34 16.57 7.41
N ILE A 28 -11.86 15.77 6.51
CA ILE A 28 -11.05 15.37 5.31
C ILE A 28 -11.36 16.34 4.16
N THR A 29 -12.58 16.80 4.04
CA THR A 29 -12.90 17.76 2.94
C THR A 29 -11.85 18.87 2.94
N ARG A 30 -11.51 19.37 4.09
CA ARG A 30 -10.49 20.45 4.16
C ARG A 30 -9.13 19.87 3.73
N LEU A 31 -8.80 18.70 4.20
CA LEU A 31 -7.52 18.07 3.83
C LEU A 31 -7.45 17.96 2.31
N TYR A 32 -8.57 17.78 1.67
CA TYR A 32 -8.56 17.67 0.20
C TYR A 32 -8.27 19.04 -0.39
N SER A 33 -8.76 20.08 0.23
CA SER A 33 -8.52 21.45 -0.28
C SER A 33 -7.02 21.73 -0.34
N ARG A 34 -6.29 21.38 0.69
CA ARG A 34 -4.81 21.63 0.67
C ARG A 34 -4.15 20.62 -0.26
N PHE A 35 -4.43 19.36 -0.08
CA PHE A 35 -3.83 18.32 -0.94
C PHE A 35 -4.02 18.67 -2.40
N THR A 36 -5.22 18.97 -2.79
CA THR A 36 -5.48 19.32 -4.22
C THR A 36 -4.91 20.71 -4.53
N SER A 37 -4.68 21.52 -3.53
CA SER A 37 -4.11 22.86 -3.80
C SER A 37 -2.66 22.69 -4.25
N LEU A 38 -2.08 21.57 -3.94
CA LEU A 38 -0.67 21.34 -4.35
C LEU A 38 -0.54 21.43 -5.88
N ASP A 39 -1.64 21.52 -6.57
CA ASP A 39 -1.56 21.61 -8.05
C ASP A 39 -0.82 22.89 -8.42
N LYS A 40 -1.30 23.52 -9.45
CA LYS A 40 -0.68 24.79 -9.93
C LYS A 40 -1.80 25.79 -10.15
N GLY A 41 -2.94 25.57 -9.55
CA GLY A 41 -4.11 26.49 -9.73
C GLY A 41 -5.33 25.68 -10.15
N GLU A 42 -5.13 24.42 -10.48
CA GLU A 42 -6.28 23.58 -10.90
C GLU A 42 -7.13 23.23 -9.68
N ASN A 43 -6.50 22.83 -8.60
CA ASN A 43 -7.25 22.45 -7.37
C ASN A 43 -8.38 21.51 -7.76
N GLY A 44 -8.08 20.60 -8.64
CA GLY A 44 -9.11 19.61 -9.09
C GLY A 44 -8.45 18.25 -9.21
N THR A 45 -7.22 18.21 -9.65
CA THR A 45 -6.52 16.90 -9.78
C THR A 45 -5.02 17.12 -9.49
N LEU A 46 -4.23 16.08 -9.46
CA LEU A 46 -2.78 16.26 -9.16
C LEU A 46 -1.92 15.37 -10.05
N SER A 47 -0.79 15.89 -10.48
CA SER A 47 0.14 15.11 -11.32
C SER A 47 1.33 14.67 -10.45
N ARG A 48 2.21 13.88 -10.99
CA ARG A 48 3.37 13.42 -10.19
C ARG A 48 4.19 14.63 -9.73
N GLU A 49 4.43 15.55 -10.62
CA GLU A 49 5.22 16.76 -10.24
C GLU A 49 4.58 17.46 -9.05
N ASP A 50 3.35 17.14 -8.73
CA ASP A 50 2.69 17.81 -7.57
C ASP A 50 2.94 16.98 -6.31
N PHE A 51 2.83 15.68 -6.41
CA PHE A 51 3.06 14.83 -5.21
C PHE A 51 4.46 15.10 -4.63
N GLN A 52 5.42 15.40 -5.47
CA GLN A 52 6.79 15.66 -4.94
C GLN A 52 6.76 16.81 -3.93
N ARG A 53 5.67 17.53 -3.86
CA ARG A 53 5.61 18.66 -2.89
C ARG A 53 5.55 18.13 -1.46
N ILE A 54 5.20 16.88 -1.30
CA ILE A 54 5.13 16.28 0.06
C ILE A 54 6.46 15.54 0.31
N PRO A 55 6.99 15.59 1.51
CA PRO A 55 8.27 14.91 1.84
C PRO A 55 8.12 13.39 1.85
N GLU A 56 7.07 12.88 1.26
CA GLU A 56 6.87 11.40 1.26
C GLU A 56 7.48 10.80 -0.01
N LEU A 57 7.05 11.24 -1.16
CA LEU A 57 7.58 10.67 -2.43
C LEU A 57 9.08 11.00 -2.56
N ALA A 58 9.47 12.19 -2.21
CA ALA A 58 10.90 12.57 -2.34
C ALA A 58 11.77 11.83 -1.32
N ILE A 59 11.18 11.13 -0.39
CA ILE A 59 12.00 10.40 0.62
C ILE A 59 11.56 8.93 0.67
N ASN A 60 10.75 8.51 -0.26
CA ASN A 60 10.28 7.10 -0.26
C ASN A 60 11.33 6.22 -0.95
N PRO A 61 11.65 5.05 -0.42
CA PRO A 61 12.65 4.14 -1.04
C PRO A 61 12.19 3.66 -2.42
N LEU A 62 10.92 3.36 -2.57
CA LEU A 62 10.39 2.92 -3.90
C LEU A 62 9.49 4.04 -4.43
N GLY A 63 8.47 4.36 -3.70
CA GLY A 63 7.52 5.45 -4.11
C GLY A 63 6.70 4.98 -5.31
N ASP A 64 7.11 3.93 -5.94
CA ASP A 64 6.34 3.42 -7.11
C ASP A 64 4.97 2.98 -6.63
N ARG A 65 4.86 2.64 -5.38
CA ARG A 65 3.54 2.21 -4.83
C ARG A 65 2.63 3.44 -4.76
N ILE A 66 2.95 4.36 -3.91
CA ILE A 66 2.15 5.61 -3.79
C ILE A 66 1.87 6.18 -5.19
N ILE A 67 2.88 6.26 -6.00
CA ILE A 67 2.70 6.81 -7.37
C ILE A 67 1.46 6.18 -8.03
N ASN A 68 1.47 4.89 -8.22
CA ASN A 68 0.30 4.24 -8.88
C ASN A 68 -0.89 4.17 -7.91
N ALA A 69 -0.67 4.49 -6.67
CA ALA A 69 -1.80 4.43 -5.71
C ALA A 69 -2.84 5.46 -6.13
N PHE A 70 -2.40 6.63 -6.54
CA PHE A 70 -3.36 7.68 -6.95
C PHE A 70 -3.65 7.59 -8.46
N PHE A 71 -2.64 7.52 -9.29
CA PHE A 71 -2.89 7.45 -10.76
C PHE A 71 -3.55 6.10 -11.11
N PRO A 72 -4.76 6.11 -11.65
CA PRO A 72 -5.46 4.84 -12.05
C PRO A 72 -4.59 3.95 -12.94
N GLU A 73 -5.13 3.44 -14.01
CA GLU A 73 -4.33 2.58 -14.91
C GLU A 73 -3.01 3.29 -15.23
N GLY A 74 -3.01 4.59 -15.19
CA GLY A 74 -1.76 5.35 -15.48
C GLY A 74 -2.11 6.74 -16.01
N GLU A 75 -3.02 7.44 -15.38
CA GLU A 75 -3.38 8.80 -15.85
C GLU A 75 -2.32 9.80 -15.37
N ASP A 76 -2.19 10.91 -16.05
CA ASP A 76 -1.16 11.92 -15.63
C ASP A 76 -1.78 12.90 -14.64
N GLN A 77 -2.91 12.55 -14.08
CA GLN A 77 -3.55 13.46 -13.09
C GLN A 77 -4.61 12.68 -12.30
N VAL A 78 -4.68 12.88 -11.01
CA VAL A 78 -5.69 12.13 -10.18
C VAL A 78 -6.78 13.09 -9.71
N ASN A 79 -8.02 12.81 -10.01
CA ASN A 79 -9.12 13.71 -9.59
C ASN A 79 -9.50 13.41 -8.12
N PHE A 80 -10.44 14.15 -7.61
CA PHE A 80 -10.87 13.94 -6.19
C PHE A 80 -11.45 12.53 -6.04
N ARG A 81 -11.99 11.99 -7.10
CA ARG A 81 -12.58 10.64 -7.01
C ARG A 81 -11.57 9.63 -6.47
N GLY A 82 -10.43 9.53 -7.11
CA GLY A 82 -9.42 8.55 -6.62
C GLY A 82 -8.67 9.10 -5.41
N PHE A 83 -8.56 10.39 -5.28
CA PHE A 83 -7.83 10.91 -4.09
C PHE A 83 -8.44 10.28 -2.84
N MET A 84 -9.73 10.26 -2.76
CA MET A 84 -10.40 9.66 -1.58
C MET A 84 -10.58 8.15 -1.79
N ARG A 85 -10.50 7.65 -3.00
CA ARG A 85 -10.64 6.17 -3.16
C ARG A 85 -9.36 5.49 -2.70
N THR A 86 -8.24 6.14 -2.88
CA THR A 86 -6.95 5.55 -2.46
C THR A 86 -6.76 5.75 -0.96
N LEU A 87 -6.91 6.96 -0.50
CA LEU A 87 -6.73 7.22 0.96
C LEU A 87 -7.84 6.53 1.76
N ALA A 88 -8.96 6.24 1.14
CA ALA A 88 -10.07 5.56 1.89
C ALA A 88 -9.99 4.04 1.64
N HIS A 89 -9.20 3.63 0.69
CA HIS A 89 -9.09 2.17 0.40
C HIS A 89 -8.46 1.47 1.60
N PHE A 90 -8.04 2.21 2.57
CA PHE A 90 -7.42 1.59 3.77
C PHE A 90 -8.51 1.21 4.78
N ARG A 91 -9.73 1.06 4.33
CA ARG A 91 -10.82 0.69 5.28
C ARG A 91 -10.59 -0.76 5.76
N PRO A 92 -10.67 -1.01 7.05
CA PRO A 92 -10.46 -2.39 7.60
C PRO A 92 -11.69 -3.29 7.37
N ILE A 93 -11.74 -4.41 8.02
CA ILE A 93 -12.91 -5.33 7.84
C ILE A 93 -14.06 -4.86 8.73
N GLU A 94 -15.26 -4.92 8.24
CA GLU A 94 -16.43 -4.48 9.05
C GLU A 94 -16.71 -5.50 10.15
N ASP A 95 -17.92 -5.54 10.65
CA ASP A 95 -18.26 -6.50 11.73
C ASP A 95 -18.82 -7.78 11.11
N ASN A 96 -18.90 -7.84 9.80
CA ASN A 96 -19.46 -9.06 9.15
C ASN A 96 -19.03 -9.09 7.68
N GLU A 97 -18.28 -8.12 7.25
CA GLU A 97 -17.82 -8.08 5.83
C GLU A 97 -19.04 -8.09 4.90
N LYS A 98 -19.63 -9.23 4.67
CA LYS A 98 -20.81 -9.28 3.77
C LYS A 98 -20.51 -8.52 2.48
N SER A 99 -20.02 -9.19 1.48
CA SER A 99 -19.70 -8.49 0.20
C SER A 99 -19.55 -9.52 -0.92
N LYS A 100 -20.54 -10.35 -1.12
CA LYS A 100 -20.46 -11.37 -2.19
C LYS A 100 -20.55 -10.69 -3.56
N ASP A 101 -19.63 -9.80 -3.85
CA ASP A 101 -19.68 -9.10 -5.16
C ASP A 101 -21.10 -8.61 -5.46
N VAL A 102 -21.52 -7.57 -4.80
CA VAL A 102 -22.89 -7.04 -5.04
C VAL A 102 -22.93 -6.33 -6.40
N ASN A 103 -23.73 -5.30 -6.52
CA ASN A 103 -23.81 -4.57 -7.81
C ASN A 103 -24.44 -3.19 -7.58
N GLY A 104 -25.10 -3.01 -6.47
CA GLY A 104 -25.74 -1.69 -6.19
C GLY A 104 -24.68 -0.71 -5.65
N PRO A 105 -24.31 -0.88 -4.41
CA PRO A 105 -23.30 0.00 -3.75
C PRO A 105 -21.88 -0.25 -4.28
N GLU A 106 -21.10 0.78 -4.43
CA GLU A 106 -19.71 0.60 -4.94
C GLU A 106 -18.85 -0.05 -3.86
N PRO A 107 -18.08 -1.06 -4.18
CA PRO A 107 -17.21 -1.76 -3.18
C PRO A 107 -15.94 -0.94 -2.87
N LEU A 108 -15.30 -1.25 -1.77
CA LEU A 108 -14.05 -0.52 -1.41
C LEU A 108 -13.41 -1.21 -0.20
N ASN A 109 -12.14 -1.51 -0.30
CA ASN A 109 -11.43 -2.19 0.84
C ASN A 109 -11.83 -3.67 0.88
N SER A 110 -12.99 -4.00 0.37
CA SER A 110 -13.43 -5.43 0.39
C SER A 110 -12.28 -6.31 -0.09
N ARG A 111 -12.41 -7.60 0.07
CA ARG A 111 -11.33 -8.53 -0.38
C ARG A 111 -10.92 -8.17 -1.81
N SER A 112 -11.84 -8.30 -2.74
CA SER A 112 -11.51 -7.99 -4.16
C SER A 112 -10.82 -6.62 -4.23
N ASN A 113 -11.17 -5.71 -3.36
CA ASN A 113 -10.53 -4.38 -3.38
C ASN A 113 -9.13 -4.47 -2.76
N LYS A 114 -8.92 -5.35 -1.83
CA LYS A 114 -7.56 -5.48 -1.22
C LYS A 114 -6.57 -5.86 -2.31
N LEU A 115 -6.87 -6.89 -3.06
CA LEU A 115 -5.94 -7.31 -4.15
C LEU A 115 -5.78 -6.14 -5.14
N HIS A 116 -6.87 -5.51 -5.47
CA HIS A 116 -6.81 -4.37 -6.43
C HIS A 116 -5.94 -3.24 -5.86
N PHE A 117 -5.92 -3.08 -4.56
CA PHE A 117 -5.12 -1.99 -3.96
C PHE A 117 -3.62 -2.36 -4.01
N ALA A 118 -3.22 -3.30 -3.22
CA ALA A 118 -1.78 -3.70 -3.25
C ALA A 118 -1.35 -3.93 -4.70
N PHE A 119 -2.29 -4.21 -5.55
CA PHE A 119 -1.98 -4.43 -6.98
C PHE A 119 -1.49 -3.13 -7.63
N ARG A 120 -2.35 -2.14 -7.72
CA ARG A 120 -1.96 -0.86 -8.34
C ARG A 120 -0.64 -0.38 -7.75
N LEU A 121 -0.35 -0.73 -6.55
CA LEU A 121 0.92 -0.27 -5.93
C LEU A 121 2.11 -0.96 -6.60
N TYR A 122 2.02 -2.24 -6.79
CA TYR A 122 3.13 -2.98 -7.44
C TYR A 122 2.91 -3.00 -8.95
N ASP A 123 1.74 -2.59 -9.39
CA ASP A 123 1.46 -2.59 -10.86
C ASP A 123 2.30 -1.51 -11.55
N LEU A 124 3.56 -1.76 -11.72
CA LEU A 124 4.44 -0.75 -12.38
C LEU A 124 4.35 -0.90 -13.90
N ASP A 125 4.33 -2.12 -14.38
CA ASP A 125 4.25 -2.33 -15.87
C ASP A 125 2.80 -2.47 -16.34
N LYS A 126 1.85 -2.55 -15.45
CA LYS A 126 0.43 -2.68 -15.88
C LYS A 126 0.23 -4.04 -16.55
N ASP A 127 0.91 -5.05 -16.12
CA ASP A 127 0.74 -6.40 -16.73
C ASP A 127 -0.42 -7.10 -16.01
N GLU A 128 -1.03 -6.40 -15.09
CA GLU A 128 -2.17 -6.98 -14.32
C GLU A 128 -1.66 -7.85 -13.17
N LYS A 129 -0.38 -8.10 -13.13
CA LYS A 129 0.17 -8.95 -12.02
C LYS A 129 1.59 -8.49 -11.70
N ILE A 130 2.09 -8.79 -10.53
CA ILE A 130 3.48 -8.36 -10.20
C ILE A 130 4.44 -9.26 -10.96
N SER A 131 5.00 -8.75 -12.02
CA SER A 131 5.95 -9.54 -12.85
C SER A 131 7.29 -9.64 -12.11
N ARG A 132 8.27 -10.22 -12.74
CA ARG A 132 9.60 -10.36 -12.09
C ARG A 132 10.31 -9.01 -12.01
N ASP A 133 10.17 -8.19 -13.02
CA ASP A 133 10.85 -6.87 -12.99
C ASP A 133 10.22 -5.98 -11.91
N GLU A 134 8.94 -6.11 -11.71
CA GLU A 134 8.29 -5.27 -10.66
C GLU A 134 8.53 -5.89 -9.28
N LEU A 135 8.09 -7.09 -9.09
CA LEU A 135 8.28 -7.75 -7.77
C LEU A 135 9.74 -7.68 -7.37
N LEU A 136 10.65 -7.92 -8.28
CA LEU A 136 12.08 -7.88 -7.92
C LEU A 136 12.47 -6.44 -7.54
N GLN A 137 12.04 -5.47 -8.28
CA GLN A 137 12.40 -4.07 -7.94
C GLN A 137 12.12 -3.84 -6.44
N VAL A 138 11.04 -4.36 -5.94
CA VAL A 138 10.74 -4.15 -4.49
C VAL A 138 11.48 -5.20 -3.66
N LEU A 139 11.11 -6.44 -3.83
CA LEU A 139 11.77 -7.55 -3.08
C LEU A 139 13.28 -7.29 -2.97
N ARG A 140 13.89 -6.81 -4.02
CA ARG A 140 15.35 -6.54 -3.97
C ARG A 140 15.62 -5.24 -3.20
N MET A 141 14.78 -4.25 -3.34
CA MET A 141 15.02 -2.96 -2.62
C MET A 141 14.64 -3.13 -1.14
N MET A 142 14.02 -4.23 -0.79
CA MET A 142 13.62 -4.45 0.63
C MET A 142 14.60 -5.39 1.32
N VAL A 143 15.26 -6.27 0.59
CA VAL A 143 16.21 -7.22 1.22
C VAL A 143 17.65 -6.82 0.84
N GLY A 144 17.82 -6.16 -0.28
CA GLY A 144 19.19 -5.74 -0.69
C GLY A 144 19.87 -5.00 0.46
N VAL A 145 19.12 -4.52 1.40
CA VAL A 145 19.74 -3.79 2.54
C VAL A 145 20.83 -4.64 3.19
N ASN A 146 20.76 -5.93 3.04
CA ASN A 146 21.78 -6.82 3.65
C ASN A 146 22.02 -8.05 2.78
N ILE A 147 21.63 -8.01 1.52
CA ILE A 147 21.84 -9.20 0.64
C ILE A 147 22.86 -8.86 -0.46
N SER A 148 23.79 -9.75 -0.70
CA SER A 148 24.83 -9.50 -1.75
C SER A 148 24.15 -9.41 -3.12
N ASP A 149 24.92 -9.31 -4.19
CA ASP A 149 24.29 -9.21 -5.54
C ASP A 149 23.93 -10.59 -6.08
N GLU A 150 24.91 -11.43 -6.33
CA GLU A 150 24.60 -12.79 -6.86
C GLU A 150 23.66 -13.49 -5.89
N GLN A 151 23.70 -13.13 -4.64
CA GLN A 151 22.81 -13.77 -3.66
C GLN A 151 21.39 -13.25 -3.87
N LEU A 152 21.24 -11.96 -4.06
CA LEU A 152 19.89 -11.41 -4.28
C LEU A 152 19.35 -11.94 -5.61
N GLY A 153 20.15 -11.86 -6.64
CA GLY A 153 19.68 -12.34 -7.98
C GLY A 153 19.09 -13.75 -7.84
N SER A 154 19.74 -14.60 -7.10
CA SER A 154 19.23 -15.99 -6.94
C SER A 154 18.11 -16.06 -5.89
N ILE A 155 18.11 -15.16 -4.94
CA ILE A 155 17.04 -15.20 -3.90
C ILE A 155 15.76 -14.60 -4.48
N ALA A 156 15.89 -13.77 -5.48
CA ALA A 156 14.69 -13.16 -6.09
C ALA A 156 14.09 -14.13 -7.11
N ASP A 157 14.84 -14.50 -8.11
CA ASP A 157 14.31 -15.44 -9.12
C ASP A 157 13.70 -16.65 -8.42
N ARG A 158 14.39 -17.22 -7.46
CA ARG A 158 13.83 -18.40 -6.75
C ARG A 158 12.58 -17.98 -5.97
N THR A 159 12.62 -16.83 -5.34
CA THR A 159 11.44 -16.36 -4.56
C THR A 159 10.20 -16.34 -5.47
N ILE A 160 10.28 -15.71 -6.59
CA ILE A 160 9.10 -15.65 -7.48
C ILE A 160 8.87 -17.02 -8.11
N GLN A 161 9.84 -17.87 -8.10
CA GLN A 161 9.68 -19.23 -8.70
C GLN A 161 8.84 -20.11 -7.77
N GLU A 162 8.84 -19.84 -6.49
CA GLU A 162 8.04 -20.68 -5.56
C GLU A 162 6.63 -20.08 -5.42
N ALA A 163 6.50 -18.78 -5.58
CA ALA A 163 5.14 -18.16 -5.46
C ALA A 163 4.45 -18.12 -6.82
N ASP A 164 5.10 -18.59 -7.86
CA ASP A 164 4.44 -18.56 -9.20
C ASP A 164 3.43 -19.70 -9.29
N GLN A 165 2.19 -19.44 -8.96
CA GLN A 165 1.15 -20.50 -9.04
C GLN A 165 0.43 -20.35 -10.36
N ASP A 166 0.21 -19.15 -10.83
CA ASP A 166 -0.45 -19.05 -12.16
C ASP A 166 0.64 -19.43 -13.15
N GLY A 167 1.82 -19.67 -12.62
CA GLY A 167 2.93 -20.06 -13.49
C GLY A 167 3.11 -18.98 -14.52
N ASP A 168 2.61 -17.84 -14.22
CA ASP A 168 2.73 -16.71 -15.15
C ASP A 168 4.00 -15.99 -14.77
N SER A 169 4.77 -16.59 -13.90
CA SER A 169 6.01 -15.90 -13.45
C SER A 169 5.56 -14.51 -13.02
N ALA A 170 4.31 -14.42 -12.69
CA ALA A 170 3.73 -13.13 -12.27
C ALA A 170 2.61 -13.44 -11.29
N ILE A 171 2.41 -12.62 -10.31
CA ILE A 171 1.37 -12.95 -9.31
C ILE A 171 0.64 -11.71 -8.84
N SER A 172 -0.50 -11.90 -8.25
CA SER A 172 -1.24 -10.73 -7.70
C SER A 172 -2.55 -11.20 -7.10
N PHE A 173 -3.18 -12.07 -7.79
CA PHE A 173 -4.51 -12.56 -7.37
C PHE A 173 -4.50 -14.00 -6.85
N THR A 174 -3.59 -14.81 -7.31
CA THR A 174 -3.70 -16.25 -6.92
C THR A 174 -2.97 -16.63 -5.64
N GLU A 175 -1.67 -16.64 -5.61
CA GLU A 175 -1.04 -17.09 -4.35
C GLU A 175 -1.26 -15.98 -3.33
N PHE A 176 -1.73 -14.85 -3.79
CA PHE A 176 -2.06 -13.75 -2.84
C PHE A 176 -3.37 -14.14 -2.19
N VAL A 177 -4.38 -14.42 -2.98
CA VAL A 177 -5.67 -14.85 -2.41
C VAL A 177 -5.42 -16.05 -1.49
N LYS A 178 -4.66 -17.02 -1.96
CA LYS A 178 -4.38 -18.20 -1.10
C LYS A 178 -3.71 -17.73 0.19
N VAL A 179 -2.99 -16.64 0.15
CA VAL A 179 -2.31 -16.14 1.38
C VAL A 179 -3.32 -15.46 2.30
N LEU A 180 -4.33 -14.84 1.76
CA LEU A 180 -5.33 -14.16 2.64
C LEU A 180 -6.08 -15.22 3.44
N GLU A 181 -6.24 -16.39 2.89
CA GLU A 181 -6.96 -17.47 3.63
C GLU A 181 -6.14 -17.87 4.85
N LYS A 182 -4.87 -17.53 4.86
CA LYS A 182 -3.99 -17.89 6.00
C LYS A 182 -3.81 -16.67 6.89
N VAL A 183 -4.08 -15.49 6.38
CA VAL A 183 -3.92 -14.25 7.20
C VAL A 183 -4.92 -13.20 6.74
N ASP A 184 -5.60 -12.56 7.67
CA ASP A 184 -6.59 -11.52 7.28
C ASP A 184 -5.87 -10.19 7.04
N VAL A 185 -5.30 -10.01 5.89
CA VAL A 185 -4.57 -8.73 5.60
C VAL A 185 -5.58 -7.61 5.40
N GLU A 186 -6.81 -7.93 5.14
CA GLU A 186 -7.84 -6.87 4.93
C GLU A 186 -7.92 -5.97 6.16
N GLN A 187 -7.46 -6.44 7.30
CA GLN A 187 -7.52 -5.60 8.53
C GLN A 187 -6.22 -4.80 8.65
N LYS A 188 -5.15 -5.32 8.14
CA LYS A 188 -3.85 -4.60 8.22
C LYS A 188 -3.91 -3.33 7.36
N MET A 189 -4.72 -3.34 6.32
CA MET A 189 -4.83 -2.15 5.45
C MET A 189 -5.46 -1.00 6.24
N SER A 190 -5.00 -0.76 7.43
CA SER A 190 -5.58 0.34 8.25
C SER A 190 -4.47 0.92 9.14
N ILE A 191 -4.35 2.22 9.19
CA ILE A 191 -3.28 2.83 10.02
C ILE A 191 -3.83 3.14 11.42
N ARG A 192 -3.24 2.57 12.43
CA ARG A 192 -3.72 2.80 13.82
C ARG A 192 -2.74 2.17 14.81
N PHE A 193 -2.33 2.91 15.81
CA PHE A 193 -1.38 2.34 16.80
C PHE A 193 -2.06 1.22 17.58
N LEU A 194 -1.31 0.46 18.34
CA LEU A 194 -1.91 -0.66 19.12
C LEU A 194 -1.08 -0.91 20.37
N HIS A 195 -1.61 -1.65 21.31
CA HIS A 195 -0.84 -1.95 22.55
C HIS A 195 0.43 -2.71 22.20
N VAL B 1 0.37 -39.37 6.47
CA VAL B 1 1.71 -39.66 5.92
C VAL B 1 2.47 -40.59 6.89
N ASP B 2 2.70 -40.14 8.09
CA ASP B 2 3.43 -40.98 9.07
C ASP B 2 3.22 -40.43 10.48
N LEU B 3 2.30 -40.98 11.21
CA LEU B 3 2.03 -40.49 12.59
C LEU B 3 3.16 -40.96 13.52
N LEU B 4 3.87 -41.99 13.13
CA LEU B 4 4.98 -42.49 13.99
C LEU B 4 6.02 -41.38 14.19
N ALA B 5 6.78 -41.08 13.18
CA ALA B 5 7.82 -40.01 13.31
C ALA B 5 7.17 -38.76 13.92
N VAL B 6 7.35 -38.55 15.19
CA VAL B 6 6.75 -37.35 15.84
C VAL B 6 7.65 -36.15 15.60
N LYS B 7 8.22 -35.59 16.63
CA LYS B 7 9.12 -34.41 16.46
C LYS B 7 8.36 -33.28 15.78
N LYS B 8 8.82 -32.06 15.91
CA LYS B 8 8.13 -30.91 15.27
C LYS B 8 6.68 -30.84 15.76
N LYS B 9 5.81 -31.66 15.23
CA LYS B 9 4.39 -31.63 15.68
C LYS B 9 3.84 -30.22 15.52
N GLN B 10 3.79 -29.73 14.31
CA GLN B 10 3.25 -28.35 14.08
C GLN B 10 3.04 -28.13 12.59
N GLU B 11 2.91 -26.90 12.18
CA GLU B 11 2.69 -26.62 10.72
C GLU B 11 2.78 -25.11 10.48
N THR B 12 3.41 -24.39 11.37
CA THR B 12 3.52 -22.91 11.20
C THR B 12 4.69 -22.59 10.27
N LYS B 13 4.65 -23.07 9.05
CA LYS B 13 5.76 -22.78 8.10
C LYS B 13 5.66 -21.34 7.60
N ARG B 14 6.78 -20.70 7.38
CA ARG B 14 6.74 -19.29 6.90
C ARG B 14 6.60 -19.29 5.37
N SER B 15 5.65 -18.55 4.86
CA SER B 15 5.45 -18.51 3.38
C SER B 15 6.18 -17.28 2.79
N ILE B 16 6.80 -17.44 1.66
CA ILE B 16 7.53 -16.30 1.04
C ILE B 16 6.55 -15.15 0.80
N ASN B 17 5.33 -15.45 0.46
CA ASN B 17 4.34 -14.38 0.21
C ASN B 17 3.91 -13.73 1.53
N GLU B 18 3.98 -14.46 2.61
CA GLU B 18 3.56 -13.88 3.92
C GLU B 18 4.67 -12.97 4.48
N GLU B 19 5.87 -13.43 4.51
CA GLU B 19 6.98 -12.59 5.07
C GLU B 19 7.18 -11.33 4.22
N ILE B 20 7.30 -11.48 2.93
CA ILE B 20 7.50 -10.27 2.07
C ILE B 20 6.28 -9.35 2.15
N HIS B 21 5.09 -9.89 2.02
CA HIS B 21 3.87 -9.03 2.08
C HIS B 21 3.77 -8.38 3.46
N THR B 22 3.98 -9.13 4.51
CA THR B 22 3.87 -8.54 5.87
C THR B 22 4.68 -7.25 5.93
N GLN B 23 5.94 -7.30 5.56
CA GLN B 23 6.77 -6.07 5.60
C GLN B 23 6.32 -5.10 4.51
N PHE B 24 6.21 -5.55 3.29
CA PHE B 24 5.76 -4.64 2.19
C PHE B 24 4.51 -3.88 2.64
N LEU B 25 3.44 -4.58 2.88
CA LEU B 25 2.17 -3.93 3.32
C LEU B 25 2.44 -2.89 4.40
N ASP B 26 3.23 -3.23 5.40
CA ASP B 26 3.51 -2.25 6.48
C ASP B 26 4.31 -1.07 5.93
N HIS B 27 5.18 -1.31 4.99
CA HIS B 27 6.00 -0.21 4.42
C HIS B 27 5.15 0.67 3.49
N LEU B 28 4.34 0.09 2.66
CA LEU B 28 3.51 0.90 1.72
C LEU B 28 2.33 1.53 2.48
N LEU B 29 1.80 0.85 3.45
CA LEU B 29 0.64 1.44 4.20
C LEU B 29 1.12 2.69 4.95
N THR B 30 2.17 2.58 5.71
CA THR B 30 2.68 3.76 6.45
C THR B 30 3.40 4.70 5.50
N GLY B 31 3.79 4.20 4.35
CA GLY B 31 4.52 5.06 3.38
C GLY B 31 3.52 5.93 2.60
N ILE B 32 2.41 5.37 2.20
CA ILE B 32 1.40 6.16 1.44
C ILE B 32 0.59 7.02 2.40
N GLU B 33 0.54 6.66 3.66
CA GLU B 33 -0.24 7.47 4.64
C GLU B 33 0.62 8.66 5.09
N ASP B 34 1.89 8.46 5.21
CA ASP B 34 2.78 9.56 5.65
C ASP B 34 2.46 10.84 4.86
N ILE B 35 1.71 10.72 3.79
CA ILE B 35 1.36 11.92 2.97
C ILE B 35 0.61 12.93 3.83
N CYS B 36 -0.57 12.60 4.30
CA CYS B 36 -1.36 13.55 5.12
C CYS B 36 -0.43 14.32 6.08
N GLY B 37 0.00 15.48 5.68
CA GLY B 37 0.92 16.27 6.55
C GLY B 37 0.98 17.72 6.04
N HIS B 38 -0.09 18.44 6.15
CA HIS B 38 -0.10 19.86 5.66
C HIS B 38 0.63 20.75 6.67
N TYR B 39 0.23 22.00 6.78
CA TYR B 39 0.88 22.93 7.75
C TYR B 39 -0.17 23.53 8.67
N GLY B 40 -1.14 24.22 8.11
CA GLY B 40 -2.21 24.84 8.95
C GLY B 40 -1.92 26.33 9.10
N HIS B 41 -1.70 27.03 8.02
CA HIS B 41 -1.41 28.49 8.12
C HIS B 41 -2.68 29.23 8.54
N HIS B 42 -3.75 29.05 7.80
CA HIS B 42 -5.03 29.74 8.16
C HIS B 42 -4.80 31.25 8.22
N HIS B 43 -4.29 31.75 9.31
CA HIS B 43 -4.07 33.22 9.43
C HIS B 43 -3.15 33.68 8.30
N MET A 1 -3.16 23.64 22.76
CA MET A 1 -3.51 22.21 22.58
C MET A 1 -2.32 21.46 21.97
N GLY A 2 -1.22 22.13 21.78
CA GLY A 2 -0.03 21.46 21.19
C GLY A 2 1.02 22.51 20.80
N SER A 3 1.96 22.77 21.68
CA SER A 3 3.01 23.78 21.37
C SER A 3 2.34 25.05 20.84
N ARG A 4 2.27 25.21 19.55
CA ARG A 4 1.64 26.43 18.98
C ARG A 4 1.42 26.24 17.47
N ALA A 5 2.39 25.69 16.80
CA ALA A 5 2.24 25.48 15.33
C ALA A 5 1.49 24.17 15.08
N SER A 6 1.78 23.50 13.99
CA SER A 6 1.08 22.23 13.68
C SER A 6 1.93 21.39 12.72
N THR A 7 3.22 21.62 12.71
CA THR A 7 4.11 20.84 11.79
C THR A 7 4.09 19.37 12.20
N LEU A 8 5.00 18.60 11.67
CA LEU A 8 5.05 17.15 12.02
C LEU A 8 3.66 16.53 11.81
N LEU A 9 3.55 15.24 11.98
CA LEU A 9 2.26 14.56 11.79
C LEU A 9 1.64 14.32 13.17
N ARG A 10 1.00 15.31 13.72
CA ARG A 10 0.37 15.12 15.06
C ARG A 10 -0.98 14.42 14.88
N ASP A 11 -1.64 14.12 15.95
CA ASP A 11 -2.95 13.41 15.85
C ASP A 11 -3.87 14.14 14.87
N GLU A 12 -3.56 15.38 14.54
CA GLU A 12 -4.44 16.11 13.59
C GLU A 12 -4.24 15.56 12.19
N GLU A 13 -3.01 15.43 11.75
CA GLU A 13 -2.76 14.88 10.39
C GLU A 13 -3.09 13.39 10.42
N LEU A 14 -2.82 12.72 11.50
CA LEU A 14 -3.17 11.29 11.52
C LEU A 14 -4.70 11.22 11.44
N GLU A 15 -5.38 11.68 12.43
CA GLU A 15 -6.89 11.66 12.42
C GLU A 15 -7.40 11.99 11.01
N GLU A 16 -6.86 12.99 10.39
CA GLU A 16 -7.34 13.33 9.02
C GLU A 16 -7.34 12.07 8.15
N ILE A 17 -6.19 11.53 7.86
CA ILE A 17 -6.16 10.30 7.02
C ILE A 17 -6.85 9.14 7.77
N LYS A 18 -6.49 8.93 9.01
CA LYS A 18 -7.10 7.84 9.82
C LYS A 18 -8.61 7.78 9.56
N LYS A 19 -9.28 8.91 9.56
CA LYS A 19 -10.74 8.91 9.33
C LYS A 19 -11.05 8.80 7.84
N GLU A 20 -10.22 9.35 6.98
CA GLU A 20 -10.50 9.24 5.52
C GLU A 20 -10.80 7.78 5.22
N THR A 21 -10.29 6.91 6.05
CA THR A 21 -10.52 5.45 5.89
C THR A 21 -11.30 4.96 7.10
N GLY A 22 -11.46 5.82 8.07
CA GLY A 22 -12.19 5.45 9.31
C GLY A 22 -13.58 6.09 9.31
N PHE A 23 -13.64 7.40 9.36
CA PHE A 23 -14.98 8.07 9.38
C PHE A 23 -14.84 9.56 8.98
N SER A 24 -15.52 10.43 9.69
CA SER A 24 -15.48 11.89 9.39
C SER A 24 -15.80 12.13 7.92
N HIS A 25 -15.91 13.37 7.54
CA HIS A 25 -16.24 13.69 6.12
C HIS A 25 -15.66 15.06 5.76
N SER A 26 -15.97 16.07 6.52
CA SER A 26 -15.45 17.44 6.22
C SER A 26 -14.04 17.59 6.78
N GLN A 27 -13.65 16.74 7.70
CA GLN A 27 -12.29 16.86 8.28
C GLN A 27 -11.25 16.48 7.22
N ILE A 28 -11.58 15.56 6.35
CA ILE A 28 -10.59 15.16 5.30
C ILE A 28 -10.81 15.98 4.02
N THR A 29 -12.03 16.30 3.69
CA THR A 29 -12.24 17.11 2.45
C THR A 29 -11.28 18.29 2.46
N ARG A 30 -11.08 18.89 3.60
CA ARG A 30 -10.13 20.03 3.68
C ARG A 30 -8.72 19.51 3.32
N LEU A 31 -8.32 18.40 3.90
CA LEU A 31 -7.00 17.84 3.60
C LEU A 31 -6.81 17.75 2.09
N TYR A 32 -7.86 17.44 1.38
CA TYR A 32 -7.76 17.35 -0.10
C TYR A 32 -7.60 18.76 -0.66
N SER A 33 -8.15 19.74 0.01
CA SER A 33 -8.04 21.14 -0.48
C SER A 33 -6.58 21.58 -0.48
N ARG A 34 -5.83 21.17 0.49
CA ARG A 34 -4.39 21.59 0.55
C ARG A 34 -3.61 20.79 -0.50
N PHE A 35 -3.61 19.49 -0.39
CA PHE A 35 -2.85 18.67 -1.37
C PHE A 35 -3.30 19.07 -2.79
N THR A 36 -4.58 19.06 -3.04
CA THR A 36 -5.07 19.44 -4.39
C THR A 36 -4.74 20.90 -4.69
N SER A 37 -4.52 21.70 -3.68
CA SER A 37 -4.18 23.12 -3.95
C SER A 37 -2.75 23.21 -4.44
N LEU A 38 -1.97 22.17 -4.23
CA LEU A 38 -0.56 22.19 -4.70
C LEU A 38 -0.55 22.06 -6.23
N ASP A 39 -1.69 21.87 -6.82
CA ASP A 39 -1.75 21.72 -8.31
C ASP A 39 -1.35 23.04 -8.98
N LYS A 40 -0.21 23.57 -8.64
CA LYS A 40 0.23 24.85 -9.26
C LYS A 40 -0.88 25.90 -9.13
N GLY A 41 -1.93 25.59 -8.42
CA GLY A 41 -3.05 26.56 -8.24
C GLY A 41 -4.25 26.17 -9.10
N GLU A 42 -4.37 24.91 -9.47
CA GLU A 42 -5.54 24.50 -10.29
C GLU A 42 -6.71 24.18 -9.37
N ASN A 43 -6.59 23.16 -8.56
CA ASN A 43 -7.68 22.77 -7.62
C ASN A 43 -8.66 21.85 -8.33
N GLY A 44 -8.16 20.83 -8.98
CA GLY A 44 -9.06 19.88 -9.69
C GLY A 44 -8.45 18.48 -9.62
N THR A 45 -7.23 18.34 -10.06
CA THR A 45 -6.56 17.00 -10.01
C THR A 45 -5.11 17.17 -9.58
N LEU A 46 -4.36 16.09 -9.49
CA LEU A 46 -2.93 16.21 -9.08
C LEU A 46 -2.05 15.33 -9.98
N SER A 47 -0.91 15.85 -10.37
CA SER A 47 0.02 15.07 -11.22
C SER A 47 1.20 14.64 -10.37
N ARG A 48 2.07 13.82 -10.88
CA ARG A 48 3.24 13.37 -10.07
C ARG A 48 4.05 14.58 -9.62
N GLU A 49 4.27 15.52 -10.49
CA GLU A 49 5.06 16.73 -10.12
C GLU A 49 4.44 17.37 -8.88
N ASP A 50 3.22 17.04 -8.56
CA ASP A 50 2.56 17.63 -7.37
C ASP A 50 2.86 16.76 -6.14
N PHE A 51 2.72 15.47 -6.27
CA PHE A 51 3.01 14.58 -5.10
C PHE A 51 4.39 14.91 -4.52
N GLN A 52 5.32 15.29 -5.35
CA GLN A 52 6.70 15.59 -4.86
C GLN A 52 6.64 16.67 -3.77
N ARG A 53 5.65 17.50 -3.79
CA ARG A 53 5.55 18.58 -2.77
C ARG A 53 5.37 17.97 -1.38
N ILE A 54 4.74 16.83 -1.28
CA ILE A 54 4.57 16.20 0.06
C ILE A 54 5.85 15.39 0.34
N PRO A 55 6.35 15.42 1.54
CA PRO A 55 7.60 14.70 1.90
C PRO A 55 7.42 13.17 1.83
N GLU A 56 6.43 12.71 1.11
CA GLU A 56 6.21 11.24 1.01
C GLU A 56 6.95 10.67 -0.21
N LEU A 57 6.59 11.08 -1.38
CA LEU A 57 7.24 10.55 -2.60
C LEU A 57 8.72 10.96 -2.65
N ALA A 58 9.02 12.16 -2.23
CA ALA A 58 10.43 12.63 -2.26
C ALA A 58 11.27 11.93 -1.20
N ILE A 59 10.65 11.18 -0.31
CA ILE A 59 11.44 10.48 0.76
C ILE A 59 11.06 9.00 0.76
N ASN A 60 10.32 8.56 -0.22
CA ASN A 60 9.92 7.12 -0.27
C ASN A 60 11.00 6.30 -0.99
N PRO A 61 11.34 5.13 -0.50
CA PRO A 61 12.39 4.28 -1.15
C PRO A 61 11.92 3.79 -2.53
N LEU A 62 10.64 3.53 -2.67
CA LEU A 62 10.09 3.08 -3.99
C LEU A 62 9.21 4.22 -4.52
N GLY A 63 8.17 4.55 -3.80
CA GLY A 63 7.26 5.64 -4.21
C GLY A 63 6.44 5.21 -5.44
N ASP A 64 6.92 4.26 -6.16
CA ASP A 64 6.16 3.79 -7.37
C ASP A 64 4.83 3.22 -6.92
N ARG A 65 4.75 2.81 -5.68
CA ARG A 65 3.47 2.27 -5.16
C ARG A 65 2.50 3.43 -4.97
N ILE A 66 2.78 4.30 -4.04
CA ILE A 66 1.92 5.49 -3.80
C ILE A 66 1.54 6.12 -5.15
N ILE A 67 2.50 6.30 -6.01
CA ILE A 67 2.23 6.91 -7.34
C ILE A 67 1.05 6.19 -8.00
N ASN A 68 1.14 4.90 -8.20
CA ASN A 68 0.02 4.17 -8.86
C ASN A 68 -1.16 4.05 -7.89
N ALA A 69 -0.96 4.36 -6.64
CA ALA A 69 -2.10 4.26 -5.68
C ALA A 69 -3.14 5.32 -6.03
N PHE A 70 -2.69 6.48 -6.43
CA PHE A 70 -3.65 7.56 -6.78
C PHE A 70 -4.04 7.47 -8.26
N PHE A 71 -3.09 7.39 -9.14
CA PHE A 71 -3.43 7.30 -10.59
C PHE A 71 -4.19 5.99 -10.84
N PRO A 72 -5.10 5.97 -11.79
CA PRO A 72 -5.88 4.74 -12.12
C PRO A 72 -5.05 3.71 -12.89
N GLU A 73 -5.17 3.68 -14.18
CA GLU A 73 -4.38 2.70 -14.99
C GLU A 73 -3.07 3.36 -15.43
N GLY A 74 -3.10 4.61 -15.76
CA GLY A 74 -1.84 5.30 -16.19
C GLY A 74 -2.16 6.73 -16.61
N GLU A 75 -3.08 7.39 -15.94
CA GLU A 75 -3.41 8.79 -16.31
C GLU A 75 -2.34 9.73 -15.75
N ASP A 76 -2.44 11.00 -16.03
CA ASP A 76 -1.43 11.98 -15.53
C ASP A 76 -2.10 12.96 -14.57
N GLN A 77 -3.23 12.59 -14.01
CA GLN A 77 -3.91 13.50 -13.06
C GLN A 77 -4.96 12.72 -12.25
N VAL A 78 -4.94 12.87 -10.94
CA VAL A 78 -5.92 12.15 -10.07
C VAL A 78 -6.94 13.16 -9.53
N ASN A 79 -8.20 12.90 -9.72
CA ASN A 79 -9.25 13.83 -9.22
C ASN A 79 -9.62 13.49 -7.78
N PHE A 80 -10.56 14.19 -7.22
CA PHE A 80 -10.99 13.92 -5.82
C PHE A 80 -11.64 12.55 -5.75
N ARG A 81 -12.14 12.06 -6.85
CA ARG A 81 -12.80 10.72 -6.84
C ARG A 81 -11.83 9.67 -6.30
N GLY A 82 -10.70 9.52 -6.93
CA GLY A 82 -9.73 8.50 -6.45
C GLY A 82 -8.99 9.02 -5.22
N PHE A 83 -8.84 10.31 -5.08
CA PHE A 83 -8.14 10.82 -3.87
C PHE A 83 -8.76 10.17 -2.64
N MET A 84 -10.06 10.08 -2.63
CA MET A 84 -10.77 9.45 -1.50
C MET A 84 -10.84 7.93 -1.70
N ARG A 85 -10.79 7.43 -2.91
CA ARG A 85 -10.87 5.96 -3.08
C ARG A 85 -9.55 5.33 -2.64
N THR A 86 -8.47 6.05 -2.79
CA THR A 86 -7.14 5.50 -2.39
C THR A 86 -6.92 5.70 -0.89
N LEU A 87 -7.00 6.91 -0.42
CA LEU A 87 -6.76 7.14 1.03
C LEU A 87 -7.83 6.43 1.86
N ALA A 88 -8.96 6.12 1.28
CA ALA A 88 -10.03 5.42 2.07
C ALA A 88 -9.94 3.91 1.85
N HIS A 89 -9.30 3.48 0.79
CA HIS A 89 -9.17 2.03 0.52
C HIS A 89 -8.60 1.32 1.76
N PHE A 90 -8.20 2.07 2.76
CA PHE A 90 -7.62 1.43 3.98
C PHE A 90 -8.70 1.25 5.05
N ARG A 91 -9.94 1.19 4.66
CA ARG A 91 -11.03 1.02 5.67
C ARG A 91 -10.85 -0.36 6.35
N PRO A 92 -10.88 -0.40 7.67
CA PRO A 92 -10.72 -1.69 8.41
C PRO A 92 -11.99 -2.55 8.37
N ILE A 93 -11.84 -3.83 8.18
CA ILE A 93 -13.04 -4.73 8.13
C ILE A 93 -13.25 -5.37 9.51
N GLU A 94 -14.47 -5.59 9.88
CA GLU A 94 -14.75 -6.20 11.21
C GLU A 94 -16.24 -6.54 11.33
N ASP A 95 -17.09 -5.63 10.95
CA ASP A 95 -18.56 -5.89 11.03
C ASP A 95 -19.07 -6.39 9.67
N ASN A 96 -18.75 -5.69 8.62
CA ASN A 96 -19.22 -6.12 7.27
C ASN A 96 -18.26 -7.18 6.72
N GLU A 97 -17.74 -8.03 7.57
CA GLU A 97 -16.80 -9.08 7.08
C GLU A 97 -17.47 -9.89 5.98
N LYS A 98 -18.59 -10.50 6.26
CA LYS A 98 -19.29 -11.29 5.21
C LYS A 98 -20.03 -10.36 4.26
N SER A 99 -20.27 -10.79 3.06
CA SER A 99 -20.98 -9.91 2.09
C SER A 99 -21.61 -10.78 0.99
N LYS A 100 -22.88 -11.04 1.08
CA LYS A 100 -23.56 -11.87 0.04
C LYS A 100 -23.85 -11.02 -1.20
N ASP A 101 -25.09 -10.66 -1.40
CA ASP A 101 -25.42 -9.83 -2.59
C ASP A 101 -25.12 -8.36 -2.29
N VAL A 102 -24.86 -7.58 -3.31
CA VAL A 102 -24.55 -6.14 -3.08
C VAL A 102 -24.51 -5.41 -4.42
N ASN A 103 -24.97 -4.19 -4.46
CA ASN A 103 -24.95 -3.43 -5.74
C ASN A 103 -25.37 -1.98 -5.48
N GLY A 104 -26.11 -1.75 -4.43
CA GLY A 104 -26.56 -0.36 -4.13
C GLY A 104 -25.35 0.54 -3.93
N PRO A 105 -24.63 0.36 -2.86
CA PRO A 105 -23.42 1.17 -2.54
C PRO A 105 -22.22 0.79 -3.43
N GLU A 106 -21.44 1.75 -3.83
CA GLU A 106 -20.26 1.45 -4.69
C GLU A 106 -19.25 0.63 -3.89
N PRO A 107 -18.45 -0.18 -4.56
CA PRO A 107 -17.43 -1.03 -3.88
C PRO A 107 -16.26 -0.20 -3.32
N LEU A 108 -15.70 -0.61 -2.23
CA LEU A 108 -14.56 0.16 -1.63
C LEU A 108 -14.00 -0.63 -0.45
N ASN A 109 -12.72 -0.81 -0.42
CA ASN A 109 -12.08 -1.58 0.70
C ASN A 109 -12.62 -3.02 0.72
N SER A 110 -13.39 -3.38 -0.27
CA SER A 110 -13.93 -4.76 -0.31
C SER A 110 -12.79 -5.75 -0.58
N ARG A 111 -12.92 -6.97 -0.12
CA ARG A 111 -11.84 -7.97 -0.33
C ARG A 111 -11.30 -7.85 -1.76
N SER A 112 -12.16 -7.94 -2.74
CA SER A 112 -11.68 -7.82 -4.14
C SER A 112 -10.99 -6.47 -4.34
N ASN A 113 -11.34 -5.49 -3.55
CA ASN A 113 -10.71 -4.15 -3.71
C ASN A 113 -9.33 -4.17 -3.02
N LYS A 114 -9.16 -4.92 -1.96
CA LYS A 114 -7.82 -4.96 -1.31
C LYS A 114 -6.81 -5.55 -2.28
N LEU A 115 -7.14 -6.64 -2.93
CA LEU A 115 -6.17 -7.23 -3.90
C LEU A 115 -5.96 -6.23 -5.04
N HIS A 116 -7.01 -5.62 -5.51
CA HIS A 116 -6.87 -4.63 -6.62
C HIS A 116 -6.04 -3.43 -6.14
N PHE A 117 -6.06 -3.15 -4.86
CA PHE A 117 -5.28 -1.99 -4.36
C PHE A 117 -3.80 -2.34 -4.38
N ALA A 118 -3.35 -3.21 -3.51
CA ALA A 118 -1.91 -3.60 -3.50
C ALA A 118 -1.46 -3.85 -4.94
N PHE A 119 -2.35 -4.37 -5.75
CA PHE A 119 -2.01 -4.64 -7.16
C PHE A 119 -1.57 -3.33 -7.84
N ARG A 120 -2.42 -2.34 -7.88
CA ARG A 120 -2.05 -1.05 -8.52
C ARG A 120 -0.73 -0.54 -7.94
N LEU A 121 -0.46 -0.85 -6.70
CA LEU A 121 0.80 -0.37 -6.07
C LEU A 121 1.99 -1.05 -6.72
N TYR A 122 1.85 -2.28 -7.09
CA TYR A 122 2.98 -3.02 -7.73
C TYR A 122 2.76 -3.07 -9.25
N ASP A 123 1.57 -2.76 -9.69
CA ASP A 123 1.29 -2.80 -11.15
C ASP A 123 2.06 -1.69 -11.85
N LEU A 124 3.35 -1.85 -12.02
CA LEU A 124 4.16 -0.80 -12.68
C LEU A 124 4.09 -0.99 -14.20
N ASP A 125 4.14 -2.21 -14.67
CA ASP A 125 4.10 -2.45 -16.15
C ASP A 125 2.67 -2.72 -16.62
N LYS A 126 1.72 -2.84 -15.73
CA LYS A 126 0.32 -3.08 -16.17
C LYS A 126 0.20 -4.45 -16.82
N ASP A 127 1.01 -5.39 -16.40
CA ASP A 127 0.91 -6.75 -16.99
C ASP A 127 -0.24 -7.48 -16.30
N GLU A 128 -0.99 -6.75 -15.52
CA GLU A 128 -2.15 -7.34 -14.77
C GLU A 128 -1.65 -8.14 -13.58
N LYS A 129 -0.37 -8.32 -13.45
CA LYS A 129 0.17 -9.09 -12.29
C LYS A 129 1.55 -8.54 -11.92
N ILE A 130 2.06 -8.88 -10.77
CA ILE A 130 3.42 -8.38 -10.40
C ILE A 130 4.45 -9.24 -11.13
N SER A 131 4.91 -8.77 -12.25
CA SER A 131 5.91 -9.53 -13.05
C SER A 131 7.21 -9.68 -12.26
N ARG A 132 8.25 -10.13 -12.90
CA ARG A 132 9.54 -10.32 -12.19
C ARG A 132 10.31 -8.99 -12.11
N ASP A 133 10.20 -8.17 -13.10
CA ASP A 133 10.95 -6.87 -13.07
C ASP A 133 10.33 -5.96 -12.02
N GLU A 134 9.04 -6.01 -11.85
CA GLU A 134 8.39 -5.14 -10.84
C GLU A 134 8.65 -5.71 -9.43
N LEU A 135 8.22 -6.91 -9.19
CA LEU A 135 8.42 -7.53 -7.87
C LEU A 135 9.89 -7.39 -7.45
N LEU A 136 10.81 -7.70 -8.32
CA LEU A 136 12.24 -7.59 -7.95
C LEU A 136 12.57 -6.16 -7.56
N GLN A 137 12.16 -5.20 -8.34
CA GLN A 137 12.47 -3.78 -7.98
C GLN A 137 12.13 -3.55 -6.50
N VAL A 138 11.06 -4.11 -6.04
CA VAL A 138 10.69 -3.91 -4.60
C VAL A 138 11.43 -4.93 -3.74
N LEU A 139 11.06 -6.17 -3.89
CA LEU A 139 11.70 -7.27 -3.12
C LEU A 139 13.21 -6.97 -2.94
N ARG A 140 13.84 -6.48 -3.97
CA ARG A 140 15.30 -6.15 -3.87
C ARG A 140 15.49 -4.85 -3.09
N MET A 141 14.63 -3.87 -3.27
CA MET A 141 14.82 -2.60 -2.54
C MET A 141 14.39 -2.76 -1.07
N MET A 142 13.78 -3.87 -0.74
CA MET A 142 13.32 -4.11 0.65
C MET A 142 14.33 -5.00 1.40
N VAL A 143 14.97 -5.90 0.69
CA VAL A 143 15.94 -6.82 1.35
C VAL A 143 17.36 -6.41 0.95
N GLY A 144 17.52 -5.84 -0.22
CA GLY A 144 18.87 -5.41 -0.68
C GLY A 144 19.51 -4.51 0.38
N VAL A 145 18.71 -3.93 1.23
CA VAL A 145 19.27 -3.04 2.28
C VAL A 145 20.36 -3.78 3.05
N ASN A 146 20.43 -5.07 2.93
CA ASN A 146 21.46 -5.84 3.67
C ASN A 146 21.78 -7.15 2.95
N ILE A 147 21.30 -7.31 1.73
CA ILE A 147 21.59 -8.58 0.97
C ILE A 147 22.60 -8.30 -0.14
N SER A 148 23.51 -9.22 -0.35
CA SER A 148 24.55 -9.03 -1.40
C SER A 148 23.89 -9.07 -2.79
N ASP A 149 24.67 -8.98 -3.84
CA ASP A 149 24.07 -9.00 -5.20
C ASP A 149 23.77 -10.43 -5.63
N GLU A 150 24.77 -11.26 -5.79
CA GLU A 150 24.51 -12.67 -6.20
C GLU A 150 23.59 -13.31 -5.17
N GLN A 151 23.61 -12.83 -3.96
CA GLN A 151 22.73 -13.41 -2.91
C GLN A 151 21.29 -13.03 -3.23
N LEU A 152 21.06 -11.81 -3.61
CA LEU A 152 19.69 -11.38 -3.93
C LEU A 152 19.27 -11.99 -5.27
N GLY A 153 20.13 -11.97 -6.25
CA GLY A 153 19.78 -12.53 -7.57
C GLY A 153 19.19 -13.93 -7.40
N SER A 154 19.78 -14.73 -6.55
CA SER A 154 19.27 -16.12 -6.35
C SER A 154 18.09 -16.14 -5.37
N ILE A 155 18.05 -15.22 -4.44
CA ILE A 155 16.93 -15.21 -3.47
C ILE A 155 15.67 -14.68 -4.16
N ALA A 156 15.84 -13.88 -5.18
CA ALA A 156 14.67 -13.32 -5.90
C ALA A 156 14.15 -14.36 -6.90
N ASP A 157 15.00 -14.83 -7.77
CA ASP A 157 14.56 -15.85 -8.76
C ASP A 157 13.86 -17.00 -8.02
N ARG A 158 14.36 -17.37 -6.87
CA ARG A 158 13.73 -18.47 -6.11
C ARG A 158 12.43 -17.99 -5.45
N THR A 159 12.38 -16.75 -5.05
CA THR A 159 11.15 -16.23 -4.38
C THR A 159 10.01 -16.13 -5.41
N ILE A 160 10.27 -15.57 -6.55
CA ILE A 160 9.19 -15.45 -7.57
C ILE A 160 8.97 -16.79 -8.25
N GLN A 161 9.92 -17.68 -8.15
CA GLN A 161 9.76 -19.00 -8.81
C GLN A 161 9.04 -19.97 -7.87
N GLU A 162 9.19 -19.80 -6.59
CA GLU A 162 8.52 -20.74 -5.64
C GLU A 162 7.09 -20.28 -5.38
N ALA A 163 6.84 -19.00 -5.34
CA ALA A 163 5.44 -18.54 -5.09
C ALA A 163 4.66 -18.62 -6.39
N ASP A 164 5.35 -18.63 -7.51
CA ASP A 164 4.62 -18.68 -8.80
C ASP A 164 3.57 -19.77 -8.76
N GLN A 165 2.34 -19.37 -8.55
CA GLN A 165 1.23 -20.35 -8.51
C GLN A 165 0.56 -20.39 -9.87
N ASP A 166 0.46 -19.27 -10.54
CA ASP A 166 -0.16 -19.32 -11.89
C ASP A 166 0.95 -19.73 -12.84
N GLY A 167 2.14 -19.88 -12.30
CA GLY A 167 3.27 -20.29 -13.13
C GLY A 167 3.45 -19.26 -14.21
N ASP A 168 2.90 -18.11 -13.99
CA ASP A 168 3.02 -17.04 -14.98
C ASP A 168 4.27 -16.27 -14.63
N SER A 169 5.05 -16.80 -13.72
CA SER A 169 6.28 -16.07 -13.31
C SER A 169 5.82 -14.66 -12.98
N ALA A 170 4.55 -14.55 -12.68
CA ALA A 170 3.96 -13.23 -12.37
C ALA A 170 2.87 -13.47 -11.35
N ILE A 171 2.79 -12.66 -10.35
CA ILE A 171 1.79 -12.91 -9.30
C ILE A 171 1.20 -11.63 -8.77
N SER A 172 0.06 -11.74 -8.13
CA SER A 172 -0.56 -10.54 -7.48
C SER A 172 -1.87 -10.94 -6.83
N PHE A 173 -2.63 -11.68 -7.56
CA PHE A 173 -3.98 -12.08 -7.11
C PHE A 173 -4.09 -13.57 -6.74
N THR A 174 -3.26 -14.39 -7.27
CA THR A 174 -3.44 -15.85 -7.03
C THR A 174 -2.84 -16.34 -5.73
N GLU A 175 -1.54 -16.39 -5.59
CA GLU A 175 -1.04 -16.94 -4.31
C GLU A 175 -1.32 -15.89 -3.24
N PHE A 176 -1.72 -14.72 -3.64
CA PHE A 176 -2.09 -13.69 -2.64
C PHE A 176 -3.40 -14.18 -2.04
N VAL A 177 -4.38 -14.40 -2.87
CA VAL A 177 -5.68 -14.92 -2.38
C VAL A 177 -5.43 -16.23 -1.65
N LYS A 178 -4.64 -17.12 -2.22
CA LYS A 178 -4.37 -18.41 -1.53
C LYS A 178 -3.63 -18.12 -0.22
N VAL A 179 -3.03 -16.97 -0.09
CA VAL A 179 -2.30 -16.63 1.16
C VAL A 179 -3.26 -16.01 2.18
N LEU A 180 -4.26 -15.30 1.72
CA LEU A 180 -5.22 -14.68 2.70
C LEU A 180 -5.98 -15.76 3.44
N GLU A 181 -6.31 -16.84 2.77
CA GLU A 181 -7.06 -17.92 3.46
C GLU A 181 -6.24 -18.40 4.67
N LYS A 182 -5.05 -17.88 4.83
CA LYS A 182 -4.19 -18.28 5.99
C LYS A 182 -3.97 -17.06 6.89
N VAL A 183 -4.14 -15.88 6.34
CA VAL A 183 -3.95 -14.64 7.15
C VAL A 183 -4.93 -13.56 6.68
N ASP A 184 -5.80 -13.12 7.55
CA ASP A 184 -6.79 -12.08 7.14
C ASP A 184 -6.06 -10.74 6.92
N VAL A 185 -5.27 -10.66 5.88
CA VAL A 185 -4.53 -9.40 5.61
C VAL A 185 -5.50 -8.30 5.16
N GLU A 186 -6.68 -8.68 4.74
CA GLU A 186 -7.67 -7.66 4.29
C GLU A 186 -7.83 -6.59 5.36
N GLN A 187 -7.56 -6.90 6.61
CA GLN A 187 -7.70 -5.88 7.69
C GLN A 187 -6.35 -5.18 7.90
N LYS A 188 -5.28 -5.92 7.78
CA LYS A 188 -3.93 -5.30 7.96
C LYS A 188 -3.87 -4.00 7.17
N MET A 189 -4.51 -3.96 6.03
CA MET A 189 -4.50 -2.72 5.20
C MET A 189 -5.22 -1.60 5.95
N SER A 190 -4.81 -1.32 7.17
CA SER A 190 -5.45 -0.25 7.97
C SER A 190 -4.41 0.36 8.89
N ILE A 191 -4.35 1.66 8.98
CA ILE A 191 -3.33 2.31 9.86
C ILE A 191 -3.92 2.54 11.25
N ARG A 192 -3.14 2.34 12.28
CA ARG A 192 -3.66 2.55 13.66
C ARG A 192 -2.50 2.46 14.66
N PHE A 193 -1.64 1.48 14.50
CA PHE A 193 -0.48 1.33 15.43
C PHE A 193 -0.96 1.52 16.88
N LEU A 194 -2.18 1.15 17.16
CA LEU A 194 -2.70 1.31 18.55
C LEU A 194 -3.87 0.33 18.76
N HIS A 195 -3.65 -0.70 19.53
CA HIS A 195 -4.75 -1.68 19.78
C HIS A 195 -5.66 -1.15 20.89
N VAL B 1 3.16 -18.02 31.76
CA VAL B 1 3.40 -19.07 30.74
C VAL B 1 4.88 -19.04 30.32
N ASP B 2 5.49 -17.90 30.35
CA ASP B 2 6.93 -17.80 29.95
C ASP B 2 7.13 -18.47 28.58
N LEU B 3 7.41 -19.75 28.57
CA LEU B 3 7.61 -20.44 27.27
C LEU B 3 6.25 -20.63 26.57
N LEU B 4 6.27 -20.79 25.28
CA LEU B 4 4.98 -20.98 24.54
C LEU B 4 4.66 -22.48 24.45
N ALA B 5 3.75 -22.86 23.59
CA ALA B 5 3.38 -24.30 23.47
C ALA B 5 3.11 -24.63 21.99
N VAL B 6 1.95 -24.30 21.51
CA VAL B 6 1.64 -24.59 20.08
C VAL B 6 2.73 -24.01 19.18
N LYS B 7 3.15 -24.75 18.20
CA LYS B 7 4.21 -24.25 17.28
C LYS B 7 3.65 -23.16 16.37
N LYS B 8 3.23 -22.06 16.93
CA LYS B 8 2.66 -20.95 16.09
C LYS B 8 3.78 -19.99 15.69
N LYS B 9 4.93 -20.11 16.30
CA LYS B 9 6.05 -19.19 15.95
C LYS B 9 7.38 -19.91 16.19
N GLN B 10 7.39 -21.22 16.10
CA GLN B 10 8.66 -21.97 16.31
C GLN B 10 9.51 -21.92 15.04
N GLU B 11 8.89 -21.88 13.90
CA GLU B 11 9.65 -21.82 12.63
C GLU B 11 10.14 -20.39 12.38
N THR B 12 11.17 -20.22 11.61
CA THR B 12 11.68 -18.86 11.33
C THR B 12 10.80 -18.18 10.28
N LYS B 13 11.25 -18.14 9.05
CA LYS B 13 10.44 -17.49 7.99
C LYS B 13 9.33 -18.46 7.54
N ARG B 14 8.11 -18.00 7.48
CA ARG B 14 6.99 -18.89 7.05
C ARG B 14 6.94 -18.94 5.53
N SER B 15 5.88 -18.45 4.93
CA SER B 15 5.79 -18.49 3.44
C SER B 15 6.42 -17.22 2.87
N ILE B 16 6.95 -17.31 1.67
CA ILE B 16 7.59 -16.11 1.05
C ILE B 16 6.53 -15.04 0.82
N ASN B 17 5.34 -15.44 0.45
CA ASN B 17 4.26 -14.46 0.19
C ASN B 17 3.78 -13.83 1.50
N GLU B 18 3.84 -14.57 2.58
CA GLU B 18 3.37 -14.02 3.87
C GLU B 18 4.43 -13.09 4.48
N GLU B 19 5.66 -13.51 4.50
CA GLU B 19 6.72 -12.65 5.10
C GLU B 19 6.92 -11.38 4.26
N ILE B 20 7.10 -11.50 2.98
CA ILE B 20 7.32 -10.28 2.14
C ILE B 20 6.08 -9.39 2.15
N HIS B 21 4.90 -9.96 2.04
CA HIS B 21 3.68 -9.12 2.04
C HIS B 21 3.53 -8.43 3.39
N THR B 22 3.69 -9.17 4.46
CA THR B 22 3.56 -8.54 5.81
C THR B 22 4.39 -7.26 5.87
N GLN B 23 5.64 -7.33 5.51
CA GLN B 23 6.51 -6.11 5.55
C GLN B 23 6.09 -5.14 4.44
N PHE B 24 6.09 -5.59 3.22
CA PHE B 24 5.70 -4.69 2.08
C PHE B 24 4.43 -3.91 2.47
N LEU B 25 3.33 -4.60 2.62
CA LEU B 25 2.06 -3.91 2.98
C LEU B 25 2.30 -2.94 4.14
N ASP B 26 3.04 -3.34 5.13
CA ASP B 26 3.30 -2.42 6.28
C ASP B 26 4.07 -1.20 5.80
N HIS B 27 4.95 -1.39 4.85
CA HIS B 27 5.75 -0.24 4.33
C HIS B 27 4.90 0.65 3.42
N LEU B 28 4.38 0.11 2.35
CA LEU B 28 3.55 0.94 1.43
C LEU B 28 2.37 1.55 2.21
N LEU B 29 1.84 0.84 3.16
CA LEU B 29 0.70 1.40 3.94
C LEU B 29 1.17 2.63 4.74
N THR B 30 1.98 2.43 5.74
CA THR B 30 2.46 3.59 6.54
C THR B 30 3.12 4.61 5.60
N GLY B 31 3.51 4.20 4.43
CA GLY B 31 4.17 5.16 3.49
C GLY B 31 3.11 6.04 2.83
N ILE B 32 2.26 5.45 2.01
CA ILE B 32 1.21 6.25 1.33
C ILE B 32 0.30 6.88 2.40
N GLU B 33 0.29 6.33 3.58
CA GLU B 33 -0.56 6.88 4.66
C GLU B 33 0.17 8.02 5.36
N ASP B 34 1.47 8.01 5.33
CA ASP B 34 2.24 9.11 5.98
C ASP B 34 1.90 10.44 5.31
N ILE B 35 1.34 10.39 4.12
CA ILE B 35 0.98 11.65 3.41
C ILE B 35 0.23 12.57 4.37
N CYS B 36 -0.97 12.22 4.72
CA CYS B 36 -1.76 13.07 5.65
C CYS B 36 -1.63 14.54 5.23
N GLY B 37 -1.51 15.44 6.18
CA GLY B 37 -1.38 16.89 5.86
C GLY B 37 -0.03 17.40 6.36
N HIS B 38 0.42 18.52 5.86
CA HIS B 38 1.73 19.06 6.31
C HIS B 38 1.77 20.57 6.07
N TYR B 39 2.54 21.01 5.11
CA TYR B 39 2.62 22.46 4.82
C TYR B 39 3.10 22.69 3.38
N GLY B 40 2.68 23.74 2.75
CA GLY B 40 3.12 24.01 1.36
C GLY B 40 2.76 25.45 0.98
N HIS B 41 3.56 26.05 0.13
CA HIS B 41 3.27 27.46 -0.27
C HIS B 41 2.07 27.48 -1.23
N HIS B 42 1.10 28.30 -0.97
CA HIS B 42 -0.08 28.36 -1.88
C HIS B 42 0.26 29.19 -3.11
N HIS B 43 0.16 30.49 -3.01
CA HIS B 43 0.49 31.35 -4.19
C HIS B 43 1.94 31.12 -4.61
N MET A 1 22.37 22.62 12.05
CA MET A 1 21.35 22.11 13.00
C MET A 1 19.96 22.37 12.43
N GLY A 2 18.95 21.71 12.94
CA GLY A 2 17.57 21.92 12.43
C GLY A 2 16.62 20.92 13.09
N SER A 3 16.20 19.92 12.36
CA SER A 3 15.28 18.91 12.95
C SER A 3 15.32 17.62 12.11
N ARG A 4 15.89 16.58 12.65
CA ARG A 4 15.96 15.31 11.88
C ARG A 4 14.55 14.73 11.69
N ALA A 5 13.74 15.40 10.93
CA ALA A 5 12.35 14.91 10.70
C ALA A 5 11.67 15.74 9.61
N SER A 6 10.42 15.51 9.37
CA SER A 6 9.70 16.28 8.30
C SER A 6 8.20 16.18 8.53
N THR A 7 7.51 17.29 8.59
CA THR A 7 6.04 17.27 8.80
C THR A 7 5.71 16.32 9.96
N LEU A 8 5.52 16.88 11.13
CA LEU A 8 5.20 16.03 12.31
C LEU A 8 3.76 15.50 12.19
N LEU A 9 3.60 14.24 11.89
CA LEU A 9 2.26 13.67 11.77
C LEU A 9 1.63 13.56 13.15
N ARG A 10 1.10 14.64 13.65
CA ARG A 10 0.46 14.60 14.99
C ARG A 10 -0.96 14.05 14.85
N ASP A 11 -1.65 13.90 15.95
CA ASP A 11 -3.03 13.34 15.87
C ASP A 11 -3.87 14.16 14.88
N GLU A 12 -3.41 15.32 14.50
CA GLU A 12 -4.18 16.14 13.53
C GLU A 12 -4.03 15.54 12.14
N GLU A 13 -2.83 15.27 11.72
CA GLU A 13 -2.63 14.67 10.38
C GLU A 13 -3.13 13.24 10.42
N LEU A 14 -2.96 12.57 11.53
CA LEU A 14 -3.47 11.19 11.58
C LEU A 14 -4.99 11.28 11.52
N GLU A 15 -5.61 11.83 12.52
CA GLU A 15 -7.10 11.95 12.54
C GLU A 15 -7.61 12.28 11.13
N GLU A 16 -6.93 13.14 10.43
CA GLU A 16 -7.38 13.49 9.05
C GLU A 16 -7.46 12.21 8.20
N ILE A 17 -6.33 11.61 7.92
CA ILE A 17 -6.36 10.36 7.08
C ILE A 17 -7.15 9.27 7.82
N LYS A 18 -6.90 9.10 9.10
CA LYS A 18 -7.61 8.07 9.89
C LYS A 18 -9.11 8.08 9.55
N LYS A 19 -9.72 9.23 9.56
CA LYS A 19 -11.18 9.31 9.26
C LYS A 19 -11.43 8.97 7.79
N GLU A 20 -10.60 9.41 6.89
CA GLU A 20 -10.83 9.09 5.45
C GLU A 20 -11.13 7.59 5.32
N THR A 21 -10.34 6.79 5.98
CA THR A 21 -10.56 5.31 5.93
C THR A 21 -11.26 4.87 7.22
N GLY A 22 -11.37 5.77 8.17
CA GLY A 22 -12.05 5.41 9.44
C GLY A 22 -13.52 5.83 9.39
N PHE A 23 -13.80 6.99 8.87
CA PHE A 23 -15.20 7.47 8.78
C PHE A 23 -15.33 8.52 7.67
N SER A 24 -15.83 9.68 7.98
CA SER A 24 -15.98 10.74 6.93
C SER A 24 -16.43 12.04 7.59
N HIS A 25 -15.75 13.12 7.32
CA HIS A 25 -16.13 14.43 7.93
C HIS A 25 -15.50 15.57 7.12
N SER A 26 -15.44 16.75 7.68
CA SER A 26 -14.84 17.90 6.94
C SER A 26 -13.33 17.92 7.20
N GLN A 27 -12.87 17.17 8.17
CA GLN A 27 -11.41 17.16 8.46
C GLN A 27 -10.65 16.67 7.22
N ILE A 28 -11.25 15.80 6.44
CA ILE A 28 -10.56 15.30 5.22
C ILE A 28 -10.93 16.19 4.03
N THR A 29 -12.01 16.90 4.11
CA THR A 29 -12.39 17.78 2.97
C THR A 29 -11.32 18.86 2.81
N ARG A 30 -11.04 19.57 3.87
CA ARG A 30 -9.99 20.64 3.79
C ARG A 30 -8.66 19.99 3.40
N LEU A 31 -8.37 18.83 3.94
CA LEU A 31 -7.12 18.14 3.61
C LEU A 31 -6.99 17.99 2.10
N TYR A 32 -8.09 17.81 1.42
CA TYR A 32 -8.04 17.66 -0.05
C TYR A 32 -7.84 19.03 -0.69
N SER A 33 -8.35 20.06 -0.07
CA SER A 33 -8.20 21.42 -0.64
C SER A 33 -6.72 21.82 -0.70
N ARG A 34 -5.96 21.54 0.32
CA ARG A 34 -4.52 21.91 0.29
C ARG A 34 -3.77 20.91 -0.57
N PHE A 35 -3.97 19.66 -0.33
CA PHE A 35 -3.28 18.60 -1.11
C PHE A 35 -3.56 18.86 -2.61
N THR A 36 -4.80 18.98 -2.96
CA THR A 36 -5.14 19.23 -4.39
C THR A 36 -4.68 20.62 -4.80
N SER A 37 -4.48 21.51 -3.86
CA SER A 37 -4.02 22.88 -4.25
C SER A 37 -2.59 22.78 -4.77
N LEU A 38 -1.90 21.74 -4.42
CA LEU A 38 -0.49 21.59 -4.91
C LEU A 38 -0.46 21.64 -6.44
N ASP A 39 -1.58 21.54 -7.10
CA ASP A 39 -1.56 21.59 -8.59
C ASP A 39 -1.32 23.02 -9.05
N LYS A 40 -0.51 23.75 -8.34
CA LYS A 40 -0.22 25.16 -8.73
C LYS A 40 -1.55 25.89 -9.01
N GLY A 41 -2.65 25.30 -8.67
CA GLY A 41 -3.96 25.96 -8.92
C GLY A 41 -5.08 24.91 -8.92
N GLU A 42 -4.94 23.89 -8.11
CA GLU A 42 -5.96 22.81 -8.04
C GLU A 42 -6.64 22.59 -9.39
N ASN A 43 -5.93 22.12 -10.36
CA ASN A 43 -6.56 21.86 -11.67
C ASN A 43 -7.78 20.97 -11.42
N GLY A 44 -7.85 20.42 -10.24
CA GLY A 44 -9.00 19.52 -9.86
C GLY A 44 -8.47 18.11 -9.69
N THR A 45 -7.23 17.89 -10.06
CA THR A 45 -6.62 16.54 -9.93
C THR A 45 -5.16 16.71 -9.48
N LEU A 46 -4.46 15.62 -9.24
CA LEU A 46 -3.02 15.74 -8.82
C LEU A 46 -2.15 14.85 -9.70
N SER A 47 -1.04 15.38 -10.13
CA SER A 47 -0.12 14.58 -10.98
C SER A 47 1.05 14.11 -10.12
N ARG A 48 1.88 13.26 -10.65
CA ARG A 48 3.04 12.76 -9.86
C ARG A 48 3.91 13.95 -9.43
N GLU A 49 4.15 14.87 -10.32
CA GLU A 49 5.00 16.05 -9.97
C GLU A 49 4.38 16.80 -8.79
N ASP A 50 3.13 16.57 -8.49
CA ASP A 50 2.50 17.29 -7.35
C ASP A 50 2.74 16.51 -6.06
N PHE A 51 2.58 15.21 -6.10
CA PHE A 51 2.82 14.41 -4.87
C PHE A 51 4.24 14.67 -4.35
N GLN A 52 5.18 14.88 -5.23
CA GLN A 52 6.58 15.12 -4.79
C GLN A 52 6.64 16.33 -3.85
N ARG A 53 5.63 17.16 -3.87
CA ARG A 53 5.64 18.35 -3.00
C ARG A 53 5.56 17.93 -1.53
N ILE A 54 5.11 16.75 -1.25
CA ILE A 54 5.03 16.28 0.16
C ILE A 54 6.39 15.64 0.50
N PRO A 55 6.89 15.83 1.69
CA PRO A 55 8.20 15.25 2.10
C PRO A 55 8.15 13.72 2.14
N GLU A 56 7.08 13.15 1.67
CA GLU A 56 6.95 11.67 1.69
C GLU A 56 7.45 11.08 0.35
N LEU A 57 6.77 11.40 -0.72
CA LEU A 57 7.18 10.85 -2.04
C LEU A 57 8.60 11.30 -2.38
N ALA A 58 8.99 12.47 -1.96
CA ALA A 58 10.37 12.96 -2.28
C ALA A 58 11.40 12.19 -1.47
N ILE A 59 10.98 11.44 -0.48
CA ILE A 59 11.94 10.66 0.34
C ILE A 59 11.50 9.20 0.39
N ASN A 60 10.59 8.83 -0.46
CA ASN A 60 10.08 7.42 -0.45
C ASN A 60 11.00 6.53 -1.30
N PRO A 61 11.33 5.34 -0.84
CA PRO A 61 12.21 4.41 -1.60
C PRO A 61 11.51 3.91 -2.88
N LEU A 62 10.27 3.53 -2.78
CA LEU A 62 9.53 3.04 -3.99
C LEU A 62 8.84 4.25 -4.62
N GLY A 63 7.91 4.82 -3.92
CA GLY A 63 7.17 6.02 -4.42
C GLY A 63 6.35 5.68 -5.67
N ASP A 64 6.92 4.93 -6.55
CA ASP A 64 6.19 4.56 -7.81
C ASP A 64 4.95 3.74 -7.47
N ARG A 65 4.95 3.10 -6.34
CA ARG A 65 3.76 2.28 -5.96
C ARG A 65 2.67 3.24 -5.43
N ILE A 66 2.99 4.04 -4.45
CA ILE A 66 2.00 5.01 -3.93
C ILE A 66 1.46 5.83 -5.11
N ILE A 67 2.34 6.25 -5.95
CA ILE A 67 1.94 7.05 -7.15
C ILE A 67 0.84 6.29 -7.89
N ASN A 68 1.06 5.03 -8.16
CA ASN A 68 0.02 4.24 -8.87
C ASN A 68 -1.20 4.10 -7.98
N ALA A 69 -1.04 4.32 -6.70
CA ALA A 69 -2.21 4.22 -5.78
C ALA A 69 -3.22 5.28 -6.17
N PHE A 70 -2.75 6.45 -6.51
CA PHE A 70 -3.69 7.55 -6.89
C PHE A 70 -4.07 7.45 -8.37
N PHE A 71 -3.11 7.30 -9.25
CA PHE A 71 -3.44 7.21 -10.69
C PHE A 71 -4.40 6.02 -10.94
N PRO A 72 -5.61 6.27 -11.39
CA PRO A 72 -6.59 5.17 -11.68
C PRO A 72 -5.98 4.08 -12.56
N GLU A 73 -6.67 3.67 -13.60
CA GLU A 73 -6.12 2.62 -14.49
C GLU A 73 -4.70 3.02 -14.90
N GLY A 74 -4.41 4.29 -14.90
CA GLY A 74 -3.04 4.75 -15.27
C GLY A 74 -3.10 6.16 -15.86
N GLU A 75 -3.88 7.03 -15.27
CA GLU A 75 -3.98 8.43 -15.80
C GLU A 75 -2.84 9.27 -15.22
N ASP A 76 -2.54 10.40 -15.83
CA ASP A 76 -1.45 11.27 -15.31
C ASP A 76 -2.04 12.28 -14.32
N GLN A 77 -3.20 12.00 -13.80
CA GLN A 77 -3.82 12.94 -12.82
C GLN A 77 -4.91 12.19 -12.04
N VAL A 78 -4.98 12.40 -10.75
CA VAL A 78 -6.02 11.70 -9.93
C VAL A 78 -7.09 12.71 -9.49
N ASN A 79 -8.32 12.45 -9.82
CA ASN A 79 -9.40 13.39 -9.43
C ASN A 79 -9.75 13.22 -7.96
N PHE A 80 -10.64 14.02 -7.47
CA PHE A 80 -11.04 13.93 -6.03
C PHE A 80 -11.70 12.57 -5.77
N ARG A 81 -12.29 12.00 -6.78
CA ARG A 81 -12.96 10.68 -6.59
C ARG A 81 -11.93 9.64 -6.15
N GLY A 82 -10.85 9.51 -6.88
CA GLY A 82 -9.83 8.51 -6.51
C GLY A 82 -9.01 9.02 -5.33
N PHE A 83 -8.83 10.31 -5.21
CA PHE A 83 -8.03 10.83 -4.07
C PHE A 83 -8.57 10.18 -2.79
N MET A 84 -9.86 10.23 -2.61
CA MET A 84 -10.46 9.64 -1.40
C MET A 84 -10.69 8.14 -1.60
N ARG A 85 -10.67 7.63 -2.82
CA ARG A 85 -10.88 6.17 -2.97
C ARG A 85 -9.60 5.44 -2.57
N THR A 86 -8.48 6.09 -2.74
CA THR A 86 -7.18 5.47 -2.37
C THR A 86 -6.91 5.67 -0.88
N LEU A 87 -6.94 6.89 -0.42
CA LEU A 87 -6.66 7.15 1.02
C LEU A 87 -7.75 6.50 1.89
N ALA A 88 -8.90 6.21 1.33
CA ALA A 88 -9.99 5.56 2.14
C ALA A 88 -9.94 4.04 1.96
N HIS A 89 -9.37 3.57 0.88
CA HIS A 89 -9.32 2.10 0.65
C HIS A 89 -8.70 1.40 1.86
N PHE A 90 -8.23 2.13 2.82
CA PHE A 90 -7.60 1.49 4.02
C PHE A 90 -8.65 1.27 5.11
N ARG A 91 -9.91 1.21 4.75
CA ARG A 91 -10.97 0.98 5.77
C ARG A 91 -10.73 -0.39 6.43
N PRO A 92 -10.67 -0.45 7.75
CA PRO A 92 -10.45 -1.74 8.47
C PRO A 92 -11.72 -2.60 8.53
N ILE A 93 -11.65 -3.83 8.09
CA ILE A 93 -12.84 -4.72 8.12
C ILE A 93 -12.86 -5.48 9.45
N GLU A 94 -13.99 -5.51 10.11
CA GLU A 94 -14.08 -6.24 11.40
C GLU A 94 -14.22 -7.73 11.13
N ASP A 95 -14.11 -8.54 12.15
CA ASP A 95 -14.23 -10.02 11.96
C ASP A 95 -15.63 -10.35 11.43
N ASN A 96 -16.64 -9.80 12.03
CA ASN A 96 -18.03 -10.08 11.56
C ASN A 96 -18.31 -9.30 10.28
N GLU A 97 -17.34 -8.58 9.79
CA GLU A 97 -17.54 -7.79 8.54
C GLU A 97 -18.83 -6.98 8.66
N LYS A 98 -18.98 -6.25 9.73
CA LYS A 98 -20.21 -5.43 9.91
C LYS A 98 -21.44 -6.35 9.90
N SER A 99 -22.10 -6.48 11.01
CA SER A 99 -23.31 -7.36 11.06
C SER A 99 -22.96 -8.73 10.49
N LYS A 100 -23.24 -8.96 9.24
CA LYS A 100 -22.93 -10.28 8.61
C LYS A 100 -22.73 -10.09 7.11
N ASP A 101 -23.76 -9.68 6.41
CA ASP A 101 -23.63 -9.48 4.94
C ASP A 101 -24.88 -8.77 4.41
N VAL A 102 -25.05 -7.53 4.76
CA VAL A 102 -26.25 -6.77 4.28
C VAL A 102 -26.03 -6.34 2.83
N ASN A 103 -27.00 -6.56 1.99
CA ASN A 103 -26.84 -6.16 0.56
C ASN A 103 -25.51 -6.68 0.01
N GLY A 104 -24.97 -7.69 0.63
CA GLY A 104 -23.67 -8.24 0.16
C GLY A 104 -22.52 -7.36 0.62
N PRO A 105 -21.32 -7.71 0.27
CA PRO A 105 -20.11 -6.93 0.67
C PRO A 105 -20.28 -5.42 0.44
N GLU A 106 -19.69 -4.61 1.27
CA GLU A 106 -19.83 -3.14 1.09
C GLU A 106 -18.88 -2.67 -0.03
N PRO A 107 -19.22 -1.60 -0.72
CA PRO A 107 -18.36 -1.06 -1.82
C PRO A 107 -17.10 -0.38 -1.30
N LEU A 108 -16.01 -0.50 -2.00
CA LEU A 108 -14.75 0.14 -1.54
C LEU A 108 -14.18 -0.62 -0.34
N ASN A 109 -12.93 -0.96 -0.38
CA ASN A 109 -12.30 -1.72 0.75
C ASN A 109 -12.83 -3.16 0.72
N SER A 110 -13.31 -3.60 -0.40
CA SER A 110 -13.82 -4.99 -0.50
C SER A 110 -12.66 -5.96 -0.75
N ARG A 111 -12.82 -7.20 -0.39
CA ARG A 111 -11.72 -8.19 -0.62
C ARG A 111 -11.18 -8.04 -2.04
N SER A 112 -12.01 -8.26 -3.03
CA SER A 112 -11.53 -8.12 -4.43
C SER A 112 -10.86 -6.75 -4.60
N ASN A 113 -11.31 -5.76 -3.87
CA ASN A 113 -10.70 -4.42 -3.98
C ASN A 113 -9.33 -4.43 -3.29
N LYS A 114 -9.18 -5.22 -2.26
CA LYS A 114 -7.86 -5.27 -1.56
C LYS A 114 -6.79 -5.78 -2.53
N LEU A 115 -7.10 -6.79 -3.28
CA LEU A 115 -6.10 -7.32 -4.25
C LEU A 115 -5.88 -6.27 -5.35
N HIS A 116 -6.93 -5.58 -5.71
CA HIS A 116 -6.80 -4.54 -6.77
C HIS A 116 -5.97 -3.36 -6.24
N PHE A 117 -6.05 -3.08 -4.97
CA PHE A 117 -5.27 -1.94 -4.42
C PHE A 117 -3.79 -2.34 -4.36
N ALA A 118 -3.44 -3.23 -3.47
CA ALA A 118 -2.02 -3.67 -3.37
C ALA A 118 -1.49 -3.95 -4.79
N PHE A 119 -2.37 -4.30 -5.68
CA PHE A 119 -1.95 -4.57 -7.08
C PHE A 119 -1.48 -3.27 -7.72
N ARG A 120 -2.33 -2.28 -7.78
CA ARG A 120 -1.92 -0.98 -8.38
C ARG A 120 -0.61 -0.51 -7.76
N LEU A 121 -0.32 -0.96 -6.57
CA LEU A 121 0.95 -0.55 -5.92
C LEU A 121 2.10 -1.32 -6.54
N TYR A 122 1.95 -2.62 -6.66
CA TYR A 122 3.03 -3.44 -7.26
C TYR A 122 2.97 -3.30 -8.79
N ASP A 123 1.83 -2.97 -9.31
CA ASP A 123 1.69 -2.83 -10.80
C ASP A 123 2.61 -1.72 -11.30
N LEU A 124 3.88 -1.96 -11.34
CA LEU A 124 4.84 -0.92 -11.82
C LEU A 124 4.92 -0.98 -13.35
N ASP A 125 4.95 -2.17 -13.91
CA ASP A 125 5.05 -2.29 -15.40
C ASP A 125 3.67 -2.53 -16.03
N LYS A 126 2.63 -2.63 -15.25
CA LYS A 126 1.28 -2.85 -15.84
C LYS A 126 1.25 -4.16 -16.64
N ASP A 127 1.97 -5.16 -16.19
CA ASP A 127 1.94 -6.46 -16.91
C ASP A 127 0.68 -7.18 -16.45
N GLU A 128 -0.12 -6.50 -15.66
CA GLU A 128 -1.38 -7.10 -15.15
C GLU A 128 -1.10 -7.90 -13.88
N LYS A 129 0.14 -8.19 -13.60
CA LYS A 129 0.46 -8.96 -12.37
C LYS A 129 1.84 -8.52 -11.85
N ILE A 130 2.18 -8.86 -10.64
CA ILE A 130 3.50 -8.44 -10.12
C ILE A 130 4.58 -9.31 -10.79
N SER A 131 5.27 -8.75 -11.73
CA SER A 131 6.32 -9.52 -12.46
C SER A 131 7.62 -9.54 -11.64
N ARG A 132 8.64 -10.15 -12.18
CA ARG A 132 9.94 -10.23 -11.46
C ARG A 132 10.60 -8.85 -11.43
N ASP A 133 10.45 -8.08 -12.46
CA ASP A 133 11.09 -6.74 -12.48
C ASP A 133 10.41 -5.85 -11.44
N GLU A 134 9.13 -6.01 -11.26
CA GLU A 134 8.41 -5.18 -10.25
C GLU A 134 8.71 -5.73 -8.86
N LEU A 135 8.31 -6.95 -8.62
CA LEU A 135 8.54 -7.56 -7.29
C LEU A 135 10.00 -7.34 -6.89
N LEU A 136 10.93 -7.58 -7.76
CA LEU A 136 12.36 -7.40 -7.41
C LEU A 136 12.61 -5.96 -6.98
N GLN A 137 12.17 -5.01 -7.73
CA GLN A 137 12.39 -3.59 -7.33
C GLN A 137 12.03 -3.41 -5.85
N VAL A 138 10.96 -4.02 -5.41
CA VAL A 138 10.57 -3.86 -3.97
C VAL A 138 11.34 -4.86 -3.13
N LEU A 139 11.07 -6.13 -3.34
CA LEU A 139 11.76 -7.20 -2.59
C LEU A 139 13.22 -6.80 -2.35
N ARG A 140 13.90 -6.31 -3.36
CA ARG A 140 15.31 -5.88 -3.16
C ARG A 140 15.34 -4.67 -2.24
N MET A 141 14.47 -3.72 -2.46
CA MET A 141 14.47 -2.51 -1.59
C MET A 141 14.07 -2.90 -0.16
N MET A 142 13.62 -4.12 0.03
CA MET A 142 13.19 -4.54 1.40
C MET A 142 14.18 -5.53 2.01
N VAL A 143 15.02 -6.16 1.22
CA VAL A 143 16.01 -7.13 1.81
C VAL A 143 17.43 -6.71 1.40
N GLY A 144 17.57 -6.10 0.26
CA GLY A 144 18.93 -5.65 -0.19
C GLY A 144 19.59 -4.84 0.92
N VAL A 145 18.82 -4.32 1.82
CA VAL A 145 19.41 -3.51 2.92
C VAL A 145 20.52 -4.30 3.62
N ASN A 146 20.56 -5.59 3.42
CA ASN A 146 21.61 -6.40 4.09
C ASN A 146 21.88 -7.68 3.28
N ILE A 147 21.40 -7.75 2.06
CA ILE A 147 21.64 -8.98 1.23
C ILE A 147 22.68 -8.69 0.15
N SER A 148 23.53 -9.63 -0.14
CA SER A 148 24.58 -9.43 -1.18
C SER A 148 23.92 -9.34 -2.56
N ASP A 149 24.69 -9.23 -3.61
CA ASP A 149 24.09 -9.12 -4.97
C ASP A 149 23.77 -10.51 -5.52
N GLU A 150 24.75 -11.34 -5.75
CA GLU A 150 24.47 -12.69 -6.29
C GLU A 150 23.48 -13.39 -5.37
N GLN A 151 23.45 -13.04 -4.12
CA GLN A 151 22.50 -13.68 -3.17
C GLN A 151 21.10 -13.17 -3.48
N LEU A 152 20.95 -11.89 -3.63
CA LEU A 152 19.61 -11.33 -3.93
C LEU A 152 19.17 -11.78 -5.32
N GLY A 153 20.03 -11.69 -6.29
CA GLY A 153 19.65 -12.10 -7.66
C GLY A 153 19.04 -13.50 -7.64
N SER A 154 19.62 -14.40 -6.90
CA SER A 154 19.08 -15.78 -6.85
C SER A 154 17.88 -15.87 -5.90
N ILE A 155 17.82 -15.04 -4.91
CA ILE A 155 16.66 -15.10 -3.97
C ILE A 155 15.45 -14.46 -4.64
N ALA A 156 15.68 -13.56 -5.56
CA ALA A 156 14.54 -12.90 -6.25
C ALA A 156 14.00 -13.84 -7.33
N ASP A 157 14.82 -14.15 -8.31
CA ASP A 157 14.35 -15.07 -9.39
C ASP A 157 13.69 -16.30 -8.77
N ARG A 158 14.26 -16.84 -7.73
CA ARG A 158 13.65 -18.04 -7.08
C ARG A 158 12.37 -17.63 -6.35
N THR A 159 12.29 -16.42 -5.89
CA THR A 159 11.07 -15.97 -5.16
C THR A 159 9.87 -15.95 -6.12
N ILE A 160 10.00 -15.32 -7.25
CA ILE A 160 8.85 -15.28 -8.19
C ILE A 160 8.68 -16.64 -8.84
N GLN A 161 9.70 -17.46 -8.80
CA GLN A 161 9.60 -18.81 -9.43
C GLN A 161 9.01 -19.82 -8.45
N GLU A 162 9.08 -19.53 -7.17
CA GLU A 162 8.53 -20.49 -6.17
C GLU A 162 7.07 -20.15 -5.88
N ALA A 163 6.72 -18.88 -5.85
CA ALA A 163 5.30 -18.52 -5.58
C ALA A 163 4.52 -18.65 -6.88
N ASP A 164 5.19 -18.66 -7.99
CA ASP A 164 4.48 -18.76 -9.29
C ASP A 164 3.40 -19.83 -9.23
N GLN A 165 2.21 -19.44 -8.86
CA GLN A 165 1.09 -20.42 -8.79
C GLN A 165 0.30 -20.32 -10.08
N ASP A 166 0.14 -19.14 -10.61
CA ASP A 166 -0.59 -19.03 -11.90
C ASP A 166 0.37 -19.48 -12.97
N GLY A 167 1.62 -19.66 -12.59
CA GLY A 167 2.63 -20.12 -13.55
C GLY A 167 2.96 -19.00 -14.51
N ASP A 168 2.50 -17.83 -14.20
CA ASP A 168 2.78 -16.67 -15.06
C ASP A 168 4.14 -16.12 -14.63
N SER A 169 4.86 -16.87 -13.83
CA SER A 169 6.16 -16.34 -13.35
C SER A 169 5.88 -14.94 -12.80
N ALA A 170 4.65 -14.76 -12.39
CA ALA A 170 4.23 -13.44 -11.86
C ALA A 170 3.06 -13.68 -10.92
N ILE A 171 2.81 -12.78 -10.03
CA ILE A 171 1.67 -13.00 -9.09
C ILE A 171 0.96 -11.71 -8.77
N SER A 172 -0.24 -11.83 -8.28
CA SER A 172 -0.97 -10.63 -7.85
C SER A 172 -2.25 -11.04 -7.14
N PHE A 173 -3.01 -11.83 -7.81
CA PHE A 173 -4.33 -12.26 -7.28
C PHE A 173 -4.40 -13.72 -6.85
N THR A 174 -3.54 -14.55 -7.36
CA THR A 174 -3.71 -16.00 -7.06
C THR A 174 -3.07 -16.49 -5.77
N GLU A 175 -1.77 -16.55 -5.68
CA GLU A 175 -1.21 -17.07 -4.41
C GLU A 175 -1.39 -15.97 -3.39
N PHE A 176 -1.78 -14.80 -3.84
CA PHE A 176 -2.06 -13.70 -2.89
C PHE A 176 -3.39 -14.10 -2.23
N VAL A 177 -4.38 -14.37 -3.03
CA VAL A 177 -5.69 -14.82 -2.48
C VAL A 177 -5.47 -16.10 -1.68
N LYS A 178 -4.72 -17.03 -2.22
CA LYS A 178 -4.48 -18.30 -1.48
C LYS A 178 -3.73 -17.98 -0.17
N VAL A 179 -3.10 -16.84 -0.09
CA VAL A 179 -2.36 -16.47 1.14
C VAL A 179 -3.33 -15.81 2.14
N LEU A 180 -4.30 -15.08 1.66
CA LEU A 180 -5.26 -14.41 2.61
C LEU A 180 -6.01 -15.47 3.40
N GLU A 181 -6.39 -16.54 2.76
CA GLU A 181 -7.14 -17.60 3.51
C GLU A 181 -6.30 -18.04 4.71
N LYS A 182 -5.08 -17.57 4.79
CA LYS A 182 -4.19 -17.94 5.94
C LYS A 182 -3.97 -16.70 6.81
N VAL A 183 -4.11 -15.52 6.25
CA VAL A 183 -3.91 -14.27 7.05
C VAL A 183 -4.93 -13.23 6.60
N ASP A 184 -5.50 -12.51 7.53
CA ASP A 184 -6.51 -11.47 7.15
C ASP A 184 -5.82 -10.16 6.81
N VAL A 185 -5.13 -10.09 5.70
CA VAL A 185 -4.44 -8.83 5.33
C VAL A 185 -5.49 -7.76 4.98
N GLU A 186 -6.69 -8.18 4.70
CA GLU A 186 -7.76 -7.19 4.35
C GLU A 186 -7.92 -6.18 5.49
N GLN A 187 -7.75 -6.62 6.72
CA GLN A 187 -7.89 -5.67 7.87
C GLN A 187 -6.55 -5.04 8.18
N LYS A 188 -5.47 -5.67 7.79
CA LYS A 188 -4.13 -5.09 8.06
C LYS A 188 -3.97 -3.79 7.26
N MET A 189 -4.61 -3.69 6.13
CA MET A 189 -4.51 -2.45 5.31
C MET A 189 -5.19 -1.31 6.06
N SER A 190 -4.82 -1.10 7.30
CA SER A 190 -5.43 0.00 8.10
C SER A 190 -4.37 0.53 9.06
N ILE A 191 -4.26 1.82 9.17
CA ILE A 191 -3.23 2.41 10.07
C ILE A 191 -3.85 2.64 11.46
N ARG A 192 -3.04 2.81 12.46
CA ARG A 192 -3.58 3.04 13.83
C ARG A 192 -2.56 3.84 14.66
N PHE A 193 -1.32 3.43 14.64
CA PHE A 193 -0.28 4.16 15.42
C PHE A 193 -0.69 4.20 16.90
N LEU A 194 0.00 3.49 17.74
CA LEU A 194 -0.35 3.49 19.19
C LEU A 194 0.90 3.16 20.01
N HIS A 195 2.06 3.44 19.49
CA HIS A 195 3.31 3.14 20.24
C HIS A 195 4.45 4.00 19.70
N VAL B 1 37.44 -21.53 7.41
CA VAL B 1 37.14 -21.31 8.85
C VAL B 1 35.65 -21.55 9.11
N ASP B 2 35.04 -22.44 8.36
CA ASP B 2 33.60 -22.71 8.57
C ASP B 2 33.21 -23.98 7.79
N LEU B 3 33.42 -25.13 8.36
CA LEU B 3 33.06 -26.38 7.64
C LEU B 3 31.55 -26.43 7.42
N LEU B 4 30.84 -25.43 7.84
CA LEU B 4 29.37 -25.41 7.65
C LEU B 4 28.74 -26.61 8.37
N ALA B 5 27.95 -26.37 9.37
CA ALA B 5 27.31 -27.50 10.10
C ALA B 5 26.05 -27.00 10.82
N VAL B 6 26.15 -26.73 12.09
CA VAL B 6 24.96 -26.23 12.84
C VAL B 6 24.60 -24.83 12.36
N LYS B 7 25.09 -23.81 13.02
CA LYS B 7 24.76 -22.42 12.60
C LYS B 7 23.26 -22.30 12.33
N LYS B 8 22.46 -22.76 13.25
CA LYS B 8 20.98 -22.67 13.06
C LYS B 8 20.51 -21.25 13.34
N LYS B 9 19.97 -21.02 14.51
CA LYS B 9 19.49 -19.65 14.86
C LYS B 9 18.55 -19.14 13.76
N GLN B 10 18.20 -19.99 12.82
CA GLN B 10 17.29 -19.55 11.72
C GLN B 10 15.86 -19.94 12.07
N GLU B 11 14.97 -18.98 12.16
CA GLU B 11 13.55 -19.29 12.50
C GLU B 11 12.91 -20.04 11.32
N THR B 12 11.92 -20.83 11.59
CA THR B 12 11.25 -21.58 10.50
C THR B 12 10.92 -20.63 9.34
N LYS B 13 11.28 -20.99 8.13
CA LYS B 13 11.00 -20.10 6.97
C LYS B 13 9.51 -20.17 6.64
N ARG B 14 8.88 -19.03 6.44
CA ARG B 14 7.43 -19.01 6.11
C ARG B 14 7.25 -18.96 4.59
N SER B 15 6.10 -18.54 4.13
CA SER B 15 5.86 -18.47 2.67
C SER B 15 6.36 -17.13 2.13
N ILE B 16 7.22 -17.17 1.14
CA ILE B 16 7.75 -15.90 0.55
C ILE B 16 6.60 -14.92 0.35
N ASN B 17 5.48 -15.41 -0.10
CA ASN B 17 4.32 -14.52 -0.34
C ASN B 17 3.88 -13.89 0.99
N GLU B 18 4.06 -14.58 2.08
CA GLU B 18 3.64 -14.02 3.39
C GLU B 18 4.71 -13.07 3.93
N GLU B 19 5.85 -13.58 4.30
CA GLU B 19 6.92 -12.70 4.87
C GLU B 19 7.06 -11.42 4.04
N ILE B 20 7.05 -11.51 2.75
CA ILE B 20 7.21 -10.26 1.92
C ILE B 20 5.93 -9.43 1.96
N HIS B 21 4.77 -10.03 1.88
CA HIS B 21 3.53 -9.22 1.92
C HIS B 21 3.41 -8.54 3.28
N THR B 22 3.94 -9.15 4.31
CA THR B 22 3.86 -8.54 5.66
C THR B 22 4.74 -7.28 5.70
N GLN B 23 5.95 -7.37 5.24
CA GLN B 23 6.82 -6.16 5.26
C GLN B 23 6.37 -5.17 4.19
N PHE B 24 5.91 -5.66 3.07
CA PHE B 24 5.46 -4.74 1.99
C PHE B 24 4.18 -4.02 2.45
N LEU B 25 3.14 -4.75 2.75
CA LEU B 25 1.88 -4.10 3.21
C LEU B 25 2.20 -3.10 4.33
N ASP B 26 3.16 -3.42 5.17
CA ASP B 26 3.52 -2.51 6.28
C ASP B 26 4.28 -1.30 5.71
N HIS B 27 5.13 -1.52 4.75
CA HIS B 27 5.91 -0.39 4.17
C HIS B 27 5.02 0.47 3.27
N LEU B 28 4.40 -0.11 2.28
CA LEU B 28 3.52 0.69 1.37
C LEU B 28 2.40 1.36 2.16
N LEU B 29 1.88 0.71 3.16
CA LEU B 29 0.78 1.32 3.96
C LEU B 29 1.33 2.51 4.76
N THR B 30 2.16 2.26 5.73
CA THR B 30 2.72 3.38 6.53
C THR B 30 3.36 4.41 5.59
N GLY B 31 3.67 4.01 4.38
CA GLY B 31 4.30 4.95 3.43
C GLY B 31 3.23 5.86 2.80
N ILE B 32 2.30 5.29 2.09
CA ILE B 32 1.24 6.11 1.45
C ILE B 32 0.38 6.77 2.53
N GLU B 33 0.48 6.30 3.75
CA GLU B 33 -0.34 6.89 4.85
C GLU B 33 0.41 8.08 5.44
N ASP B 34 1.71 8.01 5.52
CA ASP B 34 2.50 9.13 6.10
C ASP B 34 2.25 10.41 5.29
N ILE B 35 1.88 10.28 4.04
CA ILE B 35 1.63 11.48 3.21
C ILE B 35 0.77 12.49 3.98
N CYS B 36 -0.47 12.14 4.26
CA CYS B 36 -1.36 13.07 5.01
C CYS B 36 -1.17 14.50 4.49
N GLY B 37 -1.25 15.48 5.35
CA GLY B 37 -1.08 16.89 4.90
C GLY B 37 -1.63 17.85 5.95
N HIS B 38 -0.83 18.76 6.42
CA HIS B 38 -1.32 19.73 7.45
C HIS B 38 -0.27 20.82 7.67
N TYR B 39 -0.31 21.86 6.88
CA TYR B 39 0.68 22.96 7.06
C TYR B 39 0.20 23.92 8.15
N GLY B 40 -0.94 23.65 8.72
CA GLY B 40 -1.47 24.54 9.79
C GLY B 40 -1.47 26.00 9.30
N HIS B 41 -1.96 26.90 10.11
CA HIS B 41 -1.98 28.33 9.69
C HIS B 41 -0.60 28.95 9.91
N HIS B 42 0.32 28.73 9.02
CA HIS B 42 1.68 29.30 9.19
C HIS B 42 2.45 29.19 7.87
N HIS B 43 2.82 30.30 7.29
CA HIS B 43 3.57 30.26 6.00
C HIS B 43 4.30 31.59 5.79
N MET A 1 12.98 23.09 13.04
CA MET A 1 12.38 24.37 12.53
C MET A 1 13.20 24.87 11.34
N GLY A 2 14.08 25.81 11.55
CA GLY A 2 14.90 26.33 10.42
C GLY A 2 15.60 25.18 9.71
N SER A 3 16.48 24.48 10.39
CA SER A 3 17.19 23.35 9.75
C SER A 3 16.16 22.29 9.30
N ARG A 4 16.62 21.24 8.68
CA ARG A 4 15.68 20.18 8.22
C ARG A 4 14.75 19.79 9.37
N ALA A 5 13.64 19.19 9.07
CA ALA A 5 12.69 18.78 10.15
C ALA A 5 11.60 17.88 9.56
N SER A 6 11.15 18.17 8.38
CA SER A 6 10.09 17.34 7.75
C SER A 6 8.83 17.35 8.62
N THR A 7 7.74 17.82 8.10
CA THR A 7 6.48 17.85 8.91
C THR A 7 6.26 16.49 9.56
N LEU A 8 5.95 16.48 10.83
CA LEU A 8 5.72 15.19 11.54
C LEU A 8 4.24 14.82 11.46
N LEU A 9 3.93 13.56 11.44
CA LEU A 9 2.53 13.12 11.37
C LEU A 9 1.97 13.02 12.79
N ARG A 10 1.46 14.10 13.32
CA ARG A 10 0.90 14.06 14.69
C ARG A 10 -0.57 13.64 14.62
N ASP A 11 -1.21 13.52 15.75
CA ASP A 11 -2.63 13.09 15.76
C ASP A 11 -3.45 13.94 14.78
N GLU A 12 -2.92 15.06 14.36
CA GLU A 12 -3.69 15.91 13.41
C GLU A 12 -3.64 15.27 12.02
N GLU A 13 -2.47 15.00 11.51
CA GLU A 13 -2.40 14.37 10.18
C GLU A 13 -2.97 12.97 10.28
N LEU A 14 -2.79 12.30 11.39
CA LEU A 14 -3.37 10.95 11.50
C LEU A 14 -4.89 11.09 11.52
N GLU A 15 -5.43 11.78 12.49
CA GLU A 15 -6.91 11.95 12.57
C GLU A 15 -7.48 12.22 11.17
N GLU A 16 -6.88 13.10 10.43
CA GLU A 16 -7.40 13.42 9.06
C GLU A 16 -7.49 12.14 8.22
N ILE A 17 -6.38 11.55 7.89
CA ILE A 17 -6.42 10.29 7.04
C ILE A 17 -7.18 9.18 7.79
N LYS A 18 -7.18 9.25 9.08
CA LYS A 18 -7.88 8.22 9.90
C LYS A 18 -9.36 8.19 9.54
N LYS A 19 -10.01 9.33 9.55
CA LYS A 19 -11.46 9.37 9.22
C LYS A 19 -11.67 9.06 7.74
N GLU A 20 -10.77 9.46 6.88
CA GLU A 20 -10.96 9.16 5.44
C GLU A 20 -11.22 7.66 5.29
N THR A 21 -10.41 6.86 5.92
CA THR A 21 -10.60 5.38 5.84
C THR A 21 -11.34 4.89 7.09
N GLY A 22 -11.49 5.74 8.06
CA GLY A 22 -12.20 5.33 9.31
C GLY A 22 -13.66 5.80 9.24
N PHE A 23 -13.89 6.99 8.77
CA PHE A 23 -15.29 7.50 8.67
C PHE A 23 -15.36 8.62 7.63
N SER A 24 -15.98 9.73 7.95
CA SER A 24 -16.07 10.84 6.97
C SER A 24 -16.44 12.14 7.70
N HIS A 25 -15.86 13.24 7.30
CA HIS A 25 -16.17 14.53 7.98
C HIS A 25 -15.52 15.68 7.20
N SER A 26 -15.31 16.81 7.83
CA SER A 26 -14.67 17.96 7.14
C SER A 26 -13.17 17.93 7.35
N GLN A 27 -12.71 17.28 8.38
CA GLN A 27 -11.25 17.21 8.64
C GLN A 27 -10.54 16.73 7.38
N ILE A 28 -11.16 15.87 6.62
CA ILE A 28 -10.51 15.35 5.38
C ILE A 28 -10.86 16.27 4.19
N THR A 29 -11.94 17.00 4.29
CA THR A 29 -12.30 17.90 3.15
C THR A 29 -11.21 18.95 3.01
N ARG A 30 -10.87 19.62 4.07
CA ARG A 30 -9.80 20.65 3.99
C ARG A 30 -8.49 19.98 3.54
N LEU A 31 -8.21 18.81 4.05
CA LEU A 31 -6.99 18.09 3.68
C LEU A 31 -6.94 17.95 2.15
N TYR A 32 -8.07 17.83 1.52
CA TYR A 32 -8.09 17.69 0.04
C TYR A 32 -7.86 19.07 -0.58
N SER A 33 -8.29 20.11 0.10
CA SER A 33 -8.10 21.48 -0.45
C SER A 33 -6.62 21.81 -0.59
N ARG A 34 -5.82 21.52 0.41
CA ARG A 34 -4.37 21.84 0.29
C ARG A 34 -3.72 20.80 -0.62
N PHE A 35 -3.90 19.55 -0.33
CA PHE A 35 -3.31 18.48 -1.17
C PHE A 35 -3.64 18.78 -2.64
N THR A 36 -4.88 18.97 -2.94
CA THR A 36 -5.28 19.26 -4.36
C THR A 36 -4.78 20.64 -4.77
N SER A 37 -4.49 21.51 -3.84
CA SER A 37 -3.99 22.86 -4.24
C SER A 37 -2.58 22.71 -4.79
N LEU A 38 -1.93 21.63 -4.50
CA LEU A 38 -0.55 21.43 -5.00
C LEU A 38 -0.52 21.55 -6.53
N ASP A 39 -1.65 21.47 -7.18
CA ASP A 39 -1.64 21.60 -8.67
C ASP A 39 -1.37 23.05 -9.07
N LYS A 40 -0.52 23.72 -8.33
CA LYS A 40 -0.21 25.14 -8.66
C LYS A 40 -1.52 25.91 -8.90
N GLY A 41 -2.63 25.34 -8.55
CA GLY A 41 -3.93 26.04 -8.77
C GLY A 41 -5.07 25.02 -8.81
N GLU A 42 -4.95 23.96 -8.04
CA GLU A 42 -5.99 22.89 -8.01
C GLU A 42 -6.69 22.76 -9.37
N ASN A 43 -5.97 22.36 -10.38
CA ASN A 43 -6.62 22.19 -11.70
C ASN A 43 -7.85 21.29 -11.50
N GLY A 44 -7.90 20.64 -10.36
CA GLY A 44 -9.05 19.74 -10.04
C GLY A 44 -8.52 18.31 -9.91
N THR A 45 -7.27 18.12 -10.25
CA THR A 45 -6.65 16.76 -10.15
C THR A 45 -5.23 16.89 -9.64
N LEU A 46 -4.53 15.79 -9.49
CA LEU A 46 -3.11 15.86 -9.00
C LEU A 46 -2.22 15.00 -9.90
N SER A 47 -1.06 15.49 -10.23
CA SER A 47 -0.12 14.71 -11.11
C SER A 47 1.12 14.34 -10.29
N ARG A 48 2.04 13.61 -10.89
CA ARG A 48 3.27 13.20 -10.16
C ARG A 48 4.03 14.46 -9.70
N GLU A 49 4.12 15.45 -10.55
CA GLU A 49 4.85 16.69 -10.16
C GLU A 49 4.20 17.31 -8.93
N ASP A 50 2.98 16.93 -8.62
CA ASP A 50 2.31 17.53 -7.43
C ASP A 50 2.59 16.68 -6.19
N PHE A 51 2.41 15.38 -6.29
CA PHE A 51 2.66 14.51 -5.10
C PHE A 51 4.08 14.73 -4.57
N GLN A 52 5.01 15.05 -5.42
CA GLN A 52 6.42 15.27 -4.97
C GLN A 52 6.49 16.41 -3.95
N ARG A 53 5.52 17.28 -3.95
CA ARG A 53 5.54 18.42 -2.98
C ARG A 53 5.46 17.87 -1.55
N ILE A 54 5.17 16.60 -1.41
CA ILE A 54 5.09 15.99 -0.05
C ILE A 54 6.42 15.25 0.18
N PRO A 55 7.00 15.34 1.36
CA PRO A 55 8.29 14.67 1.67
C PRO A 55 8.17 13.15 1.67
N GLU A 56 7.07 12.63 1.17
CA GLU A 56 6.89 11.16 1.17
C GLU A 56 7.40 10.56 -0.15
N LEU A 57 6.79 10.89 -1.25
CA LEU A 57 7.22 10.32 -2.55
C LEU A 57 8.60 10.84 -2.92
N ALA A 58 8.93 12.03 -2.51
CA ALA A 58 10.28 12.58 -2.87
C ALA A 58 11.37 11.88 -2.06
N ILE A 59 10.99 11.08 -1.09
CA ILE A 59 12.00 10.37 -0.25
C ILE A 59 11.67 8.88 -0.24
N ASN A 60 10.71 8.46 -1.02
CA ASN A 60 10.33 7.03 -1.04
C ASN A 60 11.29 6.26 -1.97
N PRO A 61 11.74 5.08 -1.57
CA PRO A 61 12.67 4.27 -2.40
C PRO A 61 12.00 3.72 -3.66
N LEU A 62 10.70 3.50 -3.59
CA LEU A 62 9.94 2.98 -4.76
C LEU A 62 8.85 3.98 -5.14
N GLY A 63 8.03 4.35 -4.20
CA GLY A 63 6.91 5.31 -4.50
C GLY A 63 6.08 4.81 -5.67
N ASP A 64 6.43 3.72 -6.25
CA ASP A 64 5.61 3.20 -7.38
C ASP A 64 4.22 2.92 -6.82
N ARG A 65 4.15 2.83 -5.52
CA ARG A 65 2.86 2.57 -4.84
C ARG A 65 2.02 3.86 -4.85
N ILE A 66 2.45 4.86 -4.14
CA ILE A 66 1.71 6.14 -4.11
C ILE A 66 1.40 6.59 -5.54
N ILE A 67 2.36 6.43 -6.42
CA ILE A 67 2.15 6.84 -7.83
C ILE A 67 0.89 6.20 -8.40
N ASN A 68 0.84 4.90 -8.50
CA ASN A 68 -0.36 4.24 -9.08
C ASN A 68 -1.49 4.20 -8.06
N ALA A 69 -1.24 4.61 -6.85
CA ALA A 69 -2.34 4.60 -5.84
C ALA A 69 -3.35 5.68 -6.21
N PHE A 70 -2.88 6.81 -6.67
CA PHE A 70 -3.83 7.90 -7.04
C PHE A 70 -4.21 7.79 -8.51
N PHE A 71 -3.28 7.55 -9.39
CA PHE A 71 -3.63 7.43 -10.84
C PHE A 71 -4.50 6.19 -11.04
N PRO A 72 -5.42 6.22 -11.99
CA PRO A 72 -6.31 5.06 -12.28
C PRO A 72 -5.58 3.96 -13.04
N GLU A 73 -5.68 3.96 -14.35
CA GLU A 73 -5.00 2.91 -15.16
C GLU A 73 -3.66 3.46 -15.66
N GLY A 74 -3.57 4.75 -15.87
CA GLY A 74 -2.30 5.35 -16.35
C GLY A 74 -2.52 6.80 -16.74
N GLU A 75 -3.39 7.49 -16.06
CA GLU A 75 -3.65 8.92 -16.40
C GLU A 75 -2.61 9.81 -15.72
N ASP A 76 -2.37 10.98 -16.24
CA ASP A 76 -1.35 11.89 -15.63
C ASP A 76 -2.04 12.83 -14.65
N GLN A 77 -3.21 12.48 -14.17
CA GLN A 77 -3.91 13.36 -13.20
C GLN A 77 -5.01 12.57 -12.48
N VAL A 78 -5.08 12.68 -11.18
CA VAL A 78 -6.11 11.93 -10.40
C VAL A 78 -7.16 12.92 -9.89
N ASN A 79 -8.40 12.69 -10.20
CA ASN A 79 -9.47 13.63 -9.75
C ASN A 79 -9.79 13.38 -8.28
N PHE A 80 -10.74 14.10 -7.75
CA PHE A 80 -11.11 13.94 -6.31
C PHE A 80 -11.71 12.54 -6.11
N ARG A 81 -12.22 11.95 -7.15
CA ARG A 81 -12.83 10.60 -7.02
C ARG A 81 -11.83 9.63 -6.41
N GLY A 82 -10.72 9.41 -7.06
CA GLY A 82 -9.73 8.45 -6.51
C GLY A 82 -8.98 9.09 -5.35
N PHE A 83 -8.92 10.39 -5.30
CA PHE A 83 -8.20 11.04 -4.17
C PHE A 83 -8.70 10.41 -2.87
N MET A 84 -9.98 10.43 -2.67
CA MET A 84 -10.55 9.84 -1.43
C MET A 84 -10.80 8.34 -1.60
N ARG A 85 -10.80 7.81 -2.81
CA ARG A 85 -11.03 6.34 -2.91
C ARG A 85 -9.73 5.64 -2.51
N THR A 86 -8.62 6.26 -2.78
CA THR A 86 -7.31 5.67 -2.43
C THR A 86 -7.04 5.88 -0.93
N LEU A 87 -7.06 7.10 -0.49
CA LEU A 87 -6.79 7.34 0.96
C LEU A 87 -7.85 6.65 1.81
N ALA A 88 -9.00 6.35 1.26
CA ALA A 88 -10.06 5.66 2.05
C ALA A 88 -9.99 4.15 1.80
N HIS A 89 -9.23 3.73 0.83
CA HIS A 89 -9.13 2.26 0.53
C HIS A 89 -8.55 1.54 1.74
N PHE A 90 -8.04 2.29 2.69
CA PHE A 90 -7.44 1.67 3.90
C PHE A 90 -8.56 1.36 4.90
N ARG A 91 -9.77 1.23 4.44
CA ARG A 91 -10.90 0.94 5.38
C ARG A 91 -10.60 -0.37 6.15
N PRO A 92 -10.53 -0.32 7.45
CA PRO A 92 -10.26 -1.53 8.28
C PRO A 92 -11.51 -2.39 8.48
N ILE A 93 -11.44 -3.66 8.20
CA ILE A 93 -12.63 -4.53 8.39
C ILE A 93 -12.76 -4.94 9.86
N GLU A 94 -13.93 -4.80 10.42
CA GLU A 94 -14.15 -5.18 11.84
C GLU A 94 -15.27 -6.21 11.92
N ASP A 95 -16.26 -6.07 11.07
CA ASP A 95 -17.39 -7.05 11.08
C ASP A 95 -16.88 -8.41 10.60
N ASN A 96 -15.60 -8.51 10.35
CA ASN A 96 -15.03 -9.81 9.88
C ASN A 96 -15.91 -10.37 8.76
N GLU A 97 -16.47 -9.51 7.94
CA GLU A 97 -17.33 -9.98 6.82
C GLU A 97 -18.53 -10.76 7.39
N LYS A 98 -19.42 -10.07 8.07
CA LYS A 98 -20.62 -10.75 8.65
C LYS A 98 -21.84 -10.44 7.79
N SER A 99 -23.01 -10.77 8.25
CA SER A 99 -24.24 -10.50 7.46
C SER A 99 -24.21 -11.31 6.16
N LYS A 100 -23.33 -10.97 5.25
CA LYS A 100 -23.25 -11.72 3.97
C LYS A 100 -24.60 -11.63 3.25
N ASP A 101 -25.52 -10.88 3.78
CA ASP A 101 -26.85 -10.75 3.12
C ASP A 101 -26.66 -10.42 1.63
N VAL A 102 -27.11 -11.30 0.77
CA VAL A 102 -26.95 -11.03 -0.68
C VAL A 102 -27.46 -9.64 -1.01
N ASN A 103 -26.63 -8.80 -1.58
CA ASN A 103 -27.08 -7.42 -1.93
C ASN A 103 -25.99 -6.72 -2.74
N GLY A 104 -25.10 -6.02 -2.08
CA GLY A 104 -24.01 -5.32 -2.83
C GLY A 104 -23.37 -4.27 -1.92
N PRO A 105 -22.67 -4.71 -0.90
CA PRO A 105 -22.00 -3.79 0.07
C PRO A 105 -21.20 -2.69 -0.64
N GLU A 106 -20.52 -1.86 0.10
CA GLU A 106 -19.74 -0.77 -0.53
C GLU A 106 -18.44 -1.35 -1.12
N PRO A 107 -18.15 -1.09 -2.38
CA PRO A 107 -16.91 -1.61 -3.03
C PRO A 107 -15.66 -0.82 -2.61
N LEU A 108 -15.01 -1.24 -1.56
CA LEU A 108 -13.79 -0.51 -1.10
C LEU A 108 -13.08 -1.33 -0.01
N ASN A 109 -11.83 -1.63 -0.21
CA ASN A 109 -11.07 -2.42 0.80
C ASN A 109 -11.60 -3.84 0.88
N SER A 110 -12.78 -4.09 0.37
CA SER A 110 -13.35 -5.46 0.42
C SER A 110 -12.30 -6.47 -0.07
N ARG A 111 -12.54 -7.73 0.13
CA ARG A 111 -11.56 -8.76 -0.33
C ARG A 111 -11.12 -8.46 -1.77
N SER A 112 -12.00 -8.63 -2.71
CA SER A 112 -11.64 -8.37 -4.13
C SER A 112 -10.98 -6.98 -4.22
N ASN A 113 -11.37 -6.08 -3.38
CA ASN A 113 -10.76 -4.72 -3.40
C ASN A 113 -9.38 -4.76 -2.75
N LYS A 114 -9.15 -5.67 -1.85
CA LYS A 114 -7.81 -5.74 -1.20
C LYS A 114 -6.79 -6.12 -2.27
N LEU A 115 -7.03 -7.16 -3.00
CA LEU A 115 -6.08 -7.56 -4.08
C LEU A 115 -5.97 -6.41 -5.07
N HIS A 116 -7.08 -5.78 -5.37
CA HIS A 116 -7.07 -4.64 -6.32
C HIS A 116 -6.23 -3.49 -5.76
N PHE A 117 -6.20 -3.34 -4.46
CA PHE A 117 -5.41 -2.21 -3.87
C PHE A 117 -3.92 -2.54 -3.95
N ALA A 118 -3.47 -3.48 -3.17
CA ALA A 118 -2.02 -3.84 -3.22
C ALA A 118 -1.61 -4.04 -4.68
N PHE A 119 -2.56 -4.32 -5.52
CA PHE A 119 -2.25 -4.52 -6.97
C PHE A 119 -1.85 -3.18 -7.60
N ARG A 120 -2.76 -2.24 -7.69
CA ARG A 120 -2.43 -0.94 -8.30
C ARG A 120 -1.13 -0.40 -7.72
N LEU A 121 -0.79 -0.82 -6.53
CA LEU A 121 0.45 -0.32 -5.91
C LEU A 121 1.66 -0.98 -6.56
N TYR A 122 1.63 -2.27 -6.69
CA TYR A 122 2.78 -2.97 -7.33
C TYR A 122 2.60 -2.95 -8.85
N ASP A 123 1.45 -2.56 -9.31
CA ASP A 123 1.21 -2.53 -10.78
C ASP A 123 1.98 -1.36 -11.41
N LEU A 124 3.26 -1.50 -11.55
CA LEU A 124 4.08 -0.41 -12.14
C LEU A 124 4.04 -0.52 -13.67
N ASP A 125 4.13 -1.72 -14.20
CA ASP A 125 4.12 -1.89 -15.69
C ASP A 125 2.70 -2.10 -16.21
N LYS A 126 1.72 -2.23 -15.35
CA LYS A 126 0.32 -2.44 -15.82
C LYS A 126 0.22 -3.79 -16.54
N ASP A 127 1.01 -4.75 -16.15
CA ASP A 127 0.93 -6.08 -16.80
C ASP A 127 -0.20 -6.87 -16.12
N GLU A 128 -0.92 -6.19 -15.27
CA GLU A 128 -2.06 -6.84 -14.55
C GLU A 128 -1.52 -7.75 -13.44
N LYS A 129 -0.24 -7.91 -13.35
CA LYS A 129 0.33 -8.78 -12.28
C LYS A 129 1.70 -8.24 -11.86
N ILE A 130 2.15 -8.55 -10.68
CA ILE A 130 3.49 -8.03 -10.27
C ILE A 130 4.54 -8.84 -11.03
N SER A 131 5.17 -8.20 -11.98
CA SER A 131 6.22 -8.90 -12.79
C SER A 131 7.50 -9.02 -11.99
N ARG A 132 8.50 -9.65 -12.54
CA ARG A 132 9.77 -9.83 -11.80
C ARG A 132 10.52 -8.51 -11.71
N ASP A 133 10.46 -7.69 -12.72
CA ASP A 133 11.19 -6.40 -12.66
C ASP A 133 10.55 -5.50 -11.60
N GLU A 134 9.25 -5.60 -11.44
CA GLU A 134 8.57 -4.76 -10.42
C GLU A 134 8.76 -5.41 -9.04
N LEU A 135 8.28 -6.60 -8.89
CA LEU A 135 8.42 -7.30 -7.59
C LEU A 135 9.87 -7.21 -7.10
N LEU A 136 10.82 -7.44 -7.97
CA LEU A 136 12.23 -7.38 -7.55
C LEU A 136 12.59 -5.96 -7.12
N GLN A 137 12.19 -4.97 -7.87
CA GLN A 137 12.53 -3.57 -7.45
C GLN A 137 12.18 -3.38 -5.97
N VAL A 138 11.08 -3.93 -5.53
CA VAL A 138 10.70 -3.78 -4.09
C VAL A 138 11.43 -4.86 -3.27
N LEU A 139 11.05 -6.09 -3.47
CA LEU A 139 11.68 -7.23 -2.75
C LEU A 139 13.18 -6.95 -2.56
N ARG A 140 13.83 -6.36 -3.53
CA ARG A 140 15.29 -6.08 -3.39
C ARG A 140 15.50 -4.77 -2.61
N MET A 141 14.62 -3.82 -2.73
CA MET A 141 14.81 -2.53 -1.99
C MET A 141 14.45 -2.71 -0.51
N MET A 142 13.86 -3.82 -0.14
CA MET A 142 13.49 -4.03 1.30
C MET A 142 14.40 -5.07 1.95
N VAL A 143 14.90 -6.03 1.21
CA VAL A 143 15.79 -7.06 1.83
C VAL A 143 17.25 -6.73 1.51
N GLY A 144 17.51 -6.07 0.42
CA GLY A 144 18.91 -5.72 0.06
C GLY A 144 19.59 -5.01 1.24
N VAL A 145 18.82 -4.41 2.10
CA VAL A 145 19.42 -3.69 3.27
C VAL A 145 20.36 -4.63 4.02
N ASN A 146 20.13 -5.92 3.96
CA ASN A 146 21.01 -6.88 4.70
C ASN A 146 21.28 -8.11 3.82
N ILE A 147 20.91 -8.08 2.56
CA ILE A 147 21.17 -9.27 1.68
C ILE A 147 22.29 -8.94 0.70
N SER A 148 23.19 -9.88 0.50
CA SER A 148 24.33 -9.64 -0.44
C SER A 148 23.79 -9.54 -1.87
N ASP A 149 24.67 -9.45 -2.84
CA ASP A 149 24.19 -9.34 -4.25
C ASP A 149 23.82 -10.72 -4.80
N GLU A 150 24.77 -11.60 -4.91
CA GLU A 150 24.45 -12.96 -5.43
C GLU A 150 23.42 -13.61 -4.51
N GLN A 151 23.36 -13.18 -3.28
CA GLN A 151 22.37 -13.77 -2.34
C GLN A 151 20.98 -13.28 -2.74
N LEU A 152 20.85 -12.02 -3.03
CA LEU A 152 19.53 -11.49 -3.43
C LEU A 152 19.17 -12.02 -4.82
N GLY A 153 20.09 -12.01 -5.74
CA GLY A 153 19.79 -12.50 -7.10
C GLY A 153 19.17 -13.90 -7.02
N SER A 154 19.67 -14.74 -6.15
CA SER A 154 19.12 -16.12 -6.05
C SER A 154 17.89 -16.14 -5.15
N ILE A 155 17.78 -15.24 -4.22
CA ILE A 155 16.59 -15.24 -3.33
C ILE A 155 15.41 -14.63 -4.07
N ALA A 156 15.67 -13.80 -5.05
CA ALA A 156 14.57 -13.17 -5.82
C ALA A 156 14.10 -14.15 -6.90
N ASP A 157 15.01 -14.66 -7.67
CA ASP A 157 14.63 -15.62 -8.74
C ASP A 157 13.85 -16.79 -8.12
N ARG A 158 14.26 -17.24 -6.96
CA ARG A 158 13.55 -18.37 -6.30
C ARG A 158 12.23 -17.87 -5.70
N THR A 159 12.18 -16.64 -5.28
CA THR A 159 10.92 -16.12 -4.68
C THR A 159 9.84 -15.98 -5.75
N ILE A 160 10.17 -15.40 -6.86
CA ILE A 160 9.14 -15.23 -7.93
C ILE A 160 8.96 -16.55 -8.67
N GLN A 161 9.91 -17.44 -8.55
CA GLN A 161 9.77 -18.75 -9.26
C GLN A 161 9.02 -19.75 -8.38
N GLU A 162 9.06 -19.57 -7.09
CA GLU A 162 8.36 -20.54 -6.19
C GLU A 162 6.90 -20.09 -5.97
N ALA A 163 6.64 -18.81 -5.99
CA ALA A 163 5.24 -18.36 -5.79
C ALA A 163 4.53 -18.43 -7.14
N ASP A 164 5.27 -18.38 -8.21
CA ASP A 164 4.65 -18.41 -9.55
C ASP A 164 3.57 -19.50 -9.60
N GLN A 165 2.36 -19.15 -9.28
CA GLN A 165 1.25 -20.14 -9.32
C GLN A 165 0.52 -20.00 -10.65
N ASP A 166 0.34 -18.78 -11.13
CA ASP A 166 -0.33 -18.64 -12.44
C ASP A 166 0.71 -19.04 -13.47
N GLY A 167 1.92 -19.25 -13.02
CA GLY A 167 2.99 -19.67 -13.94
C GLY A 167 3.34 -18.51 -14.83
N ASP A 168 2.88 -17.36 -14.49
CA ASP A 168 3.17 -16.16 -15.29
C ASP A 168 4.50 -15.62 -14.80
N SER A 169 5.20 -16.39 -14.01
CA SER A 169 6.48 -15.86 -13.46
C SER A 169 6.14 -14.51 -12.86
N ALA A 170 4.89 -14.35 -12.51
CA ALA A 170 4.43 -13.07 -11.94
C ALA A 170 3.24 -13.36 -11.05
N ILE A 171 2.91 -12.50 -10.15
CA ILE A 171 1.74 -12.79 -9.27
C ILE A 171 0.97 -11.53 -8.95
N SER A 172 -0.24 -11.70 -8.50
CA SER A 172 -1.02 -10.51 -8.09
C SER A 172 -2.17 -10.95 -7.21
N PHE A 173 -3.04 -11.68 -7.81
CA PHE A 173 -4.28 -12.13 -7.16
C PHE A 173 -4.33 -13.63 -6.85
N THR A 174 -3.51 -14.42 -7.46
CA THR A 174 -3.68 -15.89 -7.27
C THR A 174 -3.00 -16.44 -6.03
N GLU A 175 -1.71 -16.52 -5.97
CA GLU A 175 -1.11 -17.11 -4.76
C GLU A 175 -1.30 -16.11 -3.64
N PHE A 176 -1.68 -14.91 -3.99
CA PHE A 176 -1.95 -13.89 -2.95
C PHE A 176 -3.25 -14.32 -2.29
N VAL A 177 -4.27 -14.50 -3.09
CA VAL A 177 -5.57 -14.96 -2.54
C VAL A 177 -5.34 -16.28 -1.78
N LYS A 178 -4.69 -17.23 -2.41
CA LYS A 178 -4.45 -18.52 -1.69
C LYS A 178 -3.67 -18.25 -0.40
N VAL A 179 -3.00 -17.14 -0.31
CA VAL A 179 -2.21 -16.84 0.92
C VAL A 179 -3.10 -16.10 1.93
N LEU A 180 -4.06 -15.34 1.48
CA LEU A 180 -4.92 -14.63 2.46
C LEU A 180 -5.71 -15.66 3.27
N GLU A 181 -6.02 -16.77 2.68
CA GLU A 181 -6.77 -17.83 3.42
C GLU A 181 -5.96 -18.25 4.65
N LYS A 182 -4.69 -17.90 4.68
CA LYS A 182 -3.83 -18.27 5.84
C LYS A 182 -3.56 -17.03 6.68
N VAL A 183 -3.67 -15.87 6.09
CA VAL A 183 -3.41 -14.61 6.85
C VAL A 183 -4.40 -13.53 6.40
N ASP A 184 -5.30 -13.14 7.26
CA ASP A 184 -6.30 -12.11 6.88
C ASP A 184 -5.61 -10.75 6.70
N VAL A 185 -4.93 -10.57 5.61
CA VAL A 185 -4.23 -9.26 5.37
C VAL A 185 -5.29 -8.17 5.22
N GLU A 186 -6.50 -8.54 4.93
CA GLU A 186 -7.58 -7.52 4.75
C GLU A 186 -7.64 -6.59 5.97
N GLN A 187 -7.43 -7.09 7.16
CA GLN A 187 -7.48 -6.21 8.35
C GLN A 187 -6.12 -5.55 8.57
N LYS A 188 -5.07 -6.18 8.12
CA LYS A 188 -3.72 -5.57 8.30
C LYS A 188 -3.77 -4.18 7.69
N MET A 189 -4.56 -4.00 6.67
CA MET A 189 -4.66 -2.66 6.01
C MET A 189 -5.29 -1.67 7.01
N SER A 190 -4.68 -1.52 8.15
CA SER A 190 -5.23 -0.58 9.17
C SER A 190 -4.06 0.09 9.90
N ILE A 191 -4.01 1.39 9.89
CA ILE A 191 -2.89 2.11 10.57
C ILE A 191 -3.32 2.55 11.97
N ARG A 192 -2.57 2.16 12.98
CA ARG A 192 -2.93 2.53 14.38
C ARG A 192 -1.64 2.88 15.14
N PHE A 193 -1.75 3.11 16.43
CA PHE A 193 -0.53 3.46 17.22
C PHE A 193 -0.75 3.05 18.68
N LEU A 194 0.30 2.71 19.38
CA LEU A 194 0.16 2.32 20.80
C LEU A 194 0.15 3.56 21.69
N HIS A 195 1.30 4.15 21.88
CA HIS A 195 1.37 5.38 22.74
C HIS A 195 0.88 6.59 21.94
N VAL B 1 17.41 -16.73 32.11
CA VAL B 1 15.95 -16.74 32.41
C VAL B 1 15.25 -15.69 31.55
N ASP B 2 14.73 -16.10 30.42
CA ASP B 2 14.03 -15.13 29.52
C ASP B 2 15.00 -14.03 29.07
N LEU B 3 14.95 -13.66 27.83
CA LEU B 3 15.87 -12.59 27.34
C LEU B 3 15.32 -11.21 27.74
N LEU B 4 14.75 -11.11 28.91
CA LEU B 4 14.21 -9.80 29.35
C LEU B 4 13.28 -9.24 28.28
N ALA B 5 12.69 -10.10 27.49
CA ALA B 5 11.77 -9.62 26.42
C ALA B 5 10.81 -10.75 26.02
N VAL B 6 9.60 -10.43 25.67
CA VAL B 6 8.63 -11.48 25.27
C VAL B 6 8.92 -11.93 23.83
N LYS B 7 7.89 -12.05 23.02
CA LYS B 7 8.10 -12.46 21.61
C LYS B 7 8.17 -11.23 20.71
N LYS B 8 7.08 -10.52 20.57
CA LYS B 8 7.08 -9.31 19.71
C LYS B 8 7.36 -9.72 18.25
N LYS B 9 7.23 -8.80 17.33
CA LYS B 9 7.48 -9.14 15.90
C LYS B 9 6.62 -10.35 15.52
N GLN B 10 6.62 -10.73 14.26
CA GLN B 10 5.80 -11.89 13.83
C GLN B 10 6.50 -13.18 14.23
N GLU B 11 6.19 -14.27 13.55
CA GLU B 11 6.83 -15.56 13.89
C GLU B 11 8.21 -15.65 13.23
N THR B 12 8.33 -16.34 12.14
CA THR B 12 9.64 -16.45 11.44
C THR B 12 9.42 -16.70 9.94
N LYS B 13 10.41 -17.16 9.26
CA LYS B 13 10.27 -17.42 7.79
C LYS B 13 9.35 -18.63 7.59
N ARG B 14 8.24 -18.44 6.93
CA ARG B 14 7.30 -19.58 6.69
C ARG B 14 6.88 -19.58 5.21
N SER B 15 6.33 -18.49 4.73
CA SER B 15 5.90 -18.43 3.31
C SER B 15 6.52 -17.19 2.65
N ILE B 16 6.86 -17.29 1.40
CA ILE B 16 7.46 -16.11 0.70
C ILE B 16 6.39 -15.04 0.51
N ASN B 17 5.19 -15.45 0.19
CA ASN B 17 4.09 -14.47 -0.02
C ASN B 17 3.80 -13.72 1.28
N GLU B 18 3.84 -14.40 2.39
CA GLU B 18 3.54 -13.74 3.69
C GLU B 18 4.69 -12.81 4.09
N GLU B 19 5.83 -13.35 4.43
CA GLU B 19 6.98 -12.51 4.85
C GLU B 19 7.10 -11.26 3.98
N ILE B 20 7.10 -11.41 2.68
CA ILE B 20 7.22 -10.20 1.81
C ILE B 20 5.96 -9.33 1.93
N HIS B 21 4.79 -9.92 1.87
CA HIS B 21 3.56 -9.10 1.99
C HIS B 21 3.62 -8.30 3.28
N THR B 22 3.66 -8.97 4.40
CA THR B 22 3.72 -8.25 5.71
C THR B 22 4.69 -7.07 5.62
N GLN B 23 5.82 -7.26 5.00
CA GLN B 23 6.80 -6.15 4.87
C GLN B 23 6.27 -5.08 3.91
N PHE B 24 6.05 -5.44 2.68
CA PHE B 24 5.56 -4.45 1.68
C PHE B 24 4.26 -3.81 2.21
N LEU B 25 3.22 -4.58 2.33
CA LEU B 25 1.92 -4.05 2.84
C LEU B 25 2.18 -3.10 4.02
N ASP B 26 3.14 -3.41 4.86
CA ASP B 26 3.43 -2.50 6.00
C ASP B 26 4.10 -1.22 5.48
N HIS B 27 5.09 -1.38 4.64
CA HIS B 27 5.81 -0.18 4.09
C HIS B 27 4.86 0.70 3.26
N LEU B 28 4.16 0.12 2.32
CA LEU B 28 3.25 0.94 1.47
C LEU B 28 2.09 1.50 2.29
N LEU B 29 1.64 0.79 3.29
CA LEU B 29 0.50 1.31 4.09
C LEU B 29 0.96 2.54 4.89
N THR B 30 2.01 2.40 5.65
CA THR B 30 2.52 3.55 6.44
C THR B 30 3.14 4.60 5.50
N GLY B 31 3.48 4.20 4.31
CA GLY B 31 4.09 5.17 3.36
C GLY B 31 3.01 5.98 2.65
N ILE B 32 1.99 5.33 2.15
CA ILE B 32 0.91 6.08 1.44
C ILE B 32 0.10 6.92 2.43
N GLU B 33 0.10 6.54 3.68
CA GLU B 33 -0.67 7.32 4.69
C GLU B 33 0.19 8.45 5.22
N ASP B 34 1.47 8.22 5.37
CA ASP B 34 2.37 9.29 5.88
C ASP B 34 2.22 10.52 4.98
N ILE B 35 1.64 10.37 3.84
CA ILE B 35 1.46 11.53 2.92
C ILE B 35 0.65 12.61 3.64
N CYS B 36 -0.61 12.35 3.91
CA CYS B 36 -1.45 13.36 4.61
C CYS B 36 -1.19 14.76 4.03
N GLY B 37 -1.43 15.78 4.82
CA GLY B 37 -1.20 17.17 4.32
C GLY B 37 0.27 17.55 4.54
N HIS B 38 0.51 18.63 5.24
CA HIS B 38 1.92 19.05 5.49
C HIS B 38 1.95 20.03 6.67
N TYR B 39 2.30 21.26 6.42
CA TYR B 39 2.36 22.26 7.53
C TYR B 39 3.15 21.65 8.71
N GLY B 40 2.48 21.34 9.79
CA GLY B 40 3.18 20.75 10.96
C GLY B 40 2.54 21.25 12.25
N HIS B 41 1.24 21.38 12.26
CA HIS B 41 0.54 21.88 13.48
C HIS B 41 1.15 23.21 13.92
N HIS B 42 0.48 24.29 13.65
CA HIS B 42 1.01 25.63 14.05
C HIS B 42 -0.14 26.62 14.17
N HIS B 43 -1.04 26.64 13.22
CA HIS B 43 -2.18 27.58 13.29
C HIS B 43 -3.27 27.15 12.30
N MET A 1 16.86 12.13 19.91
CA MET A 1 16.37 12.96 21.05
C MET A 1 17.19 14.26 21.13
N GLY A 2 18.25 14.34 20.38
CA GLY A 2 19.09 15.58 20.41
C GLY A 2 18.40 16.68 19.60
N SER A 3 19.04 17.80 19.45
CA SER A 3 18.42 18.91 18.66
C SER A 3 17.00 19.17 19.18
N ARG A 4 16.00 18.73 18.46
CA ARG A 4 14.60 18.96 18.92
C ARG A 4 13.65 18.15 18.03
N ALA A 5 12.84 18.80 17.25
CA ALA A 5 11.88 18.06 16.37
C ALA A 5 11.40 18.98 15.26
N SER A 6 10.27 18.67 14.67
CA SER A 6 9.75 19.53 13.57
C SER A 6 8.29 19.17 13.29
N THR A 7 7.85 19.36 12.07
CA THR A 7 6.44 19.02 11.73
C THR A 7 6.37 17.58 11.22
N LEU A 8 5.58 16.75 11.86
CA LEU A 8 5.46 15.32 11.41
C LEU A 8 3.99 14.91 11.45
N LEU A 9 3.72 13.66 11.21
CA LEU A 9 2.34 13.16 11.22
C LEU A 9 1.85 13.08 12.67
N ARG A 10 1.38 14.17 13.20
CA ARG A 10 0.87 14.15 14.61
C ARG A 10 -0.58 13.64 14.61
N ASP A 11 -1.15 13.52 15.77
CA ASP A 11 -2.55 13.03 15.86
C ASP A 11 -3.46 13.83 14.92
N GLU A 12 -3.02 14.97 14.48
CA GLU A 12 -3.87 15.78 13.56
C GLU A 12 -3.82 15.18 12.16
N GLU A 13 -2.65 14.94 11.64
CA GLU A 13 -2.57 14.35 10.28
C GLU A 13 -3.03 12.90 10.35
N LEU A 14 -2.78 12.24 11.45
CA LEU A 14 -3.20 10.84 11.58
C LEU A 14 -4.73 10.79 11.63
N GLU A 15 -5.30 11.48 12.58
CA GLU A 15 -6.80 11.49 12.69
C GLU A 15 -7.39 11.84 11.33
N GLU A 16 -6.78 12.78 10.63
CA GLU A 16 -7.31 13.17 9.29
C GLU A 16 -7.42 11.95 8.37
N ILE A 17 -6.31 11.38 8.00
CA ILE A 17 -6.35 10.18 7.10
C ILE A 17 -7.11 9.04 7.77
N LYS A 18 -7.02 8.93 9.07
CA LYS A 18 -7.73 7.84 9.77
C LYS A 18 -9.23 7.91 9.49
N LYS A 19 -9.80 9.09 9.54
CA LYS A 19 -11.26 9.22 9.28
C LYS A 19 -11.53 8.96 7.79
N GLU A 20 -10.65 9.39 6.93
CA GLU A 20 -10.86 9.14 5.48
C GLU A 20 -11.19 7.67 5.27
N THR A 21 -10.42 6.81 5.89
CA THR A 21 -10.66 5.34 5.76
C THR A 21 -11.40 4.86 7.00
N GLY A 22 -11.50 5.69 8.00
CA GLY A 22 -12.21 5.28 9.25
C GLY A 22 -13.68 5.70 9.17
N PHE A 23 -13.94 6.87 8.64
CA PHE A 23 -15.36 7.34 8.55
C PHE A 23 -15.47 8.39 7.43
N SER A 24 -15.91 9.57 7.76
CA SER A 24 -16.04 10.62 6.70
C SER A 24 -16.54 11.92 7.34
N HIS A 25 -15.86 13.01 7.12
CA HIS A 25 -16.29 14.31 7.71
C HIS A 25 -15.65 15.45 6.92
N SER A 26 -15.66 16.64 7.47
CA SER A 26 -15.05 17.81 6.76
C SER A 26 -13.57 17.89 7.09
N GLN A 27 -13.13 17.19 8.09
CA GLN A 27 -11.69 17.24 8.46
C GLN A 27 -10.85 16.75 7.28
N ILE A 28 -11.33 15.77 6.56
CA ILE A 28 -10.57 15.25 5.40
C ILE A 28 -10.86 16.11 4.16
N THR A 29 -11.98 16.79 4.14
CA THR A 29 -12.29 17.64 2.97
C THR A 29 -11.27 18.78 2.92
N ARG A 30 -11.03 19.41 4.05
CA ARG A 30 -10.03 20.51 4.07
C ARG A 30 -8.66 19.93 3.71
N LEU A 31 -8.37 18.74 4.19
CA LEU A 31 -7.08 18.10 3.90
C LEU A 31 -6.92 17.97 2.38
N TYR A 32 -8.02 17.82 1.68
CA TYR A 32 -7.93 17.69 0.20
C TYR A 32 -7.70 19.08 -0.39
N SER A 33 -8.20 20.10 0.24
CA SER A 33 -8.02 21.48 -0.30
C SER A 33 -6.53 21.85 -0.31
N ARG A 34 -5.82 21.56 0.74
CA ARG A 34 -4.36 21.90 0.75
C ARG A 34 -3.62 20.95 -0.17
N PHE A 35 -3.85 19.68 -0.01
CA PHE A 35 -3.18 18.67 -0.87
C PHE A 35 -3.44 19.01 -2.34
N THR A 36 -4.69 19.07 -2.73
CA THR A 36 -5.02 19.39 -4.15
C THR A 36 -4.52 20.78 -4.51
N SER A 37 -4.30 21.63 -3.54
CA SER A 37 -3.80 22.99 -3.86
C SER A 37 -2.33 22.91 -4.28
N LEU A 38 -1.66 21.86 -3.89
CA LEU A 38 -0.22 21.72 -4.27
C LEU A 38 -0.10 21.59 -5.79
N ASP A 39 -1.20 21.54 -6.49
CA ASP A 39 -1.15 21.42 -7.96
C ASP A 39 -0.41 22.61 -8.54
N LYS A 40 -0.86 23.05 -9.67
CA LYS A 40 -0.24 24.22 -10.36
C LYS A 40 -1.24 25.37 -10.39
N GLY A 41 -2.05 25.49 -9.37
CA GLY A 41 -3.07 26.58 -9.33
C GLY A 41 -4.41 26.03 -9.80
N GLU A 42 -4.49 24.74 -10.00
CA GLU A 42 -5.76 24.11 -10.45
C GLU A 42 -6.65 23.87 -9.23
N ASN A 43 -6.19 23.07 -8.31
CA ASN A 43 -7.01 22.77 -7.10
C ASN A 43 -8.15 21.83 -7.49
N GLY A 44 -7.84 20.82 -8.23
CA GLY A 44 -8.90 19.86 -8.67
C GLY A 44 -8.29 18.46 -8.78
N THR A 45 -7.17 18.35 -9.45
CA THR A 45 -6.51 17.02 -9.60
C THR A 45 -5.04 17.14 -9.20
N LEU A 46 -4.34 16.03 -9.09
CA LEU A 46 -2.90 16.09 -8.71
C LEU A 46 -2.05 15.21 -9.63
N SER A 47 -0.90 15.70 -10.02
CA SER A 47 0.01 14.92 -10.91
C SER A 47 1.25 14.52 -10.12
N ARG A 48 2.14 13.77 -10.72
CA ARG A 48 3.37 13.35 -10.01
C ARG A 48 4.14 14.57 -9.53
N GLU A 49 4.32 15.54 -10.39
CA GLU A 49 5.08 16.75 -10.00
C GLU A 49 4.44 17.42 -8.78
N ASP A 50 3.22 17.06 -8.45
CA ASP A 50 2.56 17.68 -7.27
C ASP A 50 2.82 16.83 -6.02
N PHE A 51 2.66 15.54 -6.12
CA PHE A 51 2.91 14.67 -4.94
C PHE A 51 4.32 14.92 -4.40
N GLN A 52 5.25 15.26 -5.25
CA GLN A 52 6.64 15.49 -4.76
C GLN A 52 6.67 16.61 -3.72
N ARG A 53 5.69 17.46 -3.73
CA ARG A 53 5.67 18.58 -2.73
C ARG A 53 5.53 18.01 -1.32
N ILE A 54 5.29 16.72 -1.20
CA ILE A 54 5.15 16.10 0.15
C ILE A 54 6.49 15.40 0.46
N PRO A 55 6.99 15.52 1.66
CA PRO A 55 8.29 14.89 2.04
C PRO A 55 8.20 13.37 2.05
N GLU A 56 7.16 12.82 1.50
CA GLU A 56 7.01 11.34 1.47
C GLU A 56 7.59 10.78 0.18
N LEU A 57 7.09 11.24 -0.94
CA LEU A 57 7.59 10.74 -2.26
C LEU A 57 9.07 11.12 -2.40
N ALA A 58 9.39 12.36 -2.21
CA ALA A 58 10.80 12.80 -2.35
C ALA A 58 11.74 12.01 -1.43
N ILE A 59 11.19 11.20 -0.55
CA ILE A 59 12.07 10.41 0.38
C ILE A 59 11.67 8.92 0.29
N ASN A 60 10.79 8.59 -0.61
CA ASN A 60 10.36 7.16 -0.74
C ASN A 60 11.34 6.42 -1.66
N PRO A 61 11.74 5.21 -1.32
CA PRO A 61 12.67 4.41 -2.17
C PRO A 61 12.01 3.95 -3.47
N LEU A 62 10.73 3.71 -3.43
CA LEU A 62 9.99 3.27 -4.67
C LEU A 62 8.88 4.28 -4.98
N GLY A 63 7.96 4.44 -4.07
CA GLY A 63 6.82 5.39 -4.29
C GLY A 63 5.98 4.91 -5.46
N ASP A 64 6.46 3.97 -6.22
CA ASP A 64 5.66 3.44 -7.35
C ASP A 64 4.28 3.10 -6.81
N ARG A 65 4.21 2.92 -5.53
CA ARG A 65 2.92 2.60 -4.86
C ARG A 65 2.04 3.86 -4.88
N ILE A 66 2.51 4.92 -4.25
CA ILE A 66 1.74 6.18 -4.21
C ILE A 66 1.41 6.64 -5.63
N ILE A 67 2.32 6.44 -6.55
CA ILE A 67 2.09 6.88 -7.94
C ILE A 67 0.82 6.21 -8.51
N ASN A 68 0.79 4.90 -8.58
CA ASN A 68 -0.41 4.23 -9.14
C ASN A 68 -1.53 4.20 -8.11
N ALA A 69 -1.27 4.62 -6.90
CA ALA A 69 -2.37 4.62 -5.89
C ALA A 69 -3.34 5.75 -6.22
N PHE A 70 -2.82 6.86 -6.67
CA PHE A 70 -3.72 8.02 -7.01
C PHE A 70 -4.16 7.93 -8.48
N PHE A 71 -3.25 7.80 -9.39
CA PHE A 71 -3.66 7.72 -10.83
C PHE A 71 -4.55 6.50 -11.04
N PRO A 72 -5.50 6.57 -11.94
CA PRO A 72 -6.42 5.44 -12.24
C PRO A 72 -5.73 4.34 -13.06
N GLU A 73 -5.84 4.40 -14.36
CA GLU A 73 -5.17 3.38 -15.22
C GLU A 73 -3.84 3.94 -15.71
N GLY A 74 -3.68 5.24 -15.71
CA GLY A 74 -2.40 5.84 -16.16
C GLY A 74 -2.62 7.31 -16.54
N GLU A 75 -3.51 7.98 -15.85
CA GLU A 75 -3.77 9.41 -16.19
C GLU A 75 -2.68 10.29 -15.55
N ASP A 76 -2.49 11.47 -16.06
CA ASP A 76 -1.45 12.37 -15.49
C ASP A 76 -2.07 13.29 -14.43
N GLN A 77 -3.21 12.91 -13.90
CA GLN A 77 -3.85 13.76 -12.86
C GLN A 77 -4.93 12.94 -12.13
N VAL A 78 -4.90 12.95 -10.83
CA VAL A 78 -5.93 12.17 -10.05
C VAL A 78 -6.99 13.15 -9.55
N ASN A 79 -8.22 12.94 -9.93
CA ASN A 79 -9.30 13.86 -9.49
C ASN A 79 -9.67 13.58 -8.04
N PHE A 80 -10.54 14.38 -7.49
CA PHE A 80 -10.96 14.18 -6.07
C PHE A 80 -11.64 12.82 -5.92
N ARG A 81 -12.18 12.30 -6.97
CA ARG A 81 -12.86 10.97 -6.90
C ARG A 81 -11.88 9.93 -6.37
N GLY A 82 -10.78 9.73 -7.04
CA GLY A 82 -9.81 8.71 -6.56
C GLY A 82 -9.08 9.21 -5.33
N PHE A 83 -8.93 10.50 -5.20
CA PHE A 83 -8.23 11.04 -3.99
C PHE A 83 -8.82 10.36 -2.76
N MET A 84 -10.12 10.34 -2.69
CA MET A 84 -10.80 9.70 -1.53
C MET A 84 -10.88 8.19 -1.73
N ARG A 85 -10.83 7.71 -2.95
CA ARG A 85 -10.92 6.23 -3.14
C ARG A 85 -9.61 5.58 -2.70
N THR A 86 -8.52 6.29 -2.81
CA THR A 86 -7.20 5.73 -2.42
C THR A 86 -6.99 5.89 -0.92
N LEU A 87 -7.04 7.09 -0.42
CA LEU A 87 -6.81 7.31 1.02
C LEU A 87 -7.91 6.62 1.85
N ALA A 88 -9.05 6.34 1.25
CA ALA A 88 -10.13 5.65 2.03
C ALA A 88 -10.07 4.14 1.80
N HIS A 89 -9.45 3.72 0.74
CA HIS A 89 -9.37 2.25 0.44
C HIS A 89 -8.77 1.51 1.65
N PHE A 90 -8.34 2.22 2.66
CA PHE A 90 -7.75 1.54 3.85
C PHE A 90 -8.81 1.30 4.92
N ARG A 91 -10.06 1.27 4.54
CA ARG A 91 -11.13 1.03 5.54
C ARG A 91 -11.10 -0.45 5.98
N PRO A 92 -10.97 -0.73 7.26
CA PRO A 92 -10.92 -2.14 7.76
C PRO A 92 -12.31 -2.79 7.83
N ILE A 93 -12.35 -4.09 7.95
CA ILE A 93 -13.66 -4.80 8.04
C ILE A 93 -13.97 -5.12 9.50
N GLU A 94 -15.22 -5.07 9.89
CA GLU A 94 -15.57 -5.37 11.30
C GLU A 94 -17.09 -5.60 11.41
N ASP A 95 -17.88 -4.79 10.76
CA ASP A 95 -19.34 -4.97 10.82
C ASP A 95 -19.76 -6.16 9.95
N ASN A 96 -19.30 -6.20 8.73
CA ASN A 96 -19.67 -7.33 7.83
C ASN A 96 -18.78 -8.53 8.13
N GLU A 97 -17.76 -8.35 8.94
CA GLU A 97 -16.87 -9.48 9.28
C GLU A 97 -17.70 -10.68 9.73
N LYS A 98 -18.77 -10.43 10.44
CA LYS A 98 -19.62 -11.55 10.93
C LYS A 98 -20.05 -12.41 9.73
N SER A 99 -21.21 -12.16 9.19
CA SER A 99 -21.68 -12.96 8.02
C SER A 99 -20.97 -12.47 6.76
N LYS A 100 -21.18 -13.15 5.66
CA LYS A 100 -20.52 -12.72 4.39
C LYS A 100 -21.17 -11.43 3.89
N ASP A 101 -21.85 -11.49 2.78
CA ASP A 101 -22.50 -10.26 2.23
C ASP A 101 -23.81 -10.00 2.99
N VAL A 102 -23.84 -8.99 3.81
CA VAL A 102 -25.09 -8.68 4.57
C VAL A 102 -26.28 -8.64 3.61
N ASN A 103 -26.40 -7.59 2.85
CA ASN A 103 -27.54 -7.49 1.90
C ASN A 103 -27.32 -6.28 0.97
N GLY A 104 -26.32 -5.50 1.24
CA GLY A 104 -26.06 -4.30 0.38
C GLY A 104 -24.70 -3.71 0.70
N PRO A 105 -23.65 -4.49 0.54
CA PRO A 105 -22.25 -4.03 0.81
C PRO A 105 -21.73 -3.10 -0.28
N GLU A 106 -21.30 -1.92 0.09
CA GLU A 106 -20.79 -0.96 -0.94
C GLU A 106 -19.32 -1.31 -1.26
N PRO A 107 -18.89 -1.13 -2.50
CA PRO A 107 -17.49 -1.42 -2.91
C PRO A 107 -16.45 -0.79 -1.97
N LEU A 108 -15.23 -0.68 -2.41
CA LEU A 108 -14.16 -0.06 -1.56
C LEU A 108 -14.00 -0.86 -0.27
N ASN A 109 -12.80 -1.27 0.02
CA ASN A 109 -12.54 -2.06 1.27
C ASN A 109 -12.95 -3.52 1.07
N SER A 110 -13.52 -3.83 -0.07
CA SER A 110 -13.94 -5.24 -0.31
C SER A 110 -12.70 -6.10 -0.59
N ARG A 111 -12.76 -7.35 -0.24
CA ARG A 111 -11.59 -8.24 -0.47
C ARG A 111 -11.08 -8.04 -1.91
N SER A 112 -11.89 -8.33 -2.88
CA SER A 112 -11.46 -8.15 -4.29
C SER A 112 -10.86 -6.75 -4.47
N ASN A 113 -11.36 -5.78 -3.77
CA ASN A 113 -10.80 -4.41 -3.89
C ASN A 113 -9.47 -4.34 -3.16
N LYS A 114 -9.30 -5.11 -2.13
CA LYS A 114 -8.00 -5.09 -1.40
C LYS A 114 -6.91 -5.64 -2.30
N LEU A 115 -7.15 -6.76 -2.95
CA LEU A 115 -6.13 -7.32 -3.87
C LEU A 115 -5.94 -6.34 -5.01
N HIS A 116 -6.99 -5.68 -5.40
CA HIS A 116 -6.91 -4.69 -6.51
C HIS A 116 -6.08 -3.49 -6.05
N PHE A 117 -6.14 -3.17 -4.78
CA PHE A 117 -5.36 -2.00 -4.27
C PHE A 117 -3.87 -2.38 -4.25
N ALA A 118 -3.47 -3.25 -3.36
CA ALA A 118 -2.04 -3.67 -3.30
C ALA A 118 -1.55 -3.94 -4.72
N PHE A 119 -2.45 -4.34 -5.58
CA PHE A 119 -2.07 -4.59 -7.00
C PHE A 119 -1.69 -3.26 -7.67
N ARG A 120 -2.59 -2.31 -7.68
CA ARG A 120 -2.26 -1.01 -8.32
C ARG A 120 -0.95 -0.48 -7.73
N LEU A 121 -0.54 -0.98 -6.61
CA LEU A 121 0.72 -0.47 -6.00
C LEU A 121 1.90 -1.19 -6.64
N TYR A 122 1.72 -2.44 -6.93
CA TYR A 122 2.81 -3.24 -7.55
C TYR A 122 2.61 -3.25 -9.07
N ASP A 123 1.48 -2.81 -9.53
CA ASP A 123 1.21 -2.82 -11.00
C ASP A 123 2.08 -1.79 -11.70
N LEU A 124 3.34 -2.11 -11.90
CA LEU A 124 4.25 -1.16 -12.59
C LEU A 124 4.14 -1.35 -14.10
N ASP A 125 4.04 -2.57 -14.56
CA ASP A 125 3.96 -2.82 -16.04
C ASP A 125 2.50 -2.95 -16.51
N LYS A 126 1.55 -2.96 -15.61
CA LYS A 126 0.13 -3.09 -16.04
C LYS A 126 -0.10 -4.46 -16.69
N ASP A 127 0.60 -5.45 -16.22
CA ASP A 127 0.43 -6.82 -16.80
C ASP A 127 -0.65 -7.55 -15.99
N GLU A 128 -1.22 -6.86 -15.04
CA GLU A 128 -2.30 -7.46 -14.19
C GLU A 128 -1.68 -8.33 -13.09
N LYS A 129 -0.38 -8.53 -13.13
CA LYS A 129 0.27 -9.37 -12.08
C LYS A 129 1.68 -8.86 -11.84
N ILE A 130 2.23 -9.09 -10.68
CA ILE A 130 3.61 -8.59 -10.42
C ILE A 130 4.59 -9.49 -11.14
N SER A 131 5.11 -9.02 -12.23
CA SER A 131 6.07 -9.82 -13.02
C SER A 131 7.39 -9.92 -12.26
N ARG A 132 8.40 -10.44 -12.88
CA ARG A 132 9.71 -10.58 -12.18
C ARG A 132 10.45 -9.24 -12.14
N ASP A 133 10.33 -8.43 -13.16
CA ASP A 133 11.05 -7.13 -13.16
C ASP A 133 10.39 -6.18 -12.14
N GLU A 134 9.10 -6.27 -11.97
CA GLU A 134 8.42 -5.36 -11.02
C GLU A 134 8.63 -5.86 -9.59
N LEU A 135 8.21 -7.07 -9.32
CA LEU A 135 8.38 -7.63 -7.97
C LEU A 135 9.84 -7.52 -7.53
N LEU A 136 10.75 -7.87 -8.39
CA LEU A 136 12.18 -7.79 -8.02
C LEU A 136 12.56 -6.34 -7.71
N GLN A 137 12.12 -5.41 -8.50
CA GLN A 137 12.47 -3.99 -8.21
C GLN A 137 12.15 -3.68 -6.74
N VAL A 138 11.05 -4.19 -6.23
CA VAL A 138 10.71 -3.91 -4.81
C VAL A 138 11.46 -4.91 -3.92
N LEU A 139 11.10 -6.16 -4.05
CA LEU A 139 11.74 -7.24 -3.25
C LEU A 139 13.24 -6.92 -3.07
N ARG A 140 13.86 -6.33 -4.06
CA ARG A 140 15.30 -5.99 -3.92
C ARG A 140 15.46 -4.68 -3.14
N MET A 141 14.60 -3.73 -3.37
CA MET A 141 14.73 -2.43 -2.66
C MET A 141 14.31 -2.57 -1.19
N MET A 142 13.61 -3.63 -0.85
CA MET A 142 13.18 -3.81 0.58
C MET A 142 14.13 -4.75 1.32
N VAL A 143 14.75 -5.69 0.65
CA VAL A 143 15.69 -6.62 1.35
C VAL A 143 17.12 -6.19 1.05
N GLY A 144 17.36 -5.61 -0.10
CA GLY A 144 18.72 -5.16 -0.46
C GLY A 144 19.28 -4.26 0.65
N VAL A 145 18.42 -3.72 1.47
CA VAL A 145 18.90 -2.83 2.56
C VAL A 145 19.97 -3.57 3.39
N ASN A 146 20.05 -4.86 3.26
CA ASN A 146 21.07 -5.62 4.03
C ASN A 146 21.43 -6.92 3.30
N ILE A 147 21.03 -7.07 2.05
CA ILE A 147 21.37 -8.31 1.29
C ILE A 147 22.44 -8.02 0.24
N SER A 148 23.36 -8.92 0.06
CA SER A 148 24.45 -8.71 -0.94
C SER A 148 23.86 -8.75 -2.36
N ASP A 149 24.68 -8.66 -3.37
CA ASP A 149 24.16 -8.69 -4.76
C ASP A 149 23.90 -10.12 -5.21
N GLU A 150 24.92 -10.92 -5.33
CA GLU A 150 24.71 -12.32 -5.76
C GLU A 150 23.77 -13.01 -4.78
N GLN A 151 23.73 -12.53 -3.57
CA GLN A 151 22.82 -13.15 -2.57
C GLN A 151 21.39 -12.80 -2.96
N LEU A 152 21.15 -11.56 -3.31
CA LEU A 152 19.79 -11.16 -3.70
C LEU A 152 19.43 -11.78 -5.05
N GLY A 153 20.32 -11.73 -5.99
CA GLY A 153 20.02 -12.31 -7.33
C GLY A 153 19.46 -13.73 -7.16
N SER A 154 20.04 -14.50 -6.29
CA SER A 154 19.54 -15.90 -6.09
C SER A 154 18.34 -15.94 -5.15
N ILE A 155 18.25 -15.02 -4.23
CA ILE A 155 17.10 -15.02 -3.29
C ILE A 155 15.86 -14.51 -4.01
N ALA A 156 16.04 -13.72 -5.04
CA ALA A 156 14.88 -13.19 -5.78
C ALA A 156 14.40 -14.24 -6.78
N ASP A 157 15.27 -14.71 -7.61
CA ASP A 157 14.87 -15.75 -8.60
C ASP A 157 14.16 -16.90 -7.87
N ARG A 158 14.64 -17.26 -6.71
CA ARG A 158 14.00 -18.37 -5.95
C ARG A 158 12.70 -17.89 -5.29
N THR A 159 12.62 -16.65 -4.93
CA THR A 159 11.38 -16.14 -4.27
C THR A 159 10.25 -16.05 -5.31
N ILE A 160 10.50 -15.51 -6.46
CA ILE A 160 9.42 -15.42 -7.47
C ILE A 160 9.26 -16.76 -8.16
N GLN A 161 10.22 -17.62 -8.05
CA GLN A 161 10.10 -18.95 -8.72
C GLN A 161 9.43 -19.95 -7.78
N GLU A 162 9.49 -19.70 -6.50
CA GLU A 162 8.84 -20.66 -5.55
C GLU A 162 7.39 -20.24 -5.30
N ALA A 163 7.09 -18.97 -5.28
CA ALA A 163 5.67 -18.57 -5.05
C ALA A 163 4.94 -18.70 -6.37
N ASP A 164 5.64 -18.66 -7.47
CA ASP A 164 4.94 -18.76 -8.78
C ASP A 164 3.96 -19.91 -8.75
N GLN A 165 2.72 -19.63 -8.50
CA GLN A 165 1.68 -20.69 -8.47
C GLN A 165 0.99 -20.71 -9.82
N ASP A 166 0.80 -19.57 -10.46
CA ASP A 166 0.17 -19.63 -11.79
C ASP A 166 1.29 -19.99 -12.75
N GLY A 167 2.48 -20.09 -12.22
CA GLY A 167 3.64 -20.45 -13.06
C GLY A 167 3.77 -19.41 -14.14
N ASP A 168 3.18 -18.28 -13.91
CA ASP A 168 3.26 -17.20 -14.89
C ASP A 168 4.47 -16.38 -14.53
N SER A 169 5.27 -16.87 -13.62
CA SER A 169 6.46 -16.08 -13.19
C SER A 169 5.92 -14.70 -12.87
N ALA A 170 4.65 -14.65 -12.58
CA ALA A 170 3.98 -13.37 -12.26
C ALA A 170 2.88 -13.69 -11.26
N ILE A 171 2.67 -12.85 -10.31
CA ILE A 171 1.65 -13.19 -9.28
C ILE A 171 0.88 -11.96 -8.82
N SER A 172 -0.25 -12.18 -8.19
CA SER A 172 -1.02 -11.04 -7.64
C SER A 172 -2.35 -11.54 -7.10
N PHE A 173 -2.93 -12.43 -7.81
CA PHE A 173 -4.26 -12.94 -7.45
C PHE A 173 -4.24 -14.38 -6.93
N THR A 174 -3.30 -15.16 -7.37
CA THR A 174 -3.35 -16.60 -6.97
C THR A 174 -2.69 -16.92 -5.65
N GLU A 175 -1.40 -16.85 -5.53
CA GLU A 175 -0.83 -17.25 -4.23
C GLU A 175 -1.18 -16.15 -3.23
N PHE A 176 -1.67 -15.05 -3.74
CA PHE A 176 -2.12 -13.95 -2.84
C PHE A 176 -3.41 -14.45 -2.20
N VAL A 177 -4.37 -14.80 -3.00
CA VAL A 177 -5.65 -15.33 -2.45
C VAL A 177 -5.36 -16.56 -1.60
N LYS A 178 -4.53 -17.46 -2.08
CA LYS A 178 -4.22 -18.67 -1.26
C LYS A 178 -3.53 -18.26 0.04
N VAL A 179 -2.94 -17.10 0.07
CA VAL A 179 -2.25 -16.64 1.31
C VAL A 179 -3.27 -16.07 2.29
N LEU A 180 -4.32 -15.47 1.79
CA LEU A 180 -5.35 -14.90 2.71
C LEU A 180 -6.00 -16.04 3.49
N GLU A 181 -6.22 -17.15 2.86
CA GLU A 181 -6.86 -18.30 3.56
C GLU A 181 -6.09 -18.59 4.85
N LYS A 182 -4.96 -17.95 5.04
CA LYS A 182 -4.15 -18.19 6.28
C LYS A 182 -4.01 -16.88 7.06
N VAL A 183 -4.33 -15.77 6.46
CA VAL A 183 -4.21 -14.47 7.19
C VAL A 183 -5.26 -13.47 6.66
N ASP A 184 -5.92 -12.78 7.54
CA ASP A 184 -6.95 -11.80 7.10
C ASP A 184 -6.25 -10.48 6.71
N VAL A 185 -5.73 -10.42 5.51
CA VAL A 185 -5.03 -9.18 5.07
C VAL A 185 -6.03 -8.01 4.95
N GLU A 186 -7.29 -8.31 4.86
CA GLU A 186 -8.30 -7.21 4.73
C GLU A 186 -8.23 -6.30 5.96
N GLN A 187 -7.97 -6.85 7.12
CA GLN A 187 -7.88 -6.01 8.34
C GLN A 187 -6.45 -5.50 8.51
N LYS A 188 -5.54 -5.95 7.69
CA LYS A 188 -4.13 -5.50 7.81
C LYS A 188 -3.99 -4.14 7.12
N MET A 189 -4.71 -3.92 6.06
CA MET A 189 -4.62 -2.62 5.34
C MET A 189 -5.21 -1.52 6.22
N SER A 190 -4.73 -1.39 7.44
CA SER A 190 -5.26 -0.34 8.35
C SER A 190 -4.10 0.21 9.19
N ILE A 191 -3.93 1.50 9.22
CA ILE A 191 -2.82 2.10 10.01
C ILE A 191 -3.36 2.55 11.37
N ARG A 192 -2.52 2.55 12.38
CA ARG A 192 -2.99 2.97 13.73
C ARG A 192 -1.77 3.24 14.62
N PHE A 193 -1.93 4.04 15.63
CA PHE A 193 -0.78 4.35 16.53
C PHE A 193 -1.31 4.86 17.88
N LEU A 194 -2.16 5.84 17.86
CA LEU A 194 -2.71 6.38 19.14
C LEU A 194 -3.65 5.34 19.76
N HIS A 195 -4.70 5.00 19.09
CA HIS A 195 -5.65 4.00 19.64
C HIS A 195 -4.91 2.70 19.94
N VAL B 1 5.19 -50.19 6.82
CA VAL B 1 5.86 -49.34 7.86
C VAL B 1 6.35 -48.04 7.22
N ASP B 2 5.46 -47.28 6.65
CA ASP B 2 5.89 -46.00 6.01
C ASP B 2 6.13 -44.94 7.09
N LEU B 3 6.56 -43.76 6.69
CA LEU B 3 6.80 -42.69 7.68
C LEU B 3 5.51 -41.89 7.90
N LEU B 4 5.62 -40.72 8.48
CA LEU B 4 4.40 -39.90 8.71
C LEU B 4 4.77 -38.41 8.69
N ALA B 5 3.80 -37.55 8.64
CA ALA B 5 4.09 -36.08 8.60
C ALA B 5 5.00 -35.78 7.41
N VAL B 6 5.13 -34.53 7.05
CA VAL B 6 6.00 -34.17 5.90
C VAL B 6 7.46 -34.11 6.36
N LYS B 7 8.33 -34.81 5.69
CA LYS B 7 9.77 -34.80 6.09
C LYS B 7 10.39 -33.45 5.72
N LYS B 8 10.17 -33.01 4.50
CA LYS B 8 10.75 -31.71 4.07
C LYS B 8 10.43 -30.63 5.12
N LYS B 9 9.18 -30.25 5.22
CA LYS B 9 8.78 -29.21 6.21
C LYS B 9 9.41 -27.86 5.82
N GLN B 10 10.65 -27.87 5.42
CA GLN B 10 11.32 -26.59 5.03
C GLN B 10 10.41 -25.83 4.06
N GLU B 11 10.30 -26.27 2.85
CA GLU B 11 9.44 -25.58 1.86
C GLU B 11 7.97 -25.78 2.23
N THR B 12 7.59 -25.38 3.42
CA THR B 12 6.17 -25.54 3.85
C THR B 12 5.83 -24.50 4.92
N LYS B 13 6.55 -24.51 6.02
CA LYS B 13 6.27 -23.52 7.09
C LYS B 13 6.64 -22.12 6.60
N ARG B 14 5.86 -21.13 6.94
CA ARG B 14 6.16 -19.74 6.50
C ARG B 14 6.15 -19.68 4.97
N SER B 15 5.39 -18.78 4.40
CA SER B 15 5.31 -18.66 2.92
C SER B 15 6.00 -17.37 2.47
N ILE B 16 6.85 -17.46 1.49
CA ILE B 16 7.56 -16.24 1.00
C ILE B 16 6.52 -15.15 0.76
N ASN B 17 5.36 -15.51 0.30
CA ASN B 17 4.30 -14.50 0.04
C ASN B 17 3.81 -13.92 1.36
N GLU B 18 3.89 -14.67 2.42
CA GLU B 18 3.42 -14.16 3.75
C GLU B 18 4.38 -13.07 4.25
N GLU B 19 5.64 -13.38 4.36
CA GLU B 19 6.61 -12.37 4.87
C GLU B 19 6.71 -11.18 3.91
N ILE B 20 7.15 -11.39 2.70
CA ILE B 20 7.28 -10.25 1.74
C ILE B 20 6.01 -9.40 1.73
N HIS B 21 4.86 -10.01 1.65
CA HIS B 21 3.60 -9.20 1.64
C HIS B 21 3.49 -8.43 2.94
N THR B 22 3.51 -9.10 4.06
CA THR B 22 3.41 -8.39 5.36
C THR B 22 4.36 -7.19 5.36
N GLN B 23 5.50 -7.33 4.74
CA GLN B 23 6.48 -6.21 4.69
C GLN B 23 6.01 -5.14 3.68
N PHE B 24 6.00 -5.48 2.42
CA PHE B 24 5.56 -4.48 1.39
C PHE B 24 4.28 -3.78 1.87
N LEU B 25 3.31 -4.53 2.32
CA LEU B 25 2.04 -3.92 2.80
C LEU B 25 2.34 -2.92 3.93
N ASP B 26 3.20 -3.28 4.84
CA ASP B 26 3.52 -2.36 5.97
C ASP B 26 4.33 -1.16 5.46
N HIS B 27 5.19 -1.36 4.51
CA HIS B 27 6.01 -0.23 3.99
C HIS B 27 5.16 0.68 3.10
N LEU B 28 4.28 0.13 2.31
CA LEU B 28 3.44 0.96 1.42
C LEU B 28 2.25 1.53 2.19
N LEU B 29 1.76 0.84 3.17
CA LEU B 29 0.60 1.37 3.94
C LEU B 29 1.07 2.59 4.75
N THR B 30 2.18 2.48 5.42
CA THR B 30 2.69 3.62 6.21
C THR B 30 3.38 4.61 5.28
N GLY B 31 3.75 4.17 4.11
CA GLY B 31 4.42 5.09 3.15
C GLY B 31 3.37 5.94 2.44
N ILE B 32 2.25 5.35 2.11
CA ILE B 32 1.18 6.12 1.42
C ILE B 32 0.30 6.85 2.45
N GLU B 33 0.35 6.42 3.68
CA GLU B 33 -0.48 7.08 4.73
C GLU B 33 0.31 8.27 5.29
N ASP B 34 1.60 8.13 5.41
CA ASP B 34 2.43 9.24 5.94
C ASP B 34 2.19 10.49 5.08
N ILE B 35 1.81 10.30 3.84
CA ILE B 35 1.56 11.45 2.94
C ILE B 35 0.66 12.46 3.67
N CYS B 36 -0.57 12.10 3.94
CA CYS B 36 -1.49 13.03 4.65
C CYS B 36 -0.75 13.73 5.79
N GLY B 37 -0.39 14.98 5.61
CA GLY B 37 0.33 15.72 6.68
C GLY B 37 1.18 16.81 6.05
N HIS B 38 0.66 18.01 5.99
CA HIS B 38 1.45 19.13 5.39
C HIS B 38 0.81 20.47 5.80
N TYR B 39 0.75 20.74 7.07
CA TYR B 39 0.16 22.03 7.53
C TYR B 39 1.02 23.19 7.03
N GLY B 40 0.48 24.05 6.22
CA GLY B 40 1.26 25.20 5.70
C GLY B 40 2.57 24.70 5.09
N HIS B 41 3.36 25.58 4.56
CA HIS B 41 4.65 25.13 3.95
C HIS B 41 5.50 26.36 3.61
N HIS B 42 4.91 27.35 2.98
CA HIS B 42 5.68 28.57 2.64
C HIS B 42 6.09 29.31 3.91
N HIS B 43 7.35 29.60 4.06
CA HIS B 43 7.82 30.31 5.29
C HIS B 43 7.31 29.56 6.52
N MET A 1 13.69 3.47 23.48
CA MET A 1 12.68 4.55 23.33
C MET A 1 13.24 5.65 22.42
N GLY A 2 14.54 5.73 22.31
CA GLY A 2 15.15 6.78 21.44
C GLY A 2 15.05 6.34 19.98
N SER A 3 13.98 6.69 19.32
CA SER A 3 13.82 6.29 17.89
C SER A 3 14.63 7.25 17.00
N ARG A 4 14.17 8.47 16.87
CA ARG A 4 14.90 9.45 16.02
C ARG A 4 14.72 10.86 16.60
N ALA A 5 14.81 11.87 15.79
CA ALA A 5 14.66 13.27 16.29
C ALA A 5 14.24 14.18 15.14
N SER A 6 13.00 14.14 14.76
CA SER A 6 12.53 15.01 13.65
C SER A 6 11.00 14.93 13.53
N THR A 7 10.37 15.99 13.12
CA THR A 7 8.89 15.96 12.98
C THR A 7 8.47 14.76 12.13
N LEU A 8 7.23 14.38 12.18
CA LEU A 8 6.76 13.22 11.38
C LEU A 8 5.24 13.10 11.47
N LEU A 9 4.70 12.01 10.99
CA LEU A 9 3.25 11.80 11.02
C LEU A 9 2.76 11.96 12.46
N ARG A 10 2.51 13.17 12.87
CA ARG A 10 2.01 13.40 14.24
C ARG A 10 0.51 13.11 14.27
N ASP A 11 -0.10 13.21 15.42
CA ASP A 11 -1.56 12.92 15.51
C ASP A 11 -2.32 13.78 14.49
N GLU A 12 -1.70 14.81 13.97
CA GLU A 12 -2.40 15.66 12.98
C GLU A 12 -2.48 14.91 11.65
N GLU A 13 -1.40 14.36 11.18
CA GLU A 13 -1.45 13.61 9.92
C GLU A 13 -2.23 12.33 10.15
N LEU A 14 -2.07 11.72 11.29
CA LEU A 14 -2.84 10.49 11.53
C LEU A 14 -4.32 10.87 11.58
N GLU A 15 -4.73 11.63 12.56
CA GLU A 15 -6.16 12.03 12.67
C GLU A 15 -6.76 12.31 11.27
N GLU A 16 -6.06 13.05 10.46
CA GLU A 16 -6.60 13.36 9.11
C GLU A 16 -6.93 12.08 8.34
N ILE A 17 -5.94 11.30 7.99
CA ILE A 17 -6.24 10.05 7.23
C ILE A 17 -7.06 9.08 8.08
N LYS A 18 -6.86 9.10 9.37
CA LYS A 18 -7.63 8.20 10.28
C LYS A 18 -9.11 8.25 9.89
N LYS A 19 -9.65 9.43 9.72
CA LYS A 19 -11.09 9.54 9.35
C LYS A 19 -11.27 9.29 7.85
N GLU A 20 -10.35 9.73 7.03
CA GLU A 20 -10.50 9.50 5.56
C GLU A 20 -10.84 8.03 5.33
N THR A 21 -10.46 7.20 6.26
CA THR A 21 -10.74 5.74 6.16
C THR A 21 -11.51 5.34 7.41
N GLY A 22 -11.63 6.25 8.34
CA GLY A 22 -12.36 5.95 9.61
C GLY A 22 -13.83 6.33 9.47
N PHE A 23 -14.12 7.60 9.30
CA PHE A 23 -15.56 8.02 9.17
C PHE A 23 -15.68 9.51 8.79
N SER A 24 -15.48 10.37 9.75
CA SER A 24 -15.63 11.86 9.52
C SER A 24 -15.21 12.26 8.10
N HIS A 25 -15.66 13.41 7.66
CA HIS A 25 -15.32 13.87 6.28
C HIS A 25 -15.05 15.39 6.29
N SER A 26 -15.02 16.01 7.45
CA SER A 26 -14.78 17.48 7.52
C SER A 26 -13.28 17.78 7.73
N GLN A 27 -12.62 17.02 8.56
CA GLN A 27 -11.18 17.29 8.80
C GLN A 27 -10.37 16.85 7.58
N ILE A 28 -10.91 15.96 6.77
CA ILE A 28 -10.16 15.48 5.58
C ILE A 28 -10.54 16.32 4.35
N THR A 29 -11.80 16.53 4.07
CA THR A 29 -12.17 17.35 2.87
C THR A 29 -11.22 18.54 2.83
N ARG A 30 -10.98 19.14 3.97
CA ARG A 30 -10.02 20.28 4.02
C ARG A 30 -8.64 19.75 3.57
N LEU A 31 -8.22 18.64 4.13
CA LEU A 31 -6.92 18.03 3.76
C LEU A 31 -6.85 17.86 2.24
N TYR A 32 -7.96 17.62 1.60
CA TYR A 32 -7.95 17.46 0.13
C TYR A 32 -7.76 18.84 -0.50
N SER A 33 -8.20 19.86 0.18
CA SER A 33 -8.07 21.24 -0.37
C SER A 33 -6.58 21.61 -0.45
N ARG A 34 -5.82 21.32 0.57
CA ARG A 34 -4.37 21.68 0.52
C ARG A 34 -3.66 20.70 -0.41
N PHE A 35 -3.86 19.43 -0.20
CA PHE A 35 -3.22 18.42 -1.06
C PHE A 35 -3.52 18.77 -2.52
N THR A 36 -4.77 18.86 -2.88
CA THR A 36 -5.14 19.20 -4.28
C THR A 36 -4.65 20.60 -4.65
N SER A 37 -4.40 21.45 -3.69
CA SER A 37 -3.90 22.81 -4.04
C SER A 37 -2.47 22.70 -4.53
N LEU A 38 -1.80 21.62 -4.21
CA LEU A 38 -0.39 21.46 -4.67
C LEU A 38 -0.35 21.47 -6.20
N ASP A 39 -1.49 21.44 -6.83
CA ASP A 39 -1.53 21.48 -8.32
C ASP A 39 -2.33 22.72 -8.71
N LYS A 40 -1.93 23.85 -8.20
CA LYS A 40 -2.66 25.11 -8.54
C LYS A 40 -2.79 25.18 -10.06
N GLY A 41 -2.19 24.26 -10.75
CA GLY A 41 -2.27 24.23 -12.23
C GLY A 41 -3.57 23.53 -12.63
N GLU A 42 -3.97 22.55 -11.86
CA GLU A 42 -5.24 21.82 -12.17
C GLU A 42 -6.35 22.32 -11.25
N ASN A 43 -6.05 22.52 -9.99
CA ASN A 43 -7.09 23.01 -9.05
C ASN A 43 -8.28 22.04 -9.07
N GLY A 44 -8.01 20.77 -8.99
CA GLY A 44 -9.12 19.77 -9.01
C GLY A 44 -8.52 18.36 -9.04
N THR A 45 -7.41 18.19 -9.72
CA THR A 45 -6.76 16.85 -9.81
C THR A 45 -5.30 17.00 -9.37
N LEU A 46 -4.59 15.91 -9.20
CA LEU A 46 -3.16 16.01 -8.77
C LEU A 46 -2.25 15.23 -9.73
N SER A 47 -1.12 15.79 -10.05
CA SER A 47 -0.17 15.10 -10.97
C SER A 47 1.02 14.59 -10.16
N ARG A 48 1.92 13.87 -10.80
CA ARG A 48 3.09 13.34 -10.08
C ARG A 48 3.92 14.50 -9.52
N GLU A 49 4.02 15.57 -10.26
CA GLU A 49 4.81 16.74 -9.78
C GLU A 49 4.18 17.27 -8.49
N ASP A 50 2.99 16.84 -8.17
CA ASP A 50 2.35 17.33 -6.91
C ASP A 50 2.70 16.38 -5.76
N PHE A 51 2.54 15.11 -5.96
CA PHE A 51 2.88 14.14 -4.88
C PHE A 51 4.35 14.32 -4.47
N GLN A 52 5.17 14.81 -5.36
CA GLN A 52 6.61 15.02 -5.03
C GLN A 52 6.76 16.13 -3.98
N ARG A 53 5.86 17.07 -3.99
CA ARG A 53 5.93 18.19 -3.02
C ARG A 53 5.76 17.65 -1.60
N ILE A 54 5.43 16.39 -1.45
CA ILE A 54 5.28 15.80 -0.10
C ILE A 54 6.59 15.06 0.23
N PRO A 55 7.11 15.20 1.42
CA PRO A 55 8.39 14.53 1.80
C PRO A 55 8.25 13.01 1.85
N GLU A 56 7.18 12.49 1.32
CA GLU A 56 6.99 11.01 1.33
C GLU A 56 7.54 10.43 0.02
N LEU A 57 7.07 10.91 -1.09
CA LEU A 57 7.56 10.38 -2.40
C LEU A 57 9.02 10.78 -2.60
N ALA A 58 9.34 12.03 -2.37
CA ALA A 58 10.73 12.50 -2.57
C ALA A 58 11.70 11.82 -1.60
N ILE A 59 11.19 11.09 -0.63
CA ILE A 59 12.10 10.41 0.34
C ILE A 59 11.74 8.92 0.42
N ASN A 60 10.88 8.46 -0.45
CA ASN A 60 10.48 7.03 -0.40
C ASN A 60 11.47 6.19 -1.22
N PRO A 61 11.66 4.94 -0.84
CA PRO A 61 12.60 4.01 -1.56
C PRO A 61 12.01 3.55 -2.90
N LEU A 62 10.72 3.53 -3.00
CA LEU A 62 10.05 3.09 -4.27
C LEU A 62 8.98 4.11 -4.67
N GLY A 63 8.02 4.32 -3.82
CA GLY A 63 6.93 5.30 -4.14
C GLY A 63 6.07 4.77 -5.29
N ASP A 64 6.57 3.81 -6.00
CA ASP A 64 5.77 3.23 -7.11
C ASP A 64 4.40 2.85 -6.56
N ARG A 65 4.31 2.73 -5.27
CA ARG A 65 3.02 2.36 -4.65
C ARG A 65 2.05 3.54 -4.76
N ILE A 66 2.39 4.66 -4.18
CA ILE A 66 1.51 5.86 -4.25
C ILE A 66 1.25 6.22 -5.71
N ILE A 67 2.25 6.13 -6.53
CA ILE A 67 2.07 6.48 -7.97
C ILE A 67 0.88 5.71 -8.55
N ASN A 68 0.88 4.42 -8.47
CA ASN A 68 -0.26 3.65 -9.03
C ASN A 68 -1.44 3.66 -8.06
N ALA A 69 -1.28 4.20 -6.89
CA ALA A 69 -2.41 4.22 -5.92
C ALA A 69 -3.41 5.30 -6.33
N PHE A 70 -2.94 6.39 -6.89
CA PHE A 70 -3.87 7.49 -7.29
C PHE A 70 -4.16 7.42 -8.79
N PHE A 71 -3.15 7.37 -9.61
CA PHE A 71 -3.40 7.31 -11.08
C PHE A 71 -4.09 5.98 -11.44
N PRO A 72 -5.04 5.99 -12.35
CA PRO A 72 -5.75 4.77 -12.78
C PRO A 72 -4.89 3.87 -13.68
N GLU A 73 -5.09 3.96 -14.97
CA GLU A 73 -4.28 3.14 -15.91
C GLU A 73 -2.99 3.90 -16.26
N GLY A 74 -3.12 5.15 -16.59
CA GLY A 74 -1.90 5.95 -16.94
C GLY A 74 -2.27 7.41 -17.14
N GLU A 75 -3.21 7.91 -16.37
CA GLU A 75 -3.61 9.34 -16.52
C GLU A 75 -2.58 10.24 -15.83
N ASP A 76 -2.48 11.47 -16.25
CA ASP A 76 -1.48 12.39 -15.62
C ASP A 76 -2.17 13.27 -14.57
N GLN A 77 -3.29 12.85 -14.07
CA GLN A 77 -3.99 13.67 -13.04
C GLN A 77 -5.07 12.82 -12.34
N VAL A 78 -5.09 12.85 -11.02
CA VAL A 78 -6.11 12.04 -10.29
C VAL A 78 -7.19 12.99 -9.74
N ASN A 79 -8.42 12.75 -10.08
CA ASN A 79 -9.51 13.65 -9.60
C ASN A 79 -9.82 13.34 -8.14
N PHE A 80 -10.70 14.09 -7.55
CA PHE A 80 -11.05 13.86 -6.13
C PHE A 80 -11.64 12.46 -5.96
N ARG A 81 -12.15 11.89 -7.02
CA ARG A 81 -12.75 10.54 -6.93
C ARG A 81 -11.74 9.56 -6.34
N GLY A 82 -10.64 9.33 -7.01
CA GLY A 82 -9.65 8.38 -6.46
C GLY A 82 -8.89 9.00 -5.31
N PHE A 83 -8.83 10.30 -5.25
CA PHE A 83 -8.11 10.94 -4.12
C PHE A 83 -8.58 10.31 -2.81
N MET A 84 -9.86 10.33 -2.60
CA MET A 84 -10.42 9.72 -1.35
C MET A 84 -10.69 8.23 -1.56
N ARG A 85 -10.69 7.71 -2.78
CA ARG A 85 -10.95 6.25 -2.90
C ARG A 85 -9.66 5.52 -2.52
N THR A 86 -8.54 6.17 -2.70
CA THR A 86 -7.24 5.54 -2.36
C THR A 86 -6.95 5.76 -0.89
N LEU A 87 -6.95 6.99 -0.44
CA LEU A 87 -6.65 7.26 0.99
C LEU A 87 -7.75 6.63 1.88
N ALA A 88 -8.92 6.40 1.36
CA ALA A 88 -10.00 5.80 2.20
C ALA A 88 -10.06 4.27 2.01
N HIS A 89 -9.49 3.78 0.95
CA HIS A 89 -9.52 2.30 0.71
C HIS A 89 -9.00 1.56 1.96
N PHE A 90 -8.51 2.28 2.92
CA PHE A 90 -7.96 1.62 4.14
C PHE A 90 -9.05 1.47 5.20
N ARG A 91 -10.30 1.45 4.81
CA ARG A 91 -11.39 1.30 5.81
C ARG A 91 -11.17 0.00 6.60
N PRO A 92 -11.26 0.03 7.92
CA PRO A 92 -11.06 -1.18 8.75
C PRO A 92 -12.24 -2.15 8.69
N ILE A 93 -11.97 -3.43 8.68
CA ILE A 93 -13.07 -4.44 8.62
C ILE A 93 -13.30 -5.03 10.01
N GLU A 94 -14.46 -5.57 10.26
CA GLU A 94 -14.75 -6.16 11.59
C GLU A 94 -15.69 -7.36 11.43
N ASP A 95 -16.82 -7.33 12.08
CA ASP A 95 -17.79 -8.46 11.96
C ASP A 95 -18.87 -8.10 10.93
N ASN A 96 -19.08 -6.83 10.71
CA ASN A 96 -20.11 -6.42 9.72
C ASN A 96 -19.64 -6.78 8.31
N GLU A 97 -18.60 -7.57 8.21
CA GLU A 97 -18.08 -7.96 6.86
C GLU A 97 -19.25 -8.37 5.96
N LYS A 98 -19.85 -9.50 6.23
CA LYS A 98 -21.00 -9.95 5.39
C LYS A 98 -22.03 -8.82 5.29
N SER A 99 -22.24 -8.31 4.12
CA SER A 99 -23.23 -7.20 3.96
C SER A 99 -23.90 -7.30 2.59
N LYS A 100 -24.25 -6.19 2.00
CA LYS A 100 -24.91 -6.22 0.66
C LYS A 100 -24.76 -4.86 -0.01
N ASP A 101 -25.00 -4.78 -1.29
CA ASP A 101 -24.88 -3.47 -2.00
C ASP A 101 -25.63 -2.40 -1.21
N VAL A 102 -24.96 -1.71 -0.33
CA VAL A 102 -25.64 -0.65 0.47
C VAL A 102 -25.80 0.60 -0.40
N ASN A 103 -26.18 0.44 -1.64
CA ASN A 103 -26.36 1.62 -2.52
C ASN A 103 -25.12 2.54 -2.42
N GLY A 104 -25.25 3.77 -2.81
CA GLY A 104 -24.10 4.70 -2.72
C GLY A 104 -22.87 4.04 -3.36
N PRO A 105 -21.71 4.61 -3.15
CA PRO A 105 -20.43 4.08 -3.70
C PRO A 105 -20.27 2.57 -3.47
N GLU A 106 -19.19 2.01 -3.91
CA GLU A 106 -18.96 0.55 -3.71
C GLU A 106 -18.49 0.29 -2.27
N PRO A 107 -18.76 -0.87 -1.74
CA PRO A 107 -18.34 -1.22 -0.35
C PRO A 107 -16.99 -0.63 0.03
N LEU A 108 -16.09 -0.54 -0.92
CA LEU A 108 -14.74 0.03 -0.63
C LEU A 108 -14.05 -0.75 0.49
N ASN A 109 -12.85 -1.21 0.24
CA ASN A 109 -12.09 -1.98 1.26
C ASN A 109 -12.66 -3.39 1.39
N SER A 110 -13.09 -3.97 0.31
CA SER A 110 -13.65 -5.36 0.36
C SER A 110 -12.54 -6.36 0.02
N ARG A 111 -12.84 -7.62 -0.01
CA ARG A 111 -11.81 -8.64 -0.35
C ARG A 111 -11.22 -8.33 -1.73
N SER A 112 -12.00 -8.50 -2.76
CA SER A 112 -11.51 -8.21 -4.14
C SER A 112 -10.89 -6.80 -4.15
N ASN A 113 -11.30 -5.96 -3.26
CA ASN A 113 -10.74 -4.58 -3.23
C ASN A 113 -9.31 -4.63 -2.71
N LYS A 114 -9.06 -5.37 -1.66
CA LYS A 114 -7.68 -5.45 -1.13
C LYS A 114 -6.76 -5.92 -2.26
N LEU A 115 -7.12 -6.98 -2.93
CA LEU A 115 -6.26 -7.46 -4.05
C LEU A 115 -6.07 -6.32 -5.04
N HIS A 116 -7.15 -5.76 -5.52
CA HIS A 116 -7.05 -4.63 -6.49
C HIS A 116 -6.16 -3.52 -5.96
N PHE A 117 -6.16 -3.27 -4.68
CA PHE A 117 -5.31 -2.17 -4.14
C PHE A 117 -3.84 -2.58 -4.16
N ALA A 118 -3.44 -3.50 -3.32
CA ALA A 118 -2.01 -3.92 -3.31
C ALA A 118 -1.60 -4.29 -4.75
N PHE A 119 -2.57 -4.58 -5.57
CA PHE A 119 -2.28 -4.94 -6.99
C PHE A 119 -1.79 -3.69 -7.74
N ARG A 120 -2.54 -2.62 -7.65
CA ARG A 120 -2.13 -1.36 -8.35
C ARG A 120 -0.77 -0.89 -7.81
N LEU A 121 -0.54 -1.03 -6.54
CA LEU A 121 0.76 -0.57 -5.96
C LEU A 121 1.90 -1.39 -6.54
N TYR A 122 1.71 -2.67 -6.67
CA TYR A 122 2.79 -3.54 -7.20
C TYR A 122 2.73 -3.58 -8.74
N ASP A 123 1.68 -3.07 -9.33
CA ASP A 123 1.59 -3.12 -10.83
C ASP A 123 2.15 -1.82 -11.42
N LEU A 124 3.43 -1.78 -11.68
CA LEU A 124 4.04 -0.56 -12.28
C LEU A 124 3.87 -0.61 -13.80
N ASP A 125 4.07 -1.77 -14.38
CA ASP A 125 3.93 -1.89 -15.87
C ASP A 125 2.50 -2.28 -16.23
N LYS A 126 1.68 -2.62 -15.26
CA LYS A 126 0.27 -3.02 -15.55
C LYS A 126 0.27 -4.25 -16.46
N ASP A 127 1.20 -5.15 -16.27
CA ASP A 127 1.21 -6.38 -17.11
C ASP A 127 0.04 -7.23 -16.64
N GLU A 128 -0.73 -6.68 -15.71
CA GLU A 128 -1.92 -7.39 -15.14
C GLU A 128 -1.47 -8.25 -13.96
N LYS A 129 -0.19 -8.42 -13.78
CA LYS A 129 0.34 -9.21 -12.63
C LYS A 129 1.63 -8.55 -12.14
N ILE A 130 2.04 -8.84 -10.95
CA ILE A 130 3.31 -8.24 -10.45
C ILE A 130 4.46 -8.96 -11.15
N SER A 131 5.04 -8.34 -12.14
CA SER A 131 6.15 -9.00 -12.89
C SER A 131 7.41 -9.05 -12.04
N ARG A 132 8.43 -9.68 -12.53
CA ARG A 132 9.69 -9.81 -11.76
C ARG A 132 10.40 -8.45 -11.68
N ASP A 133 10.34 -7.67 -12.72
CA ASP A 133 11.03 -6.35 -12.66
C ASP A 133 10.36 -5.49 -11.59
N GLU A 134 9.08 -5.64 -11.42
CA GLU A 134 8.37 -4.84 -10.38
C GLU A 134 8.59 -5.47 -9.00
N LEU A 135 8.18 -6.70 -8.85
CA LEU A 135 8.35 -7.40 -7.55
C LEU A 135 9.80 -7.27 -7.08
N LEU A 136 10.75 -7.42 -7.95
CA LEU A 136 12.16 -7.31 -7.54
C LEU A 136 12.47 -5.87 -7.11
N GLN A 137 12.02 -4.91 -7.86
CA GLN A 137 12.30 -3.49 -7.46
C GLN A 137 11.91 -3.29 -5.99
N VAL A 138 10.84 -3.88 -5.55
CA VAL A 138 10.44 -3.70 -4.12
C VAL A 138 11.22 -4.69 -3.27
N LEU A 139 11.00 -5.95 -3.51
CA LEU A 139 11.69 -7.02 -2.75
C LEU A 139 13.15 -6.60 -2.49
N ARG A 140 13.82 -6.07 -3.47
CA ARG A 140 15.23 -5.62 -3.23
C ARG A 140 15.23 -4.40 -2.32
N MET A 141 14.34 -3.48 -2.54
CA MET A 141 14.32 -2.27 -1.68
C MET A 141 13.87 -2.66 -0.26
N MET A 142 13.41 -3.87 -0.07
CA MET A 142 12.95 -4.30 1.28
C MET A 142 13.95 -5.25 1.94
N VAL A 143 14.83 -5.87 1.17
CA VAL A 143 15.82 -6.80 1.80
C VAL A 143 17.24 -6.37 1.43
N GLY A 144 17.41 -5.69 0.33
CA GLY A 144 18.78 -5.24 -0.06
C GLY A 144 19.43 -4.49 1.10
N VAL A 145 18.63 -4.00 2.02
CA VAL A 145 19.19 -3.26 3.17
C VAL A 145 20.27 -4.09 3.86
N ASN A 146 20.26 -5.38 3.68
CA ASN A 146 21.29 -6.23 4.34
C ASN A 146 21.59 -7.46 3.48
N ILE A 147 21.19 -7.46 2.23
CA ILE A 147 21.46 -8.64 1.34
C ILE A 147 22.52 -8.29 0.30
N SER A 148 23.48 -9.16 0.09
CA SER A 148 24.55 -8.89 -0.90
C SER A 148 23.96 -8.80 -2.30
N ASP A 149 24.79 -8.69 -3.29
CA ASP A 149 24.29 -8.59 -4.69
C ASP A 149 23.91 -9.97 -5.22
N GLU A 150 24.87 -10.85 -5.36
CA GLU A 150 24.55 -12.21 -5.88
C GLU A 150 23.59 -12.89 -4.91
N GLN A 151 23.58 -12.46 -3.67
CA GLN A 151 22.64 -13.08 -2.69
C GLN A 151 21.23 -12.63 -3.02
N LEU A 152 21.05 -11.37 -3.31
CA LEU A 152 19.69 -10.87 -3.64
C LEU A 152 19.28 -11.43 -5.00
N GLY A 153 20.15 -11.38 -5.97
CA GLY A 153 19.80 -11.89 -7.32
C GLY A 153 19.24 -13.30 -7.21
N SER A 154 19.82 -14.11 -6.36
CA SER A 154 19.31 -15.51 -6.22
C SER A 154 18.13 -15.59 -5.27
N ILE A 155 18.03 -14.68 -4.35
CA ILE A 155 16.88 -14.72 -3.40
C ILE A 155 15.64 -14.16 -4.11
N ALA A 156 15.84 -13.33 -5.10
CA ALA A 156 14.67 -12.76 -5.82
C ALA A 156 14.20 -13.76 -6.89
N ASP A 157 15.10 -14.21 -7.71
CA ASP A 157 14.70 -15.19 -8.78
C ASP A 157 14.00 -16.37 -8.12
N ARG A 158 14.50 -16.84 -7.00
CA ARG A 158 13.85 -18.00 -6.33
C ARG A 158 12.53 -17.57 -5.70
N THR A 159 12.46 -16.37 -5.20
CA THR A 159 11.20 -15.88 -4.55
C THR A 159 10.08 -15.83 -5.61
N ILE A 160 10.33 -15.21 -6.72
CA ILE A 160 9.27 -15.12 -7.76
C ILE A 160 9.09 -16.47 -8.44
N GLN A 161 10.05 -17.35 -8.32
CA GLN A 161 9.93 -18.68 -8.97
C GLN A 161 9.23 -19.65 -8.03
N GLU A 162 9.23 -19.39 -6.76
CA GLU A 162 8.57 -20.33 -5.81
C GLU A 162 7.11 -19.91 -5.60
N ALA A 163 6.81 -18.64 -5.59
CA ALA A 163 5.40 -18.21 -5.40
C ALA A 163 4.69 -18.36 -6.73
N ASP A 164 5.43 -18.36 -7.81
CA ASP A 164 4.79 -18.47 -9.14
C ASP A 164 3.74 -19.58 -9.13
N GLN A 165 2.53 -19.24 -8.81
CA GLN A 165 1.45 -20.25 -8.78
C GLN A 165 0.69 -20.18 -10.10
N ASP A 166 0.51 -19.00 -10.64
CA ASP A 166 -0.18 -18.92 -11.95
C ASP A 166 0.83 -19.38 -12.97
N GLY A 167 2.05 -19.55 -12.52
CA GLY A 167 3.11 -20.01 -13.43
C GLY A 167 3.46 -18.90 -14.40
N ASP A 168 2.99 -17.73 -14.11
CA ASP A 168 3.29 -16.59 -15.00
C ASP A 168 4.61 -16.01 -14.54
N SER A 169 5.33 -16.74 -13.71
CA SER A 169 6.61 -16.19 -13.22
C SER A 169 6.28 -14.80 -12.69
N ALA A 170 5.04 -14.62 -12.33
CA ALA A 170 4.57 -13.31 -11.84
C ALA A 170 3.37 -13.55 -10.95
N ILE A 171 3.03 -12.64 -10.10
CA ILE A 171 1.86 -12.89 -9.21
C ILE A 171 1.07 -11.62 -8.97
N SER A 172 -0.15 -11.77 -8.53
CA SER A 172 -0.95 -10.58 -8.16
C SER A 172 -2.18 -11.02 -7.40
N PHE A 173 -2.96 -11.81 -8.02
CA PHE A 173 -4.25 -12.26 -7.46
C PHE A 173 -4.27 -13.73 -7.04
N THR A 174 -3.39 -14.54 -7.54
CA THR A 174 -3.53 -16.00 -7.27
C THR A 174 -2.91 -16.45 -5.95
N GLU A 175 -1.60 -16.46 -5.82
CA GLU A 175 -1.07 -16.96 -4.54
C GLU A 175 -1.38 -15.90 -3.49
N PHE A 176 -1.79 -14.74 -3.92
CA PHE A 176 -2.19 -13.70 -2.95
C PHE A 176 -3.50 -14.18 -2.35
N VAL A 177 -4.46 -14.46 -3.20
CA VAL A 177 -5.76 -14.98 -2.70
C VAL A 177 -5.50 -16.25 -1.90
N LYS A 178 -4.69 -17.15 -2.42
CA LYS A 178 -4.41 -18.40 -1.67
C LYS A 178 -3.69 -18.05 -0.37
N VAL A 179 -3.07 -16.89 -0.31
CA VAL A 179 -2.35 -16.49 0.94
C VAL A 179 -3.35 -15.90 1.94
N LEU A 180 -4.36 -15.22 1.48
CA LEU A 180 -5.34 -14.63 2.44
C LEU A 180 -6.03 -15.76 3.21
N GLU A 181 -6.30 -16.86 2.55
CA GLU A 181 -6.96 -17.99 3.26
C GLU A 181 -6.14 -18.35 4.50
N LYS A 182 -4.98 -17.78 4.64
CA LYS A 182 -4.11 -18.08 5.81
C LYS A 182 -3.95 -16.81 6.67
N VAL A 183 -4.24 -15.66 6.11
CA VAL A 183 -4.10 -14.40 6.89
C VAL A 183 -5.16 -13.39 6.42
N ASP A 184 -5.94 -12.87 7.33
CA ASP A 184 -6.98 -11.88 6.94
C ASP A 184 -6.32 -10.54 6.62
N VAL A 185 -5.69 -10.43 5.49
CA VAL A 185 -5.02 -9.15 5.12
C VAL A 185 -6.07 -8.07 4.86
N GLU A 186 -7.28 -8.47 4.59
CA GLU A 186 -8.36 -7.48 4.32
C GLU A 186 -8.45 -6.49 5.48
N GLN A 187 -8.23 -6.95 6.69
CA GLN A 187 -8.30 -6.03 7.86
C GLN A 187 -6.93 -5.38 8.08
N LYS A 188 -5.88 -6.02 7.65
CA LYS A 188 -4.54 -5.41 7.82
C LYS A 188 -4.54 -4.03 7.16
N MET A 189 -5.33 -3.86 6.15
CA MET A 189 -5.41 -2.53 5.46
C MET A 189 -5.99 -1.50 6.42
N SER A 190 -5.42 -1.37 7.59
CA SER A 190 -5.95 -0.38 8.57
C SER A 190 -4.78 0.17 9.39
N ILE A 191 -4.63 1.47 9.44
CA ILE A 191 -3.51 2.06 10.21
C ILE A 191 -3.98 2.37 11.64
N ARG A 192 -3.29 1.88 12.62
CA ARG A 192 -3.70 2.14 14.03
C ARG A 192 -2.64 1.61 14.98
N PHE A 193 -3.02 1.26 16.18
CA PHE A 193 -2.02 0.72 17.16
C PHE A 193 -1.19 -0.38 16.50
N LEU A 194 0.08 -0.18 16.38
CA LEU A 194 0.94 -1.22 15.74
C LEU A 194 0.32 -1.65 14.41
N HIS A 195 -0.22 -0.70 13.67
CA HIS A 195 -0.84 -1.04 12.36
C HIS A 195 -1.92 -2.11 12.57
N VAL B 1 5.07 -42.59 23.72
CA VAL B 1 4.16 -41.85 24.63
C VAL B 1 2.75 -42.45 24.54
N ASP B 2 1.81 -41.71 24.04
CA ASP B 2 0.42 -42.24 23.94
C ASP B 2 -0.37 -41.41 22.92
N LEU B 3 0.02 -40.18 22.71
CA LEU B 3 -0.70 -39.32 21.74
C LEU B 3 -0.40 -39.78 20.32
N LEU B 4 -0.92 -39.11 19.33
CA LEU B 4 -0.66 -39.51 17.92
C LEU B 4 0.78 -39.13 17.54
N ALA B 5 1.00 -37.88 17.25
CA ALA B 5 2.38 -37.43 16.88
C ALA B 5 3.37 -37.88 17.96
N VAL B 6 4.61 -37.52 17.83
CA VAL B 6 5.63 -37.92 18.85
C VAL B 6 6.73 -36.85 18.92
N LYS B 7 7.89 -37.22 19.39
CA LYS B 7 8.99 -36.22 19.48
C LYS B 7 9.21 -35.55 18.12
N LYS B 8 8.54 -36.02 17.10
CA LYS B 8 8.69 -35.42 15.75
C LYS B 8 7.78 -34.18 15.65
N LYS B 9 8.10 -33.26 14.78
CA LYS B 9 7.26 -32.05 14.63
C LYS B 9 7.44 -31.47 13.23
N GLN B 10 6.77 -30.39 12.92
CA GLN B 10 6.90 -29.79 11.56
C GLN B 10 8.17 -28.93 11.51
N GLU B 11 8.61 -28.59 10.33
CA GLU B 11 9.84 -27.75 10.21
C GLU B 11 9.45 -26.28 10.08
N THR B 12 8.21 -25.96 10.35
CA THR B 12 7.76 -24.54 10.25
C THR B 12 8.10 -24.01 8.87
N LYS B 13 7.32 -24.36 7.88
CA LYS B 13 7.59 -23.87 6.50
C LYS B 13 7.05 -22.44 6.34
N ARG B 14 7.93 -21.49 6.15
CA ARG B 14 7.46 -20.07 6.00
C ARG B 14 6.99 -19.84 4.56
N SER B 15 6.26 -18.77 4.33
CA SER B 15 5.77 -18.48 2.95
C SER B 15 6.33 -17.13 2.48
N ILE B 16 7.03 -17.12 1.40
CA ILE B 16 7.61 -15.84 0.87
C ILE B 16 6.50 -14.81 0.72
N ASN B 17 5.37 -15.21 0.22
CA ASN B 17 4.25 -14.25 0.04
C ASN B 17 3.86 -13.64 1.40
N GLU B 18 4.01 -14.39 2.46
CA GLU B 18 3.63 -13.85 3.80
C GLU B 18 4.66 -12.84 4.31
N GLU B 19 5.92 -13.14 4.20
CA GLU B 19 6.96 -12.19 4.72
C GLU B 19 7.08 -10.97 3.81
N ILE B 20 7.15 -11.15 2.52
CA ILE B 20 7.31 -9.98 1.61
C ILE B 20 6.05 -9.10 1.63
N HIS B 21 4.88 -9.69 1.55
CA HIS B 21 3.65 -8.86 1.55
C HIS B 21 3.44 -8.22 2.93
N THR B 22 3.77 -8.92 3.98
CA THR B 22 3.58 -8.33 5.34
C THR B 22 4.40 -7.04 5.45
N GLN B 23 5.62 -7.06 5.00
CA GLN B 23 6.45 -5.81 5.08
C GLN B 23 5.96 -4.81 4.03
N PHE B 24 5.87 -5.22 2.80
CA PHE B 24 5.39 -4.30 1.73
C PHE B 24 4.13 -3.58 2.23
N LEU B 25 3.17 -4.32 2.71
CA LEU B 25 1.92 -3.69 3.22
C LEU B 25 2.24 -2.68 4.33
N ASP B 26 3.14 -3.03 5.21
CA ASP B 26 3.48 -2.08 6.31
C ASP B 26 4.16 -0.83 5.75
N HIS B 27 5.02 -1.00 4.77
CA HIS B 27 5.74 0.17 4.20
C HIS B 27 4.78 1.02 3.34
N LEU B 28 3.97 0.39 2.54
CA LEU B 28 3.05 1.18 1.66
C LEU B 28 1.84 1.68 2.44
N LEU B 29 1.37 0.95 3.42
CA LEU B 29 0.20 1.43 4.19
C LEU B 29 0.63 2.64 5.01
N THR B 30 1.61 2.46 5.85
CA THR B 30 2.09 3.60 6.68
C THR B 30 2.78 4.62 5.77
N GLY B 31 3.17 4.23 4.60
CA GLY B 31 3.86 5.18 3.68
C GLY B 31 2.84 6.01 2.90
N ILE B 32 2.08 5.38 2.04
CA ILE B 32 1.07 6.13 1.25
C ILE B 32 0.20 6.97 2.18
N GLU B 33 0.05 6.55 3.41
CA GLU B 33 -0.80 7.34 4.36
C GLU B 33 0.05 8.44 5.01
N ASP B 34 1.30 8.17 5.24
CA ASP B 34 2.17 9.22 5.86
C ASP B 34 2.07 10.48 5.00
N ILE B 35 1.51 10.34 3.83
CA ILE B 35 1.36 11.49 2.91
C ILE B 35 0.43 12.53 3.54
N CYS B 36 -0.83 12.20 3.72
CA CYS B 36 -1.77 13.18 4.31
C CYS B 36 -1.68 14.50 3.54
N GLY B 37 -0.83 15.39 3.96
CA GLY B 37 -0.70 16.69 3.25
C GLY B 37 0.00 17.71 4.16
N HIS B 38 -0.68 18.15 5.18
CA HIS B 38 -0.05 19.14 6.11
C HIS B 38 1.34 18.67 6.52
N TYR B 39 2.36 19.08 5.80
CA TYR B 39 3.74 18.65 6.14
C TYR B 39 4.04 19.03 7.60
N GLY B 40 5.29 18.98 7.98
CA GLY B 40 5.65 19.34 9.38
C GLY B 40 7.16 19.55 9.49
N HIS B 41 7.87 19.37 8.42
CA HIS B 41 9.35 19.56 8.46
C HIS B 41 9.67 21.01 8.84
N HIS B 42 10.67 21.58 8.23
CA HIS B 42 11.03 22.99 8.56
C HIS B 42 11.20 23.15 10.07
N HIS B 43 11.57 24.31 10.52
CA HIS B 43 11.75 24.51 11.99
C HIS B 43 10.51 24.03 12.73
N MET A 1 18.32 18.55 20.31
CA MET A 1 19.47 17.61 20.15
C MET A 1 19.62 17.23 18.68
N GLY A 2 18.53 17.08 17.98
CA GLY A 2 18.61 16.71 16.54
C GLY A 2 17.26 16.98 15.87
N SER A 3 16.56 15.94 15.47
CA SER A 3 15.25 16.14 14.80
C SER A 3 15.39 17.15 13.68
N ARG A 4 15.60 16.70 12.47
CA ARG A 4 15.75 17.64 11.33
C ARG A 4 14.39 18.24 11.00
N ALA A 5 13.54 17.49 10.36
CA ALA A 5 12.18 18.03 10.00
C ALA A 5 11.54 18.65 11.24
N SER A 6 10.90 19.77 11.08
CA SER A 6 10.24 20.43 12.25
C SER A 6 9.26 19.46 12.90
N THR A 7 8.00 19.62 12.65
CA THR A 7 6.99 18.71 13.25
C THR A 7 6.97 17.38 12.48
N LEU A 8 6.02 16.54 12.74
CA LEU A 8 5.94 15.24 12.03
C LEU A 8 4.50 14.75 12.00
N LEU A 9 4.27 13.57 11.50
CA LEU A 9 2.90 13.03 11.44
C LEU A 9 2.37 12.84 12.86
N ARG A 10 1.87 13.89 13.44
CA ARG A 10 1.32 13.78 14.82
C ARG A 10 -0.12 13.29 14.74
N ASP A 11 -0.75 13.09 15.87
CA ASP A 11 -2.15 12.61 15.86
C ASP A 11 -3.01 13.50 14.97
N GLU A 12 -2.53 14.66 14.62
CA GLU A 12 -3.33 15.57 13.76
C GLU A 12 -3.29 15.05 12.32
N GLU A 13 -2.12 14.76 11.82
CA GLU A 13 -2.04 14.25 10.43
C GLU A 13 -2.60 12.83 10.43
N LEU A 14 -2.41 12.09 11.47
CA LEU A 14 -2.98 10.73 11.49
C LEU A 14 -4.49 10.89 11.52
N GLU A 15 -5.03 11.41 12.59
CA GLU A 15 -6.50 11.62 12.69
C GLU A 15 -7.06 12.04 11.33
N GLU A 16 -6.40 12.92 10.64
CA GLU A 16 -6.90 13.35 9.31
C GLU A 16 -7.07 12.12 8.41
N ILE A 17 -6.00 11.46 8.06
CA ILE A 17 -6.14 10.26 7.17
C ILE A 17 -6.92 9.15 7.90
N LYS A 18 -6.56 8.87 9.13
CA LYS A 18 -7.28 7.80 9.91
C LYS A 18 -8.79 7.93 9.67
N LYS A 19 -9.27 9.14 9.54
CA LYS A 19 -10.74 9.35 9.34
C LYS A 19 -11.08 9.22 7.85
N GLU A 20 -10.22 9.63 6.96
CA GLU A 20 -10.57 9.49 5.50
C GLU A 20 -11.01 8.05 5.27
N THR A 21 -10.38 7.12 5.94
CA THR A 21 -10.75 5.69 5.80
C THR A 21 -11.91 5.40 6.75
N GLY A 22 -12.36 6.41 7.43
CA GLY A 22 -13.50 6.24 8.40
C GLY A 22 -14.67 7.15 8.00
N PHE A 23 -14.39 8.27 7.39
CA PHE A 23 -15.47 9.21 6.98
C PHE A 23 -16.35 9.54 8.19
N SER A 24 -16.22 10.71 8.73
CA SER A 24 -17.06 11.07 9.91
C SER A 24 -16.82 12.54 10.31
N HIS A 25 -16.02 13.26 9.58
CA HIS A 25 -15.76 14.68 9.95
C HIS A 25 -15.22 15.47 8.74
N SER A 26 -14.93 16.72 8.94
CA SER A 26 -14.39 17.57 7.84
C SER A 26 -12.86 17.57 7.90
N GLN A 27 -12.29 17.10 8.98
CA GLN A 27 -10.80 17.09 9.11
C GLN A 27 -10.17 16.64 7.80
N ILE A 28 -10.85 15.83 7.04
CA ILE A 28 -10.28 15.36 5.76
C ILE A 28 -10.74 16.29 4.63
N THR A 29 -11.98 16.71 4.64
CA THR A 29 -12.42 17.64 3.56
C THR A 29 -11.42 18.79 3.49
N ARG A 30 -10.99 19.27 4.62
CA ARG A 30 -9.99 20.38 4.62
C ARG A 30 -8.68 19.84 4.04
N LEU A 31 -8.29 18.66 4.44
CA LEU A 31 -7.05 18.05 3.92
C LEU A 31 -7.13 17.98 2.39
N TYR A 32 -8.31 17.80 1.86
CA TYR A 32 -8.46 17.74 0.39
C TYR A 32 -8.25 19.15 -0.16
N SER A 33 -8.60 20.14 0.63
CA SER A 33 -8.43 21.55 0.16
C SER A 33 -6.95 21.86 -0.05
N ARG A 34 -6.11 21.53 0.89
CA ARG A 34 -4.66 21.81 0.71
C ARG A 34 -4.07 20.78 -0.26
N PHE A 35 -4.29 19.54 0.01
CA PHE A 35 -3.77 18.48 -0.88
C PHE A 35 -4.14 18.79 -2.33
N THR A 36 -5.37 19.09 -2.57
CA THR A 36 -5.79 19.41 -3.97
C THR A 36 -5.24 20.77 -4.38
N SER A 37 -4.89 21.60 -3.44
CA SER A 37 -4.32 22.93 -3.81
C SER A 37 -2.91 22.71 -4.36
N LEU A 38 -2.35 21.55 -4.13
CA LEU A 38 -0.98 21.27 -4.64
C LEU A 38 -0.98 21.29 -6.16
N ASP A 39 -2.13 21.37 -6.77
CA ASP A 39 -2.18 21.39 -8.25
C ASP A 39 -1.41 22.59 -8.78
N LYS A 40 -1.92 23.19 -9.79
CA LYS A 40 -1.27 24.39 -10.41
C LYS A 40 -2.22 25.58 -10.31
N GLY A 41 -3.17 25.51 -9.41
CA GLY A 41 -4.15 26.63 -9.24
C GLY A 41 -5.54 26.09 -9.60
N GLU A 42 -5.61 24.84 -9.96
CA GLU A 42 -6.93 24.25 -10.32
C GLU A 42 -7.68 23.85 -9.05
N ASN A 43 -7.14 22.92 -8.30
CA ASN A 43 -7.81 22.46 -7.04
C ASN A 43 -8.85 21.40 -7.39
N GLY A 44 -8.59 20.64 -8.44
CA GLY A 44 -9.56 19.58 -8.87
C GLY A 44 -8.83 18.25 -9.02
N THR A 45 -7.77 18.21 -9.80
CA THR A 45 -7.03 16.93 -9.99
C THR A 45 -5.54 17.14 -9.69
N LEU A 46 -4.76 16.08 -9.69
CA LEU A 46 -3.30 16.23 -9.40
C LEU A 46 -2.46 15.31 -10.27
N SER A 47 -1.30 15.76 -10.67
CA SER A 47 -0.38 14.93 -11.49
C SER A 47 0.78 14.48 -10.61
N ARG A 48 1.62 13.61 -11.11
CA ARG A 48 2.77 13.13 -10.29
C ARG A 48 3.64 14.32 -9.90
N GLU A 49 3.90 15.21 -10.82
CA GLU A 49 4.75 16.39 -10.50
C GLU A 49 4.14 17.18 -9.34
N ASP A 50 2.92 16.92 -8.99
CA ASP A 50 2.29 17.67 -7.87
C ASP A 50 2.51 16.91 -6.57
N PHE A 51 2.37 15.60 -6.60
CA PHE A 51 2.58 14.80 -5.36
C PHE A 51 3.99 15.05 -4.82
N GLN A 52 4.95 15.23 -5.69
CA GLN A 52 6.34 15.46 -5.22
C GLN A 52 6.38 16.66 -4.28
N ARG A 53 5.34 17.45 -4.26
CA ARG A 53 5.33 18.65 -3.37
C ARG A 53 5.29 18.21 -1.91
N ILE A 54 5.04 16.95 -1.65
CA ILE A 54 5.00 16.46 -0.25
C ILE A 54 6.37 15.80 0.05
N PRO A 55 6.88 15.96 1.24
CA PRO A 55 8.21 15.38 1.61
C PRO A 55 8.19 13.85 1.61
N GLU A 56 7.10 13.26 1.17
CA GLU A 56 7.03 11.76 1.16
C GLU A 56 7.50 11.23 -0.20
N LEU A 57 6.79 11.53 -1.25
CA LEU A 57 7.19 11.01 -2.60
C LEU A 57 8.59 11.52 -2.96
N ALA A 58 8.92 12.71 -2.55
CA ALA A 58 10.26 13.26 -2.89
C ALA A 58 11.36 12.47 -2.14
N ILE A 59 10.98 11.70 -1.17
CA ILE A 59 11.98 10.90 -0.39
C ILE A 59 11.54 9.44 -0.37
N ASN A 60 10.61 9.07 -1.20
CA ASN A 60 10.10 7.68 -1.19
C ASN A 60 11.00 6.78 -2.07
N PRO A 61 11.42 5.64 -1.56
CA PRO A 61 12.28 4.70 -2.33
C PRO A 61 11.48 3.98 -3.43
N LEU A 62 10.38 3.37 -3.08
CA LEU A 62 9.57 2.66 -4.10
C LEU A 62 8.75 3.67 -4.89
N GLY A 63 7.83 4.32 -4.23
CA GLY A 63 6.94 5.31 -4.90
C GLY A 63 6.15 4.61 -6.01
N ASP A 64 6.48 3.39 -6.29
CA ASP A 64 5.71 2.67 -7.34
C ASP A 64 4.29 2.50 -6.82
N ARG A 65 4.16 2.38 -5.52
CA ARG A 65 2.80 2.25 -4.92
C ARG A 65 2.10 3.61 -5.00
N ILE A 66 2.62 4.57 -4.31
CA ILE A 66 2.01 5.93 -4.32
C ILE A 66 1.74 6.37 -5.76
N ILE A 67 2.64 6.08 -6.66
CA ILE A 67 2.47 6.49 -8.08
C ILE A 67 1.19 5.90 -8.66
N ASN A 68 1.05 4.61 -8.67
CA ASN A 68 -0.17 4.01 -9.27
C ASN A 68 -1.35 4.18 -8.31
N ALA A 69 -1.11 4.61 -7.10
CA ALA A 69 -2.25 4.80 -6.16
C ALA A 69 -3.05 6.03 -6.59
N PHE A 70 -2.38 7.03 -7.08
CA PHE A 70 -3.13 8.26 -7.53
C PHE A 70 -3.82 7.98 -8.87
N PHE A 71 -3.13 7.36 -9.78
CA PHE A 71 -3.74 7.08 -11.12
C PHE A 71 -2.69 6.38 -12.00
N PRO A 72 -3.12 5.57 -12.94
CA PRO A 72 -2.19 4.84 -13.86
C PRO A 72 -1.59 5.77 -14.92
N GLU A 73 -0.95 5.20 -15.90
CA GLU A 73 -0.35 6.05 -16.97
C GLU A 73 -1.42 6.37 -18.02
N GLY A 74 -2.66 6.15 -17.70
CA GLY A 74 -3.75 6.45 -18.67
C GLY A 74 -4.06 7.94 -18.64
N GLU A 75 -4.03 8.54 -17.47
CA GLU A 75 -4.33 10.00 -17.36
C GLU A 75 -3.26 10.66 -16.48
N ASP A 76 -2.91 11.88 -16.75
CA ASP A 76 -1.88 12.58 -15.94
C ASP A 76 -2.54 13.44 -14.87
N GLN A 77 -3.71 13.08 -14.42
CA GLN A 77 -4.39 13.89 -13.36
C GLN A 77 -5.40 13.03 -12.59
N VAL A 78 -5.30 13.01 -11.29
CA VAL A 78 -6.24 12.20 -10.45
C VAL A 78 -7.28 13.14 -9.84
N ASN A 79 -8.53 12.91 -10.12
CA ASN A 79 -9.60 13.80 -9.57
C ASN A 79 -9.86 13.45 -8.09
N PHE A 80 -10.80 14.11 -7.49
CA PHE A 80 -11.12 13.85 -6.05
C PHE A 80 -11.69 12.44 -5.92
N ARG A 81 -12.24 11.91 -6.96
CA ARG A 81 -12.83 10.55 -6.88
C ARG A 81 -11.79 9.55 -6.35
N GLY A 82 -10.66 9.45 -7.00
CA GLY A 82 -9.63 8.48 -6.53
C GLY A 82 -8.83 9.05 -5.37
N PHE A 83 -8.71 10.34 -5.25
CA PHE A 83 -7.93 10.87 -4.11
C PHE A 83 -8.51 10.29 -2.83
N MET A 84 -9.81 10.31 -2.73
CA MET A 84 -10.47 9.76 -1.52
C MET A 84 -10.63 8.23 -1.66
N ARG A 85 -10.60 7.69 -2.86
CA ARG A 85 -10.74 6.20 -2.96
C ARG A 85 -9.42 5.54 -2.55
N THR A 86 -8.32 6.21 -2.80
CA THR A 86 -7.00 5.65 -2.45
C THR A 86 -6.77 5.81 -0.94
N LEU A 87 -6.88 7.02 -0.45
CA LEU A 87 -6.66 7.24 0.99
C LEU A 87 -7.75 6.53 1.81
N ALA A 88 -8.85 6.21 1.20
CA ALA A 88 -9.93 5.51 1.95
C ALA A 88 -9.82 4.00 1.74
N HIS A 89 -9.02 3.57 0.81
CA HIS A 89 -8.88 2.12 0.57
C HIS A 89 -8.31 1.46 1.82
N PHE A 90 -7.94 2.25 2.79
CA PHE A 90 -7.39 1.70 4.05
C PHE A 90 -8.51 1.50 5.08
N ARG A 91 -9.73 1.50 4.65
CA ARG A 91 -10.86 1.32 5.62
C ARG A 91 -10.66 0.00 6.38
N PRO A 92 -10.54 0.03 7.68
CA PRO A 92 -10.33 -1.21 8.50
C PRO A 92 -11.63 -1.99 8.73
N ILE A 93 -11.63 -3.26 8.47
CA ILE A 93 -12.86 -4.08 8.69
C ILE A 93 -12.86 -4.61 10.12
N GLU A 94 -13.82 -4.24 10.91
CA GLU A 94 -13.88 -4.73 12.33
C GLU A 94 -15.33 -4.98 12.72
N ASP A 95 -16.24 -4.21 12.19
CA ASP A 95 -17.68 -4.41 12.53
C ASP A 95 -18.19 -5.71 11.90
N ASN A 96 -17.43 -6.26 10.98
CA ASN A 96 -17.87 -7.52 10.32
C ASN A 96 -16.65 -8.28 9.80
N GLU A 97 -15.51 -8.07 10.40
CA GLU A 97 -14.28 -8.77 9.93
C GLU A 97 -14.56 -10.27 9.84
N LYS A 98 -15.59 -10.73 10.48
CA LYS A 98 -15.92 -12.19 10.43
C LYS A 98 -16.55 -12.52 9.08
N SER A 99 -17.26 -13.62 9.00
CA SER A 99 -17.90 -14.00 7.71
C SER A 99 -18.88 -15.14 7.95
N LYS A 100 -20.13 -14.94 7.65
CA LYS A 100 -21.13 -16.03 7.87
C LYS A 100 -22.44 -15.67 7.15
N ASP A 101 -22.61 -14.42 6.81
CA ASP A 101 -23.87 -14.02 6.11
C ASP A 101 -23.74 -12.57 5.62
N VAL A 102 -22.79 -12.30 4.77
CA VAL A 102 -22.62 -10.91 4.26
C VAL A 102 -23.71 -10.60 3.24
N ASN A 103 -24.81 -10.03 3.68
CA ASN A 103 -25.91 -9.71 2.74
C ASN A 103 -25.78 -8.25 2.28
N GLY A 104 -24.64 -7.67 2.48
CA GLY A 104 -24.45 -6.25 2.04
C GLY A 104 -22.95 -5.91 2.02
N PRO A 105 -22.20 -6.58 1.20
CA PRO A 105 -20.73 -6.36 1.08
C PRO A 105 -20.40 -5.10 0.27
N GLU A 106 -20.13 -4.00 0.92
CA GLU A 106 -19.80 -2.75 0.18
C GLU A 106 -18.38 -2.86 -0.40
N PRO A 107 -18.14 -2.24 -1.54
CA PRO A 107 -16.79 -2.29 -2.19
C PRO A 107 -15.74 -1.51 -1.38
N LEU A 108 -14.58 -1.29 -1.96
CA LEU A 108 -13.52 -0.55 -1.24
C LEU A 108 -13.00 -1.41 -0.07
N ASN A 109 -11.71 -1.53 0.04
CA ASN A 109 -11.11 -2.34 1.15
C ASN A 109 -11.80 -3.71 1.22
N SER A 110 -12.63 -4.02 0.26
CA SER A 110 -13.32 -5.34 0.28
C SER A 110 -12.35 -6.43 -0.20
N ARG A 111 -12.73 -7.67 -0.09
CA ARG A 111 -11.83 -8.77 -0.55
C ARG A 111 -11.34 -8.47 -1.97
N SER A 112 -12.22 -8.55 -2.93
CA SER A 112 -11.81 -8.27 -4.34
C SER A 112 -11.11 -6.91 -4.42
N ASN A 113 -11.58 -5.96 -3.66
CA ASN A 113 -10.94 -4.61 -3.69
C ASN A 113 -9.55 -4.70 -3.05
N LYS A 114 -9.38 -5.56 -2.08
CA LYS A 114 -8.05 -5.70 -1.44
C LYS A 114 -7.02 -6.07 -2.51
N LEU A 115 -7.28 -7.11 -3.26
CA LEU A 115 -6.32 -7.50 -4.34
C LEU A 115 -6.20 -6.34 -5.32
N HIS A 116 -7.31 -5.78 -5.73
CA HIS A 116 -7.28 -4.66 -6.70
C HIS A 116 -6.41 -3.51 -6.18
N PHE A 117 -6.37 -3.29 -4.89
CA PHE A 117 -5.53 -2.17 -4.38
C PHE A 117 -4.06 -2.59 -4.38
N ALA A 118 -3.67 -3.48 -3.52
CA ALA A 118 -2.24 -3.94 -3.50
C ALA A 118 -1.82 -4.23 -4.93
N PHE A 119 -2.77 -4.45 -5.80
CA PHE A 119 -2.46 -4.72 -7.22
C PHE A 119 -2.02 -3.41 -7.89
N ARG A 120 -2.87 -2.41 -7.86
CA ARG A 120 -2.49 -1.11 -8.47
C ARG A 120 -1.15 -0.66 -7.88
N LEU A 121 -0.87 -1.06 -6.68
CA LEU A 121 0.41 -0.63 -6.05
C LEU A 121 1.58 -1.43 -6.65
N TYR A 122 1.42 -2.71 -6.75
CA TYR A 122 2.51 -3.57 -7.31
C TYR A 122 2.40 -3.62 -8.84
N ASP A 123 1.31 -3.15 -9.38
CA ASP A 123 1.15 -3.18 -10.87
C ASP A 123 1.75 -1.93 -11.49
N LEU A 124 3.05 -1.86 -11.59
CA LEU A 124 3.70 -0.66 -12.17
C LEU A 124 3.74 -0.78 -13.70
N ASP A 125 4.00 -1.96 -14.21
CA ASP A 125 4.08 -2.13 -15.69
C ASP A 125 2.70 -2.41 -16.28
N LYS A 126 1.68 -2.54 -15.45
CA LYS A 126 0.32 -2.81 -15.98
C LYS A 126 0.34 -4.11 -16.79
N ASP A 127 1.09 -5.08 -16.35
CA ASP A 127 1.14 -6.37 -17.09
C ASP A 127 -0.03 -7.20 -16.58
N GLU A 128 -0.76 -6.65 -15.64
CA GLU A 128 -1.94 -7.34 -15.03
C GLU A 128 -1.51 -8.15 -13.80
N LYS A 129 -0.22 -8.40 -13.67
CA LYS A 129 0.27 -9.18 -12.49
C LYS A 129 1.64 -8.63 -12.08
N ILE A 130 2.10 -8.93 -10.90
CA ILE A 130 3.42 -8.41 -10.46
C ILE A 130 4.52 -9.24 -11.12
N SER A 131 5.07 -8.76 -12.19
CA SER A 131 6.14 -9.49 -12.92
C SER A 131 7.36 -9.65 -12.01
N ARG A 132 8.46 -10.10 -12.55
CA ARG A 132 9.69 -10.28 -11.72
C ARG A 132 10.49 -8.98 -11.64
N ASP A 133 10.50 -8.19 -12.68
CA ASP A 133 11.27 -6.92 -12.64
C ASP A 133 10.65 -5.97 -11.62
N GLU A 134 9.36 -5.99 -11.49
CA GLU A 134 8.71 -5.09 -10.50
C GLU A 134 8.84 -5.68 -9.10
N LEU A 135 8.33 -6.87 -8.91
CA LEU A 135 8.41 -7.52 -7.59
C LEU A 135 9.85 -7.47 -7.07
N LEU A 136 10.80 -7.76 -7.92
CA LEU A 136 12.21 -7.74 -7.47
C LEU A 136 12.58 -6.32 -7.06
N GLN A 137 12.25 -5.34 -7.85
CA GLN A 137 12.60 -3.94 -7.45
C GLN A 137 12.20 -3.71 -5.98
N VAL A 138 11.07 -4.22 -5.57
CA VAL A 138 10.66 -4.02 -4.15
C VAL A 138 11.37 -5.05 -3.27
N LEU A 139 11.03 -6.30 -3.44
CA LEU A 139 11.64 -7.39 -2.64
C LEU A 139 13.14 -7.09 -2.41
N ARG A 140 13.83 -6.62 -3.40
CA ARG A 140 15.27 -6.30 -3.21
C ARG A 140 15.40 -5.06 -2.33
N MET A 141 14.59 -4.06 -2.56
CA MET A 141 14.68 -2.83 -1.72
C MET A 141 14.15 -3.12 -0.31
N MET A 142 13.56 -4.27 -0.11
CA MET A 142 13.01 -4.61 1.24
C MET A 142 13.96 -5.57 1.98
N VAL A 143 14.82 -6.26 1.28
CA VAL A 143 15.75 -7.21 1.96
C VAL A 143 17.20 -6.77 1.71
N GLY A 144 17.44 -6.09 0.63
CA GLY A 144 18.83 -5.63 0.32
C GLY A 144 19.42 -4.94 1.55
N VAL A 145 18.60 -4.53 2.46
CA VAL A 145 19.12 -3.84 3.68
C VAL A 145 20.20 -4.68 4.34
N ASN A 146 20.19 -5.97 4.12
CA ASN A 146 21.22 -6.84 4.76
C ASN A 146 21.51 -8.05 3.86
N ILE A 147 21.23 -7.96 2.58
CA ILE A 147 21.50 -9.12 1.67
C ILE A 147 22.58 -8.73 0.65
N SER A 148 23.52 -9.62 0.42
CA SER A 148 24.62 -9.33 -0.55
C SER A 148 24.03 -9.15 -1.96
N ASP A 149 24.87 -9.00 -2.95
CA ASP A 149 24.34 -8.82 -4.34
C ASP A 149 23.98 -10.17 -4.95
N GLU A 150 24.94 -11.03 -5.16
CA GLU A 150 24.63 -12.35 -5.76
C GLU A 150 23.70 -13.10 -4.81
N GLN A 151 23.72 -12.74 -3.56
CA GLN A 151 22.83 -13.42 -2.58
C GLN A 151 21.41 -12.95 -2.84
N LEU A 152 21.23 -11.68 -3.09
CA LEU A 152 19.87 -11.16 -3.36
C LEU A 152 19.40 -11.68 -4.72
N GLY A 153 20.22 -11.58 -5.71
CA GLY A 153 19.81 -12.06 -7.07
C GLY A 153 19.24 -13.47 -6.96
N SER A 154 19.86 -14.33 -6.20
CA SER A 154 19.36 -15.72 -6.07
C SER A 154 18.17 -15.78 -5.10
N ILE A 155 18.12 -14.89 -4.15
CA ILE A 155 16.98 -14.93 -3.18
C ILE A 155 15.74 -14.31 -3.83
N ALA A 156 15.92 -13.50 -4.84
CA ALA A 156 14.75 -12.88 -5.52
C ALA A 156 14.19 -13.85 -6.56
N ASP A 157 14.99 -14.25 -7.51
CA ASP A 157 14.50 -15.19 -8.55
C ASP A 157 13.86 -16.40 -7.86
N ARG A 158 14.52 -16.95 -6.87
CA ARG A 158 13.92 -18.14 -6.17
C ARG A 158 12.63 -17.69 -5.47
N THR A 159 12.66 -16.56 -4.82
CA THR A 159 11.45 -16.06 -4.10
C THR A 159 10.25 -16.08 -5.05
N ILE A 160 10.42 -15.59 -6.25
CA ILE A 160 9.28 -15.58 -7.19
C ILE A 160 9.04 -16.99 -7.72
N GLN A 161 10.02 -17.86 -7.60
CA GLN A 161 9.84 -19.25 -8.11
C GLN A 161 8.88 -20.04 -7.21
N GLU A 162 8.97 -19.84 -5.91
CA GLU A 162 8.06 -20.59 -5.01
C GLU A 162 6.69 -19.91 -4.96
N ALA A 163 6.65 -18.61 -5.14
CA ALA A 163 5.33 -17.92 -5.12
C ALA A 163 4.70 -17.97 -6.51
N ASP A 164 5.36 -18.56 -7.47
CA ASP A 164 4.75 -18.63 -8.83
C ASP A 164 3.70 -19.75 -8.86
N GLN A 165 2.46 -19.41 -8.66
CA GLN A 165 1.39 -20.43 -8.69
C GLN A 165 0.77 -20.42 -10.08
N ASP A 166 0.64 -19.26 -10.69
CA ASP A 166 0.08 -19.27 -12.06
C ASP A 166 1.22 -19.71 -12.94
N GLY A 167 2.37 -19.90 -12.34
CA GLY A 167 3.55 -20.35 -13.09
C GLY A 167 3.80 -19.34 -14.18
N ASP A 168 3.29 -18.17 -13.99
CA ASP A 168 3.48 -17.10 -14.98
C ASP A 168 4.70 -16.34 -14.56
N SER A 169 5.42 -16.88 -13.60
CA SER A 169 6.61 -16.14 -13.09
C SER A 169 6.13 -14.73 -12.79
N ALA A 170 4.84 -14.61 -12.57
CA ALA A 170 4.23 -13.29 -12.30
C ALA A 170 3.08 -13.53 -11.34
N ILE A 171 2.93 -12.70 -10.37
CA ILE A 171 1.84 -12.93 -9.38
C ILE A 171 1.21 -11.65 -8.94
N SER A 172 0.03 -11.76 -8.38
CA SER A 172 -0.64 -10.57 -7.80
C SER A 172 -1.98 -10.99 -7.21
N PHE A 173 -2.67 -11.80 -7.94
CA PHE A 173 -4.03 -12.24 -7.52
C PHE A 173 -4.09 -13.70 -7.09
N THR A 174 -3.21 -14.54 -7.56
CA THR A 174 -3.37 -15.98 -7.26
C THR A 174 -2.77 -16.43 -5.93
N GLU A 175 -1.48 -16.47 -5.77
CA GLU A 175 -0.97 -16.97 -4.46
C GLU A 175 -1.32 -15.91 -3.43
N PHE A 176 -1.74 -14.76 -3.87
CA PHE A 176 -2.17 -13.72 -2.90
C PHE A 176 -3.50 -14.20 -2.36
N VAL A 177 -4.45 -14.45 -3.23
CA VAL A 177 -5.77 -14.96 -2.80
C VAL A 177 -5.55 -16.25 -1.99
N LYS A 178 -4.72 -17.13 -2.49
CA LYS A 178 -4.49 -18.40 -1.74
C LYS A 178 -3.82 -18.07 -0.39
N VAL A 179 -3.23 -16.91 -0.28
CA VAL A 179 -2.58 -16.53 1.00
C VAL A 179 -3.60 -15.87 1.94
N LEU A 180 -4.55 -15.15 1.41
CA LEU A 180 -5.55 -14.49 2.30
C LEU A 180 -6.34 -15.57 3.05
N GLU A 181 -6.67 -16.64 2.40
CA GLU A 181 -7.44 -17.72 3.10
C GLU A 181 -6.66 -18.17 4.34
N LYS A 182 -5.39 -17.82 4.42
CA LYS A 182 -4.57 -18.20 5.60
C LYS A 182 -4.42 -17.00 6.52
N VAL A 183 -4.52 -15.81 5.98
CA VAL A 183 -4.39 -14.59 6.83
C VAL A 183 -5.40 -13.54 6.36
N ASP A 184 -5.91 -12.74 7.27
CA ASP A 184 -6.91 -11.70 6.87
C ASP A 184 -6.18 -10.39 6.54
N VAL A 185 -5.67 -10.27 5.35
CA VAL A 185 -4.96 -9.01 4.97
C VAL A 185 -5.98 -7.87 4.87
N GLU A 186 -7.23 -8.21 4.73
CA GLU A 186 -8.28 -7.16 4.62
C GLU A 186 -8.18 -6.21 5.81
N GLN A 187 -7.85 -6.72 6.97
CA GLN A 187 -7.72 -5.83 8.16
C GLN A 187 -6.32 -5.24 8.22
N LYS A 188 -5.35 -5.95 7.69
CA LYS A 188 -3.96 -5.42 7.70
C LYS A 188 -3.97 -4.01 7.11
N MET A 189 -4.85 -3.77 6.16
CA MET A 189 -4.92 -2.41 5.55
C MET A 189 -5.39 -1.41 6.61
N SER A 190 -4.70 -1.34 7.72
CA SER A 190 -5.09 -0.39 8.80
C SER A 190 -3.83 0.13 9.48
N ILE A 191 -3.62 1.43 9.44
CA ILE A 191 -2.40 2.01 10.08
C ILE A 191 -2.75 2.49 11.49
N ARG A 192 -1.88 2.26 12.42
CA ARG A 192 -2.15 2.71 13.82
C ARG A 192 -0.90 2.52 14.68
N PHE A 193 -0.77 1.39 15.34
CA PHE A 193 0.43 1.15 16.18
C PHE A 193 1.55 0.58 15.32
N LEU A 194 2.73 1.12 15.41
CA LEU A 194 3.87 0.61 14.59
C LEU A 194 4.38 -0.69 15.21
N HIS A 195 5.59 -0.69 15.72
CA HIS A 195 6.15 -1.93 16.33
C HIS A 195 5.67 -2.03 17.78
N VAL B 1 4.59 -34.68 -10.69
CA VAL B 1 6.07 -34.52 -10.74
C VAL B 1 6.58 -34.10 -9.36
N ASP B 2 7.65 -34.70 -8.91
CA ASP B 2 8.20 -34.34 -7.57
C ASP B 2 9.14 -33.15 -7.71
N LEU B 3 10.23 -33.14 -7.00
CA LEU B 3 11.20 -32.01 -7.08
C LEU B 3 10.53 -30.72 -6.59
N LEU B 4 9.55 -30.23 -7.30
CA LEU B 4 8.86 -28.98 -6.87
C LEU B 4 7.92 -29.29 -5.70
N ALA B 5 7.85 -30.53 -5.29
CA ALA B 5 6.96 -30.88 -4.15
C ALA B 5 7.24 -32.32 -3.72
N VAL B 6 6.56 -32.78 -2.70
CA VAL B 6 6.79 -34.17 -2.22
C VAL B 6 5.52 -34.71 -1.57
N LYS B 7 5.04 -34.04 -0.55
CA LYS B 7 3.79 -34.51 0.13
C LYS B 7 3.23 -33.37 0.99
N LYS B 8 4.00 -32.86 1.91
CA LYS B 8 3.51 -31.75 2.77
C LYS B 8 4.69 -30.91 3.24
N LYS B 9 5.25 -30.11 2.37
CA LYS B 9 6.41 -29.26 2.75
C LYS B 9 5.95 -28.19 3.74
N GLN B 10 4.82 -27.58 3.49
CA GLN B 10 4.32 -26.53 4.42
C GLN B 10 4.01 -27.16 5.78
N GLU B 11 5.01 -27.54 6.52
CA GLU B 11 4.77 -28.16 7.85
C GLU B 11 4.58 -27.07 8.90
N THR B 12 5.38 -26.04 8.85
CA THR B 12 5.25 -24.94 9.84
C THR B 12 6.15 -23.77 9.44
N LYS B 13 6.73 -23.83 8.27
CA LYS B 13 7.63 -22.71 7.83
C LYS B 13 6.77 -21.55 7.32
N ARG B 14 7.32 -20.37 7.30
CA ARG B 14 6.54 -19.19 6.82
C ARG B 14 6.51 -19.19 5.30
N SER B 15 5.43 -18.72 4.71
CA SER B 15 5.34 -18.70 3.22
C SER B 15 6.00 -17.42 2.69
N ILE B 16 6.86 -17.54 1.72
CA ILE B 16 7.53 -16.33 1.16
C ILE B 16 6.46 -15.28 0.86
N ASN B 17 5.30 -15.71 0.44
CA ASN B 17 4.22 -14.73 0.14
C ASN B 17 3.75 -14.05 1.43
N GLU B 18 3.87 -14.73 2.54
CA GLU B 18 3.43 -14.13 3.83
C GLU B 18 4.49 -13.14 4.34
N GLU B 19 5.63 -13.63 4.72
CA GLU B 19 6.71 -12.73 5.25
C GLU B 19 6.84 -11.47 4.38
N ILE B 20 6.93 -11.63 3.09
CA ILE B 20 7.09 -10.43 2.21
C ILE B 20 5.81 -9.60 2.23
N HIS B 21 4.67 -10.22 2.17
CA HIS B 21 3.39 -9.42 2.17
C HIS B 21 3.30 -8.65 3.48
N THR B 22 3.30 -9.33 4.59
CA THR B 22 3.19 -8.64 5.91
C THR B 22 4.09 -7.38 5.91
N GLN B 23 5.34 -7.53 5.59
CA GLN B 23 6.26 -6.35 5.59
C GLN B 23 5.85 -5.37 4.49
N PHE B 24 5.87 -5.79 3.26
CA PHE B 24 5.48 -4.88 2.14
C PHE B 24 4.21 -4.12 2.54
N LEU B 25 3.14 -4.84 2.76
CA LEU B 25 1.85 -4.20 3.16
C LEU B 25 2.12 -3.08 4.18
N ASP B 26 2.96 -3.32 5.13
CA ASP B 26 3.26 -2.27 6.14
C ASP B 26 4.05 -1.13 5.49
N HIS B 27 5.00 -1.46 4.66
CA HIS B 27 5.83 -0.39 4.01
C HIS B 27 4.98 0.43 3.03
N LEU B 28 4.12 -0.21 2.28
CA LEU B 28 3.29 0.55 1.28
C LEU B 28 2.13 1.25 2.01
N LEU B 29 1.60 0.65 3.03
CA LEU B 29 0.48 1.30 3.77
C LEU B 29 1.03 2.51 4.53
N THR B 30 2.09 2.30 5.25
CA THR B 30 2.70 3.40 6.02
C THR B 30 3.42 4.36 5.06
N GLY B 31 3.78 3.88 3.91
CA GLY B 31 4.49 4.74 2.93
C GLY B 31 3.49 5.61 2.17
N ILE B 32 2.35 5.08 1.82
CA ILE B 32 1.35 5.89 1.08
C ILE B 32 0.55 6.76 2.04
N GLU B 33 0.52 6.43 3.31
CA GLU B 33 -0.25 7.25 4.27
C GLU B 33 0.62 8.41 4.74
N ASP B 34 1.88 8.18 4.93
CA ASP B 34 2.78 9.27 5.39
C ASP B 34 2.55 10.53 4.55
N ILE B 35 1.85 10.41 3.45
CA ILE B 35 1.60 11.59 2.59
C ILE B 35 0.71 12.59 3.34
N CYS B 36 -0.44 12.17 3.80
CA CYS B 36 -1.35 13.11 4.53
C CYS B 36 -0.53 14.00 5.48
N GLY B 37 -0.13 15.16 5.04
CA GLY B 37 0.67 16.07 5.91
C GLY B 37 -0.17 17.30 6.28
N HIS B 38 0.21 17.99 7.32
CA HIS B 38 -0.55 19.19 7.74
C HIS B 38 0.19 19.91 8.88
N TYR B 39 0.73 21.06 8.62
CA TYR B 39 1.47 21.80 9.68
C TYR B 39 1.57 23.28 9.30
N GLY B 40 0.74 24.11 9.86
CA GLY B 40 0.78 25.56 9.53
C GLY B 40 1.74 26.27 10.49
N HIS B 41 3.02 26.09 10.31
CA HIS B 41 4.00 26.75 11.22
C HIS B 41 4.10 28.23 10.87
N HIS B 42 3.02 28.83 10.43
CA HIS B 42 3.07 30.28 10.08
C HIS B 42 4.25 30.55 9.15
N HIS B 43 4.04 30.52 7.87
CA HIS B 43 5.15 30.77 6.92
C HIS B 43 5.67 32.20 7.09
N MET A 1 8.05 29.92 7.79
CA MET A 1 8.10 30.53 9.14
C MET A 1 9.57 30.77 9.53
N GLY A 2 10.41 29.78 9.37
CA GLY A 2 11.83 29.96 9.73
C GLY A 2 12.49 28.58 9.89
N SER A 3 12.77 28.20 11.12
CA SER A 3 13.40 26.87 11.35
C SER A 3 13.18 26.44 12.80
N ARG A 4 12.01 25.95 13.11
CA ARG A 4 11.72 25.52 14.51
C ARG A 4 10.80 24.29 14.47
N ALA A 5 10.21 23.95 15.58
CA ALA A 5 9.30 22.77 15.62
C ALA A 5 8.33 22.85 14.44
N SER A 6 8.67 22.23 13.34
CA SER A 6 7.76 22.26 12.15
C SER A 6 6.57 21.33 12.39
N THR A 7 6.15 21.20 13.63
CA THR A 7 4.99 20.30 13.92
C THR A 7 5.26 18.91 13.35
N LEU A 8 4.33 18.02 13.50
CA LEU A 8 4.51 16.64 12.95
C LEU A 8 3.16 15.96 12.77
N LEU A 9 3.16 14.72 12.39
CA LEU A 9 1.90 14.00 12.18
C LEU A 9 1.21 13.79 13.53
N ARG A 10 0.50 14.77 13.99
CA ARG A 10 -0.20 14.64 15.29
C ARG A 10 -1.58 14.00 15.05
N ASP A 11 -2.32 13.77 16.08
CA ASP A 11 -3.66 13.15 15.92
C ASP A 11 -4.47 13.93 14.89
N GLU A 12 -4.07 15.13 14.57
CA GLU A 12 -4.84 15.93 13.57
C GLU A 12 -4.59 15.34 12.18
N GLU A 13 -3.35 15.10 11.82
CA GLU A 13 -3.08 14.54 10.49
C GLU A 13 -3.47 13.06 10.48
N LEU A 14 -3.28 12.38 11.58
CA LEU A 14 -3.66 10.96 11.63
C LEU A 14 -5.18 10.87 11.51
N GLU A 15 -5.89 11.49 12.40
CA GLU A 15 -7.37 11.44 12.34
C GLU A 15 -7.83 11.82 10.94
N GLU A 16 -7.21 12.81 10.35
CA GLU A 16 -7.63 13.21 8.98
C GLU A 16 -7.64 11.98 8.06
N ILE A 17 -6.50 11.42 7.79
CA ILE A 17 -6.47 10.21 6.91
C ILE A 17 -7.29 9.07 7.55
N LYS A 18 -7.07 8.81 8.80
CA LYS A 18 -7.82 7.72 9.49
C LYS A 18 -9.31 7.84 9.16
N LYS A 19 -9.81 9.04 9.03
CA LYS A 19 -11.25 9.23 8.71
C LYS A 19 -11.48 9.00 7.22
N GLU A 20 -10.59 9.47 6.38
CA GLU A 20 -10.76 9.25 4.92
C GLU A 20 -11.09 7.77 4.70
N THR A 21 -10.70 6.97 5.63
CA THR A 21 -10.95 5.50 5.55
C THR A 21 -11.76 5.07 6.77
N GLY A 22 -11.78 5.90 7.77
CA GLY A 22 -12.53 5.56 9.01
C GLY A 22 -14.02 5.80 8.80
N PHE A 23 -14.41 7.03 8.54
CA PHE A 23 -15.87 7.33 8.35
C PHE A 23 -16.07 8.77 7.86
N SER A 24 -15.88 9.71 8.75
CA SER A 24 -16.10 11.15 8.41
C SER A 24 -15.68 11.45 6.97
N HIS A 25 -16.14 12.56 6.43
CA HIS A 25 -15.79 12.93 5.03
C HIS A 25 -15.46 14.42 4.95
N SER A 26 -15.62 15.15 6.03
CA SER A 26 -15.30 16.61 6.01
C SER A 26 -13.87 16.86 6.50
N GLN A 27 -13.56 16.43 7.69
CA GLN A 27 -12.19 16.64 8.22
C GLN A 27 -11.17 16.31 7.14
N ILE A 28 -11.54 15.49 6.18
CA ILE A 28 -10.59 15.12 5.09
C ILE A 28 -10.78 16.08 3.92
N THR A 29 -11.99 16.43 3.59
CA THR A 29 -12.20 17.37 2.44
C THR A 29 -11.23 18.53 2.62
N ARG A 30 -11.07 18.99 3.83
CA ARG A 30 -10.11 20.10 4.08
C ARG A 30 -8.71 19.64 3.66
N LEU A 31 -8.27 18.52 4.15
CA LEU A 31 -6.94 17.99 3.77
C LEU A 31 -6.86 17.96 2.24
N TYR A 32 -7.86 17.44 1.60
CA TYR A 32 -7.86 17.37 0.12
C TYR A 32 -7.62 18.76 -0.45
N SER A 33 -8.38 19.73 -0.04
CA SER A 33 -8.21 21.10 -0.61
C SER A 33 -6.75 21.56 -0.52
N ARG A 34 -6.07 21.28 0.55
CA ARG A 34 -4.66 21.75 0.66
C ARG A 34 -3.75 20.87 -0.19
N PHE A 35 -3.66 19.62 0.13
CA PHE A 35 -2.77 18.71 -0.65
C PHE A 35 -3.10 18.82 -2.13
N THR A 36 -4.35 18.95 -2.48
CA THR A 36 -4.72 19.07 -3.92
C THR A 36 -4.49 20.51 -4.40
N SER A 37 -4.41 21.42 -3.49
CA SER A 37 -4.16 22.84 -3.90
C SER A 37 -2.68 22.95 -4.29
N LEU A 38 -1.91 21.95 -4.00
CA LEU A 38 -0.47 21.98 -4.36
C LEU A 38 -0.30 22.04 -5.87
N ASP A 39 -1.34 21.78 -6.63
CA ASP A 39 -1.20 21.81 -8.11
C ASP A 39 -0.90 23.25 -8.58
N LYS A 40 -0.10 23.98 -7.85
CA LYS A 40 0.23 25.37 -8.25
C LYS A 40 -1.04 26.11 -8.68
N GLY A 41 -2.16 25.78 -8.08
CA GLY A 41 -3.44 26.47 -8.45
C GLY A 41 -4.60 25.49 -8.32
N GLU A 42 -4.31 24.24 -8.12
CA GLU A 42 -5.39 23.22 -7.97
C GLU A 42 -6.05 22.98 -9.32
N ASN A 43 -5.38 22.34 -10.23
CA ASN A 43 -6.03 22.06 -11.52
C ASN A 43 -7.26 21.20 -11.24
N GLY A 44 -7.49 20.93 -9.97
CA GLY A 44 -8.65 20.07 -9.58
C GLY A 44 -8.14 18.65 -9.49
N THR A 45 -6.85 18.52 -9.62
CA THR A 45 -6.20 17.18 -9.57
C THR A 45 -4.76 17.33 -9.07
N LEU A 46 -3.98 16.28 -9.12
CA LEU A 46 -2.56 16.39 -8.65
C LEU A 46 -1.64 15.62 -9.61
N SER A 47 -0.46 16.13 -9.83
CA SER A 47 0.51 15.44 -10.72
C SER A 47 1.67 14.91 -9.88
N ARG A 48 2.56 14.18 -10.48
CA ARG A 48 3.72 13.64 -9.72
C ARG A 48 4.48 14.81 -9.09
N GLU A 49 4.64 15.88 -9.82
CA GLU A 49 5.38 17.06 -9.30
C GLU A 49 4.78 17.50 -7.96
N ASP A 50 3.55 17.14 -7.68
CA ASP A 50 2.94 17.55 -6.37
C ASP A 50 3.30 16.52 -5.30
N PHE A 51 3.14 15.27 -5.59
CA PHE A 51 3.47 14.24 -4.58
C PHE A 51 4.91 14.44 -4.09
N GLN A 52 5.76 14.99 -4.90
CA GLN A 52 7.19 15.20 -4.49
C GLN A 52 7.28 16.36 -3.48
N ARG A 53 6.34 17.25 -3.50
CA ARG A 53 6.38 18.40 -2.56
C ARG A 53 6.21 17.87 -1.13
N ILE A 54 5.64 16.70 -0.97
CA ILE A 54 5.47 16.13 0.39
C ILE A 54 6.68 15.22 0.66
N PRO A 55 7.18 15.21 1.87
CA PRO A 55 8.37 14.38 2.22
C PRO A 55 8.09 12.88 2.17
N GLU A 56 7.02 12.47 1.54
CA GLU A 56 6.72 11.01 1.46
C GLU A 56 7.33 10.44 0.19
N LEU A 57 6.91 10.92 -0.95
CA LEU A 57 7.45 10.40 -2.23
C LEU A 57 8.95 10.74 -2.33
N ALA A 58 9.30 11.97 -2.13
CA ALA A 58 10.72 12.39 -2.23
C ALA A 58 11.59 11.59 -1.25
N ILE A 59 11.01 10.82 -0.39
CA ILE A 59 11.83 10.02 0.58
C ILE A 59 11.41 8.55 0.52
N ASN A 60 10.55 8.22 -0.41
CA ASN A 60 10.10 6.80 -0.53
C ASN A 60 11.13 6.00 -1.34
N PRO A 61 11.48 4.81 -0.91
CA PRO A 61 12.47 3.96 -1.64
C PRO A 61 11.87 3.42 -2.94
N LEU A 62 10.58 3.27 -2.99
CA LEU A 62 9.90 2.74 -4.21
C LEU A 62 8.83 3.75 -4.66
N GLY A 63 7.92 4.07 -3.78
CA GLY A 63 6.82 5.02 -4.12
C GLY A 63 6.03 4.50 -5.32
N ASP A 64 6.52 3.47 -5.96
CA ASP A 64 5.76 2.92 -7.12
C ASP A 64 4.37 2.59 -6.61
N ARG A 65 4.23 2.54 -5.32
CA ARG A 65 2.91 2.25 -4.70
C ARG A 65 2.08 3.54 -4.72
N ILE A 66 2.54 4.58 -4.09
CA ILE A 66 1.79 5.86 -4.08
C ILE A 66 1.52 6.29 -5.53
N ILE A 67 2.43 5.95 -6.42
CA ILE A 67 2.26 6.34 -7.84
C ILE A 67 1.02 5.66 -8.44
N ASN A 68 0.96 4.35 -8.39
CA ASN A 68 -0.21 3.65 -8.97
C ASN A 68 -1.41 3.74 -8.03
N ALA A 69 -1.21 4.22 -6.82
CA ALA A 69 -2.36 4.33 -5.89
C ALA A 69 -3.20 5.53 -6.29
N PHE A 70 -2.57 6.58 -6.75
CA PHE A 70 -3.33 7.80 -7.15
C PHE A 70 -3.48 7.85 -8.67
N PHE A 71 -2.42 7.56 -9.39
CA PHE A 71 -2.50 7.61 -10.88
C PHE A 71 -3.01 6.26 -11.42
N PRO A 72 -4.16 6.24 -12.06
CA PRO A 72 -4.74 4.97 -12.63
C PRO A 72 -3.73 4.20 -13.50
N GLU A 73 -4.18 3.69 -14.62
CA GLU A 73 -3.24 2.94 -15.51
C GLU A 73 -1.97 3.75 -15.70
N GLY A 74 -2.05 5.05 -15.54
CA GLY A 74 -0.83 5.90 -15.71
C GLY A 74 -1.24 7.30 -16.15
N GLU A 75 -2.22 7.90 -15.51
CA GLU A 75 -2.63 9.27 -15.91
C GLU A 75 -1.64 10.29 -15.34
N ASP A 76 -1.52 11.43 -15.96
CA ASP A 76 -0.58 12.46 -15.45
C ASP A 76 -1.29 13.38 -14.46
N GLN A 77 -2.40 12.94 -13.93
CA GLN A 77 -3.13 13.80 -12.94
C GLN A 77 -4.19 12.94 -12.23
N VAL A 78 -4.38 13.17 -10.94
CA VAL A 78 -5.39 12.37 -10.16
C VAL A 78 -6.45 13.32 -9.63
N ASN A 79 -7.70 13.08 -9.95
CA ASN A 79 -8.79 13.98 -9.48
C ASN A 79 -9.27 13.55 -8.10
N PHE A 80 -10.15 14.33 -7.53
CA PHE A 80 -10.69 14.01 -6.17
C PHE A 80 -11.29 12.60 -6.15
N ARG A 81 -11.67 12.11 -7.30
CA ARG A 81 -12.29 10.75 -7.35
C ARG A 81 -11.34 9.73 -6.69
N GLY A 82 -10.19 9.54 -7.23
CA GLY A 82 -9.25 8.55 -6.63
C GLY A 82 -8.60 9.12 -5.39
N PHE A 83 -8.53 10.41 -5.26
CA PHE A 83 -7.90 11.00 -4.06
C PHE A 83 -8.52 10.31 -2.83
N MET A 84 -9.82 10.26 -2.78
CA MET A 84 -10.50 9.63 -1.63
C MET A 84 -10.70 8.13 -1.89
N ARG A 85 -10.63 7.66 -3.11
CA ARG A 85 -10.82 6.19 -3.32
C ARG A 85 -9.56 5.48 -2.83
N THR A 86 -8.44 6.14 -2.94
CA THR A 86 -7.15 5.53 -2.50
C THR A 86 -6.97 5.73 -0.99
N LEU A 87 -6.97 6.95 -0.55
CA LEU A 87 -6.77 7.19 0.90
C LEU A 87 -7.89 6.53 1.71
N ALA A 88 -9.01 6.24 1.10
CA ALA A 88 -10.12 5.57 1.85
C ALA A 88 -10.06 4.06 1.63
N HIS A 89 -9.39 3.62 0.60
CA HIS A 89 -9.30 2.15 0.32
C HIS A 89 -8.80 1.43 1.58
N PHE A 90 -8.45 2.15 2.60
CA PHE A 90 -7.95 1.49 3.85
C PHE A 90 -9.09 1.35 4.86
N ARG A 91 -10.31 1.35 4.40
CA ARG A 91 -11.47 1.20 5.34
C ARG A 91 -11.33 -0.14 6.10
N PRO A 92 -11.75 -0.18 7.34
CA PRO A 92 -11.69 -1.43 8.16
C PRO A 92 -12.80 -2.41 7.80
N ILE A 93 -12.62 -3.67 8.10
CA ILE A 93 -13.67 -4.68 7.76
C ILE A 93 -14.67 -4.77 8.92
N GLU A 94 -15.86 -5.23 8.65
CA GLU A 94 -16.88 -5.36 9.74
C GLU A 94 -16.82 -6.76 10.34
N ASP A 95 -17.80 -7.11 11.13
CA ASP A 95 -17.80 -8.47 11.76
C ASP A 95 -18.43 -9.47 10.79
N ASN A 96 -19.52 -9.10 10.17
CA ASN A 96 -20.19 -10.04 9.21
C ASN A 96 -19.14 -10.58 8.23
N GLU A 97 -18.23 -9.75 7.79
CA GLU A 97 -17.19 -10.22 6.83
C GLU A 97 -17.87 -10.97 5.68
N LYS A 98 -18.77 -10.34 4.98
CA LYS A 98 -19.46 -11.01 3.85
C LYS A 98 -20.28 -9.98 3.07
N SER A 99 -20.35 -10.11 1.77
CA SER A 99 -21.12 -9.14 0.96
C SER A 99 -21.19 -9.62 -0.49
N LYS A 100 -21.47 -10.88 -0.69
CA LYS A 100 -21.55 -11.41 -2.09
C LYS A 100 -22.92 -11.07 -2.69
N ASP A 101 -23.88 -10.75 -1.86
CA ASP A 101 -25.23 -10.42 -2.38
C ASP A 101 -25.18 -9.05 -3.08
N VAL A 102 -25.58 -9.00 -4.32
CA VAL A 102 -25.57 -7.71 -5.07
C VAL A 102 -26.84 -6.91 -4.74
N ASN A 103 -26.69 -5.72 -4.25
CA ASN A 103 -27.88 -4.89 -3.91
C ASN A 103 -27.44 -3.47 -3.55
N GLY A 104 -26.48 -2.94 -4.26
CA GLY A 104 -25.99 -1.57 -3.95
C GLY A 104 -24.55 -1.41 -4.44
N PRO A 105 -23.97 -0.26 -4.24
CA PRO A 105 -22.57 0.02 -4.67
C PRO A 105 -21.55 -0.71 -3.79
N GLU A 106 -20.38 -0.97 -4.30
CA GLU A 106 -19.36 -1.69 -3.49
C GLU A 106 -19.04 -0.86 -2.24
N PRO A 107 -18.73 -1.51 -1.13
CA PRO A 107 -18.42 -0.81 0.14
C PRO A 107 -17.02 -0.16 0.12
N LEU A 108 -16.26 -0.41 -0.91
CA LEU A 108 -14.89 0.18 -0.98
C LEU A 108 -13.99 -0.56 0.00
N ASN A 109 -12.80 -0.90 -0.42
CA ASN A 109 -11.86 -1.65 0.48
C ASN A 109 -12.42 -3.04 0.75
N SER A 110 -13.26 -3.53 -0.11
CA SER A 110 -13.83 -4.90 0.10
C SER A 110 -12.72 -5.94 -0.02
N ARG A 111 -13.04 -7.19 0.11
CA ARG A 111 -11.99 -8.25 0.00
C ARG A 111 -11.41 -8.25 -1.41
N SER A 112 -12.22 -8.48 -2.40
CA SER A 112 -11.70 -8.48 -3.80
C SER A 112 -11.09 -7.12 -4.11
N ASN A 113 -11.54 -6.10 -3.43
CA ASN A 113 -10.98 -4.74 -3.67
C ASN A 113 -9.61 -4.66 -2.99
N LYS A 114 -9.41 -5.36 -1.91
CA LYS A 114 -8.09 -5.32 -1.23
C LYS A 114 -7.04 -5.90 -2.20
N LEU A 115 -7.34 -7.03 -2.78
CA LEU A 115 -6.36 -7.63 -3.74
C LEU A 115 -6.15 -6.62 -4.88
N HIS A 116 -7.20 -5.96 -5.28
CA HIS A 116 -7.07 -4.97 -6.39
C HIS A 116 -6.22 -3.78 -5.94
N PHE A 117 -6.34 -3.37 -4.71
CA PHE A 117 -5.54 -2.21 -4.21
C PHE A 117 -4.06 -2.58 -4.18
N ALA A 118 -3.66 -3.44 -3.27
CA ALA A 118 -2.23 -3.83 -3.20
C ALA A 118 -1.74 -4.17 -4.62
N PHE A 119 -2.62 -4.67 -5.44
CA PHE A 119 -2.24 -5.01 -6.84
C PHE A 119 -1.87 -3.73 -7.60
N ARG A 120 -2.75 -2.75 -7.60
CA ARG A 120 -2.45 -1.49 -8.32
C ARG A 120 -1.08 -0.96 -7.90
N LEU A 121 -0.73 -1.14 -6.66
CA LEU A 121 0.58 -0.64 -6.17
C LEU A 121 1.71 -1.39 -6.90
N TYR A 122 1.61 -2.68 -6.98
CA TYR A 122 2.66 -3.49 -7.66
C TYR A 122 2.34 -3.61 -9.16
N ASP A 123 1.17 -3.21 -9.57
CA ASP A 123 0.84 -3.29 -11.03
C ASP A 123 1.48 -2.10 -11.75
N LEU A 124 2.76 -2.18 -11.98
CA LEU A 124 3.46 -1.05 -12.67
C LEU A 124 3.33 -1.20 -14.19
N ASP A 125 3.43 -2.40 -14.70
CA ASP A 125 3.32 -2.58 -16.18
C ASP A 125 1.90 -2.93 -16.60
N LYS A 126 0.99 -3.11 -15.67
CA LYS A 126 -0.41 -3.44 -16.05
C LYS A 126 -0.44 -4.79 -16.78
N ASP A 127 0.46 -5.67 -16.47
CA ASP A 127 0.44 -7.00 -17.14
C ASP A 127 -0.63 -7.84 -16.46
N GLU A 128 -1.39 -7.21 -15.60
CA GLU A 128 -2.49 -7.89 -14.87
C GLU A 128 -1.92 -8.65 -13.67
N LYS A 129 -0.61 -8.76 -13.58
CA LYS A 129 -0.01 -9.48 -12.44
C LYS A 129 1.35 -8.86 -12.12
N ILE A 130 1.86 -9.07 -10.94
CA ILE A 130 3.19 -8.48 -10.63
C ILE A 130 4.24 -9.31 -11.35
N SER A 131 4.87 -8.73 -12.35
CA SER A 131 5.90 -9.47 -13.14
C SER A 131 7.22 -9.48 -12.37
N ARG A 132 8.20 -10.17 -12.89
CA ARG A 132 9.51 -10.25 -12.21
C ARG A 132 10.21 -8.88 -12.25
N ASP A 133 10.06 -8.15 -13.31
CA ASP A 133 10.72 -6.82 -13.38
C ASP A 133 10.08 -5.89 -12.36
N GLU A 134 8.80 -6.05 -12.12
CA GLU A 134 8.11 -5.17 -11.14
C GLU A 134 8.43 -5.67 -9.73
N LEU A 135 8.04 -6.88 -9.43
CA LEU A 135 8.30 -7.45 -8.09
C LEU A 135 9.77 -7.20 -7.72
N LEU A 136 10.67 -7.49 -8.61
CA LEU A 136 12.11 -7.29 -8.31
C LEU A 136 12.38 -5.82 -7.99
N GLN A 137 11.89 -4.91 -8.78
CA GLN A 137 12.14 -3.47 -8.49
C GLN A 137 11.86 -3.20 -7.00
N VAL A 138 10.84 -3.80 -6.46
CA VAL A 138 10.53 -3.55 -5.02
C VAL A 138 11.32 -4.55 -4.16
N LEU A 139 10.99 -5.81 -4.30
CA LEU A 139 11.69 -6.88 -3.53
C LEU A 139 13.18 -6.54 -3.44
N ARG A 140 13.73 -5.89 -4.43
CA ARG A 140 15.18 -5.52 -4.37
C ARG A 140 15.35 -4.21 -3.59
N MET A 141 14.47 -3.27 -3.79
CA MET A 141 14.60 -1.96 -3.07
C MET A 141 14.24 -2.13 -1.60
N MET A 142 13.69 -3.27 -1.21
CA MET A 142 13.33 -3.46 0.22
C MET A 142 14.32 -4.42 0.90
N VAL A 143 14.90 -5.35 0.17
CA VAL A 143 15.89 -6.28 0.80
C VAL A 143 17.31 -5.86 0.41
N GLY A 144 17.47 -5.26 -0.74
CA GLY A 144 18.83 -4.83 -1.18
C GLY A 144 19.48 -3.99 -0.08
N VAL A 145 18.68 -3.41 0.78
CA VAL A 145 19.25 -2.57 1.86
C VAL A 145 20.32 -3.36 2.64
N ASN A 146 20.33 -4.65 2.50
CA ASN A 146 21.35 -5.46 3.24
C ASN A 146 21.67 -6.74 2.46
N ILE A 147 21.20 -6.86 1.25
CA ILE A 147 21.48 -8.10 0.45
C ILE A 147 22.51 -7.78 -0.64
N SER A 148 23.45 -8.66 -0.85
CA SER A 148 24.50 -8.41 -1.90
C SER A 148 23.86 -8.44 -3.28
N ASP A 149 24.66 -8.37 -4.31
CA ASP A 149 24.09 -8.37 -5.69
C ASP A 149 23.76 -9.81 -6.12
N GLU A 150 24.75 -10.65 -6.24
CA GLU A 150 24.46 -12.05 -6.64
C GLU A 150 23.57 -12.70 -5.59
N GLN A 151 23.62 -12.18 -4.39
CA GLN A 151 22.76 -12.74 -3.31
C GLN A 151 21.31 -12.38 -3.60
N LEU A 152 21.07 -11.18 -4.06
CA LEU A 152 19.69 -10.77 -4.37
C LEU A 152 19.25 -11.43 -5.68
N GLY A 153 20.09 -11.42 -6.66
CA GLY A 153 19.72 -12.03 -7.97
C GLY A 153 19.15 -13.43 -7.75
N SER A 154 19.76 -14.20 -6.88
CA SER A 154 19.26 -15.59 -6.63
C SER A 154 18.08 -15.57 -5.65
N ILE A 155 18.04 -14.64 -4.75
CA ILE A 155 16.91 -14.60 -3.77
C ILE A 155 15.66 -14.08 -4.48
N ALA A 156 15.82 -13.34 -5.54
CA ALA A 156 14.65 -12.80 -6.26
C ALA A 156 14.11 -13.86 -7.23
N ASP A 157 14.94 -14.34 -8.11
CA ASP A 157 14.47 -15.38 -9.07
C ASP A 157 13.77 -16.49 -8.32
N ARG A 158 14.38 -17.02 -7.30
CA ARG A 158 13.73 -18.12 -6.53
C ARG A 158 12.46 -17.60 -5.86
N THR A 159 12.52 -16.44 -5.25
CA THR A 159 11.33 -15.88 -4.57
C THR A 159 10.11 -15.97 -5.48
N ILE A 160 10.24 -15.57 -6.70
CA ILE A 160 9.08 -15.64 -7.62
C ILE A 160 8.88 -17.08 -8.09
N GLN A 161 9.88 -17.90 -7.95
CA GLN A 161 9.73 -19.32 -8.41
C GLN A 161 8.87 -20.11 -7.44
N GLU A 162 8.87 -19.75 -6.19
CA GLU A 162 8.03 -20.50 -5.20
C GLU A 162 6.68 -19.79 -5.07
N ALA A 163 6.63 -18.52 -5.37
CA ALA A 163 5.33 -17.80 -5.28
C ALA A 163 4.62 -17.90 -6.62
N ASP A 164 5.20 -18.52 -7.60
CA ASP A 164 4.50 -18.61 -8.90
C ASP A 164 3.43 -19.70 -8.84
N GLN A 165 2.23 -19.34 -8.45
CA GLN A 165 1.13 -20.34 -8.37
C GLN A 165 0.32 -20.23 -9.66
N ASP A 166 0.11 -19.05 -10.16
CA ASP A 166 -0.64 -18.94 -11.43
C ASP A 166 0.30 -19.47 -12.50
N GLY A 167 1.51 -19.78 -12.08
CA GLY A 167 2.50 -20.31 -13.02
C GLY A 167 2.82 -19.24 -14.04
N ASP A 168 2.38 -18.05 -13.77
CA ASP A 168 2.64 -16.93 -14.67
C ASP A 168 4.03 -16.43 -14.38
N SER A 169 4.78 -17.16 -13.59
CA SER A 169 6.15 -16.67 -13.23
C SER A 169 5.92 -15.28 -12.68
N ALA A 170 4.73 -15.03 -12.22
CA ALA A 170 4.36 -13.70 -11.69
C ALA A 170 3.23 -13.92 -10.70
N ILE A 171 2.86 -12.94 -9.95
CA ILE A 171 1.73 -13.16 -8.99
C ILE A 171 0.90 -11.91 -8.86
N SER A 172 -0.30 -12.06 -8.36
CA SER A 172 -1.13 -10.88 -8.10
C SER A 172 -2.24 -11.24 -7.14
N PHE A 173 -3.08 -12.08 -7.60
CA PHE A 173 -4.29 -12.49 -6.86
C PHE A 173 -4.24 -13.92 -6.34
N THR A 174 -3.39 -14.74 -6.87
CA THR A 174 -3.46 -16.18 -6.48
C THR A 174 -2.77 -16.54 -5.18
N GLU A 175 -1.48 -16.51 -5.10
CA GLU A 175 -0.86 -16.92 -3.82
C GLU A 175 -1.15 -15.84 -2.79
N PHE A 176 -1.64 -14.71 -3.24
CA PHE A 176 -2.00 -13.65 -2.28
C PHE A 176 -3.30 -14.12 -1.62
N VAL A 177 -4.29 -14.42 -2.43
CA VAL A 177 -5.56 -14.93 -1.87
C VAL A 177 -5.28 -16.17 -1.03
N LYS A 178 -4.49 -17.09 -1.55
CA LYS A 178 -4.18 -18.31 -0.75
C LYS A 178 -3.43 -17.91 0.52
N VAL A 179 -2.83 -16.75 0.53
CA VAL A 179 -2.07 -16.30 1.74
C VAL A 179 -3.04 -15.66 2.74
N LEU A 180 -4.08 -15.03 2.28
CA LEU A 180 -5.04 -14.39 3.23
C LEU A 180 -5.72 -15.48 4.05
N GLU A 181 -6.01 -16.60 3.45
CA GLU A 181 -6.68 -17.70 4.21
C GLU A 181 -5.90 -17.97 5.49
N LYS A 182 -4.72 -17.40 5.62
CA LYS A 182 -3.89 -17.61 6.85
C LYS A 182 -3.72 -16.29 7.57
N VAL A 183 -3.96 -15.19 6.90
CA VAL A 183 -3.81 -13.85 7.56
C VAL A 183 -4.80 -12.87 6.95
N ASP A 184 -5.82 -12.51 7.69
CA ASP A 184 -6.83 -11.57 7.15
C ASP A 184 -6.18 -10.20 6.87
N VAL A 185 -5.54 -10.05 5.75
CA VAL A 185 -4.89 -8.76 5.42
C VAL A 185 -5.97 -7.69 5.22
N GLU A 186 -7.17 -8.10 4.95
CA GLU A 186 -8.27 -7.12 4.74
C GLU A 186 -8.36 -6.16 5.93
N GLN A 187 -8.13 -6.65 7.13
CA GLN A 187 -8.18 -5.76 8.32
C GLN A 187 -6.83 -5.11 8.52
N LYS A 188 -5.77 -5.75 8.10
CA LYS A 188 -4.42 -5.14 8.27
C LYS A 188 -4.42 -3.78 7.58
N MET A 189 -5.28 -3.60 6.61
CA MET A 189 -5.34 -2.29 5.90
C MET A 189 -5.80 -1.20 6.87
N SER A 190 -5.19 -1.13 8.02
CA SER A 190 -5.57 -0.10 9.03
C SER A 190 -4.30 0.38 9.74
N ILE A 191 -4.06 1.67 9.72
CA ILE A 191 -2.83 2.21 10.38
C ILE A 191 -3.16 2.59 11.82
N ARG A 192 -2.15 2.79 12.63
CA ARG A 192 -2.36 3.16 14.06
C ARG A 192 -2.79 1.92 14.85
N PHE A 193 -1.84 1.14 15.28
CA PHE A 193 -2.19 -0.09 16.07
C PHE A 193 -0.89 -0.70 16.62
N LEU A 194 0.15 -0.71 15.84
CA LEU A 194 1.44 -1.29 16.32
C LEU A 194 1.27 -2.80 16.56
N HIS A 195 0.07 -3.29 16.47
CA HIS A 195 -0.17 -4.74 16.69
C HIS A 195 0.58 -5.20 17.94
N VAL B 1 15.21 -22.66 12.66
CA VAL B 1 14.55 -23.12 13.91
C VAL B 1 15.52 -22.95 15.10
N ASP B 2 15.00 -22.66 16.26
CA ASP B 2 15.89 -22.49 17.45
C ASP B 2 15.08 -22.73 18.72
N LEU B 3 13.79 -22.87 18.61
CA LEU B 3 12.95 -23.10 19.81
C LEU B 3 13.29 -22.07 20.89
N LEU B 4 12.87 -22.28 22.10
CA LEU B 4 13.17 -21.31 23.18
C LEU B 4 12.50 -19.97 22.87
N ALA B 5 13.00 -19.26 21.89
CA ALA B 5 12.40 -17.95 21.54
C ALA B 5 11.04 -18.18 20.86
N VAL B 6 10.92 -19.23 20.10
CA VAL B 6 9.63 -19.50 19.41
C VAL B 6 8.55 -19.81 20.45
N LYS B 7 7.45 -19.13 20.40
CA LYS B 7 6.36 -19.38 21.38
C LYS B 7 5.66 -20.71 21.05
N LYS B 8 4.99 -20.77 19.92
CA LYS B 8 4.29 -22.02 19.54
C LYS B 8 5.30 -23.16 19.47
N LYS B 9 4.92 -24.28 18.90
CA LYS B 9 5.86 -25.44 18.81
C LYS B 9 5.50 -26.28 17.60
N GLN B 10 4.51 -25.88 16.85
CA GLN B 10 4.10 -26.67 15.65
C GLN B 10 5.01 -26.30 14.47
N GLU B 11 6.21 -25.88 14.75
CA GLU B 11 7.15 -25.50 13.65
C GLU B 11 6.44 -24.55 12.68
N THR B 12 6.45 -23.28 12.97
CA THR B 12 5.78 -22.30 12.06
C THR B 12 6.74 -21.92 10.92
N LYS B 13 6.52 -22.45 9.74
CA LYS B 13 7.41 -22.12 8.59
C LYS B 13 6.94 -20.82 7.93
N ARG B 14 7.85 -19.96 7.59
CA ARG B 14 7.46 -18.68 6.93
C ARG B 14 7.45 -18.86 5.41
N SER B 15 6.49 -18.27 4.74
CA SER B 15 6.42 -18.40 3.25
C SER B 15 6.92 -17.12 2.61
N ILE B 16 7.54 -17.22 1.46
CA ILE B 16 8.05 -15.99 0.78
C ILE B 16 6.90 -14.99 0.61
N ASN B 17 5.75 -15.47 0.26
CA ASN B 17 4.58 -14.56 0.07
C ASN B 17 4.21 -13.91 1.41
N GLU B 18 4.42 -14.61 2.49
CA GLU B 18 4.07 -14.04 3.82
C GLU B 18 5.14 -13.04 4.27
N GLU B 19 6.31 -13.51 4.56
CA GLU B 19 7.40 -12.58 5.04
C GLU B 19 7.41 -11.29 4.20
N ILE B 20 7.41 -11.37 2.90
CA ILE B 20 7.45 -10.14 2.08
C ILE B 20 6.11 -9.38 2.19
N HIS B 21 5.02 -10.08 2.30
CA HIS B 21 3.71 -9.36 2.40
C HIS B 21 3.62 -8.64 3.74
N THR B 22 4.02 -9.28 4.80
CA THR B 22 3.94 -8.61 6.14
C THR B 22 4.75 -7.32 6.10
N GLN B 23 5.95 -7.37 5.64
CA GLN B 23 6.79 -6.14 5.57
C GLN B 23 6.19 -5.17 4.55
N PHE B 24 6.02 -5.62 3.33
CA PHE B 24 5.44 -4.76 2.27
C PHE B 24 4.16 -4.10 2.78
N LEU B 25 3.15 -4.88 3.08
CA LEU B 25 1.88 -4.31 3.58
C LEU B 25 2.15 -3.22 4.64
N ASP B 26 3.10 -3.43 5.50
CA ASP B 26 3.39 -2.41 6.55
C ASP B 26 4.09 -1.18 5.94
N HIS B 27 5.00 -1.40 5.05
CA HIS B 27 5.74 -0.25 4.44
C HIS B 27 4.84 0.51 3.46
N LEU B 28 3.94 -0.16 2.80
CA LEU B 28 3.07 0.55 1.81
C LEU B 28 1.89 1.23 2.53
N LEU B 29 1.38 0.63 3.57
CA LEU B 29 0.25 1.27 4.29
C LEU B 29 0.75 2.55 4.96
N THR B 30 1.85 2.48 5.64
CA THR B 30 2.39 3.70 6.32
C THR B 30 3.17 4.53 5.30
N GLY B 31 3.57 3.95 4.21
CA GLY B 31 4.35 4.70 3.19
C GLY B 31 3.40 5.61 2.39
N ILE B 32 2.23 5.12 2.08
CA ILE B 32 1.27 5.96 1.29
C ILE B 32 0.44 6.82 2.25
N GLU B 33 0.29 6.40 3.48
CA GLU B 33 -0.49 7.21 4.45
C GLU B 33 0.39 8.34 4.98
N ASP B 34 1.68 8.16 4.94
CA ASP B 34 2.59 9.22 5.45
C ASP B 34 2.32 10.53 4.71
N ILE B 35 1.58 10.47 3.63
CA ILE B 35 1.29 11.73 2.88
C ILE B 35 0.44 12.66 3.75
N CYS B 36 -0.80 12.30 3.99
CA CYS B 36 -1.69 13.16 4.83
C CYS B 36 -1.45 14.64 4.54
N GLY B 37 -0.91 14.96 3.40
CA GLY B 37 -0.65 16.39 3.05
C GLY B 37 -0.04 17.11 4.24
N HIS B 38 1.11 16.69 4.70
CA HIS B 38 1.75 17.37 5.85
C HIS B 38 3.23 16.99 5.90
N TYR B 39 3.60 16.07 6.76
CA TYR B 39 5.03 15.66 6.87
C TYR B 39 5.11 14.14 7.06
N GLY B 40 5.81 13.70 8.06
CA GLY B 40 5.93 12.23 8.31
C GLY B 40 6.75 11.98 9.57
N HIS B 41 7.44 12.98 10.05
CA HIS B 41 8.27 12.80 11.27
C HIS B 41 9.31 11.72 11.04
N HIS B 42 10.40 11.75 11.76
CA HIS B 42 11.46 10.72 11.58
C HIS B 42 11.13 9.50 12.43
N HIS B 43 10.14 8.73 12.02
CA HIS B 43 9.77 7.52 12.82
C HIS B 43 10.97 6.56 12.88
N MET A 1 16.79 13.89 15.53
CA MET A 1 15.83 14.97 15.13
C MET A 1 15.57 15.87 16.34
N GLY A 2 15.33 17.13 16.11
CA GLY A 2 15.05 18.06 17.24
C GLY A 2 14.94 19.49 16.71
N SER A 3 16.04 20.08 16.33
CA SER A 3 15.99 21.48 15.81
C SER A 3 15.47 21.47 14.37
N ARG A 4 14.34 20.85 14.15
CA ARG A 4 13.78 20.81 12.77
C ARG A 4 13.26 22.19 12.38
N ALA A 5 12.05 22.29 11.90
CA ALA A 5 11.49 23.61 11.51
C ALA A 5 10.01 23.46 11.17
N SER A 6 9.42 22.34 11.49
CA SER A 6 7.98 22.14 11.18
C SER A 6 7.43 21.02 12.06
N THR A 7 6.14 20.82 12.04
CA THR A 7 5.53 19.74 12.88
C THR A 7 5.67 18.40 12.15
N LEU A 8 4.98 17.39 12.61
CA LEU A 8 5.08 16.05 11.97
C LEU A 8 3.69 15.40 11.95
N LEU A 9 3.60 14.20 11.46
CA LEU A 9 2.30 13.50 11.41
C LEU A 9 1.81 13.23 12.83
N ARG A 10 1.18 14.21 13.44
CA ARG A 10 0.67 14.01 14.82
C ARG A 10 -0.74 13.44 14.75
N ASP A 11 -1.34 13.18 15.88
CA ASP A 11 -2.71 12.60 15.89
C ASP A 11 -3.64 13.44 15.02
N GLU A 12 -3.24 14.63 14.66
CA GLU A 12 -4.13 15.48 13.82
C GLU A 12 -4.09 14.96 12.38
N GLU A 13 -2.92 14.72 11.85
CA GLU A 13 -2.85 14.20 10.46
C GLU A 13 -3.31 12.75 10.47
N LEU A 14 -3.04 12.03 11.52
CA LEU A 14 -3.50 10.63 11.56
C LEU A 14 -5.03 10.65 11.66
N GLU A 15 -5.56 11.21 12.70
CA GLU A 15 -7.04 11.27 12.86
C GLU A 15 -7.69 11.67 11.52
N GLU A 16 -7.09 12.59 10.81
CA GLU A 16 -7.69 13.03 9.52
C GLU A 16 -7.81 11.82 8.58
N ILE A 17 -6.71 11.29 8.13
CA ILE A 17 -6.78 10.11 7.20
C ILE A 17 -7.49 8.94 7.89
N LYS A 18 -7.25 8.76 9.15
CA LYS A 18 -7.89 7.65 9.91
C LYS A 18 -9.38 7.59 9.56
N LYS A 19 -10.02 8.72 9.50
CA LYS A 19 -11.48 8.74 9.19
C LYS A 19 -11.72 8.54 7.70
N GLU A 20 -10.97 9.20 6.84
CA GLU A 20 -11.21 8.98 5.38
C GLU A 20 -11.19 7.48 5.09
N THR A 21 -10.59 6.72 5.97
CA THR A 21 -10.56 5.24 5.82
C THR A 21 -11.22 4.64 7.06
N GLY A 22 -11.76 5.51 7.88
CA GLY A 22 -12.43 5.04 9.14
C GLY A 22 -13.91 5.41 9.10
N PHE A 23 -14.24 6.68 9.05
CA PHE A 23 -15.68 7.07 9.03
C PHE A 23 -15.85 8.55 8.63
N SER A 24 -15.74 9.43 9.59
CA SER A 24 -15.94 10.89 9.32
C SER A 24 -15.42 11.29 7.92
N HIS A 25 -15.90 12.39 7.41
CA HIS A 25 -15.45 12.86 6.06
C HIS A 25 -15.28 14.38 6.05
N SER A 26 -15.25 15.01 7.21
CA SER A 26 -15.11 16.50 7.26
C SER A 26 -13.65 16.91 7.40
N GLN A 27 -12.90 16.25 8.22
CA GLN A 27 -11.47 16.64 8.40
C GLN A 27 -10.65 16.22 7.16
N ILE A 28 -11.15 15.26 6.42
CA ILE A 28 -10.40 14.78 5.23
C ILE A 28 -10.87 15.53 3.98
N THR A 29 -12.16 15.66 3.76
CA THR A 29 -12.61 16.42 2.56
C THR A 29 -11.81 17.72 2.50
N ARG A 30 -11.59 18.31 3.65
CA ARG A 30 -10.78 19.56 3.70
C ARG A 30 -9.35 19.23 3.23
N LEU A 31 -8.77 18.16 3.74
CA LEU A 31 -7.41 17.76 3.33
C LEU A 31 -7.32 17.77 1.81
N TYR A 32 -8.32 17.26 1.15
CA TYR A 32 -8.29 17.25 -0.34
C TYR A 32 -8.25 18.69 -0.81
N SER A 33 -9.00 19.57 -0.21
CA SER A 33 -9.00 20.99 -0.67
C SER A 33 -7.59 21.59 -0.59
N ARG A 34 -6.88 21.36 0.47
CA ARG A 34 -5.51 21.94 0.57
C ARG A 34 -4.54 21.12 -0.29
N PHE A 35 -4.41 19.87 0.02
CA PHE A 35 -3.48 19.02 -0.77
C PHE A 35 -3.77 19.17 -2.26
N THR A 36 -5.01 19.24 -2.64
CA THR A 36 -5.33 19.42 -4.09
C THR A 36 -5.10 20.87 -4.49
N SER A 37 -5.09 21.76 -3.54
CA SER A 37 -4.83 23.19 -3.89
C SER A 37 -3.36 23.33 -4.27
N LEU A 38 -2.58 22.33 -3.97
CA LEU A 38 -1.13 22.39 -4.32
C LEU A 38 -0.97 22.45 -5.83
N ASP A 39 -2.03 22.22 -6.56
CA ASP A 39 -1.96 22.28 -8.03
C ASP A 39 -2.45 23.65 -8.46
N LYS A 40 -1.63 24.63 -8.32
CA LYS A 40 -2.03 26.00 -8.72
C LYS A 40 -2.33 26.00 -10.23
N GLY A 41 -2.65 24.85 -10.77
CA GLY A 41 -2.93 24.75 -12.23
C GLY A 41 -4.22 23.93 -12.44
N GLU A 42 -4.77 23.38 -11.39
CA GLU A 42 -6.02 22.58 -11.54
C GLU A 42 -6.96 22.86 -10.37
N ASN A 43 -6.43 22.94 -9.18
CA ASN A 43 -7.30 23.21 -7.99
C ASN A 43 -8.39 22.15 -7.93
N GLY A 44 -8.20 21.04 -8.60
CA GLY A 44 -9.22 19.96 -8.59
C GLY A 44 -8.51 18.60 -8.60
N THR A 45 -7.45 18.50 -9.34
CA THR A 45 -6.68 17.22 -9.41
C THR A 45 -5.23 17.49 -9.02
N LEU A 46 -4.39 16.49 -9.03
CA LEU A 46 -2.96 16.73 -8.65
C LEU A 46 -2.02 16.01 -9.61
N SER A 47 -0.90 16.61 -9.91
CA SER A 47 0.10 15.97 -10.82
C SER A 47 1.31 15.55 -10.00
N ARG A 48 2.27 14.91 -10.62
CA ARG A 48 3.47 14.47 -9.86
C ARG A 48 4.18 15.70 -9.28
N GLU A 49 4.09 16.82 -9.95
CA GLU A 49 4.74 18.06 -9.45
C GLU A 49 4.12 18.46 -8.12
N ASP A 50 2.97 17.94 -7.80
CA ASP A 50 2.32 18.30 -6.51
C ASP A 50 2.76 17.30 -5.44
N PHE A 51 2.72 16.04 -5.74
CA PHE A 51 3.13 15.02 -4.74
C PHE A 51 4.55 15.30 -4.26
N GLN A 52 5.36 15.90 -5.09
CA GLN A 52 6.77 16.19 -4.67
C GLN A 52 6.77 17.27 -3.58
N ARG A 53 5.77 18.09 -3.54
CA ARG A 53 5.70 19.16 -2.52
C ARG A 53 5.59 18.52 -1.13
N ILE A 54 5.06 17.34 -1.05
CA ILE A 54 4.94 16.66 0.27
C ILE A 54 6.18 15.79 0.46
N PRO A 55 6.71 15.72 1.66
CA PRO A 55 7.94 14.92 1.94
C PRO A 55 7.69 13.41 1.83
N GLU A 56 6.65 13.01 1.16
CA GLU A 56 6.36 11.55 1.04
C GLU A 56 7.01 10.99 -0.24
N LEU A 57 6.65 11.51 -1.38
CA LEU A 57 7.24 10.99 -2.64
C LEU A 57 8.71 11.36 -2.73
N ALA A 58 9.06 12.55 -2.33
CA ALA A 58 10.49 12.97 -2.40
C ALA A 58 11.35 12.24 -1.38
N ILE A 59 10.75 11.54 -0.45
CA ILE A 59 11.55 10.80 0.58
C ILE A 59 11.10 9.34 0.64
N ASN A 60 10.32 8.91 -0.32
CA ASN A 60 9.85 7.49 -0.31
C ASN A 60 10.83 6.63 -1.12
N PRO A 61 11.15 5.44 -0.65
CA PRO A 61 12.08 4.52 -1.36
C PRO A 61 11.44 3.96 -2.64
N LEU A 62 10.23 3.48 -2.56
CA LEU A 62 9.56 2.92 -3.77
C LEU A 62 8.84 4.05 -4.51
N GLY A 63 7.89 4.68 -3.86
CA GLY A 63 7.11 5.78 -4.51
C GLY A 63 6.28 5.19 -5.63
N ASP A 64 6.89 4.42 -6.47
CA ASP A 64 6.15 3.77 -7.58
C ASP A 64 4.80 3.29 -7.05
N ARG A 65 4.76 3.01 -5.78
CA ARG A 65 3.49 2.57 -5.14
C ARG A 65 2.58 3.79 -4.98
N ILE A 66 3.13 4.87 -4.52
CA ILE A 66 2.33 6.12 -4.33
C ILE A 66 1.90 6.66 -5.70
N ILE A 67 2.73 6.50 -6.69
CA ILE A 67 2.40 7.00 -8.05
C ILE A 67 1.16 6.29 -8.59
N ASN A 68 1.19 4.99 -8.65
CA ASN A 68 0.01 4.25 -9.19
C ASN A 68 -1.13 4.28 -8.18
N ALA A 69 -0.86 4.67 -6.96
CA ALA A 69 -1.95 4.72 -5.96
C ALA A 69 -2.86 5.90 -6.29
N PHE A 70 -2.29 6.98 -6.77
CA PHE A 70 -3.13 8.17 -7.12
C PHE A 70 -3.29 8.27 -8.63
N PHE A 71 -2.30 7.89 -9.39
CA PHE A 71 -2.42 7.96 -10.87
C PHE A 71 -2.90 6.61 -11.43
N PRO A 72 -4.08 6.56 -12.01
CA PRO A 72 -4.64 5.29 -12.59
C PRO A 72 -3.66 4.58 -13.52
N GLU A 73 -4.13 4.06 -14.63
CA GLU A 73 -3.22 3.36 -15.57
C GLU A 73 -1.97 4.20 -15.80
N GLY A 74 -2.08 5.50 -15.59
CA GLY A 74 -0.89 6.38 -15.79
C GLY A 74 -1.36 7.78 -16.22
N GLU A 75 -2.36 8.32 -15.55
CA GLU A 75 -2.83 9.67 -15.94
C GLU A 75 -1.89 10.73 -15.35
N ASP A 76 -1.82 11.89 -15.94
CA ASP A 76 -0.92 12.94 -15.41
C ASP A 76 -1.68 13.81 -14.41
N GLN A 77 -2.76 13.31 -13.88
CA GLN A 77 -3.53 14.10 -12.88
C GLN A 77 -4.49 13.18 -12.12
N VAL A 78 -4.61 13.35 -10.83
CA VAL A 78 -5.53 12.49 -10.02
C VAL A 78 -6.66 13.36 -9.47
N ASN A 79 -7.89 13.05 -9.81
CA ASN A 79 -9.04 13.85 -9.32
C ASN A 79 -9.45 13.38 -7.92
N PHE A 80 -10.42 14.02 -7.34
CA PHE A 80 -10.89 13.61 -5.98
C PHE A 80 -11.47 12.21 -6.03
N ARG A 81 -11.84 11.75 -7.20
CA ARG A 81 -12.42 10.39 -7.32
C ARG A 81 -11.45 9.36 -6.72
N GLY A 82 -10.27 9.25 -7.26
CA GLY A 82 -9.31 8.25 -6.72
C GLY A 82 -8.67 8.78 -5.45
N PHE A 83 -8.59 10.08 -5.27
CA PHE A 83 -7.96 10.59 -4.03
C PHE A 83 -8.64 9.90 -2.85
N MET A 84 -9.93 9.74 -2.94
CA MET A 84 -10.68 9.08 -1.84
C MET A 84 -10.72 7.57 -2.07
N ARG A 85 -10.58 7.10 -3.29
CA ARG A 85 -10.62 5.62 -3.48
C ARG A 85 -9.33 5.01 -2.92
N THR A 86 -8.23 5.69 -3.09
CA THR A 86 -6.94 5.16 -2.59
C THR A 86 -6.79 5.46 -1.10
N LEU A 87 -6.91 6.69 -0.71
CA LEU A 87 -6.74 7.03 0.73
C LEU A 87 -7.84 6.37 1.57
N ALA A 88 -8.96 6.04 0.99
CA ALA A 88 -10.04 5.37 1.78
C ALA A 88 -9.94 3.85 1.60
N HIS A 89 -9.20 3.40 0.63
CA HIS A 89 -9.07 1.93 0.41
C HIS A 89 -8.44 1.31 1.65
N PHE A 90 -7.92 2.13 2.53
CA PHE A 90 -7.28 1.59 3.76
C PHE A 90 -8.36 1.22 4.78
N ARG A 91 -9.58 1.03 4.33
CA ARG A 91 -10.67 0.69 5.28
C ARG A 91 -10.52 -0.79 5.70
N PRO A 92 -10.52 -1.10 6.98
CA PRO A 92 -10.39 -2.50 7.47
C PRO A 92 -11.71 -3.28 7.34
N ILE A 93 -11.76 -4.45 7.92
CA ILE A 93 -13.01 -5.26 7.84
C ILE A 93 -13.96 -4.83 8.97
N GLU A 94 -15.23 -5.00 8.77
CA GLU A 94 -16.21 -4.60 9.82
C GLU A 94 -17.61 -5.12 9.46
N ASP A 95 -18.53 -4.24 9.20
CA ASP A 95 -19.91 -4.69 8.84
C ASP A 95 -20.00 -4.88 7.33
N ASN A 96 -19.24 -4.13 6.57
CA ASN A 96 -19.29 -4.27 5.09
C ASN A 96 -18.92 -5.71 4.71
N GLU A 97 -18.59 -6.53 5.67
CA GLU A 97 -18.22 -7.93 5.35
C GLU A 97 -19.42 -8.66 4.77
N LYS A 98 -19.65 -8.53 3.49
CA LYS A 98 -20.82 -9.22 2.87
C LYS A 98 -20.75 -9.06 1.35
N SER A 99 -19.58 -9.16 0.77
CA SER A 99 -19.46 -9.00 -0.70
C SER A 99 -20.23 -10.13 -1.39
N LYS A 100 -21.20 -9.79 -2.20
CA LYS A 100 -21.99 -10.85 -2.90
C LYS A 100 -22.55 -10.27 -4.20
N ASP A 101 -23.84 -10.08 -4.26
CA ASP A 101 -24.46 -9.52 -5.50
C ASP A 101 -24.25 -8.00 -5.55
N VAL A 102 -23.02 -7.56 -5.64
CA VAL A 102 -22.77 -6.09 -5.69
C VAL A 102 -22.95 -5.59 -7.11
N ASN A 103 -23.67 -4.51 -7.29
CA ASN A 103 -23.89 -3.97 -8.65
C ASN A 103 -22.58 -3.37 -9.17
N GLY A 104 -22.60 -2.13 -9.59
CA GLY A 104 -21.35 -1.50 -10.10
C GLY A 104 -20.52 -1.00 -8.93
N PRO A 105 -21.04 -0.09 -8.15
CA PRO A 105 -20.33 0.47 -6.97
C PRO A 105 -19.68 -0.61 -6.11
N GLU A 106 -18.39 -0.76 -6.18
CA GLU A 106 -17.72 -1.80 -5.35
C GLU A 106 -17.68 -1.35 -3.88
N PRO A 107 -18.07 -2.19 -2.95
CA PRO A 107 -18.06 -1.84 -1.51
C PRO A 107 -16.81 -1.04 -1.11
N LEU A 108 -15.73 -1.24 -1.82
CA LEU A 108 -14.47 -0.49 -1.49
C LEU A 108 -13.85 -1.08 -0.22
N ASN A 109 -12.58 -1.38 -0.25
CA ASN A 109 -11.89 -1.96 0.94
C ASN A 109 -12.24 -3.45 1.08
N SER A 110 -13.09 -3.95 0.22
CA SER A 110 -13.47 -5.40 0.30
C SER A 110 -12.29 -6.26 -0.17
N ARG A 111 -12.44 -7.55 -0.14
CA ARG A 111 -11.33 -8.44 -0.58
C ARG A 111 -10.95 -8.11 -2.03
N SER A 112 -11.85 -8.28 -2.95
CA SER A 112 -11.53 -7.95 -4.37
C SER A 112 -10.89 -6.57 -4.44
N ASN A 113 -11.28 -5.68 -3.57
CA ASN A 113 -10.68 -4.31 -3.58
C ASN A 113 -9.27 -4.37 -2.99
N LYS A 114 -9.03 -5.25 -2.06
CA LYS A 114 -7.67 -5.34 -1.47
C LYS A 114 -6.68 -5.72 -2.58
N LEU A 115 -6.89 -6.85 -3.21
CA LEU A 115 -5.96 -7.24 -4.31
C LEU A 115 -5.81 -6.07 -5.27
N HIS A 116 -6.91 -5.50 -5.69
CA HIS A 116 -6.87 -4.35 -6.63
C HIS A 116 -5.98 -3.23 -6.04
N PHE A 117 -6.04 -3.02 -4.76
CA PHE A 117 -5.22 -1.95 -4.14
C PHE A 117 -3.73 -2.33 -4.16
N ALA A 118 -3.34 -3.28 -3.36
CA ALA A 118 -1.90 -3.69 -3.35
C ALA A 118 -1.45 -3.97 -4.77
N PHE A 119 -2.39 -4.18 -5.66
CA PHE A 119 -2.04 -4.45 -7.08
C PHE A 119 -1.60 -3.15 -7.76
N ARG A 120 -2.49 -2.18 -7.84
CA ARG A 120 -2.12 -0.90 -8.49
C ARG A 120 -0.78 -0.41 -7.94
N LEU A 121 -0.47 -0.76 -6.74
CA LEU A 121 0.79 -0.30 -6.13
C LEU A 121 1.95 -1.04 -6.80
N TYR A 122 1.86 -2.33 -6.89
CA TYR A 122 2.94 -3.13 -7.53
C TYR A 122 2.70 -3.18 -9.04
N ASP A 123 1.55 -2.76 -9.50
CA ASP A 123 1.27 -2.82 -10.97
C ASP A 123 2.06 -1.74 -11.69
N LEU A 124 3.33 -1.94 -11.88
CA LEU A 124 4.17 -0.93 -12.59
C LEU A 124 4.06 -1.16 -14.10
N ASP A 125 4.07 -2.40 -14.53
CA ASP A 125 4.01 -2.68 -16.00
C ASP A 125 2.56 -2.89 -16.47
N LYS A 126 1.60 -2.99 -15.58
CA LYS A 126 0.20 -3.19 -16.01
C LYS A 126 0.07 -4.54 -16.73
N ASP A 127 0.85 -5.51 -16.32
CA ASP A 127 0.77 -6.85 -16.97
C ASP A 127 -0.38 -7.61 -16.29
N GLU A 128 -1.09 -6.94 -15.42
CA GLU A 128 -2.23 -7.58 -14.69
C GLU A 128 -1.71 -8.44 -13.54
N LYS A 129 -0.41 -8.60 -13.44
CA LYS A 129 0.15 -9.40 -12.31
C LYS A 129 1.52 -8.84 -11.95
N ILE A 130 1.99 -9.04 -10.75
CA ILE A 130 3.32 -8.49 -10.40
C ILE A 130 4.39 -9.33 -11.09
N SER A 131 5.00 -8.79 -12.11
CA SER A 131 6.04 -9.53 -12.86
C SER A 131 7.33 -9.60 -12.04
N ARG A 132 8.33 -10.26 -12.55
CA ARG A 132 9.61 -10.38 -11.80
C ARG A 132 10.36 -9.05 -11.80
N ASP A 133 10.29 -8.32 -12.87
CA ASP A 133 11.02 -7.01 -12.90
C ASP A 133 10.39 -6.06 -11.88
N GLU A 134 9.11 -6.15 -11.70
CA GLU A 134 8.44 -5.24 -10.73
C GLU A 134 8.62 -5.80 -9.32
N LEU A 135 8.14 -7.00 -9.09
CA LEU A 135 8.27 -7.62 -7.76
C LEU A 135 9.72 -7.51 -7.28
N LEU A 136 10.66 -7.76 -8.16
CA LEU A 136 12.08 -7.68 -7.77
C LEU A 136 12.43 -6.24 -7.39
N GLN A 137 12.05 -5.28 -8.18
CA GLN A 137 12.37 -3.87 -7.82
C GLN A 137 12.01 -3.63 -6.35
N VAL A 138 10.93 -4.18 -5.88
CA VAL A 138 10.55 -3.96 -4.45
C VAL A 138 11.30 -4.97 -3.58
N LEU A 139 11.00 -6.23 -3.75
CA LEU A 139 11.65 -7.31 -2.97
C LEU A 139 13.14 -6.99 -2.79
N ARG A 140 13.80 -6.51 -3.81
CA ARG A 140 15.24 -6.17 -3.68
C ARG A 140 15.39 -4.91 -2.84
N MET A 141 14.57 -3.93 -3.06
CA MET A 141 14.70 -2.68 -2.24
C MET A 141 14.27 -2.94 -0.80
N MET A 142 13.71 -4.10 -0.54
CA MET A 142 13.25 -4.42 0.85
C MET A 142 14.24 -5.37 1.54
N VAL A 143 15.00 -6.12 0.78
CA VAL A 143 15.97 -7.07 1.40
C VAL A 143 17.39 -6.70 0.96
N GLY A 144 17.54 -6.13 -0.21
CA GLY A 144 18.89 -5.74 -0.69
C GLY A 144 19.57 -4.84 0.34
N VAL A 145 18.80 -4.24 1.20
CA VAL A 145 19.39 -3.35 2.24
C VAL A 145 20.48 -4.11 3.00
N ASN A 146 20.51 -5.41 2.90
CA ASN A 146 21.55 -6.19 3.63
C ASN A 146 21.81 -7.52 2.91
N ILE A 147 21.32 -7.66 1.70
CA ILE A 147 21.56 -8.95 0.96
C ILE A 147 22.58 -8.72 -0.16
N SER A 148 23.46 -9.67 -0.36
CA SER A 148 24.50 -9.54 -1.42
C SER A 148 23.84 -9.55 -2.80
N ASP A 149 24.61 -9.53 -3.85
CA ASP A 149 24.02 -9.52 -5.22
C ASP A 149 23.69 -10.95 -5.65
N GLU A 150 24.68 -11.78 -5.80
CA GLU A 150 24.40 -13.19 -6.22
C GLU A 150 23.41 -13.82 -5.23
N GLN A 151 23.40 -13.33 -4.02
CA GLN A 151 22.46 -13.89 -3.02
C GLN A 151 21.04 -13.44 -3.36
N LEU A 152 20.87 -12.17 -3.61
CA LEU A 152 19.52 -11.67 -3.96
C LEU A 152 19.09 -12.24 -5.32
N GLY A 153 19.96 -12.24 -6.28
CA GLY A 153 19.59 -12.78 -7.61
C GLY A 153 19.01 -14.18 -7.46
N SER A 154 19.61 -14.99 -6.62
CA SER A 154 19.09 -16.38 -6.44
C SER A 154 17.91 -16.41 -5.47
N ILE A 155 17.82 -15.47 -4.58
CA ILE A 155 16.67 -15.47 -3.63
C ILE A 155 15.44 -14.92 -4.34
N ALA A 156 15.64 -14.13 -5.36
CA ALA A 156 14.49 -13.56 -6.10
C ALA A 156 13.96 -14.62 -7.07
N ASP A 157 14.83 -15.19 -7.86
CA ASP A 157 14.38 -16.22 -8.82
C ASP A 157 13.66 -17.34 -8.07
N ARG A 158 14.15 -17.70 -6.92
CA ARG A 158 13.49 -18.79 -6.13
C ARG A 158 12.22 -18.26 -5.47
N THR A 159 12.15 -16.98 -5.20
CA THR A 159 10.94 -16.42 -4.56
C THR A 159 9.80 -16.34 -5.57
N ILE A 160 10.06 -15.83 -6.74
CA ILE A 160 8.99 -15.74 -7.76
C ILE A 160 8.77 -17.10 -8.41
N GLN A 161 9.73 -17.98 -8.28
CA GLN A 161 9.58 -19.32 -8.90
C GLN A 161 8.88 -20.26 -7.93
N GLU A 162 8.97 -19.99 -6.65
CA GLU A 162 8.32 -20.89 -5.66
C GLU A 162 6.89 -20.41 -5.38
N ALA A 163 6.64 -19.12 -5.45
CA ALA A 163 5.26 -18.64 -5.20
C ALA A 163 4.47 -18.76 -6.49
N ASP A 164 5.14 -18.81 -7.61
CA ASP A 164 4.41 -18.89 -8.91
C ASP A 164 3.28 -19.91 -8.83
N GLN A 165 2.11 -19.47 -8.46
CA GLN A 165 0.94 -20.40 -8.39
C GLN A 165 0.15 -20.26 -9.68
N ASP A 166 0.01 -19.06 -10.20
CA ASP A 166 -0.73 -18.93 -11.47
C ASP A 166 0.20 -19.48 -12.54
N GLY A 167 1.40 -19.80 -12.13
CA GLY A 167 2.38 -20.35 -13.08
C GLY A 167 2.77 -19.27 -14.06
N ASP A 168 2.36 -18.08 -13.80
CA ASP A 168 2.69 -16.96 -14.70
C ASP A 168 4.08 -16.48 -14.33
N SER A 169 4.78 -17.24 -13.53
CA SER A 169 6.13 -16.76 -13.11
C SER A 169 5.92 -15.35 -12.58
N ALA A 170 4.71 -15.07 -12.17
CA ALA A 170 4.36 -13.73 -11.66
C ALA A 170 3.21 -13.92 -10.69
N ILE A 171 2.95 -12.97 -9.86
CA ILE A 171 1.83 -13.15 -8.90
C ILE A 171 1.11 -11.84 -8.66
N SER A 172 -0.08 -11.93 -8.15
CA SER A 172 -0.80 -10.69 -7.77
C SER A 172 -2.11 -11.03 -7.09
N PHE A 173 -2.86 -11.85 -7.72
CA PHE A 173 -4.20 -12.22 -7.22
C PHE A 173 -4.29 -13.65 -6.67
N THR A 174 -3.44 -14.53 -7.12
CA THR A 174 -3.63 -15.95 -6.73
C THR A 174 -3.00 -16.35 -5.40
N GLU A 175 -1.71 -16.42 -5.30
CA GLU A 175 -1.16 -16.87 -4.00
C GLU A 175 -1.39 -15.74 -3.00
N PHE A 176 -1.78 -14.60 -3.50
CA PHE A 176 -2.10 -13.48 -2.59
C PHE A 176 -3.45 -13.82 -1.97
N VAL A 177 -4.43 -14.07 -2.81
CA VAL A 177 -5.77 -14.46 -2.28
C VAL A 177 -5.59 -15.67 -1.36
N LYS A 178 -4.86 -16.67 -1.81
CA LYS A 178 -4.66 -17.86 -0.95
C LYS A 178 -3.94 -17.44 0.34
N VAL A 179 -3.24 -16.33 0.31
CA VAL A 179 -2.52 -15.87 1.53
C VAL A 179 -3.47 -15.10 2.45
N LEU A 180 -4.43 -14.41 1.90
CA LEU A 180 -5.37 -13.64 2.77
C LEU A 180 -6.18 -14.62 3.62
N GLU A 181 -6.47 -15.77 3.11
CA GLU A 181 -7.24 -16.76 3.91
C GLU A 181 -6.38 -17.21 5.10
N LYS A 182 -5.18 -16.70 5.20
CA LYS A 182 -4.27 -17.09 6.32
C LYS A 182 -3.92 -15.85 7.14
N VAL A 183 -4.20 -14.68 6.64
CA VAL A 183 -3.87 -13.44 7.43
C VAL A 183 -4.90 -12.34 7.14
N ASP A 184 -5.80 -12.57 6.23
CA ASP A 184 -6.85 -11.54 5.91
C ASP A 184 -6.24 -10.15 5.92
N VAL A 185 -5.40 -9.85 4.97
CA VAL A 185 -4.78 -8.49 4.92
C VAL A 185 -5.88 -7.44 4.92
N GLU A 186 -7.09 -7.83 4.61
CA GLU A 186 -8.20 -6.84 4.57
C GLU A 186 -8.21 -6.02 5.85
N GLN A 187 -7.67 -6.55 6.93
CA GLN A 187 -7.65 -5.78 8.21
C GLN A 187 -6.32 -5.04 8.36
N LYS A 188 -5.25 -5.65 7.95
CA LYS A 188 -3.92 -4.98 8.08
C LYS A 188 -3.97 -3.65 7.32
N MET A 189 -4.84 -3.53 6.36
CA MET A 189 -4.93 -2.27 5.58
C MET A 189 -5.44 -1.15 6.49
N SER A 190 -4.86 -1.02 7.66
CA SER A 190 -5.30 0.03 8.61
C SER A 190 -4.07 0.58 9.33
N ILE A 191 -3.83 1.85 9.23
CA ILE A 191 -2.64 2.45 9.90
C ILE A 191 -3.03 2.92 11.30
N ARG A 192 -2.17 2.72 12.27
CA ARG A 192 -2.48 3.16 13.65
C ARG A 192 -1.25 2.93 14.54
N PHE A 193 -1.15 3.64 15.63
CA PHE A 193 0.02 3.46 16.53
C PHE A 193 0.27 1.97 16.77
N LEU A 194 1.41 1.48 16.40
CA LEU A 194 1.71 0.05 16.61
C LEU A 194 2.07 -0.19 18.08
N HIS A 195 1.20 -0.86 18.80
CA HIS A 195 1.46 -1.14 20.25
C HIS A 195 2.09 0.09 20.91
N VAL B 1 34.74 -6.67 22.05
CA VAL B 1 34.93 -7.54 20.85
C VAL B 1 34.11 -6.99 19.68
N ASP B 2 33.26 -6.03 19.94
CA ASP B 2 32.43 -5.46 18.85
C ASP B 2 33.33 -4.70 17.86
N LEU B 3 34.01 -5.41 17.01
CA LEU B 3 34.91 -4.74 16.01
C LEU B 3 34.78 -5.45 14.66
N LEU B 4 33.60 -5.91 14.33
CA LEU B 4 33.40 -6.60 13.03
C LEU B 4 32.05 -6.18 12.43
N ALA B 5 31.25 -7.11 12.02
CA ALA B 5 29.92 -6.76 11.44
C ALA B 5 29.05 -8.02 11.36
N VAL B 6 28.62 -8.38 10.18
CA VAL B 6 27.76 -9.59 10.03
C VAL B 6 26.59 -9.51 11.01
N LYS B 7 25.60 -8.72 10.69
CA LYS B 7 24.43 -8.59 11.61
C LYS B 7 23.67 -9.93 11.66
N LYS B 8 23.71 -10.60 12.78
CA LYS B 8 22.99 -11.90 12.89
C LYS B 8 21.49 -11.67 12.78
N LYS B 9 20.76 -12.64 12.30
CA LYS B 9 19.29 -12.48 12.16
C LYS B 9 18.66 -13.82 11.81
N GLN B 10 17.74 -14.29 12.62
CA GLN B 10 17.08 -15.60 12.33
C GLN B 10 15.59 -15.50 12.66
N GLU B 11 14.77 -15.18 11.69
CA GLU B 11 13.31 -15.07 11.96
C GLU B 11 12.66 -16.45 11.84
N THR B 12 11.37 -16.52 12.02
CA THR B 12 10.68 -17.84 11.90
C THR B 12 10.47 -18.18 10.43
N LYS B 13 10.56 -19.44 10.08
CA LYS B 13 10.38 -19.84 8.66
C LYS B 13 8.90 -19.70 8.28
N ARG B 14 8.60 -18.88 7.32
CA ARG B 14 7.18 -18.70 6.89
C ARG B 14 7.10 -18.77 5.36
N SER B 15 5.96 -18.47 4.80
CA SER B 15 5.82 -18.53 3.32
C SER B 15 6.41 -17.27 2.70
N ILE B 16 7.02 -17.39 1.55
CA ILE B 16 7.63 -16.19 0.90
C ILE B 16 6.55 -15.12 0.73
N ASN B 17 5.35 -15.52 0.40
CA ASN B 17 4.27 -14.53 0.21
C ASN B 17 3.88 -13.89 1.55
N GLU B 18 4.03 -14.61 2.63
CA GLU B 18 3.66 -14.05 3.95
C GLU B 18 4.75 -13.09 4.43
N GLU B 19 5.94 -13.57 4.61
CA GLU B 19 7.05 -12.68 5.11
C GLU B 19 7.14 -11.41 4.24
N ILE B 20 7.26 -11.55 2.95
CA ILE B 20 7.39 -10.34 2.09
C ILE B 20 6.14 -9.46 2.21
N HIS B 21 4.97 -10.04 2.17
CA HIS B 21 3.74 -9.21 2.29
C HIS B 21 3.71 -8.49 3.62
N THR B 22 3.88 -9.20 4.71
CA THR B 22 3.86 -8.55 6.04
C THR B 22 4.71 -7.25 6.01
N GLN B 23 5.94 -7.35 5.59
CA GLN B 23 6.80 -6.13 5.55
C GLN B 23 6.31 -5.18 4.45
N PHE B 24 6.23 -5.65 3.23
CA PHE B 24 5.76 -4.77 2.12
C PHE B 24 4.52 -3.99 2.57
N LEU B 25 3.44 -4.70 2.78
CA LEU B 25 2.17 -4.05 3.22
C LEU B 25 2.46 -2.97 4.28
N ASP B 26 3.27 -3.29 5.25
CA ASP B 26 3.58 -2.29 6.32
C ASP B 26 4.36 -1.12 5.71
N HIS B 27 5.21 -1.39 4.76
CA HIS B 27 6.02 -0.30 4.14
C HIS B 27 5.17 0.54 3.18
N LEU B 28 4.32 -0.08 2.40
CA LEU B 28 3.50 0.71 1.44
C LEU B 28 2.34 1.40 2.17
N LEU B 29 1.74 0.76 3.12
CA LEU B 29 0.61 1.41 3.86
C LEU B 29 1.17 2.60 4.64
N THR B 30 2.26 2.41 5.31
CA THR B 30 2.88 3.51 6.10
C THR B 30 3.53 4.50 5.14
N GLY B 31 3.95 4.03 3.99
CA GLY B 31 4.62 4.93 3.01
C GLY B 31 3.57 5.83 2.35
N ILE B 32 2.47 5.28 1.94
CA ILE B 32 1.42 6.10 1.28
C ILE B 32 0.66 6.92 2.32
N GLU B 33 0.74 6.53 3.57
CA GLU B 33 0.03 7.30 4.62
C GLU B 33 0.84 8.55 4.95
N ASP B 34 2.14 8.44 4.91
CA ASP B 34 2.99 9.61 5.22
C ASP B 34 2.49 10.85 4.49
N ILE B 35 1.63 10.70 3.51
CA ILE B 35 1.11 11.88 2.76
C ILE B 35 0.21 12.72 3.67
N CYS B 36 -0.93 12.21 4.04
CA CYS B 36 -1.85 12.99 4.92
C CYS B 36 -1.06 13.68 6.02
N GLY B 37 -0.77 14.95 5.84
CA GLY B 37 0.01 15.70 6.87
C GLY B 37 0.77 16.84 6.20
N HIS B 38 0.61 18.04 6.68
CA HIS B 38 1.33 19.20 6.06
C HIS B 38 1.49 20.30 7.10
N TYR B 39 2.13 21.39 6.73
CA TYR B 39 2.33 22.50 7.71
C TYR B 39 1.06 23.34 7.80
N GLY B 40 1.02 24.29 8.69
CA GLY B 40 -0.19 25.13 8.83
C GLY B 40 0.08 26.25 9.83
N HIS B 41 -0.73 27.27 9.84
CA HIS B 41 -0.52 28.39 10.81
C HIS B 41 -0.59 27.86 12.23
N HIS B 42 -0.95 28.69 13.17
CA HIS B 42 -1.03 28.23 14.59
C HIS B 42 -1.93 27.00 14.67
N HIS B 43 -3.17 27.13 14.28
CA HIS B 43 -4.09 25.95 14.33
C HIS B 43 -3.86 25.06 13.09
N MET A 1 4.64 27.89 25.67
CA MET A 1 5.49 27.69 24.47
C MET A 1 5.82 26.21 24.32
N GLY A 2 6.34 25.81 23.19
CA GLY A 2 6.68 24.38 22.98
C GLY A 2 7.54 24.24 21.72
N SER A 3 7.51 25.21 20.85
CA SER A 3 8.32 25.13 19.60
C SER A 3 7.98 23.84 18.86
N ARG A 4 7.17 23.93 17.84
CA ARG A 4 6.79 22.71 17.07
C ARG A 4 8.06 22.05 16.52
N ALA A 5 8.19 20.76 16.69
CA ALA A 5 9.40 20.06 16.17
C ALA A 5 9.38 20.06 14.64
N SER A 6 10.20 19.26 14.03
CA SER A 6 10.23 19.22 12.54
C SER A 6 8.87 18.75 12.01
N THR A 7 8.71 18.68 10.72
CA THR A 7 7.41 18.24 10.15
C THR A 7 7.30 16.72 10.26
N LEU A 8 6.12 16.20 10.44
CA LEU A 8 5.96 14.72 10.56
C LEU A 8 4.46 14.39 10.62
N LEU A 9 4.12 13.14 10.77
CA LEU A 9 2.71 12.73 10.83
C LEU A 9 2.24 12.85 12.28
N ARG A 10 1.79 14.00 12.67
CA ARG A 10 1.29 14.17 14.07
C ARG A 10 -0.18 13.77 14.13
N ASP A 11 -0.77 13.81 15.28
CA ASP A 11 -2.19 13.43 15.40
C ASP A 11 -3.03 14.21 14.39
N GLU A 12 -2.49 15.27 13.85
CA GLU A 12 -3.27 16.07 12.86
C GLU A 12 -3.30 15.31 11.54
N GLU A 13 -2.17 14.86 11.07
CA GLU A 13 -2.17 14.11 9.79
C GLU A 13 -2.83 12.76 10.03
N LEU A 14 -2.63 12.18 11.18
CA LEU A 14 -3.30 10.89 11.44
C LEU A 14 -4.80 11.14 11.48
N GLU A 15 -5.26 11.88 12.44
CA GLU A 15 -6.73 12.17 12.54
C GLU A 15 -7.32 12.41 11.15
N GLU A 16 -6.65 13.17 10.32
CA GLU A 16 -7.20 13.44 8.96
C GLU A 16 -7.46 12.13 8.21
N ILE A 17 -6.42 11.42 7.86
CA ILE A 17 -6.63 10.13 7.12
C ILE A 17 -7.38 9.13 8.00
N LYS A 18 -7.27 9.28 9.28
CA LYS A 18 -7.97 8.38 10.23
C LYS A 18 -9.45 8.30 9.85
N LYS A 19 -10.06 9.43 9.63
CA LYS A 19 -11.50 9.46 9.26
C LYS A 19 -11.67 9.19 7.76
N GLU A 20 -10.69 9.52 6.96
CA GLU A 20 -10.83 9.27 5.50
C GLU A 20 -11.13 7.80 5.29
N THR A 21 -10.45 6.94 6.01
CA THR A 21 -10.69 5.46 5.88
C THR A 21 -11.48 4.99 7.09
N GLY A 22 -11.63 5.85 8.07
CA GLY A 22 -12.39 5.46 9.30
C GLY A 22 -13.84 5.94 9.19
N PHE A 23 -14.04 7.16 8.76
CA PHE A 23 -15.43 7.69 8.64
C PHE A 23 -15.46 8.79 7.58
N SER A 24 -16.12 9.88 7.85
CA SER A 24 -16.18 10.98 6.86
C SER A 24 -16.57 12.29 7.55
N HIS A 25 -15.82 13.34 7.35
CA HIS A 25 -16.13 14.64 7.99
C HIS A 25 -15.45 15.76 7.21
N SER A 26 -15.29 16.91 7.83
CA SER A 26 -14.64 18.06 7.11
C SER A 26 -13.13 18.04 7.40
N GLN A 27 -12.72 17.39 8.45
CA GLN A 27 -11.27 17.34 8.77
C GLN A 27 -10.49 16.85 7.54
N ILE A 28 -11.13 16.06 6.72
CA ILE A 28 -10.43 15.54 5.50
C ILE A 28 -10.72 16.47 4.33
N THR A 29 -11.93 16.96 4.21
CA THR A 29 -12.24 17.89 3.08
C THR A 29 -11.15 18.95 3.00
N ARG A 30 -10.72 19.42 4.14
CA ARG A 30 -9.64 20.45 4.16
C ARG A 30 -8.32 19.80 3.70
N LEU A 31 -8.04 18.62 4.18
CA LEU A 31 -6.81 17.92 3.79
C LEU A 31 -6.77 17.80 2.27
N TYR A 32 -7.91 17.68 1.65
CA TYR A 32 -7.95 17.57 0.18
C TYR A 32 -7.70 18.94 -0.43
N SER A 33 -8.14 19.98 0.23
CA SER A 33 -7.92 21.36 -0.31
C SER A 33 -6.43 21.69 -0.34
N ARG A 34 -5.72 21.39 0.71
CA ARG A 34 -4.26 21.70 0.73
C ARG A 34 -3.55 20.77 -0.26
N PHE A 35 -3.77 19.49 -0.13
CA PHE A 35 -3.12 18.53 -1.05
C PHE A 35 -3.46 18.91 -2.50
N THR A 36 -4.71 18.94 -2.83
CA THR A 36 -5.13 19.30 -4.21
C THR A 36 -4.69 20.72 -4.56
N SER A 37 -4.43 21.53 -3.57
CA SER A 37 -3.99 22.92 -3.88
C SER A 37 -2.56 22.88 -4.41
N LEU A 38 -1.82 21.86 -4.08
CA LEU A 38 -0.43 21.77 -4.59
C LEU A 38 -0.42 21.81 -6.11
N ASP A 39 -1.58 21.74 -6.72
CA ASP A 39 -1.66 21.77 -8.21
C ASP A 39 -1.21 23.14 -8.73
N LYS A 40 -0.10 23.64 -8.24
CA LYS A 40 0.38 24.96 -8.71
C LYS A 40 -0.74 26.00 -8.58
N GLY A 41 -1.85 25.62 -8.00
CA GLY A 41 -2.99 26.58 -7.82
C GLY A 41 -4.14 26.22 -8.77
N GLU A 42 -4.29 24.96 -9.11
CA GLU A 42 -5.40 24.56 -10.02
C GLU A 42 -6.64 24.27 -9.16
N ASN A 43 -6.55 23.29 -8.30
CA ASN A 43 -7.71 22.92 -7.42
C ASN A 43 -8.68 22.05 -8.20
N GLY A 44 -8.19 20.99 -8.78
CA GLY A 44 -9.08 20.09 -9.55
C GLY A 44 -8.47 18.69 -9.54
N THR A 45 -7.24 18.57 -9.95
CA THR A 45 -6.57 17.23 -9.97
C THR A 45 -5.13 17.38 -9.47
N LEU A 46 -4.39 16.30 -9.37
CA LEU A 46 -2.97 16.39 -8.91
C LEU A 46 -2.06 15.62 -9.86
N SER A 47 -0.91 16.16 -10.17
CA SER A 47 0.04 15.46 -11.07
C SER A 47 1.20 14.92 -10.24
N ARG A 48 2.07 14.16 -10.84
CA ARG A 48 3.23 13.60 -10.10
C ARG A 48 4.06 14.75 -9.52
N GLU A 49 4.28 15.79 -10.28
CA GLU A 49 5.08 16.93 -9.79
C GLU A 49 4.43 17.52 -8.53
N ASP A 50 3.21 17.16 -8.25
CA ASP A 50 2.55 17.71 -7.03
C ASP A 50 2.83 16.77 -5.85
N PHE A 51 2.70 15.49 -6.04
CA PHE A 51 2.97 14.54 -4.93
C PHE A 51 4.39 14.77 -4.39
N GLN A 52 5.32 15.09 -5.25
CA GLN A 52 6.73 15.31 -4.79
C GLN A 52 6.77 16.46 -3.79
N ARG A 53 5.81 17.32 -3.83
CA ARG A 53 5.80 18.47 -2.88
C ARG A 53 5.64 17.96 -1.46
N ILE A 54 5.36 16.69 -1.29
CA ILE A 54 5.21 16.14 0.08
C ILE A 54 6.55 15.45 0.44
N PRO A 55 7.01 15.59 1.66
CA PRO A 55 8.31 14.99 2.08
C PRO A 55 8.23 13.46 2.11
N GLU A 56 7.16 12.90 1.60
CA GLU A 56 7.03 11.41 1.61
C GLU A 56 7.57 10.82 0.30
N LEU A 57 7.04 11.26 -0.81
CA LEU A 57 7.51 10.71 -2.11
C LEU A 57 8.99 11.06 -2.30
N ALA A 58 9.36 12.28 -2.08
CA ALA A 58 10.78 12.69 -2.25
C ALA A 58 11.71 11.85 -1.36
N ILE A 59 11.15 11.13 -0.42
CA ILE A 59 12.01 10.29 0.48
C ILE A 59 11.48 8.86 0.48
N ASN A 60 10.61 8.54 -0.44
CA ASN A 60 10.04 7.16 -0.48
C ASN A 60 10.97 6.22 -1.26
N PRO A 61 11.21 5.02 -0.78
CA PRO A 61 12.09 4.05 -1.48
C PRO A 61 11.48 3.55 -2.79
N LEU A 62 10.19 3.32 -2.81
CA LEU A 62 9.52 2.83 -4.05
C LEU A 62 8.68 3.97 -4.66
N GLY A 63 7.69 4.41 -3.94
CA GLY A 63 6.79 5.49 -4.46
C GLY A 63 6.03 4.98 -5.69
N ASP A 64 6.52 3.94 -6.29
CA ASP A 64 5.80 3.39 -7.46
C ASP A 64 4.42 2.96 -6.98
N ARG A 65 4.30 2.74 -5.70
CA ARG A 65 2.99 2.34 -5.13
C ARG A 65 2.13 3.60 -4.94
N ILE A 66 2.70 4.66 -4.41
CA ILE A 66 1.88 5.91 -4.23
C ILE A 66 1.49 6.44 -5.61
N ILE A 67 2.39 6.31 -6.55
CA ILE A 67 2.11 6.78 -7.94
C ILE A 67 0.90 6.06 -8.51
N ASN A 68 0.91 4.75 -8.51
CA ASN A 68 -0.25 4.01 -9.08
C ASN A 68 -1.39 3.97 -8.07
N ALA A 69 -1.17 4.41 -6.86
CA ALA A 69 -2.27 4.41 -5.86
C ALA A 69 -3.26 5.51 -6.23
N PHE A 70 -2.77 6.63 -6.69
CA PHE A 70 -3.69 7.75 -7.07
C PHE A 70 -4.01 7.68 -8.56
N PHE A 71 -3.01 7.60 -9.41
CA PHE A 71 -3.28 7.54 -10.87
C PHE A 71 -3.82 6.15 -11.23
N PRO A 72 -4.69 6.06 -12.22
CA PRO A 72 -5.28 4.76 -12.65
C PRO A 72 -4.27 3.90 -13.44
N GLU A 73 -4.33 3.95 -14.75
CA GLU A 73 -3.39 3.15 -15.57
C GLU A 73 -2.20 4.03 -15.96
N GLY A 74 -2.42 5.29 -16.16
CA GLY A 74 -1.29 6.19 -16.55
C GLY A 74 -1.82 7.61 -16.80
N GLU A 75 -2.76 8.06 -16.03
CA GLU A 75 -3.31 9.44 -16.24
C GLU A 75 -2.33 10.45 -15.64
N ASP A 76 -2.25 11.63 -16.20
CA ASP A 76 -1.30 12.66 -15.66
C ASP A 76 -2.02 13.56 -14.67
N GLN A 77 -3.14 13.13 -14.15
CA GLN A 77 -3.87 13.98 -13.17
C GLN A 77 -4.91 13.14 -12.42
N VAL A 78 -4.92 13.21 -11.11
CA VAL A 78 -5.92 12.42 -10.31
C VAL A 78 -6.97 13.38 -9.75
N ASN A 79 -8.21 13.15 -10.04
CA ASN A 79 -9.29 14.05 -9.54
C ASN A 79 -9.66 13.69 -8.10
N PHE A 80 -10.63 14.35 -7.56
CA PHE A 80 -11.04 14.07 -6.16
C PHE A 80 -11.65 12.67 -6.07
N ARG A 81 -12.06 12.12 -7.18
CA ARG A 81 -12.67 10.77 -7.17
C ARG A 81 -11.69 9.76 -6.55
N GLY A 82 -10.55 9.56 -7.15
CA GLY A 82 -9.60 8.58 -6.58
C GLY A 82 -8.87 9.19 -5.38
N PHE A 83 -8.84 10.48 -5.28
CA PHE A 83 -8.16 11.09 -4.11
C PHE A 83 -8.73 10.45 -2.85
N MET A 84 -10.03 10.44 -2.74
CA MET A 84 -10.68 9.84 -1.55
C MET A 84 -10.81 8.32 -1.74
N ARG A 85 -10.76 7.79 -2.94
CA ARG A 85 -10.89 6.31 -3.08
C ARG A 85 -9.57 5.65 -2.67
N THR A 86 -8.48 6.33 -2.90
CA THR A 86 -7.15 5.76 -2.55
C THR A 86 -6.90 5.93 -1.06
N LEU A 87 -6.93 7.14 -0.58
CA LEU A 87 -6.66 7.37 0.86
C LEU A 87 -7.72 6.66 1.71
N ALA A 88 -8.89 6.43 1.17
CA ALA A 88 -9.95 5.72 1.97
C ALA A 88 -9.92 4.23 1.66
N HIS A 89 -9.18 3.83 0.66
CA HIS A 89 -9.10 2.38 0.32
C HIS A 89 -8.61 1.61 1.53
N PHE A 90 -8.25 2.31 2.56
CA PHE A 90 -7.74 1.65 3.79
C PHE A 90 -8.90 1.44 4.77
N ARG A 91 -10.12 1.46 4.27
CA ARG A 91 -11.29 1.28 5.17
C ARG A 91 -11.36 -0.18 5.65
N PRO A 92 -11.28 -0.44 6.94
CA PRO A 92 -11.37 -1.82 7.49
C PRO A 92 -12.57 -2.59 6.92
N ILE A 93 -12.81 -3.77 7.42
CA ILE A 93 -13.97 -4.58 6.92
C ILE A 93 -15.21 -4.25 7.75
N GLU A 94 -16.36 -4.19 7.14
CA GLU A 94 -17.60 -3.88 7.89
C GLU A 94 -17.88 -4.99 8.91
N ASP A 95 -18.34 -4.65 10.08
CA ASP A 95 -18.63 -5.68 11.11
C ASP A 95 -19.74 -6.60 10.61
N ASN A 96 -20.68 -6.06 9.87
CA ASN A 96 -21.80 -6.91 9.36
C ASN A 96 -21.32 -7.70 8.13
N GLU A 97 -20.36 -7.17 7.42
CA GLU A 97 -19.84 -7.89 6.22
C GLU A 97 -20.99 -8.12 5.23
N LYS A 98 -20.98 -7.43 4.13
CA LYS A 98 -22.07 -7.61 3.13
C LYS A 98 -21.58 -7.17 1.75
N SER A 99 -22.02 -7.83 0.71
CA SER A 99 -21.57 -7.46 -0.66
C SER A 99 -22.53 -8.05 -1.69
N LYS A 100 -23.14 -7.23 -2.50
CA LYS A 100 -24.08 -7.74 -3.53
C LYS A 100 -24.14 -6.77 -4.71
N ASP A 101 -25.13 -6.88 -5.54
CA ASP A 101 -25.24 -5.96 -6.71
C ASP A 101 -23.93 -6.01 -7.52
N VAL A 102 -23.79 -6.99 -8.37
CA VAL A 102 -22.54 -7.08 -9.18
C VAL A 102 -22.54 -6.00 -10.26
N ASN A 103 -22.86 -4.78 -9.90
CA ASN A 103 -22.88 -3.69 -10.90
C ASN A 103 -22.80 -2.33 -10.17
N GLY A 104 -22.40 -1.31 -10.88
CA GLY A 104 -22.31 0.04 -10.23
C GLY A 104 -21.01 0.11 -9.40
N PRO A 105 -20.83 1.19 -8.68
CA PRO A 105 -19.63 1.39 -7.82
C PRO A 105 -19.30 0.15 -6.99
N GLU A 106 -18.08 -0.34 -7.09
CA GLU A 106 -17.70 -1.54 -6.30
C GLU A 106 -17.43 -1.12 -4.85
N PRO A 107 -17.33 -2.06 -3.94
CA PRO A 107 -17.07 -1.76 -2.50
C PRO A 107 -15.80 -0.91 -2.30
N LEU A 108 -15.05 -1.19 -1.26
CA LEU A 108 -13.80 -0.41 -1.02
C LEU A 108 -12.95 -1.15 0.02
N ASN A 109 -11.73 -1.46 -0.30
CA ASN A 109 -10.84 -2.18 0.66
C ASN A 109 -11.37 -3.61 0.89
N SER A 110 -12.59 -3.86 0.52
CA SER A 110 -13.15 -5.23 0.73
C SER A 110 -12.19 -6.27 0.15
N ARG A 111 -12.51 -7.52 0.25
CA ARG A 111 -11.62 -8.58 -0.30
C ARG A 111 -11.29 -8.27 -1.76
N SER A 112 -12.26 -8.36 -2.63
CA SER A 112 -12.01 -8.07 -4.06
C SER A 112 -11.26 -6.75 -4.19
N ASN A 113 -11.60 -5.78 -3.38
CA ASN A 113 -10.91 -4.47 -3.44
C ASN A 113 -9.51 -4.61 -2.84
N LYS A 114 -9.31 -5.58 -1.99
CA LYS A 114 -7.95 -5.76 -1.40
C LYS A 114 -6.98 -6.13 -2.51
N LEU A 115 -7.25 -7.21 -3.21
CA LEU A 115 -6.35 -7.61 -4.33
C LEU A 115 -6.18 -6.41 -5.26
N HIS A 116 -7.27 -5.80 -5.63
CA HIS A 116 -7.20 -4.63 -6.55
C HIS A 116 -6.34 -3.51 -5.94
N PHE A 117 -6.30 -3.41 -4.64
CA PHE A 117 -5.49 -2.34 -4.00
C PHE A 117 -4.01 -2.70 -4.04
N ALA A 118 -3.61 -3.67 -3.27
CA ALA A 118 -2.17 -4.07 -3.30
C ALA A 118 -1.74 -4.29 -4.75
N PHE A 119 -2.69 -4.52 -5.61
CA PHE A 119 -2.38 -4.73 -7.05
C PHE A 119 -1.90 -3.40 -7.65
N ARG A 120 -2.76 -2.42 -7.72
CA ARG A 120 -2.37 -1.11 -8.29
C ARG A 120 -1.09 -0.63 -7.61
N LEU A 121 -0.75 -1.22 -6.51
CA LEU A 121 0.48 -0.79 -5.80
C LEU A 121 1.68 -1.55 -6.35
N TYR A 122 1.45 -2.77 -6.73
CA TYR A 122 2.54 -3.60 -7.29
C TYR A 122 2.38 -3.63 -8.82
N ASP A 123 1.29 -3.13 -9.31
CA ASP A 123 1.05 -3.12 -10.79
C ASP A 123 1.94 -2.08 -11.45
N LEU A 124 3.20 -2.39 -11.64
CA LEU A 124 4.11 -1.41 -12.28
C LEU A 124 4.02 -1.54 -13.81
N ASP A 125 3.93 -2.75 -14.31
CA ASP A 125 3.87 -2.93 -15.81
C ASP A 125 2.43 -3.08 -16.30
N LYS A 126 1.46 -3.02 -15.42
CA LYS A 126 0.04 -3.16 -15.87
C LYS A 126 -0.18 -4.52 -16.52
N ASP A 127 0.54 -5.53 -16.08
CA ASP A 127 0.34 -6.89 -16.67
C ASP A 127 -0.74 -7.60 -15.84
N GLU A 128 -1.25 -6.92 -14.84
CA GLU A 128 -2.32 -7.49 -13.97
C GLU A 128 -1.69 -8.32 -12.85
N LYS A 129 -0.40 -8.53 -12.87
CA LYS A 129 0.24 -9.32 -11.78
C LYS A 129 1.66 -8.82 -11.52
N ILE A 130 2.21 -9.12 -10.38
CA ILE A 130 3.59 -8.65 -10.09
C ILE A 130 4.55 -9.51 -10.91
N SER A 131 4.97 -8.99 -12.00
CA SER A 131 5.91 -9.74 -12.88
C SER A 131 7.27 -9.81 -12.19
N ARG A 132 8.25 -10.32 -12.87
CA ARG A 132 9.61 -10.43 -12.25
C ARG A 132 10.29 -9.07 -12.14
N ASP A 133 10.09 -8.21 -13.10
CA ASP A 133 10.74 -6.87 -13.04
C ASP A 133 10.06 -6.01 -11.98
N GLU A 134 8.78 -6.19 -11.78
CA GLU A 134 8.08 -5.37 -10.75
C GLU A 134 8.37 -5.91 -9.35
N LEU A 135 8.05 -7.14 -9.12
CA LEU A 135 8.29 -7.75 -7.79
C LEU A 135 9.75 -7.53 -7.38
N LEU A 136 10.67 -7.78 -8.27
CA LEU A 136 12.10 -7.61 -7.92
C LEU A 136 12.38 -6.15 -7.58
N GLN A 137 11.85 -5.23 -8.34
CA GLN A 137 12.10 -3.79 -8.02
C GLN A 137 11.78 -3.55 -6.53
N VAL A 138 10.73 -4.14 -6.03
CA VAL A 138 10.39 -3.92 -4.59
C VAL A 138 11.21 -4.89 -3.74
N LEU A 139 10.95 -6.16 -3.88
CA LEU A 139 11.68 -7.20 -3.12
C LEU A 139 13.15 -6.79 -2.96
N ARG A 140 13.76 -6.27 -3.99
CA ARG A 140 15.19 -5.85 -3.88
C ARG A 140 15.27 -4.58 -3.03
N MET A 141 14.40 -3.64 -3.25
CA MET A 141 14.46 -2.38 -2.45
C MET A 141 14.04 -2.65 -1.00
N MET A 142 13.54 -3.83 -0.74
CA MET A 142 13.09 -4.16 0.66
C MET A 142 14.14 -5.03 1.36
N VAL A 143 14.93 -5.77 0.62
CA VAL A 143 15.95 -6.65 1.26
C VAL A 143 17.35 -6.18 0.85
N GLY A 144 17.49 -5.60 -0.32
CA GLY A 144 18.81 -5.11 -0.78
C GLY A 144 19.42 -4.21 0.29
N VAL A 145 18.61 -3.68 1.16
CA VAL A 145 19.15 -2.78 2.22
C VAL A 145 20.28 -3.47 2.97
N ASN A 146 20.38 -4.77 2.86
CA ASN A 146 21.46 -5.50 3.58
C ASN A 146 21.80 -6.80 2.84
N ILE A 147 21.36 -6.94 1.61
CA ILE A 147 21.68 -8.20 0.84
C ILE A 147 22.68 -7.91 -0.26
N SER A 148 23.60 -8.81 -0.49
CA SER A 148 24.63 -8.60 -1.55
C SER A 148 23.98 -8.67 -2.93
N ASP A 149 24.74 -8.61 -3.98
CA ASP A 149 24.15 -8.66 -5.34
C ASP A 149 23.90 -10.10 -5.79
N GLU A 150 24.93 -10.88 -5.95
CA GLU A 150 24.73 -12.29 -6.39
C GLU A 150 23.76 -12.97 -5.43
N GLN A 151 23.72 -12.53 -4.21
CA GLN A 151 22.79 -13.15 -3.22
C GLN A 151 21.37 -12.73 -3.55
N LEU A 152 21.14 -11.46 -3.76
CA LEU A 152 19.77 -11.00 -4.09
C LEU A 152 19.36 -11.57 -5.45
N GLY A 153 20.22 -11.50 -6.42
CA GLY A 153 19.87 -12.03 -7.77
C GLY A 153 19.33 -13.45 -7.63
N SER A 154 19.96 -14.26 -6.81
CA SER A 154 19.50 -15.66 -6.66
C SER A 154 18.35 -15.76 -5.65
N ILE A 155 18.26 -14.85 -4.72
CA ILE A 155 17.16 -14.93 -3.73
C ILE A 155 15.87 -14.40 -4.38
N ALA A 156 16.01 -13.56 -5.36
CA ALA A 156 14.81 -13.01 -6.04
C ALA A 156 14.31 -14.02 -7.07
N ASP A 157 15.17 -14.49 -7.93
CA ASP A 157 14.74 -15.49 -8.94
C ASP A 157 14.12 -16.69 -8.21
N ARG A 158 14.65 -17.04 -7.08
CA ARG A 158 14.10 -18.21 -6.33
C ARG A 158 12.80 -17.80 -5.62
N THR A 159 12.67 -16.55 -5.26
CA THR A 159 11.44 -16.11 -4.55
C THR A 159 10.25 -16.08 -5.54
N ILE A 160 10.44 -15.51 -6.70
CA ILE A 160 9.31 -15.47 -7.67
C ILE A 160 9.19 -16.81 -8.36
N GLN A 161 10.21 -17.61 -8.30
CA GLN A 161 10.14 -18.95 -8.98
C GLN A 161 9.57 -19.97 -8.02
N GLU A 162 9.64 -19.72 -6.73
CA GLU A 162 9.10 -20.72 -5.75
C GLU A 162 7.66 -20.36 -5.38
N ALA A 163 7.24 -19.13 -5.58
CA ALA A 163 5.84 -18.77 -5.25
C ALA A 163 5.01 -18.87 -6.53
N ASP A 164 5.67 -18.87 -7.65
CA ASP A 164 4.93 -18.97 -8.94
C ASP A 164 3.99 -20.17 -8.88
N GLN A 165 2.79 -19.95 -8.43
CA GLN A 165 1.80 -21.05 -8.35
C GLN A 165 0.95 -21.00 -9.60
N ASP A 166 0.92 -19.86 -10.25
CA ASP A 166 0.13 -19.75 -11.51
C ASP A 166 1.08 -20.03 -12.65
N GLY A 167 2.33 -20.23 -12.33
CA GLY A 167 3.33 -20.51 -13.37
C GLY A 167 3.42 -19.28 -14.27
N ASP A 168 2.80 -18.23 -13.85
CA ASP A 168 2.85 -17.00 -14.64
C ASP A 168 4.13 -16.30 -14.29
N SER A 169 4.95 -16.94 -13.47
CA SER A 169 6.21 -16.28 -13.03
C SER A 169 5.80 -14.87 -12.61
N ALA A 170 4.55 -14.75 -12.27
CA ALA A 170 3.98 -13.44 -11.88
C ALA A 170 2.94 -13.67 -10.79
N ILE A 171 2.57 -12.67 -10.04
CA ILE A 171 1.61 -12.93 -8.94
C ILE A 171 0.60 -11.82 -8.67
N SER A 172 -0.44 -12.17 -7.97
CA SER A 172 -1.43 -11.12 -7.58
C SER A 172 -2.73 -11.78 -7.19
N PHE A 173 -3.01 -12.82 -7.85
CA PHE A 173 -4.29 -13.51 -7.68
C PHE A 173 -4.19 -14.84 -6.93
N THR A 174 -3.16 -15.57 -7.19
CA THR A 174 -3.12 -16.94 -6.62
C THR A 174 -2.49 -17.05 -5.24
N GLU A 175 -1.21 -16.88 -5.12
CA GLU A 175 -0.65 -17.07 -3.77
C GLU A 175 -1.13 -15.90 -2.92
N PHE A 176 -1.72 -14.92 -3.56
CA PHE A 176 -2.29 -13.79 -2.78
C PHE A 176 -3.58 -14.32 -2.18
N VAL A 177 -4.48 -14.80 -3.00
CA VAL A 177 -5.74 -15.36 -2.48
C VAL A 177 -5.41 -16.48 -1.48
N LYS A 178 -4.48 -17.34 -1.81
CA LYS A 178 -4.12 -18.43 -0.86
C LYS A 178 -3.55 -17.83 0.42
N VAL A 179 -3.03 -16.63 0.34
CA VAL A 179 -2.44 -15.99 1.57
C VAL A 179 -3.56 -15.35 2.40
N LEU A 180 -4.59 -14.85 1.78
CA LEU A 180 -5.69 -14.22 2.57
C LEU A 180 -6.38 -15.29 3.42
N GLU A 181 -6.47 -16.49 2.92
CA GLU A 181 -7.13 -17.56 3.73
C GLU A 181 -6.20 -17.95 4.88
N LYS A 182 -5.05 -17.31 4.96
CA LYS A 182 -4.09 -17.60 6.06
C LYS A 182 -4.00 -16.38 6.96
N VAL A 183 -4.26 -15.22 6.43
CA VAL A 183 -4.21 -13.97 7.25
C VAL A 183 -5.27 -12.99 6.74
N ASP A 184 -6.09 -12.49 7.61
CA ASP A 184 -7.15 -11.53 7.18
C ASP A 184 -6.51 -10.17 6.85
N VAL A 185 -5.76 -10.10 5.79
CA VAL A 185 -5.12 -8.80 5.42
C VAL A 185 -6.20 -7.78 5.07
N GLU A 186 -7.37 -8.24 4.72
CA GLU A 186 -8.47 -7.30 4.36
C GLU A 186 -8.63 -6.23 5.45
N GLN A 187 -8.52 -6.61 6.70
CA GLN A 187 -8.67 -5.60 7.78
C GLN A 187 -7.30 -4.98 8.09
N LYS A 188 -6.24 -5.72 7.85
CA LYS A 188 -4.88 -5.17 8.12
C LYS A 188 -4.77 -3.82 7.41
N MET A 189 -5.52 -3.64 6.36
CA MET A 189 -5.47 -2.35 5.62
C MET A 189 -6.00 -1.22 6.51
N SER A 190 -5.47 -1.11 7.70
CA SER A 190 -5.93 -0.05 8.64
C SER A 190 -4.70 0.49 9.38
N ILE A 191 -4.57 1.78 9.46
CA ILE A 191 -3.39 2.37 10.14
C ILE A 191 -3.72 2.62 11.63
N ARG A 192 -2.81 2.26 12.50
CA ARG A 192 -3.06 2.47 13.95
C ARG A 192 -4.28 1.65 14.38
N PHE A 193 -5.14 2.22 15.17
CA PHE A 193 -6.35 1.48 15.62
C PHE A 193 -7.28 2.43 16.38
N LEU A 194 -6.73 3.32 17.16
CA LEU A 194 -7.59 4.28 17.91
C LEU A 194 -6.72 5.41 18.46
N HIS A 195 -5.51 5.10 18.86
CA HIS A 195 -4.62 6.15 19.41
C HIS A 195 -4.53 7.32 18.43
N VAL B 1 26.94 -25.32 -16.26
CA VAL B 1 26.07 -25.67 -15.11
C VAL B 1 26.80 -25.35 -13.80
N ASP B 2 26.08 -25.11 -12.74
CA ASP B 2 26.73 -24.80 -11.45
C ASP B 2 27.63 -25.96 -11.03
N LEU B 3 28.72 -25.68 -10.37
CA LEU B 3 29.64 -26.79 -9.95
C LEU B 3 29.06 -27.48 -8.71
N LEU B 4 28.33 -28.54 -8.90
CA LEU B 4 27.73 -29.26 -7.74
C LEU B 4 28.82 -30.03 -7.00
N ALA B 5 28.52 -30.51 -5.83
CA ALA B 5 29.55 -31.28 -5.06
C ALA B 5 28.88 -31.98 -3.87
N VAL B 6 28.21 -31.24 -3.04
CA VAL B 6 27.53 -31.86 -1.86
C VAL B 6 26.46 -30.91 -1.33
N LYS B 7 25.30 -31.41 -1.02
CA LYS B 7 24.22 -30.54 -0.49
C LYS B 7 24.46 -30.28 1.00
N LYS B 8 23.60 -30.78 1.85
CA LYS B 8 23.77 -30.57 3.31
C LYS B 8 23.97 -29.07 3.58
N LYS B 9 23.15 -28.23 3.00
CA LYS B 9 23.30 -26.77 3.22
C LYS B 9 21.92 -26.09 3.10
N GLN B 10 20.95 -26.81 2.61
CA GLN B 10 19.59 -26.21 2.46
C GLN B 10 18.94 -26.10 3.83
N GLU B 11 17.71 -25.65 3.89
CA GLU B 11 17.02 -25.52 5.20
C GLU B 11 15.52 -25.33 4.96
N THR B 12 14.72 -25.56 5.98
CA THR B 12 13.24 -25.39 5.81
C THR B 12 12.89 -23.90 5.89
N LYS B 13 12.63 -23.29 4.77
CA LYS B 13 12.27 -21.84 4.79
C LYS B 13 10.81 -21.68 5.18
N ARG B 14 10.44 -20.54 5.70
CA ARG B 14 9.02 -20.33 6.12
C ARG B 14 8.17 -20.10 4.87
N SER B 15 7.62 -18.91 4.72
CA SER B 15 6.77 -18.61 3.52
C SER B 15 7.29 -17.34 2.84
N ILE B 16 7.52 -17.39 1.57
CA ILE B 16 8.04 -16.18 0.85
C ILE B 16 6.89 -15.19 0.66
N ASN B 17 5.72 -15.67 0.35
CA ASN B 17 4.57 -14.74 0.13
C ASN B 17 4.21 -14.05 1.44
N GLU B 18 4.38 -14.71 2.56
CA GLU B 18 4.04 -14.09 3.86
C GLU B 18 5.12 -13.09 4.29
N GLU B 19 6.30 -13.55 4.58
CA GLU B 19 7.38 -12.63 5.03
C GLU B 19 7.43 -11.38 4.14
N ILE B 20 7.45 -11.54 2.84
CA ILE B 20 7.53 -10.34 1.95
C ILE B 20 6.24 -9.54 2.03
N HIS B 21 5.10 -10.18 2.14
CA HIS B 21 3.83 -9.42 2.21
C HIS B 21 3.77 -8.66 3.54
N THR B 22 3.88 -9.34 4.64
CA THR B 22 3.83 -8.65 5.96
C THR B 22 4.71 -7.39 5.91
N GLN B 23 5.87 -7.51 5.35
CA GLN B 23 6.78 -6.32 5.26
C GLN B 23 6.24 -5.34 4.23
N PHE B 24 6.13 -5.75 3.00
CA PHE B 24 5.61 -4.83 1.95
C PHE B 24 4.35 -4.14 2.46
N LEU B 25 3.31 -4.89 2.70
CA LEU B 25 2.03 -4.31 3.22
C LEU B 25 2.33 -3.25 4.29
N ASP B 26 3.18 -3.56 5.22
CA ASP B 26 3.50 -2.57 6.29
C ASP B 26 4.19 -1.35 5.69
N HIS B 27 5.06 -1.57 4.74
CA HIS B 27 5.79 -0.42 4.12
C HIS B 27 4.87 0.40 3.21
N LEU B 28 4.00 -0.22 2.48
CA LEU B 28 3.10 0.54 1.55
C LEU B 28 1.94 1.16 2.33
N LEU B 29 1.39 0.47 3.29
CA LEU B 29 0.25 1.05 4.05
C LEU B 29 0.73 2.27 4.83
N THR B 30 1.82 2.14 5.53
CA THR B 30 2.35 3.31 6.31
C THR B 30 3.03 4.29 5.35
N GLY B 31 3.44 3.83 4.21
CA GLY B 31 4.12 4.74 3.24
C GLY B 31 3.07 5.61 2.53
N ILE B 32 1.96 5.03 2.17
CA ILE B 32 0.91 5.84 1.48
C ILE B 32 0.09 6.60 2.52
N GLU B 33 0.14 6.19 3.76
CA GLU B 33 -0.64 6.89 4.81
C GLU B 33 0.18 8.07 5.35
N ASP B 34 1.47 7.99 5.23
CA ASP B 34 2.32 9.10 5.75
C ASP B 34 2.14 10.36 4.88
N ILE B 35 1.76 10.19 3.65
CA ILE B 35 1.56 11.37 2.77
C ILE B 35 0.62 12.37 3.44
N CYS B 36 -0.63 12.01 3.60
CA CYS B 36 -1.60 12.94 4.24
C CYS B 36 -1.56 14.28 3.50
N GLY B 37 -1.10 15.32 4.14
CA GLY B 37 -1.04 16.66 3.47
C GLY B 37 -1.20 17.77 4.50
N HIS B 38 -0.34 18.76 4.46
CA HIS B 38 -0.45 19.87 5.44
C HIS B 38 0.52 20.99 5.05
N TYR B 39 0.49 22.09 5.74
CA TYR B 39 1.41 23.22 5.41
C TYR B 39 2.79 22.94 6.01
N GLY B 40 3.82 22.95 5.19
CA GLY B 40 5.19 22.69 5.70
C GLY B 40 5.67 23.90 6.51
N HIS B 41 6.90 23.89 6.93
CA HIS B 41 7.43 25.03 7.73
C HIS B 41 7.28 26.33 6.92
N HIS B 42 8.16 26.57 6.00
CA HIS B 42 8.07 27.82 5.18
C HIS B 42 6.96 27.65 4.13
N HIS B 43 7.29 27.77 2.88
CA HIS B 43 6.26 27.62 1.81
C HIS B 43 6.95 27.29 0.49
N MET A 1 12.80 17.86 26.12
CA MET A 1 13.87 18.87 26.39
C MET A 1 14.22 19.61 25.09
N GLY A 2 14.45 18.88 24.03
CA GLY A 2 14.80 19.53 22.74
C GLY A 2 14.65 18.53 21.60
N SER A 3 14.31 18.99 20.43
CA SER A 3 14.16 18.06 19.28
C SER A 3 14.19 18.85 17.96
N ARG A 4 14.52 18.21 16.88
CA ARG A 4 14.58 18.92 15.56
C ARG A 4 13.82 18.09 14.52
N ALA A 5 14.50 17.22 13.83
CA ALA A 5 13.82 16.39 12.79
C ALA A 5 13.12 17.30 11.78
N SER A 6 12.11 16.81 11.13
CA SER A 6 11.39 17.65 10.12
C SER A 6 9.95 17.14 9.98
N THR A 7 9.70 16.29 9.02
CA THR A 7 8.32 15.76 8.82
C THR A 7 7.78 15.27 10.17
N LEU A 8 6.48 15.10 10.28
CA LEU A 8 5.90 14.63 11.57
C LEU A 8 4.43 14.28 11.38
N LEU A 9 4.02 13.13 11.82
CA LEU A 9 2.62 12.70 11.70
C LEU A 9 2.00 12.68 13.09
N ARG A 10 1.49 13.78 13.54
CA ARG A 10 0.87 13.84 14.89
C ARG A 10 -0.60 13.46 14.79
N ASP A 11 -1.28 13.43 15.91
CA ASP A 11 -2.72 13.06 15.89
C ASP A 11 -3.47 13.91 14.86
N GLU A 12 -2.88 14.99 14.41
CA GLU A 12 -3.57 15.84 13.41
C GLU A 12 -3.55 15.13 12.07
N GLU A 13 -2.41 14.65 11.64
CA GLU A 13 -2.36 13.95 10.33
C GLU A 13 -3.05 12.60 10.49
N LEU A 14 -2.93 11.97 11.62
CA LEU A 14 -3.60 10.68 11.80
C LEU A 14 -5.11 10.93 11.80
N GLU A 15 -5.60 11.65 12.78
CA GLU A 15 -7.07 11.93 12.83
C GLU A 15 -7.61 12.24 11.44
N GLU A 16 -6.91 13.05 10.69
CA GLU A 16 -7.41 13.40 9.33
C GLU A 16 -7.63 12.13 8.50
N ILE A 17 -6.60 11.42 8.16
CA ILE A 17 -6.80 10.19 7.35
C ILE A 17 -7.62 9.16 8.14
N LYS A 18 -7.46 9.14 9.43
CA LYS A 18 -8.22 8.18 10.27
C LYS A 18 -9.68 8.16 9.81
N LYS A 19 -10.25 9.32 9.60
CA LYS A 19 -11.66 9.38 9.14
C LYS A 19 -11.74 9.08 7.64
N GLU A 20 -10.81 9.56 6.86
CA GLU A 20 -10.85 9.28 5.40
C GLU A 20 -11.13 7.80 5.17
N THR A 21 -10.56 6.96 5.99
CA THR A 21 -10.78 5.49 5.85
C THR A 21 -11.63 5.01 7.03
N GLY A 22 -11.83 5.87 7.99
CA GLY A 22 -12.65 5.49 9.18
C GLY A 22 -14.11 5.92 8.98
N PHE A 23 -14.33 7.15 8.58
CA PHE A 23 -15.73 7.61 8.38
C PHE A 23 -15.76 8.82 7.43
N SER A 24 -14.71 9.59 7.42
CA SER A 24 -14.66 10.78 6.51
C SER A 24 -15.53 11.91 7.09
N HIS A 25 -15.08 13.13 6.96
CA HIS A 25 -15.88 14.28 7.48
C HIS A 25 -15.40 15.57 6.82
N SER A 26 -15.27 16.64 7.56
CA SER A 26 -14.82 17.93 6.96
C SER A 26 -13.31 18.07 7.12
N GLN A 27 -12.75 17.55 8.17
CA GLN A 27 -11.28 17.68 8.37
C GLN A 27 -10.55 17.13 7.14
N ILE A 28 -11.16 16.20 6.45
CA ILE A 28 -10.50 15.63 5.24
C ILE A 28 -10.90 16.45 4.01
N THR A 29 -12.14 16.82 3.90
CA THR A 29 -12.55 17.64 2.73
C THR A 29 -11.57 18.80 2.59
N ARG A 30 -11.08 19.29 3.70
CA ARG A 30 -10.09 20.39 3.67
C ARG A 30 -8.73 19.82 3.22
N LEU A 31 -8.35 18.69 3.74
CA LEU A 31 -7.08 18.08 3.36
C LEU A 31 -7.01 17.98 1.83
N TYR A 32 -8.05 17.54 1.22
CA TYR A 32 -8.05 17.44 -0.26
C TYR A 32 -7.90 18.84 -0.84
N SER A 33 -8.63 19.79 -0.33
CA SER A 33 -8.53 21.18 -0.88
C SER A 33 -7.09 21.69 -0.82
N ARG A 34 -6.40 21.47 0.26
CA ARG A 34 -5.00 21.98 0.36
C ARG A 34 -4.08 21.07 -0.44
N PHE A 35 -4.00 19.83 -0.07
CA PHE A 35 -3.11 18.89 -0.80
C PHE A 35 -3.39 18.98 -2.30
N THR A 36 -4.63 19.10 -2.69
CA THR A 36 -4.96 19.20 -4.13
C THR A 36 -4.66 20.62 -4.62
N SER A 37 -4.60 21.57 -3.73
CA SER A 37 -4.29 22.95 -4.16
C SER A 37 -2.85 22.99 -4.63
N LEU A 38 -2.06 22.03 -4.23
CA LEU A 38 -0.64 22.00 -4.69
C LEU A 38 -0.59 21.94 -6.21
N ASP A 39 -1.72 21.77 -6.84
CA ASP A 39 -1.76 21.68 -8.33
C ASP A 39 -1.35 23.02 -8.93
N LYS A 40 -0.20 23.53 -8.58
CA LYS A 40 0.25 24.83 -9.15
C LYS A 40 -0.86 25.87 -8.96
N GLY A 41 -1.90 25.54 -8.25
CA GLY A 41 -3.02 26.52 -8.02
C GLY A 41 -4.24 26.13 -8.86
N GLU A 42 -4.34 24.89 -9.28
CA GLU A 42 -5.52 24.48 -10.08
C GLU A 42 -6.70 24.19 -9.13
N ASN A 43 -6.52 23.24 -8.24
CA ASN A 43 -7.60 22.89 -7.27
C ASN A 43 -8.58 21.94 -7.94
N GLY A 44 -8.09 20.87 -8.52
CA GLY A 44 -9.00 19.89 -9.18
C GLY A 44 -8.34 18.51 -9.17
N THR A 45 -7.12 18.43 -9.65
CA THR A 45 -6.40 17.12 -9.68
C THR A 45 -4.95 17.33 -9.24
N LEU A 46 -4.20 16.26 -9.11
CA LEU A 46 -2.75 16.40 -8.70
C LEU A 46 -1.85 15.67 -9.70
N SER A 47 -0.74 16.27 -10.03
CA SER A 47 0.20 15.63 -10.99
C SER A 47 1.44 15.16 -10.21
N ARG A 48 2.32 14.47 -10.87
CA ARG A 48 3.55 13.98 -10.19
C ARG A 48 4.31 15.17 -9.60
N GLU A 49 4.52 16.19 -10.38
CA GLU A 49 5.27 17.38 -9.88
C GLU A 49 4.62 17.91 -8.60
N ASP A 50 3.42 17.48 -8.29
CA ASP A 50 2.75 17.97 -7.06
C ASP A 50 3.06 17.02 -5.90
N PHE A 51 2.96 15.74 -6.11
CA PHE A 51 3.26 14.78 -5.02
C PHE A 51 4.68 15.01 -4.49
N GLN A 52 5.58 15.46 -5.32
CA GLN A 52 6.98 15.68 -4.84
C GLN A 52 7.01 16.77 -3.76
N ARG A 53 6.03 17.63 -3.77
CA ARG A 53 6.01 18.73 -2.75
C ARG A 53 5.87 18.13 -1.35
N ILE A 54 5.35 16.93 -1.26
CA ILE A 54 5.20 16.29 0.09
C ILE A 54 6.44 15.41 0.31
N PRO A 55 6.98 15.39 1.51
CA PRO A 55 8.20 14.59 1.82
C PRO A 55 7.91 13.09 1.79
N GLU A 56 6.84 12.69 1.16
CA GLU A 56 6.50 11.24 1.11
C GLU A 56 7.11 10.60 -0.15
N LEU A 57 6.74 11.08 -1.32
CA LEU A 57 7.28 10.48 -2.56
C LEU A 57 8.76 10.83 -2.72
N ALA A 58 9.15 12.02 -2.34
CA ALA A 58 10.57 12.41 -2.49
C ALA A 58 11.45 11.69 -1.47
N ILE A 59 10.86 11.02 -0.52
CA ILE A 59 11.68 10.30 0.50
C ILE A 59 11.21 8.84 0.59
N ASN A 60 10.37 8.42 -0.31
CA ASN A 60 9.89 7.00 -0.26
C ASN A 60 10.78 6.11 -1.14
N PRO A 61 11.09 4.91 -0.71
CA PRO A 61 11.94 3.97 -1.50
C PRO A 61 11.24 3.48 -2.77
N LEU A 62 10.01 3.07 -2.66
CA LEU A 62 9.28 2.57 -3.86
C LEU A 62 8.59 3.73 -4.57
N GLY A 63 7.67 4.36 -3.90
CA GLY A 63 6.91 5.50 -4.51
C GLY A 63 6.08 4.94 -5.66
N ASP A 64 6.68 4.20 -6.52
CA ASP A 64 5.92 3.58 -7.65
C ASP A 64 4.61 3.03 -7.10
N ARG A 65 4.60 2.77 -5.82
CA ARG A 65 3.39 2.27 -5.15
C ARG A 65 2.46 3.46 -4.89
N ILE A 66 3.00 4.55 -4.42
CA ILE A 66 2.16 5.76 -4.16
C ILE A 66 1.66 6.33 -5.50
N ILE A 67 2.45 6.18 -6.52
CA ILE A 67 2.08 6.71 -7.86
C ILE A 67 0.87 5.95 -8.41
N ASN A 68 0.93 4.65 -8.48
CA ASN A 68 -0.23 3.90 -9.03
C ASN A 68 -1.40 3.97 -8.05
N ALA A 69 -1.13 4.30 -6.82
CA ALA A 69 -2.23 4.40 -5.83
C ALA A 69 -3.11 5.59 -6.18
N PHE A 70 -2.51 6.66 -6.64
CA PHE A 70 -3.33 7.87 -7.00
C PHE A 70 -3.52 7.96 -8.52
N PHE A 71 -2.50 7.65 -9.28
CA PHE A 71 -2.63 7.74 -10.77
C PHE A 71 -3.12 6.39 -11.33
N PRO A 72 -4.30 6.35 -11.93
CA PRO A 72 -4.85 5.08 -12.52
C PRO A 72 -3.86 4.37 -13.45
N GLU A 73 -4.34 3.84 -14.54
CA GLU A 73 -3.44 3.14 -15.49
C GLU A 73 -2.22 4.00 -15.77
N GLY A 74 -2.33 5.29 -15.56
CA GLY A 74 -1.17 6.20 -15.81
C GLY A 74 -1.66 7.57 -16.25
N GLU A 75 -2.61 8.13 -15.55
CA GLU A 75 -3.12 9.47 -15.93
C GLU A 75 -2.14 10.54 -15.45
N ASP A 76 -2.15 11.70 -16.05
CA ASP A 76 -1.21 12.78 -15.61
C ASP A 76 -1.90 13.66 -14.57
N GLN A 77 -2.96 13.18 -13.98
CA GLN A 77 -3.66 14.00 -12.96
C GLN A 77 -4.67 13.12 -12.19
N VAL A 78 -4.64 13.16 -10.88
CA VAL A 78 -5.59 12.32 -10.07
C VAL A 78 -6.69 13.23 -9.51
N ASN A 79 -7.92 12.95 -9.83
CA ASN A 79 -9.04 13.80 -9.34
C ASN A 79 -9.41 13.39 -7.91
N PHE A 80 -10.39 14.04 -7.35
CA PHE A 80 -10.81 13.71 -5.96
C PHE A 80 -11.42 12.31 -5.93
N ARG A 81 -11.86 11.83 -7.06
CA ARG A 81 -12.48 10.48 -7.12
C ARG A 81 -11.51 9.45 -6.52
N GLY A 82 -10.33 9.35 -7.06
CA GLY A 82 -9.37 8.35 -6.52
C GLY A 82 -8.66 8.88 -5.28
N PHE A 83 -8.53 10.17 -5.14
CA PHE A 83 -7.83 10.69 -3.93
C PHE A 83 -8.51 10.09 -2.71
N MET A 84 -9.81 10.03 -2.73
CA MET A 84 -10.57 9.45 -1.59
C MET A 84 -10.75 7.95 -1.80
N ARG A 85 -10.69 7.45 -3.02
CA ARG A 85 -10.87 5.97 -3.18
C ARG A 85 -9.60 5.26 -2.71
N THR A 86 -8.49 5.91 -2.80
CA THR A 86 -7.20 5.30 -2.38
C THR A 86 -6.97 5.54 -0.89
N LEU A 87 -6.98 6.78 -0.47
CA LEU A 87 -6.75 7.07 0.97
C LEU A 87 -7.85 6.45 1.82
N ALA A 88 -9.00 6.16 1.24
CA ALA A 88 -10.10 5.55 2.04
C ALA A 88 -10.08 4.02 1.87
N HIS A 89 -9.52 3.53 0.80
CA HIS A 89 -9.48 2.06 0.59
C HIS A 89 -8.88 1.38 1.83
N PHE A 90 -8.38 2.14 2.76
CA PHE A 90 -7.77 1.53 3.98
C PHE A 90 -8.83 1.32 5.06
N ARG A 91 -10.07 1.25 4.68
CA ARG A 91 -11.15 1.04 5.70
C ARG A 91 -11.02 -0.38 6.28
N PRO A 92 -11.08 -0.53 7.58
CA PRO A 92 -10.96 -1.87 8.23
C PRO A 92 -12.24 -2.71 8.08
N ILE A 93 -12.17 -3.97 8.38
CA ILE A 93 -13.38 -4.84 8.26
C ILE A 93 -14.26 -4.65 9.50
N GLU A 94 -15.52 -4.96 9.40
CA GLU A 94 -16.44 -4.79 10.56
C GLU A 94 -17.54 -5.85 10.50
N ASP A 95 -18.76 -5.45 10.70
CA ASP A 95 -19.88 -6.45 10.66
C ASP A 95 -20.29 -6.69 9.21
N ASN A 96 -20.18 -5.70 8.37
CA ASN A 96 -20.55 -5.87 6.94
C ASN A 96 -19.56 -6.82 6.26
N GLU A 97 -18.70 -7.43 7.02
CA GLU A 97 -17.71 -8.37 6.42
C GLU A 97 -18.44 -9.40 5.56
N LYS A 98 -19.74 -9.46 5.67
CA LYS A 98 -20.51 -10.44 4.85
C LYS A 98 -20.65 -9.91 3.42
N SER A 99 -21.15 -8.72 3.26
CA SER A 99 -21.32 -8.15 1.90
C SER A 99 -22.07 -9.14 1.02
N LYS A 100 -23.37 -9.20 1.16
CA LYS A 100 -24.18 -10.15 0.33
C LYS A 100 -24.32 -9.60 -1.09
N ASP A 101 -25.17 -10.18 -1.88
CA ASP A 101 -25.36 -9.69 -3.28
C ASP A 101 -26.27 -8.46 -3.27
N VAL A 102 -25.95 -7.47 -2.48
CA VAL A 102 -26.80 -6.25 -2.42
C VAL A 102 -26.41 -5.31 -3.56
N ASN A 103 -27.34 -4.97 -4.41
CA ASN A 103 -27.03 -4.04 -5.54
C ASN A 103 -26.37 -2.77 -4.99
N GLY A 104 -25.18 -2.48 -5.42
CA GLY A 104 -24.48 -1.26 -4.92
C GLY A 104 -23.34 -0.89 -5.86
N PRO A 105 -22.66 0.18 -5.59
CA PRO A 105 -21.52 0.66 -6.42
C PRO A 105 -20.26 -0.19 -6.21
N GLU A 106 -19.16 0.19 -6.82
CA GLU A 106 -17.90 -0.58 -6.65
C GLU A 106 -17.52 -0.60 -5.16
N PRO A 107 -17.52 -1.75 -4.52
CA PRO A 107 -17.14 -1.86 -3.08
C PRO A 107 -15.90 -1.04 -2.74
N LEU A 108 -15.52 -1.02 -1.49
CA LEU A 108 -14.30 -0.26 -1.08
C LEU A 108 -13.65 -0.94 0.12
N ASN A 109 -12.45 -1.45 -0.07
CA ASN A 109 -11.72 -2.15 1.04
C ASN A 109 -12.20 -3.61 1.13
N SER A 110 -13.15 -3.98 0.32
CA SER A 110 -13.65 -5.39 0.36
C SER A 110 -12.52 -6.34 0.02
N ARG A 111 -12.77 -7.62 0.06
CA ARG A 111 -11.70 -8.61 -0.27
C ARG A 111 -11.22 -8.37 -1.70
N SER A 112 -12.05 -8.60 -2.67
CA SER A 112 -11.64 -8.39 -4.09
C SER A 112 -10.99 -7.01 -4.21
N ASN A 113 -11.38 -6.08 -3.39
CA ASN A 113 -10.78 -4.72 -3.46
C ASN A 113 -9.38 -4.76 -2.85
N LYS A 114 -9.17 -5.54 -1.83
CA LYS A 114 -7.83 -5.61 -1.21
C LYS A 114 -6.82 -6.06 -2.27
N LEU A 115 -7.11 -7.15 -2.96
CA LEU A 115 -6.18 -7.64 -4.02
C LEU A 115 -6.01 -6.54 -5.08
N HIS A 116 -7.09 -5.91 -5.46
CA HIS A 116 -7.03 -4.85 -6.51
C HIS A 116 -6.19 -3.66 -6.01
N PHE A 117 -6.21 -3.37 -4.74
CA PHE A 117 -5.41 -2.21 -4.26
C PHE A 117 -3.92 -2.57 -4.24
N ALA A 118 -3.51 -3.43 -3.34
CA ALA A 118 -2.08 -3.84 -3.29
C ALA A 118 -1.60 -4.14 -4.71
N PHE A 119 -2.51 -4.57 -5.54
CA PHE A 119 -2.17 -4.88 -6.96
C PHE A 119 -1.72 -3.60 -7.66
N ARG A 120 -2.58 -2.61 -7.72
CA ARG A 120 -2.23 -1.34 -8.39
C ARG A 120 -0.85 -0.87 -7.91
N LEU A 121 -0.51 -1.12 -6.68
CA LEU A 121 0.81 -0.64 -6.18
C LEU A 121 1.94 -1.38 -6.89
N TYR A 122 1.85 -2.68 -6.97
CA TYR A 122 2.92 -3.48 -7.65
C TYR A 122 2.61 -3.60 -9.15
N ASP A 123 1.43 -3.21 -9.56
CA ASP A 123 1.09 -3.29 -11.01
C ASP A 123 1.83 -2.18 -11.77
N LEU A 124 3.08 -2.37 -12.05
CA LEU A 124 3.85 -1.31 -12.78
C LEU A 124 3.66 -1.47 -14.29
N ASP A 125 3.61 -2.68 -14.78
CA ASP A 125 3.45 -2.88 -16.26
C ASP A 125 1.98 -3.08 -16.65
N LYS A 126 1.08 -3.14 -15.70
CA LYS A 126 -0.35 -3.33 -16.06
C LYS A 126 -0.54 -4.68 -16.75
N ASP A 127 0.27 -5.64 -16.42
CA ASP A 127 0.13 -6.99 -17.04
C ASP A 127 -0.90 -7.77 -16.22
N GLU A 128 -1.53 -7.10 -15.28
CA GLU A 128 -2.54 -7.75 -14.41
C GLU A 128 -1.87 -8.51 -13.27
N LYS A 129 -0.58 -8.69 -13.32
CA LYS A 129 0.11 -9.43 -12.23
C LYS A 129 1.54 -8.89 -12.05
N ILE A 130 2.12 -9.05 -10.89
CA ILE A 130 3.50 -8.54 -10.68
C ILE A 130 4.49 -9.47 -11.39
N SER A 131 5.03 -9.01 -12.48
CA SER A 131 6.00 -9.84 -13.26
C SER A 131 7.31 -9.95 -12.49
N ARG A 132 8.30 -10.52 -13.10
CA ARG A 132 9.60 -10.71 -12.40
C ARG A 132 10.37 -9.39 -12.35
N ASP A 133 10.32 -8.59 -13.38
CA ASP A 133 11.08 -7.31 -13.37
C ASP A 133 10.43 -6.35 -12.37
N GLU A 134 9.15 -6.42 -12.21
CA GLU A 134 8.47 -5.51 -11.26
C GLU A 134 8.66 -6.01 -9.83
N LEU A 135 8.21 -7.21 -9.55
CA LEU A 135 8.35 -7.76 -8.18
C LEU A 135 9.80 -7.63 -7.70
N LEU A 136 10.75 -7.89 -8.56
CA LEU A 136 12.16 -7.80 -8.15
C LEU A 136 12.50 -6.34 -7.83
N GLN A 137 12.14 -5.43 -8.69
CA GLN A 137 12.46 -4.00 -8.41
C GLN A 137 12.05 -3.65 -6.97
N VAL A 138 10.95 -4.15 -6.51
CA VAL A 138 10.51 -3.83 -5.11
C VAL A 138 11.21 -4.77 -4.13
N LEU A 139 10.99 -6.05 -4.27
CA LEU A 139 11.62 -7.05 -3.37
C LEU A 139 13.09 -6.64 -3.12
N ARG A 140 13.79 -6.24 -4.15
CA ARG A 140 15.20 -5.81 -3.97
C ARG A 140 15.23 -4.49 -3.20
N MET A 141 14.33 -3.59 -3.49
CA MET A 141 14.33 -2.28 -2.77
C MET A 141 13.90 -2.49 -1.32
N MET A 142 13.41 -3.67 -0.98
CA MET A 142 12.94 -3.92 0.42
C MET A 142 13.93 -4.81 1.17
N VAL A 143 14.78 -5.55 0.49
CA VAL A 143 15.74 -6.44 1.20
C VAL A 143 17.18 -6.03 0.85
N GLY A 144 17.37 -5.49 -0.33
CA GLY A 144 18.74 -5.07 -0.74
C GLY A 144 19.33 -4.16 0.34
N VAL A 145 18.51 -3.59 1.17
CA VAL A 145 19.04 -2.70 2.23
C VAL A 145 20.12 -3.41 3.03
N ASN A 146 20.19 -4.71 2.94
CA ASN A 146 21.23 -5.45 3.71
C ASN A 146 21.53 -6.79 3.02
N ILE A 147 21.15 -6.95 1.78
CA ILE A 147 21.43 -8.24 1.07
C ILE A 147 22.51 -8.03 0.01
N SER A 148 23.39 -8.97 -0.14
CA SER A 148 24.49 -8.85 -1.15
C SER A 148 23.89 -8.85 -2.56
N ASP A 149 24.72 -8.83 -3.57
CA ASP A 149 24.19 -8.82 -4.97
C ASP A 149 23.90 -10.25 -5.43
N GLU A 150 24.91 -11.07 -5.54
CA GLU A 150 24.68 -12.47 -5.99
C GLU A 150 23.64 -13.11 -5.06
N GLN A 151 23.59 -12.65 -3.85
CA GLN A 151 22.61 -13.23 -2.88
C GLN A 151 21.21 -12.79 -3.29
N LEU A 152 21.03 -11.52 -3.53
CA LEU A 152 19.70 -11.03 -3.93
C LEU A 152 19.32 -11.60 -5.29
N GLY A 153 20.22 -11.59 -6.23
CA GLY A 153 19.90 -12.13 -7.57
C GLY A 153 19.33 -13.54 -7.44
N SER A 154 19.90 -14.35 -6.60
CA SER A 154 19.39 -15.74 -6.44
C SER A 154 18.19 -15.79 -5.48
N ILE A 155 18.08 -14.85 -4.58
CA ILE A 155 16.92 -14.87 -3.65
C ILE A 155 15.70 -14.32 -4.37
N ALA A 156 15.91 -13.50 -5.36
CA ALA A 156 14.76 -12.92 -6.11
C ALA A 156 14.26 -13.95 -7.13
N ASP A 157 15.16 -14.55 -7.85
CA ASP A 157 14.74 -15.57 -8.86
C ASP A 157 13.99 -16.70 -8.16
N ARG A 158 14.49 -17.16 -7.04
CA ARG A 158 13.80 -18.27 -6.31
C ARG A 158 12.53 -17.75 -5.65
N THR A 159 12.49 -16.50 -5.30
CA THR A 159 11.28 -15.93 -4.65
C THR A 159 10.13 -15.89 -5.65
N ILE A 160 10.36 -15.35 -6.80
CA ILE A 160 9.26 -15.27 -7.82
C ILE A 160 9.03 -16.64 -8.43
N GLN A 161 9.98 -17.53 -8.30
CA GLN A 161 9.81 -18.88 -8.90
C GLN A 161 9.10 -19.82 -7.92
N GLU A 162 9.37 -19.68 -6.65
CA GLU A 162 8.72 -20.58 -5.66
C GLU A 162 7.29 -20.13 -5.38
N ALA A 163 7.03 -18.84 -5.34
CA ALA A 163 5.64 -18.39 -5.08
C ALA A 163 4.85 -18.56 -6.35
N ASP A 164 5.51 -18.56 -7.48
CA ASP A 164 4.75 -18.69 -8.76
C ASP A 164 3.74 -19.82 -8.65
N GLN A 165 2.52 -19.47 -8.36
CA GLN A 165 1.45 -20.49 -8.25
C GLN A 165 0.70 -20.52 -9.57
N ASP A 166 0.52 -19.39 -10.22
CA ASP A 166 -0.16 -19.47 -11.54
C ASP A 166 0.90 -19.91 -12.52
N GLY A 167 2.11 -20.04 -12.02
CA GLY A 167 3.22 -20.48 -12.89
C GLY A 167 3.36 -19.51 -14.01
N ASP A 168 2.85 -18.34 -13.81
CA ASP A 168 2.94 -17.30 -14.84
C ASP A 168 4.19 -16.50 -14.55
N SER A 169 5.00 -17.00 -13.63
CA SER A 169 6.21 -16.23 -13.25
C SER A 169 5.74 -14.81 -12.96
N ALA A 170 4.48 -14.71 -12.63
CA ALA A 170 3.87 -13.40 -12.33
C ALA A 170 2.78 -13.64 -11.30
N ILE A 171 2.64 -12.76 -10.35
CA ILE A 171 1.64 -13.04 -9.29
C ILE A 171 0.94 -11.77 -8.84
N SER A 172 -0.19 -11.94 -8.18
CA SER A 172 -0.91 -10.76 -7.63
C SER A 172 -2.22 -11.20 -7.03
N PHE A 173 -2.86 -12.07 -7.71
CA PHE A 173 -4.20 -12.54 -7.30
C PHE A 173 -4.19 -13.97 -6.76
N THR A 174 -3.30 -14.79 -7.21
CA THR A 174 -3.39 -16.22 -6.82
C THR A 174 -2.71 -16.56 -5.49
N GLU A 175 -1.41 -16.53 -5.40
CA GLU A 175 -0.83 -16.93 -4.10
C GLU A 175 -1.14 -15.83 -3.10
N PHE A 176 -1.63 -14.72 -3.59
CA PHE A 176 -2.03 -13.62 -2.68
C PHE A 176 -3.34 -14.07 -2.04
N VAL A 177 -4.31 -14.38 -2.86
CA VAL A 177 -5.61 -14.86 -2.33
C VAL A 177 -5.36 -16.10 -1.46
N LYS A 178 -4.56 -17.03 -1.92
CA LYS A 178 -4.29 -18.25 -1.11
C LYS A 178 -3.63 -17.84 0.21
N VAL A 179 -2.96 -16.72 0.23
CA VAL A 179 -2.28 -16.27 1.48
C VAL A 179 -3.32 -15.65 2.42
N LEU A 180 -4.33 -15.01 1.90
CA LEU A 180 -5.35 -14.39 2.79
C LEU A 180 -6.10 -15.49 3.55
N GLU A 181 -6.30 -16.61 2.93
CA GLU A 181 -7.02 -17.72 3.62
C GLU A 181 -6.25 -18.10 4.89
N LYS A 182 -5.06 -17.58 5.05
CA LYS A 182 -4.24 -17.90 6.26
C LYS A 182 -4.08 -16.64 7.11
N VAL A 183 -4.33 -15.49 6.54
CA VAL A 183 -4.20 -14.23 7.33
C VAL A 183 -5.19 -13.19 6.79
N ASP A 184 -6.05 -12.68 7.63
CA ASP A 184 -7.04 -11.68 7.17
C ASP A 184 -6.33 -10.34 6.94
N VAL A 185 -5.64 -10.22 5.83
CA VAL A 185 -4.92 -8.94 5.54
C VAL A 185 -5.93 -7.81 5.28
N GLU A 186 -7.15 -8.16 4.99
CA GLU A 186 -8.18 -7.13 4.72
C GLU A 186 -8.22 -6.12 5.87
N GLN A 187 -7.92 -6.55 7.07
CA GLN A 187 -7.95 -5.60 8.22
C GLN A 187 -6.57 -4.94 8.34
N LYS A 188 -5.53 -5.66 8.02
CA LYS A 188 -4.17 -5.07 8.09
C LYS A 188 -4.19 -3.71 7.40
N MET A 189 -5.03 -3.56 6.41
CA MET A 189 -5.14 -2.25 5.69
C MET A 189 -5.61 -1.17 6.67
N SER A 190 -4.96 -1.05 7.79
CA SER A 190 -5.36 -0.02 8.80
C SER A 190 -4.09 0.53 9.46
N ILE A 191 -3.92 1.82 9.43
CA ILE A 191 -2.70 2.43 10.04
C ILE A 191 -2.97 2.78 11.50
N ARG A 192 -2.04 2.51 12.37
CA ARG A 192 -2.23 2.83 13.82
C ARG A 192 -3.53 2.21 14.32
N PHE A 193 -3.44 1.16 15.10
CA PHE A 193 -4.68 0.52 15.62
C PHE A 193 -4.38 -0.09 17.01
N LEU A 194 -5.40 -0.52 17.71
CA LEU A 194 -5.18 -1.11 19.06
C LEU A 194 -6.23 -2.20 19.31
N HIS A 195 -7.00 -2.06 20.37
CA HIS A 195 -8.03 -3.09 20.67
C HIS A 195 -9.29 -2.80 19.84
N VAL B 1 2.50 -50.23 11.67
CA VAL B 1 1.51 -49.18 11.29
C VAL B 1 2.22 -47.84 11.14
N ASP B 2 1.92 -47.10 10.10
CA ASP B 2 2.58 -45.78 9.92
C ASP B 2 1.91 -44.74 10.80
N LEU B 3 2.43 -43.54 10.84
CA LEU B 3 1.82 -42.49 11.70
C LEU B 3 2.37 -41.13 11.29
N LEU B 4 3.66 -41.02 11.14
CA LEU B 4 4.27 -39.71 10.74
C LEU B 4 4.07 -39.50 9.24
N ALA B 5 3.19 -38.61 8.86
CA ALA B 5 2.96 -38.35 7.42
C ALA B 5 2.24 -37.01 7.24
N VAL B 6 2.46 -36.09 8.14
CA VAL B 6 1.79 -34.76 8.02
C VAL B 6 2.44 -33.78 9.00
N LYS B 7 2.85 -34.25 10.16
CA LYS B 7 3.49 -33.34 11.15
C LYS B 7 4.95 -33.12 10.76
N LYS B 8 5.20 -32.72 9.53
CA LYS B 8 6.59 -32.47 9.10
C LYS B 8 6.59 -31.81 7.71
N LYS B 9 5.84 -32.34 6.80
CA LYS B 9 5.78 -31.74 5.43
C LYS B 9 5.16 -30.35 5.50
N GLN B 10 4.54 -30.02 6.61
CA GLN B 10 3.92 -28.67 6.75
C GLN B 10 4.96 -27.59 6.45
N GLU B 11 4.55 -26.50 5.87
CA GLU B 11 5.52 -25.41 5.55
C GLU B 11 5.96 -24.74 6.85
N THR B 12 6.59 -25.47 7.72
CA THR B 12 7.06 -24.87 9.00
C THR B 12 7.85 -23.59 8.72
N LYS B 13 8.56 -23.56 7.63
CA LYS B 13 9.36 -22.35 7.28
C LYS B 13 8.41 -21.21 6.88
N ARG B 14 8.84 -19.99 7.04
CA ARG B 14 7.96 -18.84 6.66
C ARG B 14 7.80 -18.82 5.14
N SER B 15 6.61 -18.50 4.67
CA SER B 15 6.39 -18.46 3.20
C SER B 15 6.90 -17.13 2.64
N ILE B 16 7.60 -17.17 1.53
CA ILE B 16 8.09 -15.91 0.94
C ILE B 16 6.91 -14.98 0.70
N ASN B 17 5.80 -15.53 0.30
CA ASN B 17 4.60 -14.69 0.05
C ASN B 17 4.14 -14.06 1.36
N GLU B 18 4.27 -14.75 2.46
CA GLU B 18 3.83 -14.17 3.76
C GLU B 18 4.84 -13.14 4.27
N GLU B 19 6.04 -13.55 4.54
CA GLU B 19 7.07 -12.60 5.07
C GLU B 19 7.12 -11.32 4.22
N ILE B 20 7.19 -11.44 2.92
CA ILE B 20 7.27 -10.21 2.08
C ILE B 20 5.94 -9.46 2.11
N HIS B 21 4.84 -10.16 2.15
CA HIS B 21 3.52 -9.45 2.19
C HIS B 21 3.35 -8.73 3.52
N THR B 22 3.68 -9.36 4.61
CA THR B 22 3.52 -8.69 5.93
C THR B 22 4.32 -7.39 5.94
N GLN B 23 5.57 -7.44 5.56
CA GLN B 23 6.39 -6.20 5.54
C GLN B 23 5.83 -5.23 4.50
N PHE B 24 5.77 -5.67 3.27
CA PHE B 24 5.22 -4.81 2.19
C PHE B 24 3.93 -4.14 2.67
N LEU B 25 3.08 -4.89 3.30
CA LEU B 25 1.79 -4.33 3.82
C LEU B 25 2.07 -3.14 4.75
N ASP B 26 3.01 -3.25 5.64
CA ASP B 26 3.30 -2.13 6.57
C ASP B 26 3.98 -0.98 5.83
N HIS B 27 5.08 -1.25 5.19
CA HIS B 27 5.81 -0.17 4.47
C HIS B 27 4.91 0.50 3.43
N LEU B 28 4.12 -0.25 2.73
CA LEU B 28 3.25 0.36 1.69
C LEU B 28 2.12 1.15 2.35
N LEU B 29 1.55 0.64 3.41
CA LEU B 29 0.44 1.38 4.08
C LEU B 29 1.03 2.61 4.76
N THR B 30 1.91 2.42 5.70
CA THR B 30 2.52 3.56 6.40
C THR B 30 3.22 4.48 5.39
N GLY B 31 3.60 3.95 4.26
CA GLY B 31 4.32 4.78 3.25
C GLY B 31 3.34 5.71 2.53
N ILE B 32 2.37 5.16 1.85
CA ILE B 32 1.40 6.01 1.11
C ILE B 32 0.56 6.86 2.07
N GLU B 33 0.47 6.47 3.31
CA GLU B 33 -0.34 7.28 4.27
C GLU B 33 0.50 8.44 4.78
N ASP B 34 1.79 8.24 4.88
CA ASP B 34 2.66 9.34 5.37
C ASP B 34 2.34 10.64 4.63
N ILE B 35 1.61 10.55 3.54
CA ILE B 35 1.27 11.79 2.77
C ILE B 35 0.47 12.75 3.66
N CYS B 36 -0.75 12.41 3.98
CA CYS B 36 -1.58 13.31 4.84
C CYS B 36 -1.45 14.75 4.33
N GLY B 37 -1.11 15.67 5.20
CA GLY B 37 -0.96 17.09 4.77
C GLY B 37 -1.09 18.01 5.98
N HIS B 38 -0.27 19.02 6.06
CA HIS B 38 -0.35 19.95 7.23
C HIS B 38 0.20 21.32 6.81
N TYR B 39 -0.49 22.38 7.15
CA TYR B 39 -0.01 23.73 6.77
C TYR B 39 1.42 23.93 7.30
N GLY B 40 1.63 23.68 8.56
CA GLY B 40 3.00 23.85 9.12
C GLY B 40 3.23 25.32 9.51
N HIS B 41 2.76 25.71 10.66
CA HIS B 41 2.94 27.13 11.10
C HIS B 41 2.56 27.27 12.57
N HIS B 42 3.37 27.93 13.35
CA HIS B 42 3.05 28.11 14.79
C HIS B 42 2.71 26.74 15.39
N HIS B 43 1.62 26.66 16.11
CA HIS B 43 1.23 25.36 16.73
C HIS B 43 0.79 24.39 15.63
N MET A 1 23.85 10.35 8.79
CA MET A 1 24.38 11.73 8.92
C MET A 1 23.46 12.55 9.81
N GLY A 2 22.20 12.22 9.85
CA GLY A 2 21.25 12.98 10.70
C GLY A 2 19.83 12.42 10.52
N SER A 3 18.88 12.92 11.25
CA SER A 3 17.49 12.43 11.12
C SER A 3 17.03 12.57 9.67
N ARG A 4 17.16 11.53 8.89
CA ARG A 4 16.74 11.61 7.46
C ARG A 4 15.21 11.46 7.38
N ALA A 5 14.73 10.26 7.16
CA ALA A 5 13.26 10.05 7.05
C ALA A 5 12.56 10.77 8.21
N SER A 6 12.15 11.98 7.99
CA SER A 6 11.45 12.75 9.07
C SER A 6 9.94 12.64 8.87
N THR A 7 9.28 11.80 9.62
CA THR A 7 7.80 11.65 9.47
C THR A 7 7.09 12.68 10.33
N LEU A 8 6.57 13.72 9.73
CA LEU A 8 5.86 14.77 10.52
C LEU A 8 4.36 14.46 10.51
N LEU A 9 4.00 13.27 10.91
CA LEU A 9 2.57 12.89 10.94
C LEU A 9 2.05 13.05 12.38
N ARG A 10 1.70 14.25 12.75
CA ARG A 10 1.19 14.47 14.13
C ARG A 10 -0.28 14.05 14.17
N ASP A 11 -0.88 14.11 15.34
CA ASP A 11 -2.31 13.70 15.45
C ASP A 11 -3.15 14.43 14.41
N GLU A 12 -2.63 15.49 13.84
CA GLU A 12 -3.41 16.24 12.82
C GLU A 12 -3.39 15.47 11.50
N GLU A 13 -2.24 15.06 11.06
CA GLU A 13 -2.17 14.31 9.78
C GLU A 13 -2.78 12.92 10.00
N LEU A 14 -2.62 12.37 11.17
CA LEU A 14 -3.17 11.04 11.44
C LEU A 14 -4.69 11.12 11.51
N GLU A 15 -5.20 11.87 12.45
CA GLU A 15 -6.68 12.00 12.58
C GLU A 15 -7.29 12.30 11.22
N GLU A 16 -6.63 13.08 10.40
CA GLU A 16 -7.17 13.41 9.06
C GLU A 16 -7.33 12.13 8.24
N ILE A 17 -6.25 11.49 7.89
CA ILE A 17 -6.35 10.24 7.07
C ILE A 17 -7.14 9.17 7.82
N LYS A 18 -6.90 9.03 9.09
CA LYS A 18 -7.64 8.00 9.88
C LYS A 18 -9.14 8.12 9.59
N LYS A 19 -9.62 9.33 9.43
CA LYS A 19 -11.07 9.51 9.16
C LYS A 19 -11.37 9.21 7.68
N GLU A 20 -10.51 9.57 6.76
CA GLU A 20 -10.81 9.27 5.32
C GLU A 20 -11.20 7.80 5.20
N THR A 21 -10.48 6.93 5.85
CA THR A 21 -10.81 5.49 5.78
C THR A 21 -11.91 5.20 6.81
N GLY A 22 -12.39 6.24 7.43
CA GLY A 22 -13.46 6.08 8.46
C GLY A 22 -14.71 6.88 8.03
N PHE A 23 -14.52 7.94 7.29
CA PHE A 23 -15.68 8.77 6.84
C PHE A 23 -16.53 9.16 8.05
N SER A 24 -16.45 10.39 8.48
CA SER A 24 -17.26 10.79 9.66
C SER A 24 -17.28 12.32 9.81
N HIS A 25 -16.41 13.05 9.17
CA HIS A 25 -16.42 14.53 9.35
C HIS A 25 -15.74 15.25 8.17
N SER A 26 -15.45 16.51 8.35
CA SER A 26 -14.79 17.33 7.29
C SER A 26 -13.28 17.30 7.46
N GLN A 27 -12.79 16.81 8.57
CA GLN A 27 -11.32 16.79 8.80
C GLN A 27 -10.59 16.38 7.52
N ILE A 28 -11.20 15.58 6.69
CA ILE A 28 -10.54 15.17 5.42
C ILE A 28 -10.95 16.13 4.30
N THR A 29 -12.18 16.56 4.28
CA THR A 29 -12.61 17.51 3.21
C THR A 29 -11.61 18.66 3.16
N ARG A 30 -11.29 19.22 4.29
CA ARG A 30 -10.30 20.33 4.31
C ARG A 30 -8.95 19.80 3.80
N LEU A 31 -8.52 18.68 4.30
CA LEU A 31 -7.25 18.09 3.88
C LEU A 31 -7.21 18.00 2.35
N TYR A 32 -8.31 17.64 1.74
CA TYR A 32 -8.34 17.55 0.26
C TYR A 32 -8.11 18.94 -0.31
N SER A 33 -8.63 19.95 0.34
CA SER A 33 -8.43 21.33 -0.18
C SER A 33 -6.94 21.64 -0.27
N ARG A 34 -6.19 21.33 0.75
CA ARG A 34 -4.72 21.61 0.72
C ARG A 34 -4.07 20.63 -0.25
N PHE A 35 -4.40 19.38 -0.12
CA PHE A 35 -3.79 18.33 -1.00
C PHE A 35 -3.98 18.72 -2.47
N THR A 36 -5.20 18.93 -2.87
CA THR A 36 -5.48 19.28 -4.29
C THR A 36 -4.99 20.69 -4.59
N SER A 37 -4.77 21.48 -3.58
CA SER A 37 -4.29 22.86 -3.83
C SER A 37 -2.83 22.80 -4.28
N LEU A 38 -2.15 21.72 -3.99
CA LEU A 38 -0.73 21.61 -4.40
C LEU A 38 -0.60 21.85 -5.92
N ASP A 39 -1.67 21.76 -6.66
CA ASP A 39 -1.57 21.99 -8.13
C ASP A 39 -1.30 23.48 -8.39
N LYS A 40 -0.35 24.05 -7.68
CA LYS A 40 -0.05 25.50 -7.90
C LYS A 40 -1.35 26.29 -7.82
N GLY A 41 -2.40 25.66 -7.37
CA GLY A 41 -3.71 26.35 -7.27
C GLY A 41 -4.77 25.28 -7.00
N GLU A 42 -5.07 24.48 -8.00
CA GLU A 42 -6.04 23.38 -7.87
C GLU A 42 -6.64 23.05 -9.23
N ASN A 43 -5.85 22.51 -10.13
CA ASN A 43 -6.40 22.15 -11.45
C ASN A 43 -7.61 21.24 -11.24
N GLY A 44 -7.82 20.82 -10.02
CA GLY A 44 -8.97 19.92 -9.72
C GLY A 44 -8.46 18.48 -9.67
N THR A 45 -7.19 18.32 -9.92
CA THR A 45 -6.58 16.96 -9.89
C THR A 45 -5.13 17.10 -9.42
N LEU A 46 -4.35 16.05 -9.51
CA LEU A 46 -2.93 16.15 -9.06
C LEU A 46 -2.02 15.31 -9.95
N SER A 47 -0.83 15.80 -10.20
CA SER A 47 0.15 15.03 -11.04
C SER A 47 1.33 14.60 -10.18
N ARG A 48 2.28 13.91 -10.77
CA ARG A 48 3.47 13.45 -9.99
C ARG A 48 4.20 14.66 -9.41
N GLU A 49 4.17 15.77 -10.10
CA GLU A 49 4.87 16.98 -9.59
C GLU A 49 4.20 17.47 -8.31
N ASP A 50 3.02 16.99 -8.01
CA ASP A 50 2.32 17.44 -6.76
C ASP A 50 2.68 16.50 -5.62
N PHE A 51 2.51 15.22 -5.82
CA PHE A 51 2.84 14.27 -4.73
C PHE A 51 4.30 14.45 -4.30
N GLN A 52 5.13 14.94 -5.18
CA GLN A 52 6.57 15.14 -4.83
C GLN A 52 6.70 16.31 -3.85
N ARG A 53 5.76 17.21 -3.87
CA ARG A 53 5.84 18.37 -2.95
C ARG A 53 5.71 17.88 -1.50
N ILE A 54 5.29 16.66 -1.31
CA ILE A 54 5.17 16.11 0.06
C ILE A 54 6.49 15.37 0.35
N PRO A 55 6.99 15.46 1.56
CA PRO A 55 8.28 14.79 1.93
C PRO A 55 8.19 13.26 1.97
N GLU A 56 7.13 12.69 1.46
CA GLU A 56 7.04 11.19 1.49
C GLU A 56 7.58 10.60 0.19
N LEU A 57 7.04 10.99 -0.93
CA LEU A 57 7.53 10.44 -2.22
C LEU A 57 9.01 10.78 -2.42
N ALA A 58 9.39 11.98 -2.14
CA ALA A 58 10.81 12.39 -2.33
C ALA A 58 11.74 11.63 -1.36
N ILE A 59 11.18 10.95 -0.39
CA ILE A 59 12.05 10.20 0.58
C ILE A 59 11.56 8.75 0.68
N ASN A 60 10.74 8.33 -0.24
CA ASN A 60 10.21 6.94 -0.20
C ASN A 60 11.14 6.00 -0.99
N PRO A 61 11.32 4.79 -0.54
CA PRO A 61 12.20 3.80 -1.23
C PRO A 61 11.62 3.37 -2.59
N LEU A 62 10.32 3.22 -2.69
CA LEU A 62 9.70 2.81 -3.99
C LEU A 62 8.79 3.95 -4.48
N GLY A 63 7.81 4.31 -3.71
CA GLY A 63 6.85 5.39 -4.12
C GLY A 63 6.04 4.90 -5.32
N ASP A 64 6.65 4.13 -6.16
CA ASP A 64 5.91 3.59 -7.35
C ASP A 64 4.54 3.12 -6.88
N ARG A 65 4.44 2.82 -5.61
CA ARG A 65 3.15 2.38 -5.03
C ARG A 65 2.23 3.60 -4.94
N ILE A 66 2.71 4.68 -4.40
CA ILE A 66 1.87 5.90 -4.28
C ILE A 66 1.54 6.44 -5.67
N ILE A 67 2.47 6.38 -6.57
CA ILE A 67 2.25 6.89 -7.94
C ILE A 67 1.03 6.20 -8.56
N ASN A 68 1.03 4.89 -8.62
CA ASN A 68 -0.13 4.20 -9.23
C ASN A 68 -1.31 4.18 -8.26
N ALA A 69 -1.10 4.57 -7.03
CA ALA A 69 -2.24 4.57 -6.07
C ALA A 69 -3.20 5.69 -6.45
N PHE A 70 -2.69 6.80 -6.91
CA PHE A 70 -3.58 7.93 -7.28
C PHE A 70 -3.95 7.86 -8.77
N PHE A 71 -3.00 7.61 -9.63
CA PHE A 71 -3.33 7.53 -11.08
C PHE A 71 -4.04 6.19 -11.38
N PRO A 72 -4.95 6.16 -12.32
CA PRO A 72 -5.69 4.92 -12.69
C PRO A 72 -4.78 3.93 -13.45
N GLU A 73 -4.86 3.90 -14.75
CA GLU A 73 -4.01 2.97 -15.53
C GLU A 73 -2.67 3.66 -15.85
N GLY A 74 -2.65 4.95 -15.84
CA GLY A 74 -1.38 5.69 -16.13
C GLY A 74 -1.71 7.12 -16.57
N GLU A 75 -2.69 7.73 -15.98
CA GLU A 75 -3.04 9.13 -16.38
C GLU A 75 -2.06 10.10 -15.72
N ASP A 76 -1.93 11.28 -16.26
CA ASP A 76 -0.97 12.27 -15.67
C ASP A 76 -1.73 13.19 -14.70
N GLN A 77 -2.86 12.77 -14.21
CA GLN A 77 -3.61 13.63 -13.26
C GLN A 77 -4.67 12.78 -12.54
N VAL A 78 -4.82 12.96 -11.24
CA VAL A 78 -5.83 12.17 -10.46
C VAL A 78 -6.85 13.12 -9.87
N ASN A 79 -8.12 12.87 -10.09
CA ASN A 79 -9.18 13.77 -9.56
C ASN A 79 -9.57 13.38 -8.14
N PHE A 80 -10.31 14.24 -7.49
CA PHE A 80 -10.76 13.97 -6.09
C PHE A 80 -11.32 12.55 -5.99
N ARG A 81 -11.90 12.05 -7.04
CA ARG A 81 -12.48 10.69 -6.99
C ARG A 81 -11.48 9.71 -6.43
N GLY A 82 -10.31 9.61 -7.02
CA GLY A 82 -9.32 8.64 -6.50
C GLY A 82 -8.59 9.17 -5.28
N PHE A 83 -8.44 10.46 -5.15
CA PHE A 83 -7.72 10.97 -3.94
C PHE A 83 -8.36 10.34 -2.71
N MET A 84 -9.65 10.33 -2.66
CA MET A 84 -10.35 9.74 -1.49
C MET A 84 -10.55 8.24 -1.71
N ARG A 85 -10.50 7.73 -2.92
CA ARG A 85 -10.68 6.27 -3.09
C ARG A 85 -9.40 5.55 -2.63
N THR A 86 -8.28 6.18 -2.77
CA THR A 86 -7.00 5.56 -2.37
C THR A 86 -6.80 5.77 -0.87
N LEU A 87 -6.81 7.00 -0.43
CA LEU A 87 -6.59 7.26 1.02
C LEU A 87 -7.69 6.60 1.85
N ALA A 88 -8.83 6.33 1.27
CA ALA A 88 -9.94 5.69 2.05
C ALA A 88 -9.92 4.17 1.85
N HIS A 89 -9.24 3.69 0.82
CA HIS A 89 -9.21 2.22 0.60
C HIS A 89 -8.61 1.54 1.83
N PHE A 90 -7.98 2.31 2.67
CA PHE A 90 -7.36 1.74 3.89
C PHE A 90 -8.45 1.50 4.94
N ARG A 91 -9.68 1.39 4.52
CA ARG A 91 -10.79 1.16 5.50
C ARG A 91 -10.68 -0.27 6.06
N PRO A 92 -10.76 -0.45 7.36
CA PRO A 92 -10.66 -1.80 7.99
C PRO A 92 -11.95 -2.60 7.80
N ILE A 93 -11.95 -3.85 8.20
CA ILE A 93 -13.17 -4.69 8.04
C ILE A 93 -14.10 -4.46 9.23
N GLU A 94 -15.35 -4.76 9.07
CA GLU A 94 -16.32 -4.55 10.18
C GLU A 94 -16.14 -5.66 11.22
N ASP A 95 -17.21 -6.32 11.60
CA ASP A 95 -17.09 -7.41 12.60
C ASP A 95 -16.78 -8.73 11.89
N ASN A 96 -17.55 -9.06 10.89
CA ASN A 96 -17.31 -10.34 10.15
C ASN A 96 -17.65 -10.12 8.67
N GLU A 97 -17.85 -8.90 8.29
CA GLU A 97 -18.18 -8.60 6.86
C GLU A 97 -19.28 -9.58 6.38
N LYS A 98 -18.89 -10.67 5.79
CA LYS A 98 -19.91 -11.65 5.31
C LYS A 98 -20.99 -10.91 4.51
N SER A 99 -20.75 -9.68 4.16
CA SER A 99 -21.76 -8.92 3.38
C SER A 99 -21.62 -9.24 1.89
N LYS A 100 -20.65 -8.66 1.23
CA LYS A 100 -20.47 -8.95 -0.22
C LYS A 100 -21.71 -8.49 -0.98
N ASP A 101 -21.64 -7.36 -1.62
CA ASP A 101 -22.82 -6.85 -2.39
C ASP A 101 -22.89 -7.58 -3.74
N VAL A 102 -24.07 -7.71 -4.28
CA VAL A 102 -24.21 -8.41 -5.60
C VAL A 102 -23.52 -7.57 -6.68
N ASN A 103 -23.78 -6.29 -6.71
CA ASN A 103 -23.14 -5.43 -7.75
C ASN A 103 -23.41 -3.96 -7.44
N GLY A 104 -23.18 -3.09 -8.38
CA GLY A 104 -23.42 -1.64 -8.14
C GLY A 104 -22.25 -1.04 -7.36
N PRO A 105 -22.43 0.13 -6.83
CA PRO A 105 -21.37 0.83 -6.05
C PRO A 105 -20.73 -0.07 -4.99
N GLU A 106 -19.56 -0.58 -5.26
CA GLU A 106 -18.87 -1.47 -4.28
C GLU A 106 -18.68 -0.70 -2.96
N PRO A 107 -18.70 -1.38 -1.85
CA PRO A 107 -18.53 -0.74 -0.51
C PRO A 107 -17.11 -0.15 -0.35
N LEU A 108 -16.24 -0.40 -1.29
CA LEU A 108 -14.86 0.15 -1.20
C LEU A 108 -14.06 -0.65 -0.17
N ASN A 109 -12.87 -1.06 -0.52
CA ASN A 109 -12.02 -1.84 0.42
C ASN A 109 -12.46 -3.31 0.43
N SER A 110 -13.48 -3.65 -0.32
CA SER A 110 -13.94 -5.06 -0.35
C SER A 110 -12.75 -5.99 -0.61
N ARG A 111 -12.87 -7.24 -0.26
CA ARG A 111 -11.75 -8.19 -0.48
C ARG A 111 -11.25 -8.04 -1.92
N SER A 112 -12.10 -8.29 -2.88
CA SER A 112 -11.68 -8.15 -4.30
C SER A 112 -10.99 -6.80 -4.50
N ASN A 113 -11.44 -5.79 -3.81
CA ASN A 113 -10.82 -4.46 -3.96
C ASN A 113 -9.44 -4.46 -3.29
N LYS A 114 -9.28 -5.21 -2.23
CA LYS A 114 -7.95 -5.25 -1.56
C LYS A 114 -6.91 -5.75 -2.57
N LEU A 115 -7.18 -6.83 -3.24
CA LEU A 115 -6.20 -7.36 -4.24
C LEU A 115 -5.99 -6.28 -5.30
N HIS A 116 -7.04 -5.62 -5.70
CA HIS A 116 -6.92 -4.56 -6.73
C HIS A 116 -6.04 -3.41 -6.19
N PHE A 117 -6.14 -3.14 -4.92
CA PHE A 117 -5.33 -2.03 -4.34
C PHE A 117 -3.85 -2.41 -4.36
N ALA A 118 -3.44 -3.34 -3.53
CA ALA A 118 -2.01 -3.76 -3.52
C ALA A 118 -1.54 -3.99 -4.96
N PHE A 119 -2.44 -4.39 -5.81
CA PHE A 119 -2.08 -4.62 -7.24
C PHE A 119 -1.66 -3.29 -7.89
N ARG A 120 -2.55 -2.34 -7.94
CA ARG A 120 -2.21 -1.03 -8.57
C ARG A 120 -0.89 -0.51 -8.00
N LEU A 121 -0.56 -0.91 -6.81
CA LEU A 121 0.71 -0.41 -6.21
C LEU A 121 1.90 -1.06 -6.89
N TYR A 122 1.83 -2.34 -7.12
CA TYR A 122 2.95 -3.05 -7.77
C TYR A 122 2.72 -3.10 -9.27
N ASP A 123 1.54 -2.74 -9.71
CA ASP A 123 1.24 -2.80 -11.17
C ASP A 123 2.10 -1.79 -11.92
N LEU A 124 3.36 -2.10 -12.10
CA LEU A 124 4.26 -1.17 -12.84
C LEU A 124 4.14 -1.43 -14.35
N ASP A 125 4.06 -2.68 -14.75
CA ASP A 125 3.97 -2.99 -16.21
C ASP A 125 2.50 -3.15 -16.66
N LYS A 126 1.56 -3.05 -15.76
CA LYS A 126 0.13 -3.20 -16.18
C LYS A 126 -0.08 -4.57 -16.81
N ASP A 127 0.65 -5.55 -16.37
CA ASP A 127 0.47 -6.92 -16.94
C ASP A 127 -0.64 -7.61 -16.13
N GLU A 128 -1.21 -6.90 -15.20
CA GLU A 128 -2.30 -7.46 -14.35
C GLU A 128 -1.72 -8.34 -13.24
N LYS A 129 -0.43 -8.54 -13.23
CA LYS A 129 0.19 -9.38 -12.17
C LYS A 129 1.60 -8.87 -11.89
N ILE A 130 2.10 -9.07 -10.70
CA ILE A 130 3.48 -8.58 -10.39
C ILE A 130 4.47 -9.49 -11.09
N SER A 131 5.03 -9.03 -12.17
CA SER A 131 6.01 -9.85 -12.92
C SER A 131 7.32 -9.90 -12.15
N ARG A 132 8.33 -10.49 -12.72
CA ARG A 132 9.64 -10.59 -12.00
C ARG A 132 10.34 -9.24 -11.99
N ASP A 133 10.23 -8.48 -13.05
CA ASP A 133 10.90 -7.15 -13.08
C ASP A 133 10.24 -6.22 -12.07
N GLU A 134 8.96 -6.34 -11.89
CA GLU A 134 8.27 -5.45 -10.91
C GLU A 134 8.47 -5.98 -9.50
N LEU A 135 8.05 -7.18 -9.24
CA LEU A 135 8.21 -7.76 -7.89
C LEU A 135 9.67 -7.64 -7.45
N LEU A 136 10.59 -7.90 -8.33
CA LEU A 136 12.02 -7.78 -7.96
C LEU A 136 12.35 -6.34 -7.60
N GLN A 137 11.93 -5.40 -8.39
CA GLN A 137 12.23 -3.97 -8.06
C GLN A 137 11.89 -3.71 -6.59
N VAL A 138 10.81 -4.28 -6.11
CA VAL A 138 10.44 -4.06 -4.68
C VAL A 138 11.21 -5.05 -3.80
N LEU A 139 10.89 -6.31 -3.91
CA LEU A 139 11.57 -7.36 -3.10
C LEU A 139 13.07 -7.02 -2.98
N ARG A 140 13.68 -6.60 -4.04
CA ARG A 140 15.13 -6.25 -3.99
C ARG A 140 15.33 -4.93 -3.24
N MET A 141 14.45 -3.98 -3.39
CA MET A 141 14.62 -2.68 -2.69
C MET A 141 14.23 -2.85 -1.22
N MET A 142 13.65 -3.98 -0.88
CA MET A 142 13.23 -4.21 0.53
C MET A 142 14.26 -5.08 1.27
N VAL A 143 14.96 -5.94 0.57
CA VAL A 143 15.98 -6.81 1.25
C VAL A 143 17.38 -6.33 0.88
N GLY A 144 17.53 -5.66 -0.23
CA GLY A 144 18.88 -5.16 -0.64
C GLY A 144 19.51 -4.40 0.52
N VAL A 145 18.72 -3.97 1.46
CA VAL A 145 19.27 -3.20 2.62
C VAL A 145 20.41 -4.00 3.26
N ASN A 146 20.45 -5.29 3.07
CA ASN A 146 21.54 -6.10 3.69
C ASN A 146 21.85 -7.32 2.81
N ILE A 147 21.43 -7.31 1.57
CA ILE A 147 21.72 -8.47 0.67
C ILE A 147 22.72 -8.06 -0.40
N SER A 148 23.70 -8.90 -0.66
CA SER A 148 24.72 -8.58 -1.69
C SER A 148 24.05 -8.50 -3.07
N ASP A 149 24.82 -8.33 -4.12
CA ASP A 149 24.20 -8.23 -5.47
C ASP A 149 23.89 -9.62 -6.03
N GLU A 150 24.89 -10.43 -6.27
CA GLU A 150 24.63 -11.78 -6.81
C GLU A 150 23.78 -12.55 -5.80
N GLN A 151 23.83 -12.16 -4.55
CA GLN A 151 23.01 -12.85 -3.54
C GLN A 151 21.55 -12.47 -3.76
N LEU A 152 21.30 -11.22 -3.99
CA LEU A 152 19.91 -10.78 -4.23
C LEU A 152 19.41 -11.37 -5.55
N GLY A 153 20.20 -11.26 -6.58
CA GLY A 153 19.77 -11.80 -7.90
C GLY A 153 19.25 -13.23 -7.72
N SER A 154 19.95 -14.03 -6.96
CA SER A 154 19.50 -15.44 -6.76
C SER A 154 18.40 -15.53 -5.71
N ILE A 155 18.36 -14.62 -4.77
CA ILE A 155 17.30 -14.69 -3.72
C ILE A 155 15.99 -14.18 -4.31
N ALA A 156 16.06 -13.38 -5.34
CA ALA A 156 14.82 -12.84 -5.96
C ALA A 156 14.26 -13.87 -6.93
N ASP A 157 15.08 -14.38 -7.80
CA ASP A 157 14.58 -15.39 -8.77
C ASP A 157 13.93 -16.54 -8.01
N ARG A 158 14.59 -17.08 -7.02
CA ARG A 158 13.99 -18.19 -6.24
C ARG A 158 12.73 -17.70 -5.51
N THR A 159 12.82 -16.57 -4.87
CA THR A 159 11.63 -16.03 -4.14
C THR A 159 10.41 -16.07 -5.05
N ILE A 160 10.53 -15.59 -6.25
CA ILE A 160 9.35 -15.60 -7.16
C ILE A 160 9.08 -17.02 -7.63
N GLN A 161 10.05 -17.89 -7.53
CA GLN A 161 9.84 -19.29 -7.99
C GLN A 161 8.93 -20.05 -7.03
N GLU A 162 8.92 -19.69 -5.77
CA GLU A 162 8.04 -20.41 -4.80
C GLU A 162 6.67 -19.73 -4.78
N ALA A 163 6.61 -18.45 -5.01
CA ALA A 163 5.29 -17.76 -5.01
C ALA A 163 4.65 -17.87 -6.39
N ASP A 164 5.30 -18.47 -7.34
CA ASP A 164 4.69 -18.57 -8.69
C ASP A 164 3.72 -19.75 -8.70
N GLN A 165 2.47 -19.50 -8.45
CA GLN A 165 1.46 -20.58 -8.45
C GLN A 165 0.78 -20.58 -9.80
N ASP A 166 0.54 -19.43 -10.38
CA ASP A 166 -0.08 -19.46 -11.72
C ASP A 166 1.04 -19.87 -12.65
N GLY A 167 2.22 -20.01 -12.08
CA GLY A 167 3.38 -20.42 -12.88
C GLY A 167 3.55 -19.41 -13.98
N ASP A 168 3.02 -18.26 -13.78
CA ASP A 168 3.13 -17.20 -14.78
C ASP A 168 4.34 -16.39 -14.40
N SER A 169 5.11 -16.89 -13.47
CA SER A 169 6.29 -16.11 -13.01
C SER A 169 5.77 -14.73 -12.71
N ALA A 170 4.50 -14.66 -12.44
CA ALA A 170 3.83 -13.37 -12.16
C ALA A 170 2.70 -13.65 -11.18
N ILE A 171 2.48 -12.77 -10.25
CA ILE A 171 1.42 -13.08 -9.24
C ILE A 171 0.65 -11.84 -8.84
N SER A 172 -0.49 -12.04 -8.25
CA SER A 172 -1.28 -10.88 -7.74
C SER A 172 -2.58 -11.38 -7.15
N PHE A 173 -3.16 -12.29 -7.82
CA PHE A 173 -4.48 -12.82 -7.41
C PHE A 173 -4.42 -14.24 -6.85
N THR A 174 -3.48 -15.04 -7.26
CA THR A 174 -3.51 -16.45 -6.84
C THR A 174 -2.84 -16.74 -5.50
N GLU A 175 -1.55 -16.67 -5.39
CA GLU A 175 -0.95 -17.01 -4.08
C GLU A 175 -1.25 -15.86 -3.14
N PHE A 176 -1.72 -14.77 -3.69
CA PHE A 176 -2.11 -13.63 -2.82
C PHE A 176 -3.41 -14.05 -2.16
N VAL A 177 -4.38 -14.43 -2.96
CA VAL A 177 -5.67 -14.89 -2.39
C VAL A 177 -5.41 -16.11 -1.50
N LYS A 178 -4.60 -17.03 -1.95
CA LYS A 178 -4.31 -18.23 -1.10
C LYS A 178 -3.61 -17.79 0.19
N VAL A 179 -2.98 -16.65 0.18
CA VAL A 179 -2.28 -16.16 1.41
C VAL A 179 -3.30 -15.52 2.36
N LEU A 180 -4.33 -14.91 1.85
CA LEU A 180 -5.34 -14.28 2.74
C LEU A 180 -6.06 -15.36 3.54
N GLU A 181 -6.30 -16.49 2.95
CA GLU A 181 -7.00 -17.58 3.68
C GLU A 181 -6.23 -17.89 4.97
N LYS A 182 -5.04 -17.34 5.10
CA LYS A 182 -4.21 -17.60 6.33
C LYS A 182 -4.06 -16.30 7.11
N VAL A 183 -4.27 -15.18 6.48
CA VAL A 183 -4.13 -13.87 7.19
C VAL A 183 -5.09 -12.84 6.58
N ASP A 184 -6.04 -12.38 7.34
CA ASP A 184 -7.01 -11.38 6.80
C ASP A 184 -6.30 -10.05 6.58
N VAL A 185 -5.60 -9.90 5.49
CA VAL A 185 -4.89 -8.62 5.22
C VAL A 185 -5.92 -7.50 5.00
N GLU A 186 -7.13 -7.86 4.72
CA GLU A 186 -8.19 -6.84 4.48
C GLU A 186 -8.24 -5.85 5.64
N GLN A 187 -8.02 -6.30 6.85
CA GLN A 187 -8.07 -5.36 8.01
C GLN A 187 -6.69 -4.76 8.26
N LYS A 188 -5.66 -5.42 7.81
CA LYS A 188 -4.28 -4.88 8.02
C LYS A 188 -4.16 -3.52 7.32
N MET A 189 -4.87 -3.32 6.24
CA MET A 189 -4.79 -2.02 5.53
C MET A 189 -5.42 -0.93 6.42
N SER A 190 -4.96 -0.83 7.63
CA SER A 190 -5.50 0.18 8.58
C SER A 190 -4.33 0.79 9.35
N ILE A 191 -4.25 2.09 9.39
CA ILE A 191 -3.13 2.74 10.13
C ILE A 191 -3.55 3.01 11.57
N ARG A 192 -2.64 2.86 12.50
CA ARG A 192 -2.99 3.12 13.93
C ARG A 192 -4.21 2.28 14.31
N PHE A 193 -4.00 1.05 14.70
CA PHE A 193 -5.15 0.19 15.07
C PHE A 193 -5.63 0.55 16.48
N LEU A 194 -4.74 0.55 17.44
CA LEU A 194 -5.15 0.90 18.83
C LEU A 194 -3.90 1.27 19.65
N HIS A 195 -3.78 2.49 20.07
CA HIS A 195 -2.59 2.89 20.87
C HIS A 195 -2.91 4.17 21.65
N VAL B 1 0.25 -27.84 26.75
CA VAL B 1 0.40 -28.42 25.38
C VAL B 1 1.60 -29.37 25.35
N ASP B 2 1.59 -30.32 24.46
CA ASP B 2 2.73 -31.28 24.38
C ASP B 2 2.60 -32.12 23.11
N LEU B 3 2.53 -31.49 21.97
CA LEU B 3 2.41 -32.25 20.70
C LEU B 3 3.74 -32.93 20.38
N LEU B 4 3.70 -34.15 19.91
CA LEU B 4 4.97 -34.86 19.59
C LEU B 4 5.56 -34.27 18.30
N ALA B 5 5.46 -32.98 18.13
CA ALA B 5 6.02 -32.35 16.91
C ALA B 5 7.55 -32.35 16.98
N VAL B 6 8.20 -32.19 15.86
CA VAL B 6 9.70 -32.19 15.87
C VAL B 6 10.20 -30.88 16.46
N LYS B 7 10.34 -30.82 17.75
CA LYS B 7 10.83 -29.56 18.39
C LYS B 7 12.29 -29.32 18.00
N LYS B 8 13.19 -29.44 18.94
CA LYS B 8 14.63 -29.22 18.62
C LYS B 8 14.79 -27.88 17.89
N LYS B 9 15.43 -27.89 16.75
CA LYS B 9 15.63 -26.62 15.99
C LYS B 9 14.36 -26.30 15.20
N GLN B 10 13.81 -25.13 15.37
CA GLN B 10 12.57 -24.77 14.62
C GLN B 10 12.95 -24.23 13.24
N GLU B 11 12.00 -24.16 12.34
CA GLU B 11 12.31 -23.65 10.97
C GLU B 11 12.78 -22.19 11.06
N THR B 12 13.48 -21.73 10.07
CA THR B 12 13.97 -20.31 10.10
C THR B 12 12.97 -19.41 9.38
N LYS B 13 12.58 -19.77 8.18
CA LYS B 13 11.60 -18.93 7.42
C LYS B 13 10.38 -19.78 7.06
N ARG B 14 9.22 -19.19 7.10
CA ARG B 14 7.98 -19.96 6.76
C ARG B 14 7.68 -19.81 5.27
N SER B 15 6.66 -19.07 4.93
CA SER B 15 6.32 -18.89 3.48
C SER B 15 6.98 -17.62 2.93
N ILE B 16 7.27 -17.59 1.67
CA ILE B 16 7.92 -16.39 1.07
C ILE B 16 6.86 -15.30 0.86
N ASN B 17 5.67 -15.69 0.51
CA ASN B 17 4.61 -14.69 0.27
C ASN B 17 4.12 -14.10 1.59
N GLU B 18 4.25 -14.82 2.67
CA GLU B 18 3.79 -14.30 3.98
C GLU B 18 4.84 -13.35 4.57
N GLU B 19 6.08 -13.74 4.57
CA GLU B 19 7.13 -12.87 5.14
C GLU B 19 7.27 -11.58 4.32
N ILE B 20 7.34 -11.68 3.02
CA ILE B 20 7.49 -10.45 2.19
C ILE B 20 6.21 -9.61 2.26
N HIS B 21 5.06 -10.21 2.16
CA HIS B 21 3.80 -9.41 2.22
C HIS B 21 3.67 -8.73 3.58
N THR B 22 4.11 -9.39 4.63
CA THR B 22 3.99 -8.77 5.98
C THR B 22 4.82 -7.48 6.02
N GLN B 23 6.06 -7.54 5.61
CA GLN B 23 6.90 -6.30 5.63
C GLN B 23 6.40 -5.34 4.56
N PHE B 24 6.12 -5.82 3.38
CA PHE B 24 5.63 -4.94 2.29
C PHE B 24 4.35 -4.23 2.77
N LEU B 25 3.28 -4.96 2.91
CA LEU B 25 1.99 -4.33 3.36
C LEU B 25 2.26 -3.33 4.50
N ASP B 26 3.17 -3.63 5.38
CA ASP B 26 3.46 -2.67 6.48
C ASP B 26 4.18 -1.44 5.94
N HIS B 27 5.08 -1.63 5.01
CA HIS B 27 5.84 -0.48 4.45
C HIS B 27 4.98 0.32 3.46
N LEU B 28 4.19 -0.33 2.66
CA LEU B 28 3.36 0.42 1.66
C LEU B 28 2.20 1.11 2.37
N LEU B 29 1.61 0.51 3.36
CA LEU B 29 0.47 1.18 4.06
C LEU B 29 1.01 2.41 4.80
N THR B 30 2.07 2.23 5.55
CA THR B 30 2.65 3.37 6.31
C THR B 30 3.31 4.34 5.34
N GLY B 31 3.72 3.86 4.19
CA GLY B 31 4.39 4.75 3.20
C GLY B 31 3.34 5.58 2.45
N ILE B 32 2.24 4.98 2.09
CA ILE B 32 1.18 5.74 1.36
C ILE B 32 0.32 6.50 2.35
N GLU B 33 0.31 6.09 3.59
CA GLU B 33 -0.52 6.79 4.60
C GLU B 33 0.25 8.01 5.14
N ASP B 34 1.55 7.93 5.14
CA ASP B 34 2.35 9.07 5.66
C ASP B 34 2.12 10.31 4.78
N ILE B 35 1.84 10.14 3.52
CA ILE B 35 1.61 11.31 2.64
C ILE B 35 0.64 12.28 3.31
N CYS B 36 -0.52 11.84 3.70
CA CYS B 36 -1.51 12.75 4.36
C CYS B 36 -0.79 13.70 5.33
N GLY B 37 -1.05 14.98 5.21
CA GLY B 37 -0.38 15.95 6.12
C GLY B 37 -0.41 17.34 5.48
N HIS B 38 0.65 18.09 5.61
CA HIS B 38 0.68 19.45 5.01
C HIS B 38 2.13 19.91 4.85
N TYR B 39 2.34 21.04 4.22
CA TYR B 39 3.73 21.54 4.02
C TYR B 39 4.21 22.23 5.29
N GLY B 40 5.29 21.79 5.86
CA GLY B 40 5.81 22.43 7.10
C GLY B 40 6.60 23.69 6.74
N HIS B 41 6.20 24.82 7.25
CA HIS B 41 6.93 26.08 6.93
C HIS B 41 8.18 26.17 7.79
N HIS B 42 8.90 27.26 7.70
CA HIS B 42 10.14 27.42 8.51
C HIS B 42 9.76 27.64 9.99
N HIS B 43 9.59 28.87 10.38
CA HIS B 43 9.22 29.15 11.80
C HIS B 43 7.72 28.92 11.99
N MET A 1 15.15 4.46 15.14
CA MET A 1 13.69 4.42 14.92
C MET A 1 13.21 5.76 14.37
N GLY A 2 12.11 6.27 14.86
CA GLY A 2 11.60 7.57 14.38
C GLY A 2 12.66 8.66 14.59
N SER A 3 13.39 8.57 15.66
CA SER A 3 14.44 9.60 15.92
C SER A 3 15.35 9.73 14.69
N ARG A 4 15.49 8.68 13.94
CA ARG A 4 16.36 8.75 12.72
C ARG A 4 15.58 9.42 11.59
N ALA A 5 14.35 9.79 11.83
CA ALA A 5 13.53 10.45 10.77
C ALA A 5 12.68 11.56 11.40
N SER A 6 12.92 12.78 11.00
CA SER A 6 12.13 13.91 11.57
C SER A 6 10.74 13.94 10.94
N THR A 7 9.86 13.08 11.38
CA THR A 7 8.49 13.06 10.80
C THR A 7 7.63 14.14 11.47
N LEU A 8 6.41 14.27 11.06
CA LEU A 8 5.53 15.30 11.68
C LEU A 8 4.06 14.92 11.45
N LEU A 9 3.67 13.78 11.94
CA LEU A 9 2.27 13.31 11.77
C LEU A 9 1.64 13.23 13.16
N ARG A 10 1.09 14.30 13.64
CA ARG A 10 0.45 14.28 14.99
C ARG A 10 -0.99 13.79 14.84
N ASP A 11 -1.69 13.66 15.94
CA ASP A 11 -3.10 13.18 15.87
C ASP A 11 -3.89 14.00 14.85
N GLU A 12 -3.40 15.14 14.46
CA GLU A 12 -4.15 15.97 13.48
C GLU A 12 -3.98 15.37 12.08
N GLU A 13 -2.76 15.06 11.70
CA GLU A 13 -2.56 14.45 10.36
C GLU A 13 -3.10 13.04 10.40
N LEU A 14 -3.01 12.38 11.52
CA LEU A 14 -3.57 11.02 11.58
C LEU A 14 -5.08 11.14 11.50
N GLU A 15 -5.69 11.71 12.50
CA GLU A 15 -7.18 11.88 12.50
C GLU A 15 -7.67 12.21 11.09
N GLU A 16 -6.94 13.02 10.38
CA GLU A 16 -7.38 13.36 9.00
C GLU A 16 -7.43 12.10 8.15
N ILE A 17 -6.30 11.48 7.88
CA ILE A 17 -6.32 10.24 7.04
C ILE A 17 -7.12 9.13 7.76
N LYS A 18 -6.84 8.91 9.02
CA LYS A 18 -7.56 7.85 9.80
C LYS A 18 -9.05 7.84 9.43
N LYS A 19 -9.67 9.00 9.35
CA LYS A 19 -11.12 9.03 9.03
C LYS A 19 -11.34 8.92 7.52
N GLU A 20 -10.46 9.46 6.71
CA GLU A 20 -10.64 9.34 5.22
C GLU A 20 -10.97 7.89 4.91
N THR A 21 -10.51 7.02 5.78
CA THR A 21 -10.76 5.56 5.59
C THR A 21 -11.60 5.08 6.77
N GLY A 22 -11.68 5.89 7.79
CA GLY A 22 -12.48 5.52 8.99
C GLY A 22 -13.90 6.06 8.82
N PHE A 23 -14.05 7.37 8.82
CA PHE A 23 -15.43 7.96 8.66
C PHE A 23 -15.33 9.49 8.45
N SER A 24 -15.92 10.26 9.35
CA SER A 24 -15.91 11.75 9.23
C SER A 24 -16.15 12.18 7.78
N HIS A 25 -15.99 13.45 7.52
CA HIS A 25 -16.22 13.97 6.14
C HIS A 25 -15.59 15.36 6.01
N SER A 26 -15.88 16.24 6.92
CA SER A 26 -15.31 17.62 6.85
C SER A 26 -13.86 17.62 7.34
N GLN A 27 -13.49 16.65 8.12
CA GLN A 27 -12.08 16.61 8.63
C GLN A 27 -11.12 16.38 7.46
N ILE A 28 -11.51 15.60 6.50
CA ILE A 28 -10.60 15.31 5.34
C ILE A 28 -10.87 16.31 4.20
N THR A 29 -12.08 16.76 4.03
CA THR A 29 -12.34 17.74 2.93
C THR A 29 -11.32 18.86 3.01
N ARG A 30 -11.04 19.33 4.19
CA ARG A 30 -10.02 20.41 4.34
C ARG A 30 -8.67 19.86 3.90
N LEU A 31 -8.34 18.66 4.33
CA LEU A 31 -7.06 18.05 3.95
C LEU A 31 -6.98 17.96 2.43
N TYR A 32 -8.11 17.86 1.79
CA TYR A 32 -8.12 17.78 0.31
C TYR A 32 -7.87 19.18 -0.25
N SER A 33 -8.25 20.18 0.48
CA SER A 33 -8.04 21.58 0.01
C SER A 33 -6.55 21.87 -0.09
N ARG A 34 -5.79 21.54 0.91
CA ARG A 34 -4.32 21.80 0.84
C ARG A 34 -3.67 20.77 -0.09
N PHE A 35 -3.92 19.53 0.16
CA PHE A 35 -3.34 18.45 -0.70
C PHE A 35 -3.65 18.76 -2.17
N THR A 36 -4.87 19.04 -2.48
CA THR A 36 -5.24 19.34 -3.88
C THR A 36 -4.71 20.72 -4.28
N SER A 37 -4.39 21.54 -3.32
CA SER A 37 -3.85 22.89 -3.67
C SER A 37 -2.46 22.70 -4.25
N LEU A 38 -1.82 21.61 -3.96
CA LEU A 38 -0.45 21.37 -4.49
C LEU A 38 -0.51 21.34 -6.02
N ASP A 39 -1.68 21.44 -6.58
CA ASP A 39 -1.82 21.41 -8.06
C ASP A 39 -1.18 22.67 -8.67
N LYS A 40 -0.02 23.05 -8.20
CA LYS A 40 0.64 24.26 -8.76
C LYS A 40 -0.33 25.44 -8.76
N GLY A 41 -1.48 25.27 -8.15
CA GLY A 41 -2.48 26.38 -8.11
C GLY A 41 -3.61 26.10 -9.10
N GLU A 42 -4.42 25.10 -8.83
CA GLU A 42 -5.54 24.77 -9.73
C GLU A 42 -6.71 24.25 -8.89
N ASN A 43 -6.57 23.07 -8.32
CA ASN A 43 -7.65 22.48 -7.47
C ASN A 43 -8.55 21.61 -8.34
N GLY A 44 -7.97 20.66 -9.03
CA GLY A 44 -8.78 19.76 -9.90
C GLY A 44 -8.15 18.38 -9.88
N THR A 45 -6.90 18.29 -10.26
CA THR A 45 -6.21 16.96 -10.26
C THR A 45 -4.76 17.14 -9.80
N LEU A 46 -4.01 16.07 -9.68
CA LEU A 46 -2.58 16.20 -9.24
C LEU A 46 -1.69 15.30 -10.09
N SER A 47 -0.52 15.77 -10.43
CA SER A 47 0.44 14.96 -11.23
C SER A 47 1.58 14.52 -10.32
N ARG A 48 2.47 13.70 -10.82
CA ARG A 48 3.61 13.24 -9.98
C ARG A 48 4.42 14.45 -9.53
N GLU A 49 4.67 15.37 -10.42
CA GLU A 49 5.47 16.57 -10.06
C GLU A 49 4.82 17.28 -8.87
N ASP A 50 3.58 16.99 -8.57
CA ASP A 50 2.91 17.66 -7.42
C ASP A 50 3.12 16.83 -6.16
N PHE A 51 2.99 15.54 -6.26
CA PHE A 51 3.18 14.68 -5.06
C PHE A 51 4.60 14.89 -4.50
N GLN A 52 5.53 15.26 -5.33
CA GLN A 52 6.92 15.48 -4.84
C GLN A 52 6.95 16.61 -3.80
N ARG A 53 5.94 17.43 -3.78
CA ARG A 53 5.92 18.55 -2.78
C ARG A 53 5.84 17.97 -1.37
N ILE A 54 5.38 16.75 -1.24
CA ILE A 54 5.29 16.13 0.11
C ILE A 54 6.57 15.30 0.32
N PRO A 55 7.10 15.30 1.52
CA PRO A 55 8.36 14.54 1.83
C PRO A 55 8.13 13.03 1.79
N GLU A 56 7.09 12.58 1.14
CA GLU A 56 6.83 11.10 1.07
C GLU A 56 7.49 10.52 -0.17
N LEU A 57 7.05 10.92 -1.33
CA LEU A 57 7.63 10.38 -2.59
C LEU A 57 9.11 10.77 -2.69
N ALA A 58 9.43 12.01 -2.45
CA ALA A 58 10.85 12.46 -2.54
C ALA A 58 11.74 11.73 -1.53
N ILE A 59 11.17 10.98 -0.63
CA ILE A 59 11.99 10.25 0.38
C ILE A 59 11.61 8.76 0.38
N ASN A 60 10.80 8.35 -0.55
CA ASN A 60 10.40 6.91 -0.58
C ASN A 60 11.46 6.10 -1.34
N PRO A 61 11.80 4.92 -0.87
CA PRO A 61 12.81 4.06 -1.55
C PRO A 61 12.26 3.46 -2.85
N LEU A 62 10.96 3.32 -2.91
CA LEU A 62 10.30 2.76 -4.14
C LEU A 62 9.25 3.78 -4.61
N GLY A 63 8.42 4.23 -3.72
CA GLY A 63 7.37 5.21 -4.10
C GLY A 63 6.49 4.65 -5.22
N ASP A 64 6.80 3.48 -5.68
CA ASP A 64 5.98 2.88 -6.77
C ASP A 64 4.56 2.66 -6.25
N ARG A 65 4.41 2.52 -4.97
CA ARG A 65 3.04 2.31 -4.40
C ARG A 65 2.23 3.60 -4.56
N ILE A 66 2.68 4.66 -3.97
CA ILE A 66 1.94 5.95 -4.08
C ILE A 66 1.73 6.31 -5.55
N ILE A 67 2.72 6.08 -6.36
CA ILE A 67 2.60 6.43 -7.80
C ILE A 67 1.34 5.79 -8.41
N ASN A 68 1.26 4.49 -8.41
CA ASN A 68 0.07 3.83 -9.01
C ASN A 68 -1.12 3.87 -8.04
N ALA A 69 -0.91 4.32 -6.84
CA ALA A 69 -2.04 4.36 -5.88
C ALA A 69 -3.01 5.47 -6.30
N PHE A 70 -2.51 6.57 -6.80
CA PHE A 70 -3.42 7.67 -7.21
C PHE A 70 -3.75 7.56 -8.70
N PHE A 71 -2.77 7.43 -9.55
CA PHE A 71 -3.06 7.33 -11.01
C PHE A 71 -3.73 5.97 -11.29
N PRO A 72 -4.65 5.92 -12.23
CA PRO A 72 -5.35 4.67 -12.59
C PRO A 72 -4.46 3.73 -13.43
N GLU A 73 -4.64 3.75 -14.72
CA GLU A 73 -3.80 2.87 -15.59
C GLU A 73 -2.52 3.62 -15.95
N GLY A 74 -2.61 4.88 -16.23
CA GLY A 74 -1.39 5.67 -16.59
C GLY A 74 -1.77 7.12 -16.87
N GLU A 75 -2.72 7.65 -16.14
CA GLU A 75 -3.11 9.07 -16.37
C GLU A 75 -2.08 9.99 -15.72
N ASP A 76 -1.87 11.16 -16.27
CA ASP A 76 -0.89 12.11 -15.68
C ASP A 76 -1.58 13.06 -14.72
N GLN A 77 -2.74 12.70 -14.23
CA GLN A 77 -3.44 13.59 -13.27
C GLN A 77 -4.53 12.80 -12.52
N VAL A 78 -4.57 12.93 -11.22
CA VAL A 78 -5.59 12.18 -10.42
C VAL A 78 -6.63 13.17 -9.88
N ASN A 79 -7.88 12.92 -10.15
CA ASN A 79 -8.96 13.85 -9.68
C ASN A 79 -9.30 13.53 -8.22
N PHE A 80 -10.23 14.28 -7.67
CA PHE A 80 -10.63 14.04 -6.25
C PHE A 80 -11.24 12.64 -6.12
N ARG A 81 -11.79 12.13 -7.18
CA ARG A 81 -12.42 10.78 -7.12
C ARG A 81 -11.43 9.76 -6.56
N GLY A 82 -10.30 9.62 -7.19
CA GLY A 82 -9.32 8.62 -6.68
C GLY A 82 -8.59 9.14 -5.46
N PHE A 83 -8.45 10.44 -5.31
CA PHE A 83 -7.74 10.96 -4.12
C PHE A 83 -8.33 10.29 -2.88
N MET A 84 -9.63 10.32 -2.77
CA MET A 84 -10.29 9.70 -1.60
C MET A 84 -10.53 8.21 -1.85
N ARG A 85 -10.49 7.74 -3.07
CA ARG A 85 -10.71 6.27 -3.27
C ARG A 85 -9.43 5.54 -2.83
N THR A 86 -8.32 6.22 -2.87
CA THR A 86 -7.03 5.60 -2.47
C THR A 86 -6.83 5.77 -0.96
N LEU A 87 -6.83 6.99 -0.49
CA LEU A 87 -6.62 7.21 0.97
C LEU A 87 -7.75 6.58 1.77
N ALA A 88 -8.88 6.30 1.15
CA ALA A 88 -10.00 5.65 1.89
C ALA A 88 -9.95 4.14 1.69
N HIS A 89 -9.38 3.70 0.60
CA HIS A 89 -9.30 2.23 0.34
C HIS A 89 -8.71 1.52 1.57
N PHE A 90 -8.28 2.25 2.56
CA PHE A 90 -7.69 1.61 3.77
C PHE A 90 -8.77 1.42 4.84
N ARG A 91 -10.01 1.40 4.46
CA ARG A 91 -11.08 1.22 5.47
C ARG A 91 -10.85 -0.09 6.23
N PRO A 92 -10.94 -0.10 7.54
CA PRO A 92 -10.73 -1.34 8.35
C PRO A 92 -11.93 -2.30 8.26
N ILE A 93 -11.69 -3.57 8.43
CA ILE A 93 -12.81 -4.54 8.35
C ILE A 93 -13.60 -4.54 9.67
N GLU A 94 -14.89 -4.67 9.60
CA GLU A 94 -15.70 -4.67 10.85
C GLU A 94 -17.11 -5.17 10.52
N ASP A 95 -17.61 -4.84 9.36
CA ASP A 95 -18.98 -5.30 8.98
C ASP A 95 -19.01 -6.83 8.89
N ASN A 96 -17.91 -7.46 9.21
CA ASN A 96 -17.86 -8.95 9.13
C ASN A 96 -18.01 -9.40 7.67
N GLU A 97 -17.66 -8.54 6.75
CA GLU A 97 -17.77 -8.91 5.31
C GLU A 97 -19.15 -9.54 5.06
N LYS A 98 -19.20 -10.79 4.69
CA LYS A 98 -20.51 -11.45 4.43
C LYS A 98 -21.26 -10.68 3.33
N SER A 99 -20.56 -10.29 2.29
CA SER A 99 -21.24 -9.54 1.19
C SER A 99 -21.97 -10.52 0.27
N LYS A 100 -22.98 -10.07 -0.40
CA LYS A 100 -23.74 -10.97 -1.32
C LYS A 100 -24.30 -10.15 -2.49
N ASP A 101 -23.51 -9.31 -3.07
CA ASP A 101 -24.00 -8.48 -4.21
C ASP A 101 -25.37 -7.88 -3.86
N VAL A 102 -25.47 -7.23 -2.73
CA VAL A 102 -26.77 -6.63 -2.33
C VAL A 102 -26.85 -5.20 -2.87
N ASN A 103 -27.05 -4.23 -2.04
CA ASN A 103 -27.14 -2.82 -2.52
C ASN A 103 -26.61 -1.87 -1.44
N GLY A 104 -26.41 -2.36 -0.25
CA GLY A 104 -25.89 -1.48 0.84
C GLY A 104 -24.37 -1.37 0.73
N PRO A 105 -23.67 -2.47 0.94
CA PRO A 105 -22.19 -2.50 0.86
C PRO A 105 -21.66 -1.73 -0.35
N GLU A 106 -20.98 -0.64 -0.12
CA GLU A 106 -20.44 0.16 -1.26
C GLU A 106 -19.13 -0.49 -1.74
N PRO A 107 -18.81 -0.37 -3.01
CA PRO A 107 -17.55 -0.95 -3.57
C PRO A 107 -16.30 -0.17 -3.12
N LEU A 108 -15.71 -0.58 -2.04
CA LEU A 108 -14.49 0.14 -1.55
C LEU A 108 -13.87 -0.64 -0.41
N ASN A 109 -12.59 -0.91 -0.47
CA ASN A 109 -11.90 -1.67 0.60
C ASN A 109 -12.53 -3.06 0.74
N SER A 110 -13.10 -3.57 -0.31
CA SER A 110 -13.71 -4.93 -0.23
C SER A 110 -12.62 -5.98 -0.48
N ARG A 111 -12.87 -7.21 -0.12
CA ARG A 111 -11.85 -8.27 -0.33
C ARG A 111 -11.27 -8.16 -1.74
N SER A 112 -12.05 -8.44 -2.74
CA SER A 112 -11.54 -8.35 -4.14
C SER A 112 -10.90 -6.98 -4.37
N ASN A 113 -11.40 -5.96 -3.73
CA ASN A 113 -10.82 -4.61 -3.91
C ASN A 113 -9.48 -4.52 -3.19
N LYS A 114 -9.29 -5.29 -2.15
CA LYS A 114 -7.99 -5.23 -1.44
C LYS A 114 -6.91 -5.81 -2.35
N LEU A 115 -7.18 -6.92 -2.99
CA LEU A 115 -6.19 -7.50 -3.92
C LEU A 115 -5.98 -6.51 -5.07
N HIS A 116 -7.02 -5.78 -5.41
CA HIS A 116 -6.92 -4.79 -6.51
C HIS A 116 -6.08 -3.60 -6.04
N PHE A 117 -6.17 -3.24 -4.79
CA PHE A 117 -5.38 -2.08 -4.30
C PHE A 117 -3.89 -2.46 -4.30
N ALA A 118 -3.47 -3.34 -3.43
CA ALA A 118 -2.03 -3.74 -3.41
C ALA A 118 -1.57 -4.01 -4.84
N PHE A 119 -2.45 -4.53 -5.66
CA PHE A 119 -2.10 -4.80 -7.08
C PHE A 119 -1.70 -3.49 -7.77
N ARG A 120 -2.57 -2.50 -7.74
CA ARG A 120 -2.23 -1.22 -8.40
C ARG A 120 -0.87 -0.73 -7.89
N LEU A 121 -0.60 -0.92 -6.65
CA LEU A 121 0.70 -0.45 -6.08
C LEU A 121 1.86 -1.15 -6.79
N TYR A 122 1.67 -2.39 -7.13
CA TYR A 122 2.76 -3.15 -7.81
C TYR A 122 2.46 -3.24 -9.32
N ASP A 123 1.28 -2.86 -9.72
CA ASP A 123 0.93 -2.94 -11.17
C ASP A 123 1.79 -1.97 -11.97
N LEU A 124 2.99 -2.35 -12.29
CA LEU A 124 3.88 -1.45 -13.07
C LEU A 124 3.62 -1.60 -14.57
N ASP A 125 3.39 -2.81 -15.04
CA ASP A 125 3.16 -3.00 -16.52
C ASP A 125 1.68 -3.20 -16.84
N LYS A 126 0.81 -3.22 -15.87
CA LYS A 126 -0.64 -3.40 -16.18
C LYS A 126 -0.85 -4.79 -16.81
N ASP A 127 -0.02 -5.73 -16.48
CA ASP A 127 -0.20 -7.10 -17.05
C ASP A 127 -1.23 -7.83 -16.21
N GLU A 128 -1.85 -7.12 -15.30
CA GLU A 128 -2.91 -7.73 -14.42
C GLU A 128 -2.26 -8.53 -13.29
N LYS A 129 -0.96 -8.63 -13.26
CA LYS A 129 -0.30 -9.40 -12.16
C LYS A 129 1.07 -8.79 -11.86
N ILE A 130 1.63 -9.07 -10.72
CA ILE A 130 2.97 -8.51 -10.39
C ILE A 130 4.02 -9.34 -11.15
N SER A 131 4.49 -8.82 -12.25
CA SER A 131 5.50 -9.57 -13.05
C SER A 131 6.82 -9.65 -12.28
N ARG A 132 7.87 -10.06 -12.93
CA ARG A 132 9.18 -10.19 -12.23
C ARG A 132 9.90 -8.84 -12.20
N ASP A 133 9.71 -8.03 -13.20
CA ASP A 133 10.40 -6.71 -13.21
C ASP A 133 9.81 -5.80 -12.14
N GLU A 134 8.52 -5.88 -11.92
CA GLU A 134 7.90 -5.01 -10.88
C GLU A 134 8.23 -5.57 -9.50
N LEU A 135 7.82 -6.78 -9.24
CA LEU A 135 8.09 -7.39 -7.92
C LEU A 135 9.56 -7.21 -7.54
N LEU A 136 10.46 -7.54 -8.44
CA LEU A 136 11.90 -7.41 -8.12
C LEU A 136 12.26 -5.97 -7.78
N GLN A 137 11.82 -5.03 -8.55
CA GLN A 137 12.14 -3.61 -8.24
C GLN A 137 11.82 -3.32 -6.76
N VAL A 138 10.75 -3.84 -6.26
CA VAL A 138 10.40 -3.56 -4.82
C VAL A 138 11.07 -4.60 -3.93
N LEU A 139 10.73 -5.84 -4.09
CA LEU A 139 11.35 -6.93 -3.29
C LEU A 139 12.84 -6.62 -3.10
N ARG A 140 13.49 -6.14 -4.12
CA ARG A 140 14.94 -5.81 -3.99
C ARG A 140 15.12 -4.52 -3.18
N MET A 141 14.30 -3.52 -3.40
CA MET A 141 14.46 -2.26 -2.63
C MET A 141 14.01 -2.49 -1.18
N MET A 142 13.40 -3.61 -0.91
CA MET A 142 12.92 -3.88 0.49
C MET A 142 13.91 -4.78 1.23
N VAL A 143 14.67 -5.58 0.52
CA VAL A 143 15.65 -6.50 1.19
C VAL A 143 17.07 -6.05 0.88
N GLY A 144 17.27 -5.40 -0.24
CA GLY A 144 18.65 -4.95 -0.61
C GLY A 144 19.25 -4.18 0.57
N VAL A 145 18.43 -3.70 1.45
CA VAL A 145 18.96 -2.93 2.62
C VAL A 145 20.04 -3.74 3.34
N ASN A 146 20.14 -5.01 3.07
CA ASN A 146 21.17 -5.83 3.75
C ASN A 146 21.48 -7.08 2.92
N ILE A 147 21.06 -7.12 1.69
CA ILE A 147 21.34 -8.32 0.83
C ILE A 147 22.40 -7.96 -0.23
N SER A 148 23.35 -8.83 -0.42
CA SER A 148 24.43 -8.56 -1.42
C SER A 148 23.83 -8.47 -2.82
N ASP A 149 24.64 -8.36 -3.84
CA ASP A 149 24.09 -8.25 -5.23
C ASP A 149 23.75 -9.64 -5.77
N GLU A 150 24.72 -10.48 -5.96
CA GLU A 150 24.43 -11.84 -6.49
C GLU A 150 23.51 -12.57 -5.51
N GLN A 151 23.50 -12.15 -4.27
CA GLN A 151 22.61 -12.80 -3.28
C GLN A 151 21.19 -12.36 -3.55
N LEU A 152 20.99 -11.10 -3.81
CA LEU A 152 19.63 -10.61 -4.10
C LEU A 152 19.15 -11.19 -5.43
N GLY A 153 19.96 -11.11 -6.43
CA GLY A 153 19.56 -11.64 -7.76
C GLY A 153 19.06 -13.08 -7.60
N SER A 154 19.71 -13.85 -6.77
CA SER A 154 19.27 -15.27 -6.59
C SER A 154 18.13 -15.37 -5.57
N ILE A 155 18.03 -14.44 -4.67
CA ILE A 155 16.93 -14.50 -3.67
C ILE A 155 15.65 -14.03 -4.33
N ALA A 156 15.75 -13.21 -5.34
CA ALA A 156 14.53 -12.71 -6.04
C ALA A 156 14.06 -13.78 -7.02
N ASP A 157 14.93 -14.21 -7.89
CA ASP A 157 14.52 -15.24 -8.89
C ASP A 157 13.91 -16.44 -8.16
N ARG A 158 14.46 -16.80 -7.02
CA ARG A 158 13.91 -17.96 -6.27
C ARG A 158 12.61 -17.55 -5.56
N THR A 159 12.49 -16.31 -5.18
CA THR A 159 11.25 -15.87 -4.48
C THR A 159 10.08 -15.83 -5.45
N ILE A 160 10.26 -15.26 -6.60
CA ILE A 160 9.13 -15.20 -7.58
C ILE A 160 8.99 -16.55 -8.27
N GLN A 161 10.01 -17.37 -8.22
CA GLN A 161 9.93 -18.68 -8.90
C GLN A 161 9.32 -19.72 -7.97
N GLU A 162 9.42 -19.51 -6.67
CA GLU A 162 8.84 -20.51 -5.73
C GLU A 162 7.40 -20.14 -5.42
N ALA A 163 7.08 -18.88 -5.31
CA ALA A 163 5.67 -18.50 -5.03
C ALA A 163 4.87 -18.64 -6.32
N ASP A 164 5.50 -18.57 -7.44
CA ASP A 164 4.76 -18.67 -8.73
C ASP A 164 3.77 -19.82 -8.66
N GLN A 165 2.53 -19.49 -8.39
CA GLN A 165 1.47 -20.52 -8.31
C GLN A 165 0.76 -20.59 -9.64
N ASP A 166 0.54 -19.46 -10.28
CA ASP A 166 -0.12 -19.54 -11.60
C ASP A 166 0.98 -19.92 -12.58
N GLY A 167 2.17 -20.03 -12.07
CA GLY A 167 3.30 -20.41 -12.93
C GLY A 167 3.41 -19.38 -14.03
N ASP A 168 2.83 -18.25 -13.81
CA ASP A 168 2.88 -17.19 -14.81
C ASP A 168 4.11 -16.36 -14.50
N SER A 169 4.95 -16.86 -13.62
CA SER A 169 6.15 -16.08 -13.24
C SER A 169 5.64 -14.68 -12.92
N ALA A 170 4.39 -14.61 -12.57
CA ALA A 170 3.75 -13.31 -12.27
C ALA A 170 2.69 -13.58 -11.21
N ILE A 171 2.63 -12.76 -10.21
CA ILE A 171 1.65 -13.03 -9.14
C ILE A 171 1.04 -11.76 -8.61
N SER A 172 -0.08 -11.88 -7.94
CA SER A 172 -0.71 -10.70 -7.29
C SER A 172 -2.01 -11.14 -6.64
N PHE A 173 -2.74 -11.92 -7.35
CA PHE A 173 -4.07 -12.36 -6.88
C PHE A 173 -4.13 -13.83 -6.47
N THR A 174 -3.28 -14.65 -7.00
CA THR A 174 -3.41 -16.10 -6.73
C THR A 174 -2.74 -16.58 -5.45
N GLU A 175 -1.44 -16.62 -5.36
CA GLU A 175 -0.88 -17.14 -4.10
C GLU A 175 -1.18 -16.12 -3.01
N PHE A 176 -1.64 -14.97 -3.41
CA PHE A 176 -2.04 -13.95 -2.40
C PHE A 176 -3.34 -14.46 -1.79
N VAL A 177 -4.31 -14.71 -2.61
CA VAL A 177 -5.61 -15.25 -2.10
C VAL A 177 -5.31 -16.52 -1.31
N LYS A 178 -4.55 -17.43 -1.86
CA LYS A 178 -4.24 -18.68 -1.12
C LYS A 178 -3.54 -18.32 0.20
N VAL A 179 -2.92 -17.18 0.27
CA VAL A 179 -2.21 -16.78 1.52
C VAL A 179 -3.19 -16.13 2.50
N LEU A 180 -4.20 -15.46 2.01
CA LEU A 180 -5.16 -14.81 2.95
C LEU A 180 -5.90 -15.91 3.73
N GLU A 181 -6.11 -17.04 3.12
CA GLU A 181 -6.82 -18.14 3.84
C GLU A 181 -6.05 -18.47 5.13
N LYS A 182 -4.87 -17.94 5.28
CA LYS A 182 -4.05 -18.22 6.50
C LYS A 182 -3.87 -16.93 7.30
N VAL A 183 -4.01 -15.79 6.67
CA VAL A 183 -3.84 -14.50 7.39
C VAL A 183 -4.86 -13.48 6.87
N ASP A 184 -5.74 -13.02 7.72
CA ASP A 184 -6.76 -12.04 7.27
C ASP A 184 -6.07 -10.70 6.99
N VAL A 185 -5.51 -10.55 5.82
CA VAL A 185 -4.81 -9.27 5.47
C VAL A 185 -5.84 -8.16 5.27
N GLU A 186 -7.07 -8.51 4.99
CA GLU A 186 -8.10 -7.46 4.76
C GLU A 186 -8.16 -6.53 5.98
N GLN A 187 -7.70 -6.98 7.12
CA GLN A 187 -7.72 -6.11 8.33
C GLN A 187 -6.37 -5.40 8.46
N LYS A 188 -5.31 -6.03 8.04
CA LYS A 188 -3.97 -5.39 8.12
C LYS A 188 -4.05 -4.02 7.44
N MET A 189 -4.87 -3.91 6.42
CA MET A 189 -5.01 -2.61 5.71
C MET A 189 -5.61 -1.58 6.67
N SER A 190 -5.01 -1.40 7.81
CA SER A 190 -5.53 -0.41 8.80
C SER A 190 -4.34 0.27 9.48
N ILE A 191 -4.33 1.57 9.49
CA ILE A 191 -3.19 2.30 10.12
C ILE A 191 -3.51 2.58 11.60
N ARG A 192 -2.72 2.06 12.50
CA ARG A 192 -2.98 2.29 13.95
C ARG A 192 -4.47 2.07 14.24
N PHE A 193 -4.84 0.88 14.61
CA PHE A 193 -6.27 0.61 14.92
C PHE A 193 -6.61 1.15 16.31
N LEU A 194 -7.09 2.36 16.39
CA LEU A 194 -7.45 2.94 17.71
C LEU A 194 -6.31 2.70 18.70
N HIS A 195 -5.09 2.62 18.22
CA HIS A 195 -3.95 2.38 19.14
C HIS A 195 -3.88 3.52 20.16
N VAL B 1 4.87 -31.93 27.60
CA VAL B 1 5.64 -31.48 26.42
C VAL B 1 6.26 -30.11 26.69
N ASP B 2 5.74 -29.40 27.66
CA ASP B 2 6.30 -28.05 27.98
C ASP B 2 5.73 -27.57 29.31
N LEU B 3 6.57 -27.13 30.20
CA LEU B 3 6.08 -26.64 31.52
C LEU B 3 5.41 -25.27 31.34
N LEU B 4 6.15 -24.30 30.88
CA LEU B 4 5.56 -22.95 30.67
C LEU B 4 4.67 -22.97 29.42
N ALA B 5 4.20 -21.83 28.99
CA ALA B 5 3.35 -21.79 27.77
C ALA B 5 3.35 -20.38 27.20
N VAL B 6 2.59 -20.14 26.16
CA VAL B 6 2.55 -18.78 25.56
C VAL B 6 3.96 -18.33 25.21
N LYS B 7 4.61 -19.03 24.31
CA LYS B 7 5.99 -18.64 23.92
C LYS B 7 6.44 -19.47 22.73
N LYS B 8 5.58 -20.30 22.21
CA LYS B 8 5.95 -21.14 21.03
C LYS B 8 6.20 -20.23 19.82
N LYS B 9 7.26 -19.47 19.86
CA LYS B 9 7.57 -18.57 18.70
C LYS B 9 8.17 -19.38 17.56
N GLN B 10 8.57 -20.59 17.83
CA GLN B 10 9.17 -21.43 16.76
C GLN B 10 8.26 -21.41 15.53
N GLU B 11 8.62 -20.66 14.53
CA GLU B 11 7.78 -20.59 13.30
C GLU B 11 8.07 -21.81 12.42
N THR B 12 7.05 -22.37 11.81
CA THR B 12 7.26 -23.56 10.95
C THR B 12 8.05 -23.15 9.71
N LYS B 13 7.68 -23.64 8.56
CA LYS B 13 8.41 -23.28 7.31
C LYS B 13 8.16 -21.80 6.99
N ARG B 14 9.21 -21.06 6.77
CA ARG B 14 9.04 -19.61 6.46
C ARG B 14 8.36 -19.46 5.09
N SER B 15 7.34 -18.66 5.01
CA SER B 15 6.63 -18.47 3.71
C SER B 15 7.10 -17.16 3.07
N ILE B 16 7.52 -17.21 1.84
CA ILE B 16 7.99 -15.97 1.16
C ILE B 16 6.78 -15.05 0.94
N ASN B 17 5.66 -15.60 0.58
CA ASN B 17 4.45 -14.77 0.34
C ASN B 17 4.02 -14.07 1.63
N GLU B 18 4.17 -14.71 2.75
CA GLU B 18 3.75 -14.08 4.03
C GLU B 18 4.78 -13.03 4.47
N GLU B 19 5.95 -13.46 4.85
CA GLU B 19 6.99 -12.49 5.31
C GLU B 19 7.05 -11.25 4.42
N ILE B 20 7.11 -11.41 3.11
CA ILE B 20 7.21 -10.22 2.24
C ILE B 20 5.88 -9.44 2.25
N HIS B 21 4.77 -10.11 2.11
CA HIS B 21 3.47 -9.38 2.10
C HIS B 21 3.27 -8.66 3.44
N THR B 22 3.86 -9.14 4.49
CA THR B 22 3.68 -8.47 5.82
C THR B 22 4.48 -7.16 5.82
N GLN B 23 5.69 -7.20 5.34
CA GLN B 23 6.52 -5.96 5.30
C GLN B 23 6.02 -5.04 4.18
N PHE B 24 5.97 -5.55 2.98
CA PHE B 24 5.48 -4.75 1.82
C PHE B 24 4.24 -3.93 2.23
N LEU B 25 3.20 -4.61 2.67
CA LEU B 25 1.94 -3.90 3.07
C LEU B 25 2.22 -2.92 4.21
N ASP B 26 3.03 -3.28 5.16
CA ASP B 26 3.31 -2.34 6.29
C ASP B 26 4.07 -1.11 5.79
N HIS B 27 4.94 -1.30 4.84
CA HIS B 27 5.75 -0.15 4.32
C HIS B 27 4.91 0.70 3.36
N LEU B 28 4.16 0.10 2.50
CA LEU B 28 3.34 0.88 1.53
C LEU B 28 2.11 1.47 2.25
N LEU B 29 1.60 0.80 3.25
CA LEU B 29 0.42 1.33 3.98
C LEU B 29 0.84 2.56 4.78
N THR B 30 1.80 2.41 5.65
CA THR B 30 2.26 3.58 6.45
C THR B 30 3.06 4.53 5.55
N GLY B 31 3.52 4.05 4.44
CA GLY B 31 4.31 4.91 3.52
C GLY B 31 3.37 5.82 2.73
N ILE B 32 2.44 5.26 2.02
CA ILE B 32 1.50 6.09 1.22
C ILE B 32 0.67 6.96 2.17
N GLU B 33 0.47 6.53 3.38
CA GLU B 33 -0.34 7.34 4.33
C GLU B 33 0.54 8.47 4.90
N ASP B 34 1.83 8.23 4.99
CA ASP B 34 2.72 9.27 5.53
C ASP B 34 2.45 10.60 4.82
N ILE B 35 1.71 10.57 3.74
CA ILE B 35 1.40 11.83 3.00
C ILE B 35 0.76 12.83 3.94
N CYS B 36 -0.41 12.52 4.45
CA CYS B 36 -1.10 13.48 5.38
C CYS B 36 -0.07 14.14 6.31
N GLY B 37 0.22 15.39 6.09
CA GLY B 37 1.21 16.10 6.94
C GLY B 37 0.81 17.57 7.09
N HIS B 38 1.71 18.39 7.58
CA HIS B 38 1.38 19.83 7.73
C HIS B 38 1.49 20.54 6.38
N TYR B 39 1.87 21.79 6.38
CA TYR B 39 2.00 22.53 5.10
C TYR B 39 2.85 23.78 5.31
N GLY B 40 2.30 24.78 5.94
CA GLY B 40 3.08 26.02 6.19
C GLY B 40 2.41 26.85 7.30
N HIS B 41 2.05 28.06 7.00
CA HIS B 41 1.39 28.91 8.04
C HIS B 41 2.23 28.90 9.32
N HIS B 42 3.52 29.07 9.19
CA HIS B 42 4.40 29.08 10.40
C HIS B 42 4.33 30.45 11.07
N HIS B 43 5.45 31.00 11.44
CA HIS B 43 5.45 32.33 12.11
C HIS B 43 6.81 33.00 11.91
N MET A 1 21.57 4.95 9.34
CA MET A 1 21.74 6.37 9.76
C MET A 1 20.37 7.05 9.86
N GLY A 2 19.91 7.64 8.79
CA GLY A 2 18.58 8.31 8.83
C GLY A 2 18.64 9.49 9.81
N SER A 3 18.46 10.69 9.32
CA SER A 3 18.50 11.87 10.21
C SER A 3 17.21 11.93 11.05
N ARG A 4 17.31 11.58 12.30
CA ARG A 4 16.10 11.62 13.17
C ARG A 4 15.84 13.04 13.64
N ALA A 5 15.12 13.20 14.72
CA ALA A 5 14.83 14.57 15.24
C ALA A 5 14.17 15.40 14.13
N SER A 6 13.67 14.76 13.11
CA SER A 6 13.01 15.52 12.01
C SER A 6 11.55 15.79 12.37
N THR A 7 10.64 15.16 11.69
CA THR A 7 9.19 15.38 12.01
C THR A 7 8.39 14.16 11.54
N LEU A 8 7.09 14.23 11.63
CA LEU A 8 6.26 13.07 11.18
C LEU A 8 4.78 13.48 11.15
N LEU A 9 3.91 12.52 10.95
CA LEU A 9 2.45 12.78 10.90
C LEU A 9 1.91 12.63 12.32
N ARG A 10 1.76 13.72 13.00
CA ARG A 10 1.25 13.68 14.40
C ARG A 10 -0.22 13.28 14.40
N ASP A 11 -0.81 13.19 15.56
CA ASP A 11 -2.24 12.79 15.64
C ASP A 11 -3.09 13.68 14.74
N GLU A 12 -2.55 14.78 14.29
CA GLU A 12 -3.35 15.67 13.40
C GLU A 12 -3.39 15.07 12.00
N GLU A 13 -2.26 14.79 11.42
CA GLU A 13 -2.27 14.19 10.07
C GLU A 13 -2.82 12.78 10.17
N LEU A 14 -2.63 12.12 11.28
CA LEU A 14 -3.18 10.75 11.41
C LEU A 14 -4.70 10.86 11.55
N GLU A 15 -5.17 11.60 12.51
CA GLU A 15 -6.64 11.73 12.69
C GLU A 15 -7.31 12.02 11.34
N GLU A 16 -6.74 12.90 10.56
CA GLU A 16 -7.34 13.23 9.24
C GLU A 16 -7.46 11.96 8.38
N ILE A 17 -6.35 11.40 7.97
CA ILE A 17 -6.42 10.17 7.12
C ILE A 17 -7.17 9.06 7.86
N LYS A 18 -6.87 8.89 9.12
CA LYS A 18 -7.54 7.84 9.95
C LYS A 18 -9.04 7.77 9.60
N LYS A 19 -9.72 8.87 9.61
CA LYS A 19 -11.18 8.83 9.32
C LYS A 19 -11.43 8.71 7.81
N GLU A 20 -10.58 9.27 6.98
CA GLU A 20 -10.80 9.14 5.50
C GLU A 20 -11.09 7.68 5.19
N THR A 21 -10.55 6.81 6.00
CA THR A 21 -10.76 5.35 5.83
C THR A 21 -11.56 4.85 7.02
N GLY A 22 -11.66 5.67 8.02
CA GLY A 22 -12.42 5.28 9.24
C GLY A 22 -13.84 5.83 9.17
N PHE A 23 -13.99 7.13 9.21
CA PHE A 23 -15.35 7.74 9.15
C PHE A 23 -15.27 9.24 8.83
N SER A 24 -16.00 10.04 9.57
CA SER A 24 -16.01 11.52 9.35
C SER A 24 -16.19 11.85 7.87
N HIS A 25 -16.23 13.12 7.55
CA HIS A 25 -16.40 13.53 6.12
C HIS A 25 -15.82 14.92 5.93
N SER A 26 -15.86 15.74 6.95
CA SER A 26 -15.31 17.13 6.82
C SER A 26 -13.85 17.16 7.28
N GLN A 27 -13.53 16.46 8.33
CA GLN A 27 -12.12 16.46 8.83
C GLN A 27 -11.16 16.23 7.66
N ILE A 28 -11.56 15.46 6.69
CA ILE A 28 -10.66 15.17 5.54
C ILE A 28 -10.89 16.18 4.41
N THR A 29 -12.11 16.61 4.20
CA THR A 29 -12.34 17.60 3.09
C THR A 29 -11.32 18.73 3.22
N ARG A 30 -11.06 19.16 4.43
CA ARG A 30 -10.06 20.25 4.61
C ARG A 30 -8.70 19.72 4.11
N LEU A 31 -8.35 18.53 4.49
CA LEU A 31 -7.08 17.93 4.05
C LEU A 31 -7.08 17.85 2.52
N TYR A 32 -8.24 17.74 1.93
CA TYR A 32 -8.31 17.68 0.45
C TYR A 32 -8.09 19.08 -0.10
N SER A 33 -8.46 20.08 0.65
CA SER A 33 -8.28 21.48 0.18
C SER A 33 -6.79 21.78 0.00
N ARG A 34 -5.98 21.46 0.98
CA ARG A 34 -4.51 21.72 0.84
C ARG A 34 -3.92 20.70 -0.13
N PHE A 35 -4.12 19.45 0.14
CA PHE A 35 -3.58 18.38 -0.74
C PHE A 35 -3.95 18.69 -2.20
N THR A 36 -5.20 18.97 -2.45
CA THR A 36 -5.63 19.28 -3.85
C THR A 36 -5.12 20.66 -4.25
N SER A 37 -4.76 21.48 -3.31
CA SER A 37 -4.25 22.83 -3.69
C SER A 37 -2.87 22.67 -4.30
N LEU A 38 -2.23 21.56 -4.06
CA LEU A 38 -0.88 21.34 -4.66
C LEU A 38 -0.99 21.36 -6.17
N ASP A 39 -2.18 21.42 -6.69
CA ASP A 39 -2.36 21.44 -8.18
C ASP A 39 -1.82 22.75 -8.74
N LYS A 40 -0.66 23.17 -8.31
CA LYS A 40 -0.08 24.44 -8.83
C LYS A 40 -1.11 25.57 -8.68
N GLY A 41 -2.24 25.30 -8.06
CA GLY A 41 -3.27 26.36 -7.88
C GLY A 41 -4.51 26.05 -8.73
N GLU A 42 -4.70 24.82 -9.12
CA GLU A 42 -5.89 24.48 -9.95
C GLU A 42 -7.05 24.10 -9.01
N ASN A 43 -6.91 23.00 -8.30
CA ASN A 43 -7.97 22.54 -7.36
C ASN A 43 -8.96 21.64 -8.10
N GLY A 44 -8.46 20.64 -8.78
CA GLY A 44 -9.35 19.71 -9.52
C GLY A 44 -8.74 18.31 -9.50
N THR A 45 -7.52 18.19 -9.98
CA THR A 45 -6.85 16.86 -10.01
C THR A 45 -5.38 17.03 -9.63
N LEU A 46 -4.61 15.96 -9.63
CA LEU A 46 -3.16 16.11 -9.28
C LEU A 46 -2.30 15.19 -10.16
N SER A 47 -1.15 15.68 -10.55
CA SER A 47 -0.23 14.86 -11.39
C SER A 47 0.90 14.35 -10.51
N ARG A 48 1.71 13.48 -11.02
CA ARG A 48 2.85 12.93 -10.21
C ARG A 48 3.75 14.09 -9.77
N GLU A 49 4.04 15.01 -10.64
CA GLU A 49 4.92 16.15 -10.27
C GLU A 49 4.31 16.93 -9.11
N ASP A 50 3.04 16.76 -8.86
CA ASP A 50 2.41 17.50 -7.72
C ASP A 50 2.64 16.71 -6.43
N PHE A 51 2.49 15.42 -6.50
CA PHE A 51 2.71 14.58 -5.29
C PHE A 51 4.14 14.80 -4.78
N GLN A 52 5.06 15.05 -5.66
CA GLN A 52 6.48 15.26 -5.23
C GLN A 52 6.57 16.44 -4.27
N ARG A 53 5.58 17.30 -4.28
CA ARG A 53 5.63 18.48 -3.38
C ARG A 53 5.53 18.00 -1.92
N ILE A 54 5.25 16.74 -1.72
CA ILE A 54 5.15 16.21 -0.33
C ILE A 54 6.49 15.55 0.02
N PRO A 55 6.92 15.66 1.25
CA PRO A 55 8.22 15.05 1.70
C PRO A 55 8.13 13.52 1.80
N GLU A 56 7.18 12.92 1.13
CA GLU A 56 7.05 11.44 1.20
C GLU A 56 7.82 10.79 0.05
N LEU A 57 7.50 11.12 -1.17
CA LEU A 57 8.22 10.50 -2.32
C LEU A 57 9.70 10.84 -2.24
N ALA A 58 10.01 12.07 -1.92
CA ALA A 58 11.44 12.47 -1.84
C ALA A 58 12.15 11.60 -0.80
N ILE A 59 11.41 10.87 -0.01
CA ILE A 59 12.04 10.00 1.03
C ILE A 59 11.50 8.57 0.88
N ASN A 60 10.79 8.29 -0.18
CA ASN A 60 10.22 6.93 -0.36
C ASN A 60 11.18 6.07 -1.20
N PRO A 61 11.39 4.82 -0.84
CA PRO A 61 12.30 3.92 -1.60
C PRO A 61 11.72 3.57 -2.97
N LEU A 62 10.42 3.48 -3.06
CA LEU A 62 9.76 3.15 -4.36
C LEU A 62 8.81 4.30 -4.76
N GLY A 63 7.83 4.57 -3.95
CA GLY A 63 6.85 5.65 -4.26
C GLY A 63 6.04 5.29 -5.50
N ASP A 64 6.68 4.72 -6.47
CA ASP A 64 5.95 4.31 -7.72
C ASP A 64 4.66 3.61 -7.31
N ARG A 65 4.60 3.19 -6.08
CA ARG A 65 3.38 2.53 -5.56
C ARG A 65 2.39 3.63 -5.16
N ILE A 66 2.87 4.68 -4.54
CA ILE A 66 1.96 5.79 -4.13
C ILE A 66 1.43 6.45 -5.42
N ILE A 67 2.25 6.50 -6.42
CA ILE A 67 1.85 7.11 -7.72
C ILE A 67 0.73 6.28 -8.33
N ASN A 68 0.89 4.98 -8.38
CA ASN A 68 -0.17 4.12 -8.97
C ASN A 68 -1.33 4.02 -7.99
N ALA A 69 -1.10 4.35 -6.74
CA ALA A 69 -2.20 4.28 -5.75
C ALA A 69 -3.24 5.35 -6.10
N PHE A 70 -2.78 6.48 -6.54
CA PHE A 70 -3.74 7.59 -6.89
C PHE A 70 -4.14 7.48 -8.37
N PHE A 71 -3.35 6.82 -9.16
CA PHE A 71 -3.66 6.66 -10.62
C PHE A 71 -2.43 6.09 -11.32
N PRO A 72 -2.62 5.21 -12.28
CA PRO A 72 -1.50 4.59 -13.04
C PRO A 72 -0.86 5.59 -14.02
N GLU A 73 -0.07 5.10 -14.94
CA GLU A 73 0.57 6.00 -15.93
C GLU A 73 -0.38 6.16 -17.12
N GLY A 74 -1.63 5.84 -16.92
CA GLY A 74 -2.62 5.96 -18.02
C GLY A 74 -3.10 7.40 -18.10
N GLU A 75 -3.49 7.96 -16.98
CA GLU A 75 -3.97 9.37 -16.96
C GLU A 75 -2.93 10.22 -16.22
N ASP A 76 -2.80 11.48 -16.58
CA ASP A 76 -1.80 12.36 -15.91
C ASP A 76 -2.49 13.24 -14.87
N GLN A 77 -3.56 12.78 -14.28
CA GLN A 77 -4.24 13.62 -13.26
C GLN A 77 -5.26 12.78 -12.46
N VAL A 78 -5.20 12.85 -11.15
CA VAL A 78 -6.16 12.08 -10.30
C VAL A 78 -7.19 13.05 -9.72
N ASN A 79 -8.45 12.81 -9.97
CA ASN A 79 -9.49 13.74 -9.45
C ASN A 79 -9.80 13.42 -7.98
N PHE A 80 -10.72 14.14 -7.40
CA PHE A 80 -11.08 13.91 -5.98
C PHE A 80 -11.69 12.51 -5.83
N ARG A 81 -12.25 11.99 -6.89
CA ARG A 81 -12.88 10.64 -6.82
C ARG A 81 -11.87 9.62 -6.28
N GLY A 82 -10.78 9.45 -6.95
CA GLY A 82 -9.79 8.45 -6.47
C GLY A 82 -9.02 9.00 -5.27
N PHE A 83 -8.91 10.29 -5.15
CA PHE A 83 -8.16 10.84 -3.99
C PHE A 83 -8.69 10.17 -2.72
N MET A 84 -9.98 10.15 -2.57
CA MET A 84 -10.58 9.52 -1.36
C MET A 84 -10.80 8.03 -1.59
N ARG A 85 -10.82 7.55 -2.81
CA ARG A 85 -11.02 6.09 -2.99
C ARG A 85 -9.71 5.38 -2.61
N THR A 86 -8.62 6.07 -2.73
CA THR A 86 -7.30 5.47 -2.38
C THR A 86 -7.02 5.68 -0.89
N LEU A 87 -7.07 6.89 -0.42
CA LEU A 87 -6.80 7.14 1.01
C LEU A 87 -7.86 6.46 1.87
N ALA A 88 -8.98 6.09 1.29
CA ALA A 88 -10.04 5.40 2.08
C ALA A 88 -9.91 3.88 1.90
N HIS A 89 -9.34 3.45 0.81
CA HIS A 89 -9.20 1.98 0.57
C HIS A 89 -8.58 1.31 1.81
N PHE A 90 -8.12 2.09 2.75
CA PHE A 90 -7.51 1.51 3.97
C PHE A 90 -8.56 1.31 5.06
N ARG A 91 -9.80 1.20 4.68
CA ARG A 91 -10.87 1.01 5.71
C ARG A 91 -10.55 -0.24 6.54
N PRO A 92 -10.50 -0.13 7.86
CA PRO A 92 -10.19 -1.29 8.75
C PRO A 92 -11.40 -2.20 8.96
N ILE A 93 -11.23 -3.49 8.73
CA ILE A 93 -12.37 -4.44 8.92
C ILE A 93 -12.09 -5.31 10.14
N GLU A 94 -13.11 -5.90 10.72
CA GLU A 94 -12.91 -6.76 11.92
C GLU A 94 -13.51 -8.15 11.66
N ASP A 95 -14.13 -8.74 12.64
CA ASP A 95 -14.73 -10.09 12.44
C ASP A 95 -16.04 -9.96 11.65
N ASN A 96 -16.74 -8.87 11.84
CA ASN A 96 -18.02 -8.67 11.10
C ASN A 96 -17.72 -8.54 9.60
N GLU A 97 -16.48 -8.71 9.22
CA GLU A 97 -16.13 -8.59 7.77
C GLU A 97 -17.14 -9.37 6.92
N LYS A 98 -17.58 -10.50 7.40
CA LYS A 98 -18.56 -11.30 6.62
C LYS A 98 -19.09 -12.46 7.48
N SER A 99 -20.28 -12.34 7.98
CA SER A 99 -20.84 -13.44 8.83
C SER A 99 -22.37 -13.32 8.87
N LYS A 100 -23.06 -14.32 8.42
CA LYS A 100 -24.55 -14.26 8.44
C LYS A 100 -25.02 -12.97 7.77
N ASP A 101 -25.92 -12.27 8.40
CA ASP A 101 -26.42 -10.99 7.80
C ASP A 101 -25.29 -9.97 7.76
N VAL A 102 -24.91 -9.53 6.59
CA VAL A 102 -23.82 -8.53 6.48
C VAL A 102 -24.30 -7.18 7.04
N ASN A 103 -23.85 -6.10 6.48
CA ASN A 103 -24.30 -4.76 6.99
C ASN A 103 -24.07 -3.71 5.90
N GLY A 104 -25.13 -3.22 5.30
CA GLY A 104 -24.99 -2.19 4.25
C GLY A 104 -23.90 -2.60 3.26
N PRO A 105 -24.21 -3.53 2.39
CA PRO A 105 -23.24 -4.03 1.36
C PRO A 105 -22.56 -2.88 0.60
N GLU A 106 -21.51 -2.34 1.16
CA GLU A 106 -20.79 -1.23 0.47
C GLU A 106 -19.45 -1.73 -0.07
N PRO A 107 -19.10 -1.43 -1.30
CA PRO A 107 -17.81 -1.88 -1.90
C PRO A 107 -16.62 -1.07 -1.38
N LEU A 108 -15.52 -1.09 -2.10
CA LEU A 108 -14.33 -0.33 -1.64
C LEU A 108 -13.67 -1.05 -0.46
N ASN A 109 -12.39 -1.23 -0.51
CA ASN A 109 -11.67 -1.94 0.60
C ASN A 109 -12.18 -3.38 0.72
N SER A 110 -13.11 -3.75 -0.12
CA SER A 110 -13.64 -5.15 -0.06
C SER A 110 -12.55 -6.14 -0.46
N ARG A 111 -12.77 -7.41 -0.23
CA ARG A 111 -11.74 -8.43 -0.60
C ARG A 111 -11.24 -8.17 -2.02
N SER A 112 -12.07 -8.39 -3.00
CA SER A 112 -11.63 -8.16 -4.41
C SER A 112 -10.98 -6.78 -4.53
N ASN A 113 -11.43 -5.84 -3.75
CA ASN A 113 -10.85 -4.48 -3.82
C ASN A 113 -9.47 -4.47 -3.14
N LYS A 114 -9.26 -5.32 -2.17
CA LYS A 114 -7.93 -5.35 -1.49
C LYS A 114 -6.88 -5.82 -2.49
N LEU A 115 -7.12 -6.95 -3.12
CA LEU A 115 -6.14 -7.47 -4.12
C LEU A 115 -5.97 -6.42 -5.21
N HIS A 116 -7.03 -5.74 -5.57
CA HIS A 116 -6.96 -4.71 -6.63
C HIS A 116 -6.14 -3.51 -6.13
N PHE A 117 -6.22 -3.19 -4.88
CA PHE A 117 -5.44 -2.02 -4.37
C PHE A 117 -3.96 -2.37 -4.35
N ALA A 118 -3.55 -3.24 -3.45
CA ALA A 118 -2.10 -3.62 -3.40
C ALA A 118 -1.61 -3.92 -4.81
N PHE A 119 -2.50 -4.35 -5.67
CA PHE A 119 -2.11 -4.64 -7.07
C PHE A 119 -1.69 -3.34 -7.77
N ARG A 120 -2.57 -2.37 -7.84
CA ARG A 120 -2.22 -1.09 -8.51
C ARG A 120 -0.89 -0.57 -7.96
N LEU A 121 -0.59 -0.91 -6.74
CA LEU A 121 0.70 -0.44 -6.15
C LEU A 121 1.85 -1.18 -6.82
N TYR A 122 1.74 -2.48 -6.91
CA TYR A 122 2.82 -3.27 -7.54
C TYR A 122 2.66 -3.25 -9.06
N ASP A 123 1.47 -2.97 -9.54
CA ASP A 123 1.24 -2.94 -11.01
C ASP A 123 2.00 -1.79 -11.66
N LEU A 124 3.29 -1.93 -11.80
CA LEU A 124 4.10 -0.86 -12.43
C LEU A 124 4.07 -1.01 -13.95
N ASP A 125 4.17 -2.22 -14.43
CA ASP A 125 4.17 -2.44 -15.92
C ASP A 125 2.77 -2.80 -16.44
N LYS A 126 1.79 -2.93 -15.58
CA LYS A 126 0.42 -3.28 -16.05
C LYS A 126 0.45 -4.61 -16.78
N ASP A 127 1.31 -5.51 -16.37
CA ASP A 127 1.33 -6.83 -17.04
C ASP A 127 0.14 -7.62 -16.49
N GLU A 128 -0.69 -6.94 -15.74
CA GLU A 128 -1.89 -7.57 -15.15
C GLU A 128 -1.52 -8.28 -13.84
N LYS A 129 -0.25 -8.46 -13.59
CA LYS A 129 0.17 -9.12 -12.31
C LYS A 129 1.53 -8.57 -11.89
N ILE A 130 1.97 -8.85 -10.70
CA ILE A 130 3.30 -8.31 -10.27
C ILE A 130 4.37 -9.14 -10.99
N SER A 131 4.94 -8.57 -12.02
CA SER A 131 5.98 -9.30 -12.80
C SER A 131 7.30 -9.36 -12.03
N ARG A 132 8.28 -10.00 -12.59
CA ARG A 132 9.60 -10.14 -11.90
C ARG A 132 10.32 -8.79 -11.81
N ASP A 133 10.32 -8.02 -12.85
CA ASP A 133 11.02 -6.71 -12.81
C ASP A 133 10.36 -5.82 -11.75
N GLU A 134 9.07 -5.95 -11.58
CA GLU A 134 8.38 -5.10 -10.57
C GLU A 134 8.60 -5.69 -9.18
N LEU A 135 8.23 -6.92 -8.99
CA LEU A 135 8.41 -7.56 -7.67
C LEU A 135 9.86 -7.39 -7.18
N LEU A 136 10.82 -7.63 -8.03
CA LEU A 136 12.23 -7.49 -7.61
C LEU A 136 12.51 -6.03 -7.27
N GLN A 137 12.05 -5.10 -8.05
CA GLN A 137 12.32 -3.68 -7.72
C GLN A 137 11.98 -3.43 -6.25
N VAL A 138 10.89 -4.00 -5.78
CA VAL A 138 10.52 -3.79 -4.34
C VAL A 138 11.28 -4.79 -3.47
N LEU A 139 10.97 -6.04 -3.62
CA LEU A 139 11.64 -7.10 -2.82
C LEU A 139 13.13 -6.76 -2.66
N ARG A 140 13.75 -6.22 -3.67
CA ARG A 140 15.18 -5.84 -3.56
C ARG A 140 15.32 -4.55 -2.76
N MET A 141 14.44 -3.60 -2.94
CA MET A 141 14.54 -2.33 -2.17
C MET A 141 14.12 -2.57 -0.72
N MET A 142 13.56 -3.72 -0.44
CA MET A 142 13.09 -4.02 0.96
C MET A 142 14.09 -4.93 1.68
N VAL A 143 14.85 -5.71 0.96
CA VAL A 143 15.82 -6.64 1.62
C VAL A 143 17.25 -6.24 1.22
N GLY A 144 17.42 -5.70 0.04
CA GLY A 144 18.77 -5.27 -0.41
C GLY A 144 19.40 -4.36 0.63
N VAL A 145 18.61 -3.76 1.47
CA VAL A 145 19.15 -2.85 2.50
C VAL A 145 20.24 -3.58 3.30
N ASN A 146 20.32 -4.88 3.17
CA ASN A 146 21.36 -5.63 3.94
C ASN A 146 21.65 -6.97 3.25
N ILE A 147 21.20 -7.16 2.03
CA ILE A 147 21.46 -8.45 1.33
C ILE A 147 22.50 -8.24 0.22
N SER A 148 23.39 -9.19 0.06
CA SER A 148 24.45 -9.06 -0.98
C SER A 148 23.81 -9.08 -2.37
N ASP A 149 24.62 -9.05 -3.41
CA ASP A 149 24.04 -9.06 -4.79
C ASP A 149 23.72 -10.49 -5.21
N GLU A 150 24.71 -11.33 -5.34
CA GLU A 150 24.43 -12.73 -5.75
C GLU A 150 23.44 -13.36 -4.76
N GLN A 151 23.42 -12.87 -3.56
CA GLN A 151 22.47 -13.42 -2.56
C GLN A 151 21.06 -12.99 -2.93
N LEU A 152 20.87 -11.74 -3.21
CA LEU A 152 19.53 -11.24 -3.59
C LEU A 152 19.12 -11.84 -4.94
N GLY A 153 20.00 -11.83 -5.89
CA GLY A 153 19.67 -12.39 -7.22
C GLY A 153 19.11 -13.79 -7.07
N SER A 154 19.67 -14.58 -6.19
CA SER A 154 19.17 -15.97 -6.01
C SER A 154 17.95 -15.99 -5.08
N ILE A 155 17.84 -15.05 -4.18
CA ILE A 155 16.67 -15.04 -3.28
C ILE A 155 15.44 -14.53 -4.04
N ALA A 156 15.66 -13.74 -5.06
CA ALA A 156 14.52 -13.20 -5.84
C ALA A 156 14.06 -14.27 -6.84
N ASP A 157 14.97 -14.83 -7.59
CA ASP A 157 14.58 -15.87 -8.58
C ASP A 157 13.83 -17.00 -7.86
N ARG A 158 14.26 -17.36 -6.68
CA ARG A 158 13.57 -18.45 -5.95
C ARG A 158 12.26 -17.92 -5.33
N THR A 159 12.20 -16.67 -5.02
CA THR A 159 10.96 -16.11 -4.42
C THR A 159 9.86 -16.05 -5.47
N ILE A 160 10.14 -15.52 -6.63
CA ILE A 160 9.09 -15.43 -7.67
C ILE A 160 8.92 -16.80 -8.32
N GLN A 161 9.88 -17.66 -8.18
CA GLN A 161 9.76 -19.00 -8.82
C GLN A 161 9.06 -19.97 -7.87
N GLU A 162 9.09 -19.71 -6.58
CA GLU A 162 8.43 -20.62 -5.62
C GLU A 162 6.99 -20.16 -5.37
N ALA A 163 6.71 -18.90 -5.47
CA ALA A 163 5.31 -18.44 -5.25
C ALA A 163 4.56 -18.55 -6.56
N ASP A 164 5.28 -18.59 -7.66
CA ASP A 164 4.61 -18.68 -8.99
C ASP A 164 3.52 -19.76 -8.95
N GLN A 165 2.32 -19.37 -8.61
CA GLN A 165 1.20 -20.34 -8.56
C GLN A 165 0.44 -20.27 -9.87
N ASP A 166 0.23 -19.09 -10.38
CA ASP A 166 -0.49 -19.01 -11.68
C ASP A 166 0.50 -19.49 -12.72
N GLY A 167 1.72 -19.69 -12.30
CA GLY A 167 2.75 -20.17 -13.22
C GLY A 167 3.09 -19.07 -14.21
N ASP A 168 2.63 -17.90 -13.93
CA ASP A 168 2.91 -16.76 -14.81
C ASP A 168 4.24 -16.19 -14.39
N SER A 169 4.97 -16.91 -13.57
CA SER A 169 6.27 -16.36 -13.08
C SER A 169 5.96 -14.97 -12.57
N ALA A 170 4.72 -14.75 -12.19
CA ALA A 170 4.29 -13.44 -11.70
C ALA A 170 3.14 -13.66 -10.74
N ILE A 171 2.90 -12.76 -9.84
CA ILE A 171 1.77 -12.97 -8.89
C ILE A 171 1.08 -11.67 -8.58
N SER A 172 -0.11 -11.78 -8.06
CA SER A 172 -0.84 -10.58 -7.64
C SER A 172 -2.08 -10.99 -6.86
N PHE A 173 -2.90 -11.73 -7.51
CA PHE A 173 -4.19 -12.14 -6.93
C PHE A 173 -4.27 -13.62 -6.57
N THR A 174 -3.43 -14.45 -7.10
CA THR A 174 -3.62 -15.91 -6.87
C THR A 174 -2.97 -16.44 -5.59
N GLU A 175 -1.68 -16.52 -5.49
CA GLU A 175 -1.13 -17.09 -4.24
C GLU A 175 -1.38 -16.05 -3.15
N PHE A 176 -1.78 -14.88 -3.55
CA PHE A 176 -2.12 -13.83 -2.56
C PHE A 176 -3.46 -14.26 -1.96
N VAL A 177 -4.42 -14.51 -2.82
CA VAL A 177 -5.74 -14.98 -2.32
C VAL A 177 -5.52 -16.25 -1.51
N LYS A 178 -4.74 -17.17 -2.04
CA LYS A 178 -4.49 -18.43 -1.28
C LYS A 178 -3.76 -18.09 0.02
N VAL A 179 -3.12 -16.96 0.08
CA VAL A 179 -2.40 -16.57 1.32
C VAL A 179 -3.39 -15.97 2.33
N LEU A 180 -4.39 -15.28 1.86
CA LEU A 180 -5.37 -14.68 2.81
C LEU A 180 -6.10 -15.79 3.56
N GLU A 181 -6.37 -16.88 2.91
CA GLU A 181 -7.07 -18.00 3.60
C GLU A 181 -6.31 -18.35 4.89
N LYS A 182 -5.15 -17.79 5.07
CA LYS A 182 -4.35 -18.09 6.30
C LYS A 182 -4.15 -16.80 7.10
N VAL A 183 -4.40 -15.66 6.51
CA VAL A 183 -4.23 -14.38 7.25
C VAL A 183 -5.22 -13.33 6.72
N ASP A 184 -6.06 -12.81 7.56
CA ASP A 184 -7.04 -11.79 7.10
C ASP A 184 -6.30 -10.48 6.81
N VAL A 185 -5.65 -10.40 5.69
CA VAL A 185 -4.91 -9.15 5.35
C VAL A 185 -5.89 -8.00 5.12
N GLU A 186 -7.13 -8.30 4.88
CA GLU A 186 -8.13 -7.23 4.62
C GLU A 186 -8.13 -6.23 5.78
N GLN A 187 -7.87 -6.68 6.98
CA GLN A 187 -7.85 -5.73 8.14
C GLN A 187 -6.44 -5.16 8.28
N LYS A 188 -5.44 -5.91 7.89
CA LYS A 188 -4.04 -5.40 7.99
C LYS A 188 -3.98 -4.01 7.37
N MET A 189 -4.71 -3.80 6.30
CA MET A 189 -4.70 -2.46 5.64
C MET A 189 -5.30 -1.42 6.58
N SER A 190 -4.74 -1.29 7.76
CA SER A 190 -5.27 -0.29 8.74
C SER A 190 -4.11 0.49 9.34
N ILE A 191 -4.09 1.78 9.15
CA ILE A 191 -2.99 2.61 9.69
C ILE A 191 -3.38 3.12 11.09
N ARG A 192 -2.53 2.93 12.06
CA ARG A 192 -2.85 3.40 13.45
C ARG A 192 -1.67 3.13 14.37
N PHE A 193 -0.64 3.93 14.30
CA PHE A 193 0.54 3.72 15.18
C PHE A 193 0.27 4.39 16.53
N LEU A 194 -0.15 3.64 17.51
CA LEU A 194 -0.43 4.24 18.85
C LEU A 194 0.84 4.94 19.36
N HIS A 195 0.87 5.27 20.62
CA HIS A 195 2.09 5.96 21.18
C HIS A 195 2.19 5.66 22.67
N VAL B 1 -11.40 -36.59 -0.64
CA VAL B 1 -11.68 -35.25 -1.21
C VAL B 1 -10.40 -34.42 -1.26
N ASP B 2 -10.35 -33.43 -2.10
CA ASP B 2 -9.12 -32.59 -2.19
C ASP B 2 -9.06 -31.66 -0.98
N LEU B 3 -8.01 -30.88 -0.88
CA LEU B 3 -7.89 -29.94 0.28
C LEU B 3 -8.09 -30.73 1.58
N LEU B 4 -7.04 -31.31 2.09
CA LEU B 4 -7.17 -32.09 3.36
C LEU B 4 -7.11 -31.15 4.56
N ALA B 5 -7.27 -31.66 5.75
CA ALA B 5 -7.22 -30.79 6.96
C ALA B 5 -5.76 -30.60 7.38
N VAL B 6 -5.38 -29.39 7.69
CA VAL B 6 -3.97 -29.13 8.12
C VAL B 6 -3.01 -29.77 7.10
N LYS B 7 -2.10 -30.59 7.56
CA LYS B 7 -1.15 -31.24 6.62
C LYS B 7 -0.34 -32.30 7.37
N LYS B 8 0.67 -31.89 8.10
CA LYS B 8 1.49 -32.88 8.86
C LYS B 8 2.42 -32.13 9.82
N LYS B 9 2.40 -30.82 9.78
CA LYS B 9 3.29 -30.04 10.69
C LYS B 9 4.75 -30.42 10.44
N GLN B 10 5.51 -30.62 11.48
CA GLN B 10 6.93 -30.99 11.30
C GLN B 10 7.62 -30.01 10.35
N GLU B 11 7.58 -30.28 9.07
CA GLU B 11 8.23 -29.35 8.10
C GLU B 11 7.45 -28.03 8.07
N THR B 12 7.76 -27.13 8.98
CA THR B 12 7.05 -25.82 9.00
C THR B 12 7.79 -24.83 8.10
N LYS B 13 7.52 -24.85 6.82
CA LYS B 13 8.22 -23.91 5.89
C LYS B 13 7.50 -22.56 5.91
N ARG B 14 8.23 -21.49 5.83
CA ARG B 14 7.60 -20.13 5.84
C ARG B 14 7.10 -19.80 4.43
N SER B 15 6.04 -19.04 4.34
CA SER B 15 5.49 -18.68 2.99
C SER B 15 6.14 -17.37 2.52
N ILE B 16 6.79 -17.42 1.40
CA ILE B 16 7.44 -16.17 0.87
C ILE B 16 6.39 -15.07 0.75
N ASN B 17 5.21 -15.40 0.35
CA ASN B 17 4.15 -14.38 0.20
C ASN B 17 3.74 -13.83 1.57
N GLU B 18 3.95 -14.57 2.62
CA GLU B 18 3.55 -14.07 3.97
C GLU B 18 4.58 -13.07 4.50
N GLU B 19 5.85 -13.34 4.32
CA GLU B 19 6.88 -12.40 4.85
C GLU B 19 6.98 -11.15 3.98
N ILE B 20 7.00 -11.28 2.68
CA ILE B 20 7.12 -10.08 1.80
C ILE B 20 5.81 -9.28 1.81
N HIS B 21 4.68 -9.93 1.85
CA HIS B 21 3.40 -9.15 1.84
C HIS B 21 3.28 -8.38 3.15
N THR B 22 3.42 -9.05 4.26
CA THR B 22 3.31 -8.35 5.57
C THR B 22 4.23 -7.13 5.57
N GLN B 23 5.43 -7.29 5.07
CA GLN B 23 6.39 -6.15 5.05
C GLN B 23 5.93 -5.12 4.02
N PHE B 24 5.87 -5.50 2.77
CA PHE B 24 5.43 -4.54 1.71
C PHE B 24 4.19 -3.78 2.19
N LEU B 25 3.12 -4.48 2.47
CA LEU B 25 1.87 -3.80 2.93
C LEU B 25 2.22 -2.81 4.06
N ASP B 26 3.11 -3.19 4.94
CA ASP B 26 3.46 -2.26 6.05
C ASP B 26 4.23 -1.05 5.50
N HIS B 27 5.10 -1.28 4.56
CA HIS B 27 5.90 -0.14 3.99
C HIS B 27 5.01 0.76 3.12
N LEU B 28 4.21 0.19 2.25
CA LEU B 28 3.36 1.03 1.37
C LEU B 28 2.19 1.61 2.18
N LEU B 29 1.65 0.87 3.11
CA LEU B 29 0.52 1.40 3.91
C LEU B 29 0.97 2.67 4.64
N THR B 30 2.06 2.58 5.37
CA THR B 30 2.56 3.78 6.10
C THR B 30 3.25 4.74 5.12
N GLY B 31 3.67 4.24 3.99
CA GLY B 31 4.36 5.13 3.00
C GLY B 31 3.34 6.02 2.30
N ILE B 32 2.30 5.44 1.77
CA ILE B 32 1.28 6.27 1.07
C ILE B 32 0.46 7.06 2.10
N GLU B 33 0.38 6.59 3.31
CA GLU B 33 -0.38 7.34 4.35
C GLU B 33 0.47 8.52 4.79
N ASP B 34 1.77 8.41 4.70
CA ASP B 34 2.64 9.53 5.11
C ASP B 34 2.36 10.74 4.22
N ILE B 35 1.65 10.55 3.15
CA ILE B 35 1.33 11.69 2.24
C ILE B 35 0.30 12.60 2.91
N CYS B 36 -0.69 12.02 3.53
CA CYS B 36 -1.74 12.84 4.20
C CYS B 36 -1.09 13.92 5.06
N GLY B 37 0.20 13.84 5.27
CA GLY B 37 0.88 14.87 6.10
C GLY B 37 2.21 14.33 6.62
N HIS B 38 3.01 15.16 7.22
CA HIS B 38 4.32 14.70 7.75
C HIS B 38 4.94 15.79 8.62
N TYR B 39 4.24 16.88 8.81
CA TYR B 39 4.77 17.98 9.65
C TYR B 39 3.62 18.84 10.17
N GLY B 40 2.99 19.59 9.31
CA GLY B 40 1.85 20.44 9.76
C GLY B 40 2.35 21.44 10.81
N HIS B 41 1.46 22.18 11.41
CA HIS B 41 1.88 23.17 12.44
C HIS B 41 0.64 23.74 13.14
N HIS B 42 0.30 24.96 12.86
CA HIS B 42 -0.89 25.57 13.52
C HIS B 42 -2.10 24.63 13.35
N HIS B 43 -2.57 24.07 14.43
CA HIS B 43 -3.74 23.14 14.33
C HIS B 43 -4.40 23.03 15.70
N MET A 1 4.31 30.05 2.17
CA MET A 1 5.76 29.92 2.54
C MET A 1 5.88 29.34 3.95
N GLY A 2 5.32 30.02 4.93
CA GLY A 2 5.41 29.50 6.32
C GLY A 2 4.37 30.22 7.19
N SER A 3 3.75 29.52 8.09
CA SER A 3 2.73 30.17 8.97
C SER A 3 2.40 29.23 10.14
N ARG A 4 1.69 28.17 9.88
CA ARG A 4 1.32 27.22 10.97
C ARG A 4 2.61 26.66 11.58
N ALA A 5 2.53 25.51 12.20
CA ALA A 5 3.74 24.91 12.83
C ALA A 5 3.51 23.41 13.04
N SER A 6 2.88 22.76 12.11
CA SER A 6 2.63 21.29 12.25
C SER A 6 3.90 20.52 11.90
N THR A 7 4.09 19.37 12.50
CA THR A 7 5.30 18.57 12.20
C THR A 7 5.00 17.08 12.44
N LEU A 8 5.73 16.21 11.79
CA LEU A 8 5.47 14.75 11.99
C LEU A 8 3.99 14.47 11.77
N LEU A 9 3.59 13.22 11.89
CA LEU A 9 2.18 12.86 11.71
C LEU A 9 1.52 12.81 13.09
N ARG A 10 1.18 13.94 13.63
CA ARG A 10 0.54 13.97 14.96
C ARG A 10 -0.90 13.45 14.84
N ASP A 11 -1.59 13.34 15.93
CA ASP A 11 -2.98 12.82 15.89
C ASP A 11 -3.81 13.63 14.87
N GLU A 12 -3.33 14.78 14.49
CA GLU A 12 -4.10 15.61 13.52
C GLU A 12 -3.96 15.01 12.12
N GLU A 13 -2.75 14.76 11.68
CA GLU A 13 -2.58 14.17 10.33
C GLU A 13 -3.07 12.73 10.35
N LEU A 14 -2.90 12.05 11.46
CA LEU A 14 -3.35 10.65 11.53
C LEU A 14 -4.87 10.63 11.44
N GLU A 15 -5.52 11.22 12.39
CA GLU A 15 -7.01 11.26 12.38
C GLU A 15 -7.49 11.66 10.98
N GLU A 16 -6.85 12.64 10.39
CA GLU A 16 -7.28 13.08 9.03
C GLU A 16 -7.35 11.86 8.10
N ILE A 17 -6.24 11.24 7.81
CA ILE A 17 -6.27 10.06 6.90
C ILE A 17 -7.11 8.93 7.54
N LYS A 18 -6.87 8.62 8.78
CA LYS A 18 -7.66 7.54 9.44
C LYS A 18 -9.14 7.74 9.15
N LYS A 19 -9.59 8.97 9.08
CA LYS A 19 -11.03 9.21 8.80
C LYS A 19 -11.31 8.98 7.32
N GLU A 20 -10.42 9.37 6.45
CA GLU A 20 -10.67 9.13 5.00
C GLU A 20 -11.07 7.67 4.83
N THR A 21 -10.52 6.83 5.68
CA THR A 21 -10.85 5.38 5.63
C THR A 21 -11.82 5.07 6.77
N GLY A 22 -11.89 5.95 7.74
CA GLY A 22 -12.81 5.74 8.90
C GLY A 22 -14.16 6.41 8.61
N PHE A 23 -14.21 7.21 7.58
CA PHE A 23 -15.48 7.91 7.21
C PHE A 23 -16.00 8.73 8.39
N SER A 24 -15.98 10.03 8.27
CA SER A 24 -16.48 10.90 9.38
C SER A 24 -17.24 12.09 8.79
N HIS A 25 -16.58 13.18 8.53
CA HIS A 25 -17.28 14.35 7.95
C HIS A 25 -16.31 15.29 7.24
N SER A 26 -15.97 16.39 7.86
CA SER A 26 -15.06 17.40 7.22
C SER A 26 -13.60 17.15 7.61
N GLN A 27 -13.33 16.33 8.59
CA GLN A 27 -11.93 16.08 9.01
C GLN A 27 -11.02 15.94 7.79
N ILE A 28 -11.46 15.22 6.79
CA ILE A 28 -10.60 15.03 5.59
C ILE A 28 -10.92 16.09 4.52
N THR A 29 -12.14 16.56 4.44
CA THR A 29 -12.45 17.60 3.41
C THR A 29 -11.39 18.69 3.46
N ARG A 30 -11.03 19.12 4.64
CA ARG A 30 -9.99 20.18 4.75
C ARG A 30 -8.66 19.63 4.23
N LEU A 31 -8.31 18.43 4.62
CA LEU A 31 -7.07 17.82 4.16
C LEU A 31 -7.05 17.75 2.63
N TYR A 32 -8.20 17.62 2.04
CA TYR A 32 -8.26 17.56 0.56
C TYR A 32 -7.97 18.96 0.02
N SER A 33 -8.39 19.98 0.72
CA SER A 33 -8.14 21.36 0.24
C SER A 33 -6.63 21.60 0.13
N ARG A 34 -5.89 21.28 1.15
CA ARG A 34 -4.41 21.50 1.09
C ARG A 34 -3.81 20.54 0.05
N PHE A 35 -4.12 19.29 0.16
CA PHE A 35 -3.59 18.27 -0.80
C PHE A 35 -3.87 18.71 -2.24
N THR A 36 -5.10 18.95 -2.58
CA THR A 36 -5.42 19.36 -3.98
C THR A 36 -4.97 20.79 -4.24
N SER A 37 -4.69 21.52 -3.19
CA SER A 37 -4.25 22.92 -3.41
C SER A 37 -2.80 22.93 -3.90
N LEU A 38 -2.10 21.84 -3.70
CA LEU A 38 -0.68 21.81 -4.16
C LEU A 38 -0.64 22.13 -5.66
N ASP A 39 -1.76 22.06 -6.34
CA ASP A 39 -1.75 22.37 -7.80
C ASP A 39 -1.46 23.87 -7.99
N LYS A 40 -0.52 24.41 -7.26
CA LYS A 40 -0.22 25.86 -7.42
C LYS A 40 -1.52 26.65 -7.27
N GLY A 41 -2.55 25.98 -6.82
CA GLY A 41 -3.87 26.64 -6.65
C GLY A 41 -4.90 25.55 -6.38
N GLU A 42 -5.23 24.80 -7.40
CA GLU A 42 -6.20 23.67 -7.26
C GLU A 42 -6.85 23.38 -8.60
N ASN A 43 -6.12 22.87 -9.56
CA ASN A 43 -6.75 22.55 -10.86
C ASN A 43 -7.90 21.58 -10.61
N GLY A 44 -8.03 21.14 -9.39
CA GLY A 44 -9.12 20.17 -9.04
C GLY A 44 -8.53 18.76 -9.10
N THR A 45 -7.29 18.67 -9.47
CA THR A 45 -6.61 17.34 -9.56
C THR A 45 -5.12 17.53 -9.27
N LEU A 46 -4.34 16.48 -9.33
CA LEU A 46 -2.87 16.64 -9.05
C LEU A 46 -2.04 15.80 -10.02
N SER A 47 -0.92 16.34 -10.44
CA SER A 47 -0.01 15.60 -11.35
C SER A 47 1.20 15.13 -10.55
N ARG A 48 2.05 14.34 -11.13
CA ARG A 48 3.24 13.86 -10.39
C ARG A 48 4.06 15.06 -9.92
N GLU A 49 4.27 16.01 -10.78
CA GLU A 49 5.07 17.22 -10.41
C GLU A 49 4.49 17.86 -9.15
N ASP A 50 3.27 17.54 -8.80
CA ASP A 50 2.66 18.15 -7.58
C ASP A 50 2.94 17.25 -6.37
N PHE A 51 2.84 15.96 -6.51
CA PHE A 51 3.11 15.06 -5.36
C PHE A 51 4.51 15.33 -4.81
N GLN A 52 5.44 15.70 -5.67
CA GLN A 52 6.83 15.95 -5.18
C GLN A 52 6.83 17.07 -4.13
N ARG A 53 5.83 17.89 -4.10
CA ARG A 53 5.79 18.99 -3.10
C ARG A 53 5.71 18.39 -1.69
N ILE A 54 5.16 17.21 -1.57
CA ILE A 54 5.07 16.58 -0.23
C ILE A 54 6.31 15.68 -0.05
N PRO A 55 6.88 15.64 1.14
CA PRO A 55 8.09 14.80 1.41
C PRO A 55 7.78 13.31 1.37
N GLU A 56 6.73 12.92 0.71
CA GLU A 56 6.38 11.47 0.64
C GLU A 56 7.01 10.83 -0.60
N LEU A 57 6.64 11.29 -1.77
CA LEU A 57 7.21 10.70 -3.01
C LEU A 57 8.69 11.04 -3.13
N ALA A 58 9.07 12.24 -2.78
CA ALA A 58 10.49 12.65 -2.91
C ALA A 58 11.37 11.94 -1.87
N ILE A 59 10.77 11.29 -0.90
CA ILE A 59 11.59 10.59 0.14
C ILE A 59 11.12 9.14 0.26
N ASN A 60 10.31 8.69 -0.66
CA ASN A 60 9.82 7.28 -0.58
C ASN A 60 10.75 6.37 -1.39
N PRO A 61 11.02 5.17 -0.92
CA PRO A 61 11.92 4.22 -1.62
C PRO A 61 11.29 3.72 -2.94
N LEU A 62 10.04 3.36 -2.92
CA LEU A 62 9.38 2.87 -4.17
C LEU A 62 8.65 4.02 -4.87
N GLY A 63 7.70 4.61 -4.20
CA GLY A 63 6.90 5.71 -4.82
C GLY A 63 6.05 5.11 -5.93
N ASP A 64 6.65 4.30 -6.74
CA ASP A 64 5.88 3.64 -7.84
C ASP A 64 4.53 3.18 -7.28
N ARG A 65 4.48 2.96 -5.99
CA ARG A 65 3.21 2.53 -5.35
C ARG A 65 2.32 3.76 -5.17
N ILE A 66 2.89 4.87 -4.79
CA ILE A 66 2.09 6.11 -4.59
C ILE A 66 1.63 6.61 -5.97
N ILE A 67 2.45 6.40 -6.96
CA ILE A 67 2.12 6.84 -8.34
C ILE A 67 0.88 6.09 -8.84
N ASN A 68 0.91 4.79 -8.83
CA ASN A 68 -0.27 4.04 -9.33
C ASN A 68 -1.39 4.06 -8.28
N ALA A 69 -1.11 4.51 -7.09
CA ALA A 69 -2.18 4.55 -6.07
C ALA A 69 -3.12 5.71 -6.39
N PHE A 70 -2.60 6.79 -6.90
CA PHE A 70 -3.46 7.96 -7.24
C PHE A 70 -3.71 8.03 -8.75
N PHE A 71 -2.73 7.66 -9.54
CA PHE A 71 -2.90 7.71 -11.02
C PHE A 71 -3.38 6.34 -11.53
N PRO A 72 -4.58 6.25 -12.07
CA PRO A 72 -5.14 4.97 -12.61
C PRO A 72 -4.17 4.28 -13.58
N GLU A 73 -4.69 3.75 -14.67
CA GLU A 73 -3.80 3.07 -15.65
C GLU A 73 -2.60 3.96 -15.95
N GLY A 74 -2.75 5.25 -15.80
CA GLY A 74 -1.61 6.17 -16.06
C GLY A 74 -2.14 7.57 -16.41
N GLU A 75 -3.04 8.10 -15.63
CA GLU A 75 -3.57 9.46 -15.94
C GLU A 75 -2.55 10.50 -15.46
N ASP A 76 -2.44 11.61 -16.15
CA ASP A 76 -1.47 12.65 -15.74
C ASP A 76 -2.12 13.59 -14.73
N GLN A 77 -3.20 13.19 -14.14
CA GLN A 77 -3.88 14.06 -13.14
C GLN A 77 -4.88 13.22 -12.32
N VAL A 78 -4.88 13.38 -11.02
CA VAL A 78 -5.84 12.57 -10.18
C VAL A 78 -6.88 13.52 -9.58
N ASN A 79 -8.14 13.27 -9.84
CA ASN A 79 -9.20 14.16 -9.30
C ASN A 79 -9.57 13.75 -7.88
N PHE A 80 -10.46 14.48 -7.27
CA PHE A 80 -10.88 14.16 -5.88
C PHE A 80 -11.51 12.77 -5.83
N ARG A 81 -12.00 12.29 -6.94
CA ARG A 81 -12.63 10.95 -6.96
C ARG A 81 -11.66 9.91 -6.42
N GLY A 82 -10.52 9.77 -7.03
CA GLY A 82 -9.56 8.75 -6.56
C GLY A 82 -8.78 9.25 -5.35
N PHE A 83 -8.65 10.53 -5.17
CA PHE A 83 -7.90 11.01 -3.97
C PHE A 83 -8.51 10.34 -2.75
N MET A 84 -9.81 10.35 -2.66
CA MET A 84 -10.49 9.73 -1.51
C MET A 84 -10.73 8.24 -1.77
N ARG A 85 -10.71 7.79 -3.00
CA ARG A 85 -10.93 6.32 -3.21
C ARG A 85 -9.66 5.58 -2.82
N THR A 86 -8.54 6.23 -2.93
CA THR A 86 -7.24 5.59 -2.57
C THR A 86 -6.99 5.73 -1.07
N LEU A 87 -7.00 6.93 -0.58
CA LEU A 87 -6.74 7.14 0.87
C LEU A 87 -7.84 6.48 1.71
N ALA A 88 -8.99 6.25 1.13
CA ALA A 88 -10.11 5.61 1.90
C ALA A 88 -10.08 4.09 1.69
N HIS A 89 -9.53 3.64 0.60
CA HIS A 89 -9.49 2.16 0.35
C HIS A 89 -8.96 1.45 1.59
N PHE A 90 -8.45 2.17 2.54
CA PHE A 90 -7.90 1.53 3.77
C PHE A 90 -9.01 1.41 4.82
N ARG A 91 -10.24 1.42 4.41
CA ARG A 91 -11.36 1.31 5.39
C ARG A 91 -11.21 0.00 6.18
N PRO A 92 -11.27 0.06 7.50
CA PRO A 92 -11.14 -1.17 8.36
C PRO A 92 -12.43 -2.00 8.36
N ILE A 93 -12.33 -3.25 8.00
CA ILE A 93 -13.55 -4.12 7.99
C ILE A 93 -13.83 -4.64 9.39
N GLU A 94 -14.92 -4.23 9.98
CA GLU A 94 -15.25 -4.70 11.36
C GLU A 94 -16.64 -4.18 11.75
N ASP A 95 -17.32 -3.53 10.85
CA ASP A 95 -18.68 -3.00 11.17
C ASP A 95 -19.72 -4.08 10.91
N ASN A 96 -19.70 -4.69 9.76
CA ASN A 96 -20.69 -5.75 9.44
C ASN A 96 -20.02 -6.83 8.59
N GLU A 97 -18.72 -6.88 8.61
CA GLU A 97 -18.00 -7.91 7.80
C GLU A 97 -18.54 -7.89 6.37
N LYS A 98 -19.01 -6.76 5.92
CA LYS A 98 -19.55 -6.68 4.52
C LYS A 98 -20.89 -7.43 4.46
N SER A 99 -21.28 -7.88 3.30
CA SER A 99 -22.58 -8.60 3.18
C SER A 99 -22.69 -9.18 1.77
N LYS A 100 -23.53 -8.62 0.95
CA LYS A 100 -23.70 -9.14 -0.44
C LYS A 100 -24.48 -8.13 -1.28
N ASP A 101 -24.22 -8.07 -2.56
CA ASP A 101 -24.95 -7.10 -3.42
C ASP A 101 -24.86 -7.55 -4.87
N VAL A 102 -25.48 -6.83 -5.77
CA VAL A 102 -25.42 -7.22 -7.21
C VAL A 102 -25.84 -6.03 -8.08
N ASN A 103 -25.30 -5.93 -9.26
CA ASN A 103 -25.67 -4.79 -10.15
C ASN A 103 -25.44 -3.46 -9.43
N GLY A 104 -24.88 -3.51 -8.25
CA GLY A 104 -24.61 -2.25 -7.50
C GLY A 104 -23.26 -1.66 -7.93
N PRO A 105 -22.89 -0.55 -7.37
CA PRO A 105 -21.60 0.12 -7.69
C PRO A 105 -20.39 -0.66 -7.15
N GLU A 106 -19.21 -0.31 -7.56
CA GLU A 106 -18.00 -1.03 -7.06
C GLU A 106 -17.86 -0.79 -5.55
N PRO A 107 -17.38 -1.76 -4.82
CA PRO A 107 -17.19 -1.63 -3.34
C PRO A 107 -15.98 -0.78 -2.98
N LEU A 108 -15.46 -0.92 -1.80
CA LEU A 108 -14.26 -0.14 -1.38
C LEU A 108 -13.55 -0.86 -0.24
N ASN A 109 -12.31 -1.21 -0.44
CA ASN A 109 -11.54 -1.93 0.62
C ASN A 109 -12.12 -3.33 0.82
N SER A 110 -12.75 -3.88 -0.19
CA SER A 110 -13.33 -5.24 -0.06
C SER A 110 -12.28 -6.28 -0.43
N ARG A 111 -12.62 -7.54 -0.37
CA ARG A 111 -11.64 -8.60 -0.73
C ARG A 111 -11.10 -8.35 -2.15
N SER A 112 -11.93 -8.51 -3.14
CA SER A 112 -11.48 -8.28 -4.53
C SER A 112 -10.82 -6.91 -4.64
N ASN A 113 -11.30 -5.95 -3.91
CA ASN A 113 -10.69 -4.58 -3.97
C ASN A 113 -9.32 -4.61 -3.29
N LYS A 114 -9.13 -5.50 -2.35
CA LYS A 114 -7.81 -5.56 -1.66
C LYS A 114 -6.76 -6.03 -2.66
N LEU A 115 -6.97 -7.16 -3.27
CA LEU A 115 -5.97 -7.67 -4.26
C LEU A 115 -5.79 -6.62 -5.35
N HIS A 116 -6.85 -5.94 -5.70
CA HIS A 116 -6.76 -4.90 -6.75
C HIS A 116 -5.96 -3.70 -6.23
N PHE A 117 -6.05 -3.40 -4.97
CA PHE A 117 -5.29 -2.25 -4.42
C PHE A 117 -3.79 -2.56 -4.41
N ALA A 118 -3.36 -3.46 -3.56
CA ALA A 118 -1.90 -3.80 -3.52
C ALA A 118 -1.42 -4.04 -4.96
N PHE A 119 -2.29 -4.53 -5.78
CA PHE A 119 -1.92 -4.79 -7.20
C PHE A 119 -1.53 -3.46 -7.87
N ARG A 120 -2.41 -2.49 -7.87
CA ARG A 120 -2.09 -1.19 -8.50
C ARG A 120 -0.79 -0.65 -7.94
N LEU A 121 -0.45 -1.01 -6.73
CA LEU A 121 0.81 -0.48 -6.15
C LEU A 121 2.01 -1.16 -6.80
N TYR A 122 1.87 -2.40 -7.16
CA TYR A 122 2.98 -3.15 -7.81
C TYR A 122 2.74 -3.20 -9.32
N ASP A 123 1.57 -2.83 -9.76
CA ASP A 123 1.28 -2.88 -11.21
C ASP A 123 2.12 -1.85 -11.97
N LEU A 124 3.38 -2.14 -12.15
CA LEU A 124 4.27 -1.19 -12.87
C LEU A 124 4.16 -1.44 -14.39
N ASP A 125 4.10 -2.68 -14.79
CA ASP A 125 4.01 -2.99 -16.26
C ASP A 125 2.55 -3.19 -16.70
N LYS A 126 1.61 -3.20 -15.80
CA LYS A 126 0.19 -3.40 -16.22
C LYS A 126 0.02 -4.78 -16.85
N ASP A 127 0.79 -5.74 -16.43
CA ASP A 127 0.65 -7.12 -16.99
C ASP A 127 -0.44 -7.84 -16.21
N GLU A 128 -1.07 -7.14 -15.30
CA GLU A 128 -2.16 -7.74 -14.47
C GLU A 128 -1.57 -8.55 -13.32
N LYS A 129 -0.27 -8.71 -13.27
CA LYS A 129 0.34 -9.49 -12.16
C LYS A 129 1.73 -8.93 -11.87
N ILE A 130 2.22 -9.10 -10.66
CA ILE A 130 3.58 -8.56 -10.37
C ILE A 130 4.59 -9.46 -11.06
N SER A 131 5.13 -8.99 -12.14
CA SER A 131 6.11 -9.80 -12.91
C SER A 131 7.44 -9.84 -12.18
N ARG A 132 8.42 -10.47 -12.75
CA ARG A 132 9.75 -10.57 -12.09
C ARG A 132 10.46 -9.22 -12.12
N ASP A 133 10.32 -8.47 -13.18
CA ASP A 133 11.02 -7.15 -13.25
C ASP A 133 10.39 -6.20 -12.25
N GLU A 134 9.10 -6.30 -12.05
CA GLU A 134 8.43 -5.39 -11.08
C GLU A 134 8.70 -5.86 -9.66
N LEU A 135 8.27 -7.06 -9.35
CA LEU A 135 8.50 -7.59 -7.98
C LEU A 135 9.97 -7.45 -7.62
N LEU A 136 10.86 -7.79 -8.52
CA LEU A 136 12.31 -7.67 -8.21
C LEU A 136 12.63 -6.24 -7.79
N GLN A 137 12.27 -5.28 -8.59
CA GLN A 137 12.57 -3.87 -8.22
C GLN A 137 12.19 -3.62 -6.75
N VAL A 138 11.11 -4.18 -6.30
CA VAL A 138 10.72 -3.96 -4.87
C VAL A 138 11.47 -4.95 -3.98
N LEU A 139 11.16 -6.21 -4.12
CA LEU A 139 11.81 -7.27 -3.33
C LEU A 139 13.29 -6.92 -3.11
N ARG A 140 13.90 -6.25 -4.05
CA ARG A 140 15.34 -5.85 -3.87
C ARG A 140 15.42 -4.57 -3.04
N MET A 141 14.54 -3.63 -3.27
CA MET A 141 14.61 -2.35 -2.51
C MET A 141 14.22 -2.58 -1.05
N MET A 142 13.68 -3.74 -0.73
CA MET A 142 13.27 -4.00 0.69
C MET A 142 14.21 -5.01 1.36
N VAL A 143 14.84 -5.88 0.60
CA VAL A 143 15.78 -6.87 1.23
C VAL A 143 17.22 -6.48 0.92
N GLY A 144 17.45 -5.86 -0.20
CA GLY A 144 18.83 -5.44 -0.56
C GLY A 144 19.44 -4.63 0.58
N VAL A 145 18.62 -4.04 1.40
CA VAL A 145 19.14 -3.23 2.53
C VAL A 145 20.14 -4.05 3.35
N ASN A 146 20.14 -5.35 3.17
CA ASN A 146 21.10 -6.19 3.95
C ASN A 146 21.42 -7.47 3.18
N ILE A 147 21.02 -7.57 1.94
CA ILE A 147 21.32 -8.80 1.14
C ILE A 147 22.42 -8.51 0.12
N SER A 148 23.36 -9.42 -0.01
CA SER A 148 24.49 -9.22 -0.96
C SER A 148 23.93 -9.16 -2.40
N ASP A 149 24.79 -9.10 -3.38
CA ASP A 149 24.31 -9.03 -4.78
C ASP A 149 23.96 -10.44 -5.29
N GLU A 150 24.94 -11.30 -5.39
CA GLU A 150 24.66 -12.68 -5.88
C GLU A 150 23.66 -13.34 -4.92
N GLN A 151 23.61 -12.87 -3.71
CA GLN A 151 22.66 -13.45 -2.73
C GLN A 151 21.25 -13.00 -3.12
N LEU A 152 21.09 -11.75 -3.43
CA LEU A 152 19.76 -11.25 -3.81
C LEU A 152 19.35 -11.87 -5.15
N GLY A 153 20.23 -11.88 -6.10
CA GLY A 153 19.88 -12.47 -7.42
C GLY A 153 19.31 -13.87 -7.23
N SER A 154 19.90 -14.64 -6.35
CA SER A 154 19.41 -16.03 -6.12
C SER A 154 18.22 -16.04 -5.16
N ILE A 155 18.12 -15.07 -4.29
CA ILE A 155 16.97 -15.07 -3.34
C ILE A 155 15.73 -14.58 -4.08
N ALA A 156 15.92 -13.81 -5.12
CA ALA A 156 14.76 -13.30 -5.89
C ALA A 156 14.26 -14.39 -6.83
N ASP A 157 15.16 -14.96 -7.59
CA ASP A 157 14.75 -16.04 -8.53
C ASP A 157 14.01 -17.14 -7.76
N ARG A 158 14.48 -17.47 -6.60
CA ARG A 158 13.80 -18.54 -5.81
C ARG A 158 12.51 -18.01 -5.17
N THR A 159 12.45 -16.73 -4.91
CA THR A 159 11.22 -16.16 -4.28
C THR A 159 10.08 -16.12 -5.30
N ILE A 160 10.33 -15.64 -6.48
CA ILE A 160 9.22 -15.58 -7.48
C ILE A 160 9.05 -16.96 -8.12
N GLN A 161 10.03 -17.80 -8.00
CA GLN A 161 9.92 -19.16 -8.61
C GLN A 161 9.24 -20.11 -7.63
N GLU A 162 9.28 -19.79 -6.36
CA GLU A 162 8.63 -20.69 -5.35
C GLU A 162 7.20 -20.21 -5.08
N ALA A 163 6.91 -18.94 -5.24
CA ALA A 163 5.52 -18.49 -5.01
C ALA A 163 4.74 -18.67 -6.31
N ASP A 164 5.44 -18.72 -7.41
CA ASP A 164 4.75 -18.88 -8.72
C ASP A 164 3.69 -19.97 -8.61
N GLN A 165 2.50 -19.59 -8.26
CA GLN A 165 1.40 -20.58 -8.14
C GLN A 165 0.62 -20.58 -9.45
N ASP A 166 0.38 -19.42 -10.01
CA ASP A 166 -0.35 -19.40 -11.30
C ASP A 166 0.64 -19.92 -12.33
N GLY A 167 1.87 -20.08 -11.92
CA GLY A 167 2.89 -20.60 -12.83
C GLY A 167 3.20 -19.55 -13.87
N ASP A 168 2.73 -18.37 -13.64
CA ASP A 168 2.99 -17.27 -14.58
C ASP A 168 4.33 -16.67 -14.20
N SER A 169 5.08 -17.34 -13.36
CA SER A 169 6.37 -16.75 -12.92
C SER A 169 6.05 -15.33 -12.47
N ALA A 170 4.82 -15.13 -12.08
CA ALA A 170 4.36 -13.79 -11.66
C ALA A 170 3.22 -13.98 -10.68
N ILE A 171 2.93 -13.03 -9.86
CA ILE A 171 1.82 -13.23 -8.90
C ILE A 171 1.05 -11.94 -8.66
N SER A 172 -0.13 -12.07 -8.14
CA SER A 172 -0.90 -10.86 -7.79
C SER A 172 -2.09 -11.27 -6.94
N PHE A 173 -2.91 -12.06 -7.51
CA PHE A 173 -4.17 -12.49 -6.88
C PHE A 173 -4.19 -13.96 -6.44
N THR A 174 -3.33 -14.78 -6.95
CA THR A 174 -3.46 -16.22 -6.63
C THR A 174 -2.81 -16.63 -5.33
N GLU A 175 -1.51 -16.64 -5.22
CA GLU A 175 -0.92 -17.09 -3.93
C GLU A 175 -1.15 -15.96 -2.93
N PHE A 176 -1.57 -14.83 -3.43
CA PHE A 176 -1.89 -13.71 -2.51
C PHE A 176 -3.22 -14.08 -1.86
N VAL A 177 -4.17 -14.48 -2.67
CA VAL A 177 -5.48 -14.91 -2.13
C VAL A 177 -5.27 -16.16 -1.28
N LYS A 178 -4.51 -17.12 -1.77
CA LYS A 178 -4.27 -18.34 -0.96
C LYS A 178 -3.59 -17.95 0.35
N VAL A 179 -2.95 -16.80 0.38
CA VAL A 179 -2.26 -16.36 1.63
C VAL A 179 -3.28 -15.74 2.58
N LEU A 180 -4.27 -15.06 2.06
CA LEU A 180 -5.27 -14.43 2.96
C LEU A 180 -6.00 -15.51 3.75
N GLU A 181 -6.26 -16.62 3.13
CA GLU A 181 -6.97 -17.72 3.86
C GLU A 181 -6.21 -18.05 5.13
N LYS A 182 -5.02 -17.51 5.28
CA LYS A 182 -4.21 -17.79 6.51
C LYS A 182 -4.06 -16.49 7.32
N VAL A 183 -4.31 -15.36 6.71
CA VAL A 183 -4.17 -14.06 7.44
C VAL A 183 -5.18 -13.06 6.88
N ASP A 184 -6.05 -12.55 7.71
CA ASP A 184 -7.05 -11.56 7.23
C ASP A 184 -6.37 -10.21 6.99
N VAL A 185 -5.64 -10.08 5.92
CA VAL A 185 -4.95 -8.79 5.64
C VAL A 185 -5.98 -7.72 5.27
N GLU A 186 -7.16 -8.12 4.90
CA GLU A 186 -8.20 -7.13 4.53
C GLU A 186 -8.36 -6.10 5.65
N GLN A 187 -8.05 -6.46 6.88
CA GLN A 187 -8.18 -5.47 7.99
C GLN A 187 -6.84 -4.74 8.17
N LYS A 188 -5.75 -5.43 7.96
CA LYS A 188 -4.43 -4.76 8.10
C LYS A 188 -4.42 -3.48 7.27
N MET A 189 -5.25 -3.44 6.25
CA MET A 189 -5.31 -2.22 5.40
C MET A 189 -5.83 -1.04 6.22
N SER A 190 -5.27 -0.84 7.38
CA SER A 190 -5.71 0.29 8.25
C SER A 190 -4.49 0.87 8.98
N ILE A 191 -4.30 2.16 8.92
CA ILE A 191 -3.13 2.77 9.59
C ILE A 191 -3.51 3.19 11.02
N ARG A 192 -2.74 2.79 11.99
CA ARG A 192 -3.06 3.17 13.39
C ARG A 192 -1.82 2.97 14.27
N PHE A 193 -0.88 2.19 13.81
CA PHE A 193 0.35 1.95 14.61
C PHE A 193 1.11 3.28 14.79
N LEU A 194 2.23 3.24 15.44
CA LEU A 194 3.01 4.49 15.65
C LEU A 194 2.19 5.47 16.50
N HIS A 195 2.34 5.42 17.79
CA HIS A 195 1.56 6.35 18.67
C HIS A 195 0.08 6.30 18.27
N VAL B 1 -6.27 -32.18 31.35
CA VAL B 1 -5.30 -31.45 30.47
C VAL B 1 -5.39 -32.02 29.05
N ASP B 2 -4.91 -31.30 28.08
CA ASP B 2 -4.95 -31.80 26.67
C ASP B 2 -3.92 -31.06 25.84
N LEU B 3 -3.42 -29.95 26.32
CA LEU B 3 -2.41 -29.18 25.54
C LEU B 3 -1.07 -29.94 25.58
N LEU B 4 -0.98 -30.96 26.38
CA LEU B 4 0.30 -31.74 26.46
C LEU B 4 0.61 -32.33 25.08
N ALA B 5 -0.31 -33.08 24.53
CA ALA B 5 -0.08 -33.69 23.19
C ALA B 5 1.26 -34.44 23.19
N VAL B 6 1.58 -35.09 22.11
CA VAL B 6 2.87 -35.84 22.05
C VAL B 6 4.04 -34.87 22.25
N LYS B 7 4.85 -34.69 21.25
CA LYS B 7 6.01 -33.76 21.37
C LYS B 7 5.57 -32.35 20.99
N LYS B 8 6.50 -31.46 20.80
CA LYS B 8 6.15 -30.07 20.43
C LYS B 8 7.35 -29.39 19.78
N LYS B 9 7.27 -28.09 19.56
CA LYS B 9 8.42 -27.38 18.94
C LYS B 9 8.86 -28.12 17.68
N GLN B 10 8.01 -28.21 16.70
CA GLN B 10 8.38 -28.93 15.45
C GLN B 10 9.15 -27.98 14.52
N GLU B 11 8.44 -27.10 13.85
CA GLU B 11 9.12 -26.14 12.94
C GLU B 11 8.13 -25.07 12.48
N THR B 12 8.28 -23.86 12.97
CA THR B 12 7.33 -22.78 12.57
C THR B 12 7.22 -22.75 11.04
N LYS B 13 6.03 -22.59 10.54
CA LYS B 13 5.85 -22.54 9.06
C LYS B 13 6.25 -21.16 8.54
N ARG B 14 6.71 -21.09 7.32
CA ARG B 14 7.12 -19.78 6.76
C ARG B 14 6.87 -19.78 5.25
N SER B 15 6.31 -18.70 4.73
CA SER B 15 6.03 -18.62 3.27
C SER B 15 6.64 -17.33 2.71
N ILE B 16 7.15 -17.38 1.51
CA ILE B 16 7.76 -16.15 0.91
C ILE B 16 6.68 -15.08 0.75
N ASN B 17 5.50 -15.47 0.36
CA ASN B 17 4.41 -14.48 0.17
C ASN B 17 3.93 -13.95 1.52
N GLU B 18 4.07 -14.72 2.56
CA GLU B 18 3.61 -14.25 3.89
C GLU B 18 4.64 -13.27 4.48
N GLU B 19 5.88 -13.66 4.52
CA GLU B 19 6.92 -12.75 5.10
C GLU B 19 7.08 -11.49 4.23
N ILE B 20 7.25 -11.64 2.95
CA ILE B 20 7.43 -10.44 2.08
C ILE B 20 6.18 -9.55 2.13
N HIS B 21 5.01 -10.12 2.04
CA HIS B 21 3.77 -9.28 2.07
C HIS B 21 3.67 -8.58 3.43
N THR B 22 3.87 -9.29 4.50
CA THR B 22 3.77 -8.65 5.84
C THR B 22 4.58 -7.35 5.85
N GLN B 23 5.84 -7.42 5.49
CA GLN B 23 6.68 -6.19 5.49
C GLN B 23 6.22 -5.24 4.38
N PHE B 24 6.14 -5.72 3.16
CA PHE B 24 5.70 -4.85 2.04
C PHE B 24 4.44 -4.08 2.46
N LEU B 25 3.35 -4.78 2.67
CA LEU B 25 2.08 -4.12 3.09
C LEU B 25 2.36 -3.04 4.14
N ASP B 26 3.13 -3.36 5.14
CA ASP B 26 3.42 -2.34 6.20
C ASP B 26 4.23 -1.18 5.61
N HIS B 27 5.09 -1.46 4.68
CA HIS B 27 5.92 -0.37 4.08
C HIS B 27 5.07 0.49 3.13
N LEU B 28 4.25 -0.12 2.31
CA LEU B 28 3.42 0.68 1.36
C LEU B 28 2.25 1.33 2.10
N LEU B 29 1.65 0.64 3.03
CA LEU B 29 0.50 1.25 3.77
C LEU B 29 0.98 2.50 4.49
N THR B 30 2.05 2.40 5.23
CA THR B 30 2.57 3.58 5.96
C THR B 30 3.29 4.51 4.96
N GLY B 31 3.72 3.98 3.86
CA GLY B 31 4.43 4.82 2.86
C GLY B 31 3.44 5.72 2.14
N ILE B 32 2.28 5.22 1.79
CA ILE B 32 1.29 6.06 1.07
C ILE B 32 0.51 6.93 2.07
N GLU B 33 0.46 6.54 3.32
CA GLU B 33 -0.29 7.38 4.31
C GLU B 33 0.59 8.57 4.70
N ASP B 34 1.89 8.39 4.65
CA ASP B 34 2.81 9.50 5.03
C ASP B 34 2.36 10.80 4.37
N ILE B 35 1.73 10.72 3.23
CA ILE B 35 1.27 11.97 2.54
C ILE B 35 0.53 12.85 3.54
N CYS B 36 -0.57 12.38 4.07
CA CYS B 36 -1.33 13.21 5.05
C CYS B 36 -0.37 13.77 6.11
N GLY B 37 0.76 13.14 6.29
CA GLY B 37 1.74 13.64 7.29
C GLY B 37 2.53 14.80 6.69
N HIS B 38 2.49 15.94 7.32
CA HIS B 38 3.23 17.11 6.79
C HIS B 38 4.73 16.95 7.09
N TYR B 39 5.06 16.37 8.22
CA TYR B 39 6.48 16.18 8.58
C TYR B 39 7.20 17.53 8.61
N GLY B 40 7.55 18.06 7.47
CA GLY B 40 8.25 19.37 7.44
C GLY B 40 9.48 19.32 8.34
N HIS B 41 10.31 20.33 8.30
CA HIS B 41 11.54 20.32 9.15
C HIS B 41 12.27 21.66 8.99
N HIS B 42 11.95 22.62 9.81
CA HIS B 42 12.63 23.95 9.71
C HIS B 42 14.00 23.88 10.38
N HIS B 43 15.05 24.16 9.67
CA HIS B 43 16.41 24.11 10.27
C HIS B 43 16.60 22.76 10.97
N MET A 1 12.60 2.80 21.23
CA MET A 1 12.68 3.30 22.63
C MET A 1 12.98 4.81 22.62
N GLY A 2 13.86 5.24 21.75
CA GLY A 2 14.18 6.69 21.69
C GLY A 2 13.12 7.43 20.90
N SER A 3 12.44 8.37 21.50
CA SER A 3 11.39 9.12 20.77
C SER A 3 10.78 10.18 21.71
N ARG A 4 11.23 11.39 21.61
CA ARG A 4 10.69 12.47 22.49
C ARG A 4 11.06 13.84 21.92
N ALA A 5 11.00 13.99 20.62
CA ALA A 5 11.36 15.31 20.01
C ALA A 5 10.92 15.32 18.55
N SER A 6 10.48 16.45 18.07
CA SER A 6 10.03 16.54 16.64
C SER A 6 9.09 15.36 16.35
N THR A 7 7.86 15.44 16.81
CA THR A 7 6.90 14.34 16.56
C THR A 7 6.28 14.48 15.17
N LEU A 8 6.59 13.59 14.28
CA LEU A 8 6.02 13.67 12.91
C LEU A 8 4.51 13.56 12.98
N LEU A 9 3.94 12.97 11.97
CA LEU A 9 2.49 12.75 11.86
C LEU A 9 1.84 12.76 13.25
N ARG A 10 1.54 13.92 13.75
CA ARG A 10 0.91 14.03 15.09
C ARG A 10 -0.55 13.61 14.98
N ASP A 11 -1.26 13.62 16.07
CA ASP A 11 -2.69 13.22 16.04
C ASP A 11 -3.44 14.07 15.02
N GLU A 12 -2.87 15.16 14.60
CA GLU A 12 -3.57 16.03 13.61
C GLU A 12 -3.49 15.38 12.22
N GLU A 13 -2.32 15.02 11.78
CA GLU A 13 -2.22 14.39 10.44
C GLU A 13 -2.76 12.98 10.53
N LEU A 14 -2.61 12.33 11.67
CA LEU A 14 -3.14 10.96 11.80
C LEU A 14 -4.67 11.02 11.78
N GLU A 15 -5.25 11.73 12.69
CA GLU A 15 -6.74 11.82 12.73
C GLU A 15 -7.26 12.19 11.34
N GLU A 16 -6.59 13.09 10.67
CA GLU A 16 -7.06 13.50 9.32
C GLU A 16 -7.21 12.27 8.43
N ILE A 17 -6.13 11.61 8.12
CA ILE A 17 -6.24 10.40 7.25
C ILE A 17 -7.05 9.31 7.96
N LYS A 18 -6.79 9.07 9.21
CA LYS A 18 -7.55 8.03 9.95
C LYS A 18 -9.04 8.20 9.66
N LYS A 19 -9.48 9.42 9.52
CA LYS A 19 -10.92 9.67 9.25
C LYS A 19 -11.22 9.39 7.77
N GLU A 20 -10.35 9.73 6.88
CA GLU A 20 -10.64 9.46 5.43
C GLU A 20 -11.07 8.01 5.28
N THR A 21 -10.39 7.13 5.97
CA THR A 21 -10.75 5.69 5.92
C THR A 21 -11.78 5.42 7.00
N GLY A 22 -12.31 6.48 7.56
CA GLY A 22 -13.35 6.34 8.63
C GLY A 22 -14.58 7.16 8.26
N PHE A 23 -14.41 8.20 7.49
CA PHE A 23 -15.57 9.05 7.08
C PHE A 23 -16.36 9.46 8.32
N SER A 24 -16.23 10.68 8.76
CA SER A 24 -16.98 11.11 9.96
C SER A 24 -16.98 12.64 10.11
N HIS A 25 -16.27 13.36 9.28
CA HIS A 25 -16.27 14.85 9.44
C HIS A 25 -15.61 15.53 8.23
N SER A 26 -15.29 16.79 8.39
CA SER A 26 -14.65 17.58 7.29
C SER A 26 -13.12 17.55 7.43
N GLN A 27 -12.62 17.09 8.55
CA GLN A 27 -11.14 17.06 8.75
C GLN A 27 -10.45 16.60 7.47
N ILE A 28 -11.07 15.75 6.70
CA ILE A 28 -10.44 15.28 5.44
C ILE A 28 -10.91 16.17 4.27
N THR A 29 -12.07 16.75 4.39
CA THR A 29 -12.56 17.62 3.29
C THR A 29 -11.55 18.77 3.11
N ARG A 30 -11.24 19.44 4.18
CA ARG A 30 -10.25 20.57 4.08
C ARG A 30 -8.90 19.99 3.65
N LEU A 31 -8.56 18.83 4.13
CA LEU A 31 -7.27 18.21 3.76
C LEU A 31 -7.18 18.11 2.24
N TYR A 32 -8.20 17.60 1.61
CA TYR A 32 -8.20 17.48 0.13
C TYR A 32 -7.92 18.84 -0.48
N SER A 33 -8.62 19.85 -0.03
CA SER A 33 -8.41 21.21 -0.60
C SER A 33 -6.90 21.52 -0.64
N ARG A 34 -6.20 21.23 0.40
CA ARG A 34 -4.73 21.50 0.40
C ARG A 34 -4.02 20.47 -0.49
N PHE A 35 -4.48 19.25 -0.47
CA PHE A 35 -3.84 18.20 -1.29
C PHE A 35 -3.94 18.57 -2.77
N THR A 36 -5.13 18.74 -3.27
CA THR A 36 -5.30 19.11 -4.70
C THR A 36 -4.67 20.46 -4.96
N SER A 37 -4.55 21.28 -3.96
CA SER A 37 -3.93 22.62 -4.16
C SER A 37 -2.48 22.42 -4.58
N LEU A 38 -1.87 21.35 -4.13
CA LEU A 38 -0.45 21.10 -4.51
C LEU A 38 -0.31 21.13 -6.03
N ASP A 39 -1.39 21.23 -6.75
CA ASP A 39 -1.31 21.27 -8.23
C ASP A 39 -0.51 22.49 -8.65
N LYS A 40 -0.92 23.09 -9.72
CA LYS A 40 -0.23 24.30 -10.24
C LYS A 40 -1.29 25.40 -10.43
N GLY A 41 -2.44 25.22 -9.84
CA GLY A 41 -3.53 26.22 -9.99
C GLY A 41 -4.82 25.50 -10.36
N GLU A 42 -4.74 24.24 -10.69
CA GLU A 42 -5.95 23.47 -11.06
C GLU A 42 -6.79 23.23 -9.80
N ASN A 43 -6.16 22.84 -8.72
CA ASN A 43 -6.91 22.57 -7.45
C ASN A 43 -8.11 21.69 -7.78
N GLY A 44 -7.92 20.75 -8.66
CA GLY A 44 -9.02 19.82 -9.04
C GLY A 44 -8.45 18.41 -9.16
N THR A 45 -7.23 18.29 -9.65
CA THR A 45 -6.60 16.95 -9.78
C THR A 45 -5.11 17.06 -9.46
N LEU A 46 -4.37 15.98 -9.54
CA LEU A 46 -2.91 16.06 -9.23
C LEU A 46 -2.08 15.19 -10.18
N SER A 47 -0.93 15.68 -10.57
CA SER A 47 -0.04 14.90 -11.48
C SER A 47 1.19 14.43 -10.70
N ARG A 48 2.06 13.69 -11.34
CA ARG A 48 3.28 13.19 -10.66
C ARG A 48 4.09 14.36 -10.10
N GLU A 49 4.34 15.35 -10.91
CA GLU A 49 5.12 16.52 -10.45
C GLU A 49 4.47 17.18 -9.24
N ASP A 50 3.24 16.86 -8.96
CA ASP A 50 2.56 17.49 -7.79
C ASP A 50 2.75 16.61 -6.55
N PHE A 51 2.60 15.32 -6.69
CA PHE A 51 2.78 14.41 -5.52
C PHE A 51 4.17 14.63 -4.91
N GLN A 52 5.17 14.84 -5.74
CA GLN A 52 6.55 15.04 -5.19
C GLN A 52 6.56 16.19 -4.19
N ARG A 53 5.49 16.93 -4.09
CA ARG A 53 5.44 18.07 -3.13
C ARG A 53 5.45 17.53 -1.69
N ILE A 54 5.12 16.28 -1.50
CA ILE A 54 5.11 15.71 -0.13
C ILE A 54 6.43 14.95 0.08
N PRO A 55 7.02 15.01 1.25
CA PRO A 55 8.30 14.32 1.55
C PRO A 55 8.15 12.80 1.56
N GLU A 56 7.05 12.30 1.04
CA GLU A 56 6.86 10.82 1.03
C GLU A 56 7.37 10.25 -0.29
N LEU A 57 6.86 10.73 -1.39
CA LEU A 57 7.31 10.23 -2.71
C LEU A 57 8.75 10.69 -2.97
N ALA A 58 9.02 11.94 -2.75
CA ALA A 58 10.39 12.48 -2.99
C ALA A 58 11.42 11.83 -2.07
N ILE A 59 10.99 11.05 -1.11
CA ILE A 59 11.97 10.39 -0.18
C ILE A 59 11.70 8.90 -0.14
N ASN A 60 10.80 8.43 -0.95
CA ASN A 60 10.48 6.97 -0.96
C ASN A 60 11.49 6.23 -1.86
N PRO A 61 11.92 5.05 -1.47
CA PRO A 61 12.88 4.26 -2.27
C PRO A 61 12.23 3.68 -3.53
N LEU A 62 10.94 3.47 -3.48
CA LEU A 62 10.19 2.93 -4.66
C LEU A 62 9.04 3.89 -4.99
N GLY A 63 8.24 4.21 -4.01
CA GLY A 63 7.10 5.14 -4.23
C GLY A 63 6.25 4.67 -5.42
N ASP A 64 6.61 3.59 -6.04
CA ASP A 64 5.78 3.10 -7.17
C ASP A 64 4.40 2.82 -6.59
N ARG A 65 4.34 2.72 -5.30
CA ARG A 65 3.05 2.46 -4.60
C ARG A 65 2.22 3.74 -4.62
N ILE A 66 2.70 4.77 -3.99
CA ILE A 66 1.94 6.06 -3.97
C ILE A 66 1.60 6.48 -5.40
N ILE A 67 2.58 6.41 -6.27
CA ILE A 67 2.37 6.81 -7.68
C ILE A 67 1.12 6.14 -8.27
N ASN A 68 1.12 4.84 -8.36
CA ASN A 68 -0.05 4.14 -8.95
C ASN A 68 -1.20 4.06 -7.95
N ALA A 69 -0.97 4.48 -6.73
CA ALA A 69 -2.07 4.43 -5.73
C ALA A 69 -3.14 5.44 -6.13
N PHE A 70 -2.73 6.59 -6.59
CA PHE A 70 -3.73 7.61 -7.00
C PHE A 70 -4.09 7.46 -8.48
N PHE A 71 -3.13 7.40 -9.36
CA PHE A 71 -3.47 7.26 -10.81
C PHE A 71 -4.18 5.92 -11.03
N PRO A 72 -5.10 5.86 -11.97
CA PRO A 72 -5.84 4.60 -12.30
C PRO A 72 -4.97 3.61 -13.07
N GLU A 73 -5.06 3.62 -14.38
CA GLU A 73 -4.25 2.69 -15.21
C GLU A 73 -3.02 3.43 -15.73
N GLY A 74 -3.10 4.74 -15.82
CA GLY A 74 -1.93 5.52 -16.32
C GLY A 74 -2.39 6.94 -16.69
N GLU A 75 -3.27 7.52 -15.93
CA GLU A 75 -3.74 8.90 -16.25
C GLU A 75 -2.68 9.91 -15.78
N ASP A 76 -2.63 11.06 -16.40
CA ASP A 76 -1.62 12.08 -15.99
C ASP A 76 -2.23 13.03 -14.96
N GLN A 77 -3.33 12.66 -14.36
CA GLN A 77 -3.95 13.54 -13.34
C GLN A 77 -5.02 12.76 -12.56
N VAL A 78 -5.05 12.90 -11.25
CA VAL A 78 -6.06 12.15 -10.44
C VAL A 78 -7.05 13.15 -9.84
N ASN A 79 -8.32 12.93 -10.05
CA ASN A 79 -9.34 13.86 -9.49
C ASN A 79 -9.69 13.47 -8.06
N PHE A 80 -10.52 14.26 -7.42
CA PHE A 80 -10.91 13.98 -6.01
C PHE A 80 -11.52 12.59 -5.90
N ARG A 81 -12.09 12.08 -6.95
CA ARG A 81 -12.71 10.73 -6.88
C ARG A 81 -11.69 9.72 -6.35
N GLY A 82 -10.54 9.64 -6.95
CA GLY A 82 -9.54 8.65 -6.48
C GLY A 82 -8.80 9.16 -5.25
N PHE A 83 -8.64 10.45 -5.11
CA PHE A 83 -7.91 10.95 -3.91
C PHE A 83 -8.51 10.29 -2.68
N MET A 84 -9.81 10.25 -2.60
CA MET A 84 -10.48 9.62 -1.45
C MET A 84 -10.66 8.12 -1.68
N ARG A 85 -10.65 7.65 -2.92
CA ARG A 85 -10.82 6.19 -3.11
C ARG A 85 -9.54 5.48 -2.64
N THR A 86 -8.44 6.16 -2.74
CA THR A 86 -7.14 5.57 -2.31
C THR A 86 -6.95 5.75 -0.79
N LEU A 87 -6.97 6.97 -0.34
CA LEU A 87 -6.75 7.22 1.11
C LEU A 87 -7.88 6.57 1.93
N ALA A 88 -8.99 6.26 1.30
CA ALA A 88 -10.10 5.61 2.05
C ALA A 88 -10.03 4.09 1.88
N HIS A 89 -9.41 3.63 0.81
CA HIS A 89 -9.32 2.15 0.59
C HIS A 89 -8.86 1.47 1.89
N PHE A 90 -8.38 2.24 2.83
CA PHE A 90 -7.90 1.64 4.11
C PHE A 90 -9.04 1.60 5.12
N ARG A 91 -10.26 1.60 4.67
CA ARG A 91 -11.41 1.56 5.61
C ARG A 91 -11.43 0.20 6.34
N PRO A 92 -11.31 0.18 7.64
CA PRO A 92 -11.33 -1.10 8.42
C PRO A 92 -12.47 -2.02 7.98
N ILE A 93 -12.31 -3.30 8.13
CA ILE A 93 -13.40 -4.24 7.73
C ILE A 93 -14.45 -4.30 8.82
N GLU A 94 -15.70 -4.43 8.45
CA GLU A 94 -16.78 -4.49 9.48
C GLU A 94 -16.89 -5.91 10.03
N ASP A 95 -17.21 -6.06 11.28
CA ASP A 95 -17.33 -7.42 11.87
C ASP A 95 -18.39 -8.21 11.11
N ASN A 96 -19.46 -7.56 10.71
CA ASN A 96 -20.54 -8.26 9.97
C ASN A 96 -20.15 -8.38 8.49
N GLU A 97 -19.44 -7.41 7.99
CA GLU A 97 -19.02 -7.45 6.55
C GLU A 97 -20.26 -7.64 5.67
N LYS A 98 -21.24 -6.78 5.81
CA LYS A 98 -22.47 -6.92 4.98
C LYS A 98 -22.23 -6.31 3.60
N SER A 99 -23.10 -6.60 2.67
CA SER A 99 -22.91 -6.04 1.29
C SER A 99 -24.11 -6.44 0.42
N LYS A 100 -25.19 -6.87 1.02
CA LYS A 100 -26.38 -7.26 0.22
C LYS A 100 -27.11 -6.00 -0.26
N ASP A 101 -27.23 -5.82 -1.54
CA ASP A 101 -27.92 -4.61 -2.07
C ASP A 101 -27.42 -3.36 -1.34
N VAL A 102 -26.41 -2.72 -1.86
CA VAL A 102 -25.88 -1.50 -1.19
C VAL A 102 -26.67 -0.28 -1.66
N ASN A 103 -27.13 -0.30 -2.88
CA ASN A 103 -27.91 0.86 -3.40
C ASN A 103 -27.11 2.15 -3.16
N GLY A 104 -25.83 2.12 -3.40
CA GLY A 104 -25.00 3.33 -3.18
C GLY A 104 -23.63 3.15 -3.84
N PRO A 105 -22.68 3.96 -3.49
CA PRO A 105 -21.30 3.89 -4.06
C PRO A 105 -20.75 2.45 -4.06
N GLU A 106 -19.69 2.22 -4.79
CA GLU A 106 -19.13 0.83 -4.83
C GLU A 106 -18.66 0.44 -3.42
N PRO A 107 -18.69 -0.84 -3.10
CA PRO A 107 -18.25 -1.34 -1.77
C PRO A 107 -17.02 -0.61 -1.24
N LEU A 108 -15.91 -0.71 -1.93
CA LEU A 108 -14.68 -0.01 -1.46
C LEU A 108 -14.13 -0.75 -0.23
N ASN A 109 -12.86 -1.06 -0.23
CA ASN A 109 -12.25 -1.79 0.92
C ASN A 109 -12.74 -3.25 0.90
N SER A 110 -13.33 -3.68 -0.18
CA SER A 110 -13.83 -5.08 -0.26
C SER A 110 -12.68 -6.03 -0.62
N ARG A 111 -12.87 -7.31 -0.41
CA ARG A 111 -11.79 -8.27 -0.74
C ARG A 111 -11.28 -8.00 -2.16
N SER A 112 -12.11 -8.19 -3.15
CA SER A 112 -11.67 -7.94 -4.54
C SER A 112 -10.99 -6.57 -4.62
N ASN A 113 -11.41 -5.65 -3.79
CA ASN A 113 -10.77 -4.29 -3.81
C ASN A 113 -9.41 -4.37 -3.13
N LYS A 114 -9.25 -5.25 -2.18
CA LYS A 114 -7.94 -5.38 -1.49
C LYS A 114 -6.89 -5.83 -2.51
N LEU A 115 -7.11 -6.96 -3.14
CA LEU A 115 -6.13 -7.45 -4.14
C LEU A 115 -5.95 -6.38 -5.22
N HIS A 116 -7.00 -5.69 -5.55
CA HIS A 116 -6.90 -4.63 -6.60
C HIS A 116 -6.07 -3.46 -6.08
N PHE A 117 -6.12 -3.18 -4.80
CA PHE A 117 -5.33 -2.05 -4.26
C PHE A 117 -3.85 -2.41 -4.25
N ALA A 118 -3.45 -3.32 -3.39
CA ALA A 118 -2.01 -3.72 -3.35
C ALA A 118 -1.52 -3.95 -4.78
N PHE A 119 -2.40 -4.36 -5.64
CA PHE A 119 -2.04 -4.59 -7.07
C PHE A 119 -1.64 -3.27 -7.71
N ARG A 120 -2.51 -2.30 -7.71
CA ARG A 120 -2.19 -0.98 -8.32
C ARG A 120 -0.88 -0.46 -7.76
N LEU A 121 -0.58 -0.78 -6.54
CA LEU A 121 0.68 -0.27 -5.94
C LEU A 121 1.89 -0.92 -6.62
N TYR A 122 1.81 -2.18 -6.92
CA TYR A 122 2.94 -2.87 -7.58
C TYR A 122 2.71 -2.90 -9.09
N ASP A 123 1.52 -2.57 -9.53
CA ASP A 123 1.23 -2.60 -10.99
C ASP A 123 1.99 -1.49 -11.71
N LEU A 124 3.27 -1.66 -11.90
CA LEU A 124 4.06 -0.62 -12.61
C LEU A 124 3.96 -0.84 -14.12
N ASP A 125 4.00 -2.07 -14.56
CA ASP A 125 3.93 -2.34 -16.03
C ASP A 125 2.49 -2.58 -16.51
N LYS A 126 1.53 -2.61 -15.61
CA LYS A 126 0.12 -2.84 -16.03
C LYS A 126 0.00 -4.19 -16.74
N ASP A 127 0.76 -5.17 -16.32
CA ASP A 127 0.65 -6.51 -16.94
C ASP A 127 -0.43 -7.27 -16.20
N GLU A 128 -1.13 -6.59 -15.33
CA GLU A 128 -2.24 -7.20 -14.53
C GLU A 128 -1.69 -7.94 -13.32
N LYS A 129 -0.40 -8.15 -13.24
CA LYS A 129 0.16 -8.87 -12.04
C LYS A 129 1.58 -8.35 -11.76
N ILE A 130 2.11 -8.60 -10.61
CA ILE A 130 3.48 -8.09 -10.32
C ILE A 130 4.49 -8.95 -11.08
N SER A 131 4.98 -8.45 -12.17
CA SER A 131 5.96 -9.20 -13.00
C SER A 131 7.23 -9.44 -12.19
N ARG A 132 8.26 -9.94 -12.83
CA ARG A 132 9.53 -10.20 -12.11
C ARG A 132 10.38 -8.93 -12.00
N ASP A 133 10.34 -8.08 -12.98
CA ASP A 133 11.16 -6.83 -12.91
C ASP A 133 10.57 -5.87 -11.87
N GLU A 134 9.28 -5.87 -11.72
CA GLU A 134 8.66 -4.96 -10.72
C GLU A 134 8.87 -5.53 -9.31
N LEU A 135 8.37 -6.71 -9.08
CA LEU A 135 8.51 -7.34 -7.75
C LEU A 135 9.98 -7.29 -7.31
N LEU A 136 10.89 -7.59 -8.20
CA LEU A 136 12.31 -7.57 -7.84
C LEU A 136 12.72 -6.16 -7.40
N GLN A 137 12.40 -5.16 -8.16
CA GLN A 137 12.78 -3.77 -7.76
C GLN A 137 12.41 -3.56 -6.29
N VAL A 138 11.29 -4.06 -5.85
CA VAL A 138 10.90 -3.86 -4.42
C VAL A 138 11.61 -4.90 -3.56
N LEU A 139 11.27 -6.14 -3.75
CA LEU A 139 11.89 -7.25 -2.98
C LEU A 139 13.39 -6.97 -2.76
N ARG A 140 14.08 -6.50 -3.76
CA ARG A 140 15.53 -6.19 -3.58
C ARG A 140 15.69 -4.94 -2.71
N MET A 141 14.87 -3.94 -2.93
CA MET A 141 15.00 -2.70 -2.12
C MET A 141 14.52 -2.98 -0.69
N MET A 142 13.93 -4.12 -0.44
CA MET A 142 13.43 -4.43 0.93
C MET A 142 14.40 -5.36 1.65
N VAL A 143 15.19 -6.12 0.92
CA VAL A 143 16.16 -7.06 1.58
C VAL A 143 17.60 -6.66 1.23
N GLY A 144 17.79 -5.99 0.13
CA GLY A 144 19.18 -5.58 -0.25
C GLY A 144 19.86 -4.86 0.91
N VAL A 145 19.10 -4.33 1.82
CA VAL A 145 19.70 -3.61 2.97
C VAL A 145 20.75 -4.49 3.66
N ASN A 146 20.69 -5.78 3.47
CA ASN A 146 21.67 -6.68 4.14
C ASN A 146 21.99 -7.87 3.24
N ILE A 147 21.49 -7.87 2.03
CA ILE A 147 21.76 -9.03 1.11
C ILE A 147 22.83 -8.65 0.07
N SER A 148 23.77 -9.53 -0.16
CA SER A 148 24.84 -9.26 -1.16
C SER A 148 24.23 -9.15 -2.56
N ASP A 149 25.05 -9.02 -3.57
CA ASP A 149 24.49 -8.91 -4.95
C ASP A 149 24.09 -10.28 -5.48
N GLU A 150 25.04 -11.16 -5.67
CA GLU A 150 24.69 -12.52 -6.19
C GLU A 150 23.74 -13.20 -5.21
N GLN A 151 23.77 -12.78 -3.98
CA GLN A 151 22.85 -13.39 -2.98
C GLN A 151 21.44 -12.90 -3.26
N LEU A 152 21.31 -11.64 -3.60
CA LEU A 152 19.98 -11.09 -3.89
C LEU A 152 19.48 -11.66 -5.23
N GLY A 153 20.31 -11.63 -6.22
CA GLY A 153 19.89 -12.16 -7.55
C GLY A 153 19.32 -13.56 -7.38
N SER A 154 19.90 -14.35 -6.52
CA SER A 154 19.40 -15.73 -6.31
C SER A 154 18.23 -15.74 -5.33
N ILE A 155 18.16 -14.80 -4.43
CA ILE A 155 17.04 -14.79 -3.46
C ILE A 155 15.79 -14.25 -4.16
N ALA A 156 15.96 -13.47 -5.18
CA ALA A 156 14.78 -12.92 -5.90
C ALA A 156 14.28 -13.97 -6.90
N ASP A 157 15.15 -14.45 -7.75
CA ASP A 157 14.73 -15.47 -8.74
C ASP A 157 14.05 -16.63 -8.01
N ARG A 158 14.55 -17.00 -6.86
CA ARG A 158 13.92 -18.12 -6.11
C ARG A 158 12.62 -17.65 -5.44
N THR A 159 12.55 -16.41 -5.06
CA THR A 159 11.32 -15.91 -4.40
C THR A 159 10.17 -15.81 -5.41
N ILE A 160 10.42 -15.26 -6.56
CA ILE A 160 9.33 -15.14 -7.56
C ILE A 160 9.15 -16.48 -8.25
N GLN A 161 10.11 -17.36 -8.17
CA GLN A 161 9.99 -18.68 -8.84
C GLN A 161 9.32 -19.68 -7.90
N GLU A 162 9.39 -19.46 -6.62
CA GLU A 162 8.75 -20.41 -5.67
C GLU A 162 7.31 -20.01 -5.40
N ALA A 163 7.01 -18.73 -5.35
CA ALA A 163 5.60 -18.32 -5.10
C ALA A 163 4.84 -18.39 -6.41
N ASP A 164 5.52 -18.37 -7.52
CA ASP A 164 4.79 -18.41 -8.81
C ASP A 164 3.75 -19.52 -8.80
N GLN A 165 2.53 -19.17 -8.56
CA GLN A 165 1.44 -20.17 -8.51
C GLN A 165 0.76 -20.18 -9.87
N ASP A 166 0.62 -19.04 -10.51
CA ASP A 166 -0.01 -19.07 -11.85
C ASP A 166 1.09 -19.43 -12.81
N GLY A 167 2.29 -19.56 -12.30
CA GLY A 167 3.43 -19.91 -13.15
C GLY A 167 3.56 -18.85 -14.22
N ASP A 168 3.00 -17.72 -13.95
CA ASP A 168 3.08 -16.62 -14.91
C ASP A 168 4.31 -15.82 -14.55
N SER A 169 5.10 -16.35 -13.65
CA SER A 169 6.30 -15.58 -13.21
C SER A 169 5.80 -14.19 -12.87
N ALA A 170 4.53 -14.12 -12.56
CA ALA A 170 3.89 -12.83 -12.22
C ALA A 170 2.82 -13.12 -11.20
N ILE A 171 2.72 -12.32 -10.18
CA ILE A 171 1.73 -12.63 -9.13
C ILE A 171 1.08 -11.38 -8.56
N SER A 172 -0.04 -11.55 -7.92
CA SER A 172 -0.71 -10.41 -7.24
C SER A 172 -2.05 -10.86 -6.69
N PHE A 173 -2.71 -11.63 -7.45
CA PHE A 173 -4.07 -12.10 -7.10
C PHE A 173 -4.14 -13.57 -6.70
N THR A 174 -3.24 -14.39 -7.20
CA THR A 174 -3.39 -15.84 -6.92
C THR A 174 -2.76 -16.31 -5.63
N GLU A 175 -1.45 -16.33 -5.51
CA GLU A 175 -0.91 -16.85 -4.24
C GLU A 175 -1.20 -15.82 -3.17
N PHE A 176 -1.63 -14.66 -3.59
CA PHE A 176 -2.00 -13.61 -2.61
C PHE A 176 -3.34 -14.06 -2.04
N VAL A 177 -4.30 -14.29 -2.89
CA VAL A 177 -5.62 -14.78 -2.41
C VAL A 177 -5.39 -16.04 -1.59
N LYS A 178 -4.59 -16.96 -2.09
CA LYS A 178 -4.34 -18.21 -1.31
C LYS A 178 -3.65 -17.85 0.02
N VAL A 179 -2.99 -16.72 0.07
CA VAL A 179 -2.30 -16.32 1.34
C VAL A 179 -3.34 -15.73 2.30
N LEU A 180 -4.33 -15.03 1.81
CA LEU A 180 -5.34 -14.44 2.73
C LEU A 180 -6.07 -15.55 3.46
N GLU A 181 -6.31 -16.66 2.81
CA GLU A 181 -7.01 -17.78 3.48
C GLU A 181 -6.26 -18.16 4.76
N LYS A 182 -5.11 -17.57 4.97
CA LYS A 182 -4.29 -17.88 6.20
C LYS A 182 -4.13 -16.61 7.03
N VAL A 183 -4.40 -15.46 6.46
CA VAL A 183 -4.26 -14.19 7.22
C VAL A 183 -5.28 -13.16 6.70
N ASP A 184 -6.13 -12.66 7.56
CA ASP A 184 -7.13 -11.66 7.11
C ASP A 184 -6.43 -10.32 6.84
N VAL A 185 -5.76 -10.21 5.73
CA VAL A 185 -5.05 -8.95 5.41
C VAL A 185 -6.05 -7.83 5.14
N GLU A 186 -7.27 -8.17 4.84
CA GLU A 186 -8.29 -7.13 4.56
C GLU A 186 -8.34 -6.13 5.72
N GLN A 187 -8.07 -6.57 6.93
CA GLN A 187 -8.11 -5.64 8.10
C GLN A 187 -6.70 -5.09 8.36
N LYS A 188 -5.68 -5.78 7.93
CA LYS A 188 -4.29 -5.29 8.15
C LYS A 188 -4.13 -3.91 7.50
N MET A 189 -4.80 -3.69 6.39
CA MET A 189 -4.69 -2.36 5.72
C MET A 189 -5.33 -1.30 6.61
N SER A 190 -4.91 -1.24 7.84
CA SER A 190 -5.46 -0.23 8.79
C SER A 190 -4.29 0.37 9.56
N ILE A 191 -4.24 1.66 9.67
CA ILE A 191 -3.10 2.30 10.39
C ILE A 191 -3.46 2.49 11.86
N ARG A 192 -2.65 1.97 12.74
CA ARG A 192 -2.91 2.10 14.20
C ARG A 192 -4.31 1.56 14.53
N PHE A 193 -4.54 1.22 15.77
CA PHE A 193 -5.88 0.68 16.14
C PHE A 193 -5.97 0.57 17.67
N LEU A 194 -6.22 1.67 18.34
CA LEU A 194 -6.32 1.62 19.82
C LEU A 194 -7.56 0.81 20.23
N HIS A 195 -7.39 -0.12 21.14
CA HIS A 195 -8.55 -0.94 21.58
C HIS A 195 -8.25 -1.58 22.93
N VAL B 1 26.04 -17.69 7.04
CA VAL B 1 25.98 -16.70 8.15
C VAL B 1 26.08 -17.44 9.50
N ASP B 2 25.90 -16.74 10.58
CA ASP B 2 25.99 -17.40 11.91
C ASP B 2 25.05 -18.60 11.95
N LEU B 3 25.48 -19.69 12.54
CA LEU B 3 24.62 -20.90 12.60
C LEU B 3 25.10 -21.81 13.74
N LEU B 4 24.60 -21.63 14.93
CA LEU B 4 25.04 -22.48 16.07
C LEU B 4 23.82 -22.83 16.93
N ALA B 5 23.72 -22.22 18.09
CA ALA B 5 22.55 -22.50 18.97
C ALA B 5 21.28 -21.93 18.35
N VAL B 6 20.15 -22.50 18.67
CA VAL B 6 18.87 -21.99 18.10
C VAL B 6 18.96 -22.01 16.57
N LYS B 7 17.85 -21.84 15.90
CA LYS B 7 17.86 -21.85 14.41
C LYS B 7 18.43 -23.18 13.91
N LYS B 8 17.56 -24.08 13.52
CA LYS B 8 18.04 -25.41 13.02
C LYS B 8 17.18 -25.82 11.81
N LYS B 9 16.75 -24.86 11.03
CA LYS B 9 15.91 -25.19 9.84
C LYS B 9 14.80 -26.16 10.25
N GLN B 10 14.61 -27.23 9.51
CA GLN B 10 13.55 -28.20 9.86
C GLN B 10 12.23 -27.45 10.14
N GLU B 11 12.17 -26.19 9.77
CA GLU B 11 10.92 -25.41 10.02
C GLU B 11 9.96 -25.59 8.84
N THR B 12 9.71 -26.81 8.45
CA THR B 12 8.79 -27.05 7.31
C THR B 12 9.19 -26.16 6.13
N LYS B 13 8.24 -25.45 5.57
CA LYS B 13 8.55 -24.54 4.42
C LYS B 13 8.15 -23.10 4.77
N ARG B 14 9.03 -22.16 4.54
CA ARG B 14 8.69 -20.74 4.86
C ARG B 14 7.85 -20.15 3.73
N SER B 15 6.83 -19.41 4.06
CA SER B 15 5.97 -18.80 3.00
C SER B 15 6.55 -17.44 2.60
N ILE B 16 7.22 -17.40 1.47
CA ILE B 16 7.81 -16.11 1.01
C ILE B 16 6.71 -15.06 0.90
N ASN B 17 5.56 -15.43 0.43
CA ASN B 17 4.46 -14.45 0.28
C ASN B 17 4.07 -13.89 1.65
N GLU B 18 4.25 -14.65 2.69
CA GLU B 18 3.87 -14.17 4.04
C GLU B 18 4.89 -13.15 4.58
N GLU B 19 6.16 -13.40 4.39
CA GLU B 19 7.18 -12.45 4.90
C GLU B 19 7.29 -11.21 4.01
N ILE B 20 7.36 -11.39 2.72
CA ILE B 20 7.50 -10.21 1.81
C ILE B 20 6.21 -9.38 1.85
N HIS B 21 5.06 -10.00 1.84
CA HIS B 21 3.80 -9.21 1.88
C HIS B 21 3.71 -8.47 3.20
N THR B 22 3.76 -9.17 4.30
CA THR B 22 3.67 -8.49 5.63
C THR B 22 4.58 -7.26 5.64
N GLN B 23 5.73 -7.37 5.01
CA GLN B 23 6.66 -6.21 4.98
C GLN B 23 6.18 -5.17 3.97
N PHE B 24 6.14 -5.51 2.71
CA PHE B 24 5.68 -4.54 1.67
C PHE B 24 4.40 -3.84 2.16
N LEU B 25 3.41 -4.61 2.53
CA LEU B 25 2.13 -4.03 3.02
C LEU B 25 2.42 -3.04 4.15
N ASP B 26 3.28 -3.39 5.06
CA ASP B 26 3.59 -2.46 6.18
C ASP B 26 4.30 -1.22 5.66
N HIS B 27 5.20 -1.38 4.72
CA HIS B 27 5.94 -0.21 4.18
C HIS B 27 5.03 0.67 3.31
N LEU B 28 4.17 0.08 2.53
CA LEU B 28 3.28 0.89 1.64
C LEU B 28 2.09 1.44 2.42
N LEU B 29 1.56 0.70 3.35
CA LEU B 29 0.40 1.23 4.12
C LEU B 29 0.88 2.41 4.94
N THR B 30 1.86 2.21 5.78
CA THR B 30 2.37 3.34 6.62
C THR B 30 3.06 4.37 5.71
N GLY B 31 3.50 3.97 4.55
CA GLY B 31 4.18 4.92 3.64
C GLY B 31 3.15 5.83 2.98
N ILE B 32 2.13 5.26 2.40
CA ILE B 32 1.09 6.09 1.73
C ILE B 32 0.19 6.75 2.78
N GLU B 33 0.08 6.15 3.94
CA GLU B 33 -0.77 6.77 5.00
C GLU B 33 0.00 7.92 5.64
N ASP B 34 1.30 7.85 5.59
CA ASP B 34 2.12 8.94 6.19
C ASP B 34 1.93 10.21 5.36
N ILE B 35 1.48 10.08 4.14
CA ILE B 35 1.27 11.27 3.28
C ILE B 35 0.37 12.27 4.01
N CYS B 36 -0.81 11.85 4.38
CA CYS B 36 -1.76 12.75 5.11
C CYS B 36 -1.66 14.18 4.56
N GLY B 37 -0.98 15.05 5.26
CA GLY B 37 -0.84 16.46 4.79
C GLY B 37 0.55 16.99 5.15
N HIS B 38 0.66 18.26 5.40
CA HIS B 38 1.99 18.84 5.76
C HIS B 38 2.18 18.79 7.28
N TYR B 39 3.35 19.09 7.75
CA TYR B 39 3.59 19.06 9.22
C TYR B 39 3.02 20.33 9.85
N GLY B 40 3.68 21.44 9.66
CA GLY B 40 3.17 22.72 10.25
C GLY B 40 4.30 23.73 10.31
N HIS B 41 5.47 23.31 10.71
CA HIS B 41 6.62 24.26 10.80
C HIS B 41 7.20 24.49 9.40
N HIS B 42 8.20 23.74 9.03
CA HIS B 42 8.81 23.91 7.68
C HIS B 42 9.19 25.39 7.49
N HIS B 43 10.43 25.72 7.71
CA HIS B 43 10.86 27.13 7.54
C HIS B 43 12.38 27.19 7.42
N MET A 1 14.47 29.04 15.74
CA MET A 1 15.75 29.80 15.71
C MET A 1 16.48 29.54 14.40
N GLY A 2 16.10 28.51 13.69
CA GLY A 2 16.77 28.20 12.39
C GLY A 2 15.82 27.38 11.52
N SER A 3 14.60 27.80 11.40
CA SER A 3 13.62 27.04 10.56
C SER A 3 13.66 25.57 10.95
N ARG A 4 14.07 25.26 12.15
CA ARG A 4 14.12 23.84 12.58
C ARG A 4 12.71 23.36 12.94
N ALA A 5 12.35 22.18 12.51
CA ALA A 5 10.99 21.66 12.82
C ALA A 5 10.95 20.16 12.59
N SER A 6 11.17 19.73 11.37
CA SER A 6 11.15 18.26 11.08
C SER A 6 9.86 17.65 11.66
N THR A 7 8.73 18.12 11.21
CA THR A 7 7.45 17.56 11.73
C THR A 7 7.29 16.11 11.26
N LEU A 8 6.39 15.39 11.87
CA LEU A 8 6.17 13.96 11.48
C LEU A 8 4.67 13.66 11.46
N LEU A 9 4.31 12.43 11.24
CA LEU A 9 2.89 12.05 11.21
C LEU A 9 2.38 11.87 12.64
N ARG A 10 1.95 12.92 13.26
CA ARG A 10 1.44 12.82 14.66
C ARG A 10 -0.05 12.47 14.62
N ASP A 11 -0.65 12.30 15.76
CA ASP A 11 -2.09 11.95 15.80
C ASP A 11 -2.90 12.94 14.97
N GLU A 12 -2.32 14.05 14.58
CA GLU A 12 -3.09 15.03 13.77
C GLU A 12 -3.06 14.59 12.31
N GLU A 13 -1.92 14.25 11.79
CA GLU A 13 -1.88 13.79 10.39
C GLU A 13 -2.61 12.47 10.32
N LEU A 14 -2.55 11.70 11.37
CA LEU A 14 -3.29 10.42 11.35
C LEU A 14 -4.78 10.75 11.47
N GLU A 15 -5.19 11.26 12.60
CA GLU A 15 -6.64 11.60 12.78
C GLU A 15 -7.23 12.15 11.49
N GLU A 16 -6.44 12.79 10.68
CA GLU A 16 -6.96 13.34 9.40
C GLU A 16 -7.14 12.17 8.41
N ILE A 17 -6.06 11.59 8.00
CA ILE A 17 -6.16 10.45 7.05
C ILE A 17 -7.12 9.39 7.66
N LYS A 18 -6.94 9.06 8.91
CA LYS A 18 -7.83 8.07 9.58
C LYS A 18 -9.27 8.36 9.19
N LYS A 19 -9.75 9.53 9.51
CA LYS A 19 -11.16 9.87 9.16
C LYS A 19 -11.35 9.70 7.66
N GLU A 20 -10.30 9.76 6.88
CA GLU A 20 -10.48 9.54 5.42
C GLU A 20 -10.88 8.08 5.21
N THR A 21 -10.24 7.19 5.90
CA THR A 21 -10.57 5.75 5.80
C THR A 21 -11.62 5.43 6.85
N GLY A 22 -12.20 6.46 7.42
CA GLY A 22 -13.25 6.26 8.47
C GLY A 22 -14.50 7.06 8.09
N PHE A 23 -14.32 8.13 7.36
CA PHE A 23 -15.48 8.99 6.94
C PHE A 23 -16.28 9.40 8.17
N SER A 24 -16.21 10.65 8.55
CA SER A 24 -16.98 11.10 9.75
C SER A 24 -16.95 12.62 9.87
N HIS A 25 -16.10 13.31 9.16
CA HIS A 25 -16.07 14.80 9.30
C HIS A 25 -15.45 15.47 8.08
N SER A 26 -15.17 16.75 8.18
CA SER A 26 -14.56 17.52 7.07
C SER A 26 -13.03 17.53 7.21
N GLN A 27 -12.53 17.11 8.34
CA GLN A 27 -11.06 17.13 8.56
C GLN A 27 -10.34 16.66 7.28
N ILE A 28 -10.94 15.79 6.52
CA ILE A 28 -10.28 15.34 5.25
C ILE A 28 -10.76 16.21 4.09
N THR A 29 -12.01 16.60 4.08
CA THR A 29 -12.49 17.46 2.98
C THR A 29 -11.53 18.64 2.85
N ARG A 30 -11.05 19.12 3.96
CA ARG A 30 -10.08 20.25 3.93
C ARG A 30 -8.73 19.73 3.42
N LEU A 31 -8.30 18.59 3.90
CA LEU A 31 -7.02 18.01 3.46
C LEU A 31 -7.01 17.96 1.93
N TYR A 32 -8.03 17.43 1.34
CA TYR A 32 -8.07 17.37 -0.14
C TYR A 32 -7.96 18.79 -0.69
N SER A 33 -8.66 19.71 -0.09
CA SER A 33 -8.62 21.11 -0.59
C SER A 33 -7.18 21.65 -0.60
N ARG A 34 -6.43 21.41 0.43
CA ARG A 34 -5.03 21.94 0.46
C ARG A 34 -4.14 21.04 -0.40
N PHE A 35 -4.07 19.79 -0.08
CA PHE A 35 -3.21 18.88 -0.87
C PHE A 35 -3.56 18.99 -2.36
N THR A 36 -4.82 19.10 -2.67
CA THR A 36 -5.20 19.21 -4.11
C THR A 36 -4.93 20.63 -4.60
N SER A 37 -4.84 21.57 -3.69
CA SER A 37 -4.55 22.96 -4.13
C SER A 37 -3.13 23.01 -4.67
N LEU A 38 -2.31 22.06 -4.29
CA LEU A 38 -0.92 22.04 -4.80
C LEU A 38 -0.95 21.95 -6.33
N ASP A 39 -2.10 21.74 -6.88
CA ASP A 39 -2.22 21.62 -8.37
C ASP A 39 -1.88 22.96 -9.02
N LYS A 40 -0.67 23.43 -8.85
CA LYS A 40 -0.27 24.72 -9.48
C LYS A 40 -1.29 25.80 -9.12
N GLY A 41 -2.23 25.49 -8.27
CA GLY A 41 -3.27 26.51 -7.87
C GLY A 41 -4.59 26.23 -8.58
N GLU A 42 -4.72 25.11 -9.23
CA GLU A 42 -6.01 24.81 -9.92
C GLU A 42 -7.04 24.34 -8.89
N ASN A 43 -6.74 23.28 -8.17
CA ASN A 43 -7.67 22.76 -7.13
C ASN A 43 -8.68 21.82 -7.79
N GLY A 44 -8.20 20.84 -8.50
CA GLY A 44 -9.12 19.87 -9.16
C GLY A 44 -8.48 18.48 -9.16
N THR A 45 -7.26 18.39 -9.62
CA THR A 45 -6.56 17.06 -9.65
C THR A 45 -5.10 17.25 -9.22
N LEU A 46 -4.36 16.17 -9.11
CA LEU A 46 -2.91 16.28 -8.72
C LEU A 46 -2.05 15.47 -9.69
N SER A 47 -0.92 16.02 -10.08
CA SER A 47 -0.01 15.29 -11.00
C SER A 47 1.20 14.81 -10.20
N ARG A 48 2.07 14.05 -10.81
CA ARG A 48 3.26 13.55 -10.08
C ARG A 48 4.09 14.73 -9.58
N GLU A 49 4.27 15.73 -10.41
CA GLU A 49 5.05 16.91 -10.00
C GLU A 49 4.45 17.54 -8.74
N ASP A 50 3.23 17.20 -8.42
CA ASP A 50 2.60 17.77 -7.19
C ASP A 50 2.89 16.87 -5.99
N PHE A 51 2.76 15.58 -6.17
CA PHE A 51 3.04 14.65 -5.03
C PHE A 51 4.46 14.88 -4.52
N GLN A 52 5.36 15.30 -5.37
CA GLN A 52 6.77 15.53 -4.93
C GLN A 52 6.83 16.67 -3.91
N ARG A 53 5.87 17.55 -3.93
CA ARG A 53 5.90 18.69 -2.96
C ARG A 53 5.75 18.15 -1.54
N ILE A 54 5.25 16.95 -1.38
CA ILE A 54 5.10 16.38 -0.02
C ILE A 54 6.33 15.48 0.24
N PRO A 55 6.85 15.48 1.44
CA PRO A 55 8.05 14.67 1.79
C PRO A 55 7.76 13.16 1.80
N GLU A 56 6.68 12.74 1.19
CA GLU A 56 6.35 11.29 1.18
C GLU A 56 6.95 10.61 -0.06
N LEU A 57 6.59 11.07 -1.23
CA LEU A 57 7.13 10.45 -2.47
C LEU A 57 8.61 10.77 -2.61
N ALA A 58 9.00 11.97 -2.28
CA ALA A 58 10.44 12.35 -2.43
C ALA A 58 11.31 11.66 -1.38
N ILE A 59 10.72 10.98 -0.43
CA ILE A 59 11.54 10.29 0.61
C ILE A 59 11.10 8.82 0.71
N ASN A 60 10.23 8.39 -0.17
CA ASN A 60 9.77 6.98 -0.12
C ASN A 60 10.72 6.10 -0.96
N PRO A 61 11.01 4.90 -0.53
CA PRO A 61 11.91 3.98 -1.28
C PRO A 61 11.29 3.55 -2.62
N LEU A 62 10.04 3.19 -2.61
CA LEU A 62 9.37 2.76 -3.88
C LEU A 62 8.62 3.94 -4.49
N GLY A 63 7.62 4.42 -3.80
CA GLY A 63 6.80 5.55 -4.34
C GLY A 63 6.06 5.08 -5.58
N ASP A 64 6.75 4.46 -6.47
CA ASP A 64 6.09 3.94 -7.71
C ASP A 64 4.77 3.30 -7.31
N ARG A 65 4.68 2.89 -6.07
CA ARG A 65 3.42 2.29 -5.57
C ARG A 65 2.43 3.43 -5.30
N ILE A 66 2.89 4.48 -4.68
CA ILE A 66 1.99 5.65 -4.40
C ILE A 66 1.59 6.30 -5.73
N ILE A 67 2.50 6.33 -6.66
CA ILE A 67 2.21 6.94 -7.98
C ILE A 67 1.04 6.22 -8.64
N ASN A 68 1.10 4.92 -8.73
CA ASN A 68 -0.03 4.18 -9.38
C ASN A 68 -1.21 4.10 -8.42
N ALA A 69 -1.00 4.44 -7.18
CA ALA A 69 -2.13 4.38 -6.20
C ALA A 69 -3.12 5.51 -6.52
N PHE A 70 -2.62 6.63 -6.94
CA PHE A 70 -3.53 7.77 -7.26
C PHE A 70 -3.95 7.74 -8.73
N PHE A 71 -3.01 7.64 -9.63
CA PHE A 71 -3.39 7.62 -11.08
C PHE A 71 -4.17 6.33 -11.38
N PRO A 72 -5.14 6.39 -12.27
CA PRO A 72 -5.96 5.19 -12.64
C PRO A 72 -5.18 4.23 -13.55
N GLU A 73 -5.36 4.35 -14.83
CA GLU A 73 -4.63 3.45 -15.78
C GLU A 73 -3.34 4.13 -16.23
N GLY A 74 -3.29 5.43 -16.18
CA GLY A 74 -2.06 6.16 -16.61
C GLY A 74 -2.39 7.63 -16.87
N GLU A 75 -3.30 8.19 -16.13
CA GLU A 75 -3.65 9.62 -16.35
C GLU A 75 -2.59 10.51 -15.71
N ASP A 76 -2.45 11.73 -16.17
CA ASP A 76 -1.43 12.64 -15.59
C ASP A 76 -2.08 13.52 -14.52
N GLN A 77 -3.19 13.11 -13.98
CA GLN A 77 -3.86 13.93 -12.93
C GLN A 77 -4.89 13.07 -12.19
N VAL A 78 -4.88 13.10 -10.87
CA VAL A 78 -5.87 12.28 -10.10
C VAL A 78 -6.93 13.21 -9.51
N ASN A 79 -8.18 12.95 -9.79
CA ASN A 79 -9.27 13.82 -9.27
C ASN A 79 -9.64 13.40 -7.85
N PHE A 80 -10.55 14.12 -7.24
CA PHE A 80 -10.98 13.79 -5.85
C PHE A 80 -11.57 12.38 -5.81
N ARG A 81 -12.10 11.92 -6.91
CA ARG A 81 -12.71 10.56 -6.93
C ARG A 81 -11.68 9.54 -6.44
N GLY A 82 -10.53 9.51 -7.05
CA GLY A 82 -9.51 8.51 -6.63
C GLY A 82 -8.73 9.00 -5.41
N PHE A 83 -8.56 10.29 -5.25
CA PHE A 83 -7.80 10.76 -4.06
C PHE A 83 -8.40 10.10 -2.83
N MET A 84 -9.70 10.04 -2.78
CA MET A 84 -10.37 9.41 -1.61
C MET A 84 -10.56 7.92 -1.86
N ARG A 85 -10.57 7.46 -3.09
CA ARG A 85 -10.75 5.99 -3.30
C ARG A 85 -9.47 5.29 -2.85
N THR A 86 -8.36 5.97 -2.92
CA THR A 86 -7.07 5.35 -2.51
C THR A 86 -6.88 5.55 -1.01
N LEU A 87 -6.87 6.78 -0.57
CA LEU A 87 -6.67 7.05 0.88
C LEU A 87 -7.78 6.36 1.68
N ALA A 88 -8.90 6.06 1.07
CA ALA A 88 -10.00 5.38 1.82
C ALA A 88 -9.92 3.87 1.61
N HIS A 89 -9.28 3.42 0.55
CA HIS A 89 -9.18 1.95 0.32
C HIS A 89 -8.71 1.27 1.61
N PHE A 90 -8.25 2.04 2.56
CA PHE A 90 -7.77 1.46 3.84
C PHE A 90 -8.93 1.39 4.84
N ARG A 91 -10.15 1.38 4.35
CA ARG A 91 -11.32 1.31 5.27
C ARG A 91 -11.19 0.06 6.15
N PRO A 92 -11.25 0.20 7.46
CA PRO A 92 -11.13 -0.97 8.38
C PRO A 92 -12.42 -1.81 8.43
N ILE A 93 -12.32 -3.09 8.17
CA ILE A 93 -13.53 -3.95 8.19
C ILE A 93 -13.82 -4.39 9.63
N GLU A 94 -15.06 -4.59 9.95
CA GLU A 94 -15.41 -5.03 11.33
C GLU A 94 -16.72 -5.83 11.30
N ASP A 95 -17.84 -5.16 11.43
CA ASP A 95 -19.15 -5.87 11.40
C ASP A 95 -19.74 -5.80 9.99
N ASN A 96 -19.48 -4.73 9.28
CA ASN A 96 -20.02 -4.61 7.89
C ASN A 96 -19.59 -5.82 7.06
N GLU A 97 -18.72 -6.64 7.59
CA GLU A 97 -18.26 -7.83 6.84
C GLU A 97 -19.47 -8.59 6.30
N LYS A 98 -19.53 -8.79 5.01
CA LYS A 98 -20.69 -9.52 4.43
C LYS A 98 -22.00 -8.85 4.85
N SER A 99 -22.28 -7.70 4.31
CA SER A 99 -23.53 -6.98 4.69
C SER A 99 -24.74 -7.80 4.24
N LYS A 100 -25.63 -8.12 5.14
CA LYS A 100 -26.82 -8.92 4.76
C LYS A 100 -27.91 -7.98 4.22
N ASP A 101 -27.84 -6.72 4.55
CA ASP A 101 -28.86 -5.76 4.06
C ASP A 101 -28.52 -5.34 2.62
N VAL A 102 -28.49 -6.27 1.71
CA VAL A 102 -28.17 -5.92 0.30
C VAL A 102 -26.83 -5.18 0.26
N ASN A 103 -26.80 -4.02 -0.34
CA ASN A 103 -25.52 -3.25 -0.41
C ASN A 103 -25.83 -1.78 -0.68
N GLY A 104 -25.86 -0.98 0.35
CA GLY A 104 -26.17 0.47 0.15
C GLY A 104 -24.92 1.18 -0.37
N PRO A 105 -23.90 1.28 0.45
CA PRO A 105 -22.63 1.95 0.07
C PRO A 105 -21.83 1.15 -0.97
N GLU A 106 -21.24 1.82 -1.93
CA GLU A 106 -20.46 1.10 -2.97
C GLU A 106 -19.33 0.30 -2.29
N PRO A 107 -18.90 -0.78 -2.89
CA PRO A 107 -17.82 -1.65 -2.33
C PRO A 107 -16.49 -0.89 -2.23
N LEU A 108 -15.69 -1.22 -1.26
CA LEU A 108 -14.37 -0.53 -1.11
C LEU A 108 -13.54 -1.25 -0.04
N ASN A 109 -12.34 -1.61 -0.37
CA ASN A 109 -11.46 -2.33 0.61
C ASN A 109 -11.86 -3.81 0.69
N SER A 110 -13.02 -4.14 0.19
CA SER A 110 -13.47 -5.56 0.23
C SER A 110 -12.36 -6.46 -0.31
N ARG A 111 -12.58 -7.75 -0.32
CA ARG A 111 -11.54 -8.68 -0.83
C ARG A 111 -11.11 -8.26 -2.25
N SER A 112 -11.98 -8.42 -3.21
CA SER A 112 -11.64 -8.04 -4.61
C SER A 112 -10.98 -6.66 -4.61
N ASN A 113 -11.32 -5.82 -3.68
CA ASN A 113 -10.72 -4.45 -3.63
C ASN A 113 -9.31 -4.53 -3.04
N LYS A 114 -9.09 -5.42 -2.10
CA LYS A 114 -7.74 -5.54 -1.50
C LYS A 114 -6.75 -5.93 -2.60
N LEU A 115 -7.00 -7.02 -3.28
CA LEU A 115 -6.07 -7.46 -4.36
C LEU A 115 -5.95 -6.34 -5.38
N HIS A 116 -7.05 -5.72 -5.73
CA HIS A 116 -7.01 -4.62 -6.74
C HIS A 116 -6.18 -3.45 -6.23
N PHE A 117 -6.16 -3.21 -4.94
CA PHE A 117 -5.35 -2.08 -4.42
C PHE A 117 -3.87 -2.46 -4.42
N ALA A 118 -3.47 -3.35 -3.56
CA ALA A 118 -2.03 -3.77 -3.53
C ALA A 118 -1.58 -4.03 -4.96
N PHE A 119 -2.51 -4.32 -5.84
CA PHE A 119 -2.17 -4.57 -7.26
C PHE A 119 -1.72 -3.26 -7.93
N ARG A 120 -2.59 -2.30 -8.03
CA ARG A 120 -2.21 -1.01 -8.68
C ARG A 120 -0.92 -0.48 -8.06
N LEU A 121 -0.58 -0.93 -6.89
CA LEU A 121 0.66 -0.44 -6.24
C LEU A 121 1.86 -1.13 -6.90
N TYR A 122 1.82 -2.41 -7.04
CA TYR A 122 2.94 -3.14 -7.67
C TYR A 122 2.74 -3.19 -9.19
N ASP A 123 1.58 -2.81 -9.65
CA ASP A 123 1.31 -2.86 -11.12
C ASP A 123 2.18 -1.83 -11.85
N LEU A 124 3.44 -2.11 -12.01
CA LEU A 124 4.34 -1.17 -12.72
C LEU A 124 4.24 -1.42 -14.23
N ASP A 125 4.19 -2.65 -14.64
CA ASP A 125 4.13 -2.96 -16.11
C ASP A 125 2.68 -3.06 -16.60
N LYS A 126 1.71 -3.04 -15.71
CA LYS A 126 0.29 -3.13 -16.15
C LYS A 126 0.04 -4.49 -16.79
N ASP A 127 0.73 -5.51 -16.34
CA ASP A 127 0.51 -6.87 -16.92
C ASP A 127 -0.57 -7.57 -16.08
N GLU A 128 -1.13 -6.86 -15.14
CA GLU A 128 -2.21 -7.41 -14.26
C GLU A 128 -1.60 -8.32 -13.18
N LYS A 129 -0.32 -8.52 -13.21
CA LYS A 129 0.32 -9.39 -12.16
C LYS A 129 1.74 -8.88 -11.88
N ILE A 130 2.24 -9.09 -10.69
CA ILE A 130 3.61 -8.59 -10.39
C ILE A 130 4.62 -9.50 -11.08
N SER A 131 5.19 -9.02 -12.14
CA SER A 131 6.20 -9.83 -12.90
C SER A 131 7.50 -9.88 -12.12
N ARG A 132 8.51 -10.47 -12.70
CA ARG A 132 9.82 -10.58 -12.01
C ARG A 132 10.50 -9.20 -11.95
N ASP A 133 10.41 -8.43 -12.99
CA ASP A 133 11.08 -7.10 -12.99
C ASP A 133 10.39 -6.19 -11.97
N GLU A 134 9.11 -6.33 -11.81
CA GLU A 134 8.40 -5.46 -10.84
C GLU A 134 8.59 -6.00 -9.42
N LEU A 135 8.18 -7.22 -9.20
CA LEU A 135 8.31 -7.81 -7.85
C LEU A 135 9.77 -7.71 -7.38
N LEU A 136 10.71 -7.95 -8.26
CA LEU A 136 12.13 -7.87 -7.85
C LEU A 136 12.47 -6.42 -7.49
N GLN A 137 12.04 -5.47 -8.27
CA GLN A 137 12.35 -4.06 -7.93
C GLN A 137 11.99 -3.80 -6.46
N VAL A 138 10.90 -4.36 -6.01
CA VAL A 138 10.51 -4.14 -4.58
C VAL A 138 11.28 -5.13 -3.69
N LEU A 139 10.97 -6.39 -3.83
CA LEU A 139 11.64 -7.45 -3.03
C LEU A 139 13.14 -7.10 -2.86
N ARG A 140 13.77 -6.63 -3.89
CA ARG A 140 15.22 -6.28 -3.78
C ARG A 140 15.38 -4.97 -3.00
N MET A 141 14.51 -4.01 -3.21
CA MET A 141 14.66 -2.72 -2.45
C MET A 141 14.22 -2.94 -1.00
N MET A 142 13.64 -4.07 -0.70
CA MET A 142 13.18 -4.33 0.71
C MET A 142 14.18 -5.22 1.45
N VAL A 143 14.94 -6.02 0.74
CA VAL A 143 15.93 -6.91 1.43
C VAL A 143 17.35 -6.44 1.10
N GLY A 144 17.52 -5.78 -0.02
CA GLY A 144 18.88 -5.30 -0.38
C GLY A 144 19.49 -4.53 0.79
N VAL A 145 18.68 -4.10 1.71
CA VAL A 145 19.21 -3.34 2.88
C VAL A 145 20.34 -4.13 3.55
N ASN A 146 20.38 -5.43 3.36
CA ASN A 146 21.45 -6.23 3.99
C ASN A 146 21.76 -7.46 3.14
N ILE A 147 21.40 -7.45 1.87
CA ILE A 147 21.69 -8.62 0.99
C ILE A 147 22.72 -8.24 -0.07
N SER A 148 23.70 -9.08 -0.28
CA SER A 148 24.75 -8.78 -1.30
C SER A 148 24.12 -8.72 -2.68
N ASP A 149 24.91 -8.58 -3.71
CA ASP A 149 24.32 -8.49 -5.09
C ASP A 149 24.01 -9.90 -5.61
N GLU A 150 25.01 -10.71 -5.81
CA GLU A 150 24.74 -12.09 -6.32
C GLU A 150 23.83 -12.81 -5.33
N GLN A 151 23.87 -12.40 -4.09
CA GLN A 151 23.00 -13.05 -3.08
C GLN A 151 21.56 -12.64 -3.35
N LEU A 152 21.34 -11.39 -3.64
CA LEU A 152 19.97 -10.91 -3.93
C LEU A 152 19.49 -11.52 -5.25
N GLY A 153 20.32 -11.46 -6.26
CA GLY A 153 19.91 -12.01 -7.57
C GLY A 153 19.36 -13.43 -7.38
N SER A 154 20.02 -14.22 -6.58
CA SER A 154 19.54 -15.62 -6.37
C SER A 154 18.41 -15.67 -5.35
N ILE A 155 18.36 -14.75 -4.42
CA ILE A 155 17.27 -14.78 -3.41
C ILE A 155 15.98 -14.25 -4.05
N ALA A 156 16.10 -13.48 -5.09
CA ALA A 156 14.88 -12.94 -5.76
C ALA A 156 14.35 -13.99 -6.72
N ASP A 157 15.17 -14.45 -7.63
CA ASP A 157 14.71 -15.48 -8.60
C ASP A 157 14.02 -16.62 -7.84
N ARG A 158 14.64 -17.12 -6.81
CA ARG A 158 14.03 -18.23 -6.05
C ARG A 158 12.77 -17.74 -5.34
N THR A 159 12.83 -16.59 -4.72
CA THR A 159 11.64 -16.05 -4.00
C THR A 159 10.41 -16.11 -4.91
N ILE A 160 10.51 -15.60 -6.10
CA ILE A 160 9.33 -15.63 -7.00
C ILE A 160 9.13 -17.05 -7.52
N GLN A 161 10.13 -17.88 -7.45
CA GLN A 161 9.98 -19.27 -7.96
C GLN A 161 9.04 -20.09 -7.06
N GLU A 162 8.99 -19.78 -5.79
CA GLU A 162 8.08 -20.54 -4.88
C GLU A 162 6.72 -19.85 -4.86
N ALA A 163 6.68 -18.57 -5.08
CA ALA A 163 5.37 -17.86 -5.06
C ALA A 163 4.74 -17.95 -6.45
N ASP A 164 5.42 -18.53 -7.40
CA ASP A 164 4.81 -18.62 -8.76
C ASP A 164 3.85 -19.80 -8.80
N GLN A 165 2.59 -19.55 -8.52
CA GLN A 165 1.58 -20.64 -8.54
C GLN A 165 0.89 -20.62 -9.88
N ASP A 166 0.65 -19.45 -10.45
CA ASP A 166 0.03 -19.47 -11.79
C ASP A 166 1.15 -19.86 -12.73
N GLY A 167 2.32 -20.02 -12.16
CA GLY A 167 3.47 -20.43 -12.97
C GLY A 167 3.66 -19.42 -14.06
N ASP A 168 3.12 -18.27 -13.85
CA ASP A 168 3.23 -17.20 -14.84
C ASP A 168 4.46 -16.40 -14.47
N SER A 169 5.22 -16.92 -13.53
CA SER A 169 6.42 -16.15 -13.08
C SER A 169 5.92 -14.76 -12.76
N ALA A 170 4.64 -14.69 -12.48
CA ALA A 170 3.99 -13.40 -12.17
C ALA A 170 2.87 -13.68 -11.19
N ILE A 171 2.62 -12.81 -10.27
CA ILE A 171 1.56 -13.11 -9.27
C ILE A 171 0.78 -11.88 -8.87
N SER A 172 -0.36 -12.09 -8.29
CA SER A 172 -1.15 -10.94 -7.78
C SER A 172 -2.45 -11.43 -7.21
N PHE A 173 -3.04 -12.35 -7.88
CA PHE A 173 -4.35 -12.88 -7.48
C PHE A 173 -4.30 -14.29 -6.91
N THR A 174 -3.36 -15.09 -7.33
CA THR A 174 -3.39 -16.51 -6.90
C THR A 174 -2.72 -16.79 -5.56
N GLU A 175 -1.43 -16.73 -5.46
CA GLU A 175 -0.83 -17.08 -4.15
C GLU A 175 -1.13 -15.93 -3.20
N PHE A 176 -1.60 -14.84 -3.73
CA PHE A 176 -1.99 -13.70 -2.86
C PHE A 176 -3.31 -14.12 -2.22
N VAL A 177 -4.27 -14.47 -3.03
CA VAL A 177 -5.58 -14.93 -2.48
C VAL A 177 -5.33 -16.15 -1.58
N LYS A 178 -4.51 -17.09 -2.02
CA LYS A 178 -4.25 -18.27 -1.17
C LYS A 178 -3.57 -17.84 0.12
N VAL A 179 -2.92 -16.69 0.11
CA VAL A 179 -2.24 -16.20 1.34
C VAL A 179 -3.27 -15.56 2.27
N LEU A 180 -4.27 -14.91 1.74
CA LEU A 180 -5.28 -14.27 2.61
C LEU A 180 -6.00 -15.35 3.42
N GLU A 181 -6.20 -16.50 2.84
CA GLU A 181 -6.89 -17.59 3.59
C GLU A 181 -6.13 -17.89 4.88
N LYS A 182 -4.89 -17.47 4.98
CA LYS A 182 -4.10 -17.73 6.22
C LYS A 182 -3.98 -16.43 7.02
N VAL A 183 -4.24 -15.30 6.41
CA VAL A 183 -4.14 -14.01 7.14
C VAL A 183 -5.19 -13.03 6.59
N ASP A 184 -6.08 -12.58 7.42
CA ASP A 184 -7.13 -11.62 6.96
C ASP A 184 -6.49 -10.26 6.66
N VAL A 185 -5.50 -10.23 5.81
CA VAL A 185 -4.85 -8.93 5.48
C VAL A 185 -5.92 -7.88 5.14
N GLU A 186 -7.11 -8.33 4.85
CA GLU A 186 -8.19 -7.37 4.51
C GLU A 186 -8.30 -6.28 5.59
N GLN A 187 -8.12 -6.63 6.83
CA GLN A 187 -8.20 -5.61 7.91
C GLN A 187 -6.83 -4.95 8.09
N LYS A 188 -5.78 -5.67 7.84
CA LYS A 188 -4.42 -5.09 7.97
C LYS A 188 -4.38 -3.77 7.20
N MET A 189 -5.21 -3.65 6.18
CA MET A 189 -5.23 -2.39 5.39
C MET A 189 -5.77 -1.26 6.27
N SER A 190 -5.18 -1.07 7.41
CA SER A 190 -5.62 0.01 8.33
C SER A 190 -4.45 0.41 9.23
N ILE A 191 -4.04 1.64 9.16
CA ILE A 191 -2.90 2.09 9.99
C ILE A 191 -3.41 2.66 11.32
N ARG A 192 -2.89 2.16 12.42
CA ARG A 192 -3.34 2.65 13.75
C ARG A 192 -2.31 2.26 14.81
N PHE A 193 -2.63 2.42 16.06
CA PHE A 193 -1.66 2.05 17.14
C PHE A 193 -2.40 1.79 18.44
N LEU A 194 -2.14 0.68 19.08
CA LEU A 194 -2.81 0.36 20.37
C LEU A 194 -1.94 0.85 21.53
N HIS A 195 -2.35 0.57 22.74
CA HIS A 195 -1.53 1.02 23.91
C HIS A 195 -2.10 0.39 25.19
N VAL B 1 -14.45 -36.54 20.51
CA VAL B 1 -14.91 -35.15 20.26
C VAL B 1 -14.09 -34.17 21.12
N ASP B 2 -13.27 -34.68 21.99
CA ASP B 2 -12.44 -33.79 22.85
C ASP B 2 -11.17 -34.52 23.28
N LEU B 3 -11.29 -35.76 23.67
CA LEU B 3 -10.08 -36.53 24.09
C LEU B 3 -9.30 -35.71 25.13
N LEU B 4 -8.19 -36.23 25.58
CA LEU B 4 -7.39 -35.48 26.59
C LEU B 4 -6.49 -34.46 25.87
N ALA B 5 -6.84 -34.10 24.67
CA ALA B 5 -6.01 -33.10 23.92
C ALA B 5 -6.83 -32.54 22.76
N VAL B 6 -6.30 -31.57 22.07
CA VAL B 6 -7.04 -30.98 20.92
C VAL B 6 -6.13 -29.99 20.18
N LYS B 7 -6.18 -29.99 18.88
CA LYS B 7 -5.33 -29.06 18.09
C LYS B 7 -3.87 -29.19 18.55
N LYS B 8 -3.30 -30.36 18.39
CA LYS B 8 -1.88 -30.55 18.81
C LYS B 8 -0.94 -30.11 17.69
N LYS B 9 -1.49 -29.77 16.56
CA LYS B 9 -0.63 -29.34 15.42
C LYS B 9 -0.15 -27.91 15.66
N GLN B 10 0.89 -27.75 16.45
CA GLN B 10 1.41 -26.38 16.73
C GLN B 10 2.45 -26.01 15.68
N GLU B 11 3.15 -24.93 15.88
CA GLU B 11 4.19 -24.50 14.89
C GLU B 11 3.54 -24.32 13.52
N THR B 12 4.17 -23.57 12.64
CA THR B 12 3.59 -23.35 11.29
C THR B 12 4.71 -22.97 10.32
N LYS B 13 4.62 -23.40 9.10
CA LYS B 13 5.68 -23.05 8.10
C LYS B 13 5.44 -21.64 7.58
N ARG B 14 6.50 -20.89 7.38
CA ARG B 14 6.34 -19.50 6.88
C ARG B 14 6.35 -19.51 5.34
N SER B 15 5.51 -18.71 4.73
CA SER B 15 5.47 -18.66 3.24
C SER B 15 6.19 -17.41 2.73
N ILE B 16 6.89 -17.52 1.63
CA ILE B 16 7.61 -16.34 1.10
C ILE B 16 6.62 -15.21 0.84
N ASN B 17 5.45 -15.53 0.38
CA ASN B 17 4.43 -14.47 0.10
C ASN B 17 3.96 -13.85 1.42
N GLU B 18 4.06 -14.56 2.50
CA GLU B 18 3.61 -14.00 3.81
C GLU B 18 4.66 -13.03 4.35
N GLU B 19 5.84 -13.52 4.63
CA GLU B 19 6.89 -12.63 5.18
C GLU B 19 7.04 -11.36 4.32
N ILE B 20 7.23 -11.51 3.04
CA ILE B 20 7.40 -10.31 2.17
C ILE B 20 6.15 -9.43 2.23
N HIS B 21 4.98 -10.00 2.08
CA HIS B 21 3.74 -9.18 2.11
C HIS B 21 3.63 -8.45 3.46
N THR B 22 3.80 -9.16 4.54
CA THR B 22 3.68 -8.51 5.87
C THR B 22 4.50 -7.21 5.89
N GLN B 23 5.76 -7.28 5.55
CA GLN B 23 6.59 -6.04 5.54
C GLN B 23 6.14 -5.11 4.42
N PHE B 24 6.08 -5.61 3.22
CA PHE B 24 5.63 -4.76 2.08
C PHE B 24 4.38 -3.97 2.48
N LEU B 25 3.29 -4.65 2.71
CA LEU B 25 2.03 -3.98 3.11
C LEU B 25 2.30 -2.90 4.17
N ASP B 26 3.11 -3.21 5.15
CA ASP B 26 3.41 -2.21 6.21
C ASP B 26 4.21 -1.04 5.62
N HIS B 27 5.07 -1.30 4.68
CA HIS B 27 5.89 -0.21 4.08
C HIS B 27 5.05 0.63 3.12
N LEU B 28 4.22 0.00 2.32
CA LEU B 28 3.39 0.77 1.35
C LEU B 28 2.21 1.42 2.08
N LEU B 29 1.67 0.78 3.07
CA LEU B 29 0.51 1.36 3.82
C LEU B 29 1.01 2.60 4.57
N THR B 30 2.15 2.50 5.18
CA THR B 30 2.71 3.64 5.94
C THR B 30 3.36 4.63 4.97
N GLY B 31 3.81 4.15 3.84
CA GLY B 31 4.48 5.06 2.87
C GLY B 31 3.44 5.82 2.04
N ILE B 32 2.31 5.23 1.80
CA ILE B 32 1.28 5.92 0.98
C ILE B 32 0.43 6.85 1.85
N GLU B 33 0.24 6.51 3.10
CA GLU B 33 -0.57 7.38 3.99
C GLU B 33 0.30 8.52 4.51
N ASP B 34 1.58 8.28 4.66
CA ASP B 34 2.48 9.34 5.17
C ASP B 34 2.21 10.66 4.43
N ILE B 35 1.49 10.60 3.33
CA ILE B 35 1.22 11.85 2.56
C ILE B 35 0.48 12.84 3.46
N CYS B 36 -0.57 12.43 4.12
CA CYS B 36 -1.34 13.35 5.00
C CYS B 36 -0.37 14.28 5.75
N GLY B 37 -0.28 15.53 5.34
CA GLY B 37 0.65 16.48 6.01
C GLY B 37 0.10 17.90 5.86
N HIS B 38 0.45 18.78 6.77
CA HIS B 38 -0.04 20.17 6.68
C HIS B 38 0.33 20.77 5.32
N TYR B 39 1.32 21.62 5.28
CA TYR B 39 1.73 22.22 3.98
C TYR B 39 0.57 23.06 3.42
N GLY B 40 0.49 23.20 2.14
CA GLY B 40 -0.62 24.00 1.54
C GLY B 40 -0.22 25.47 1.48
N HIS B 41 -0.30 26.08 0.33
CA HIS B 41 0.08 27.51 0.21
C HIS B 41 -0.55 28.10 -1.06
N HIS B 42 -1.80 27.83 -1.30
CA HIS B 42 -2.47 28.37 -2.51
C HIS B 42 -3.99 28.38 -2.30
N HIS B 43 -4.70 29.09 -3.13
CA HIS B 43 -6.19 29.13 -2.98
C HIS B 43 -6.81 29.79 -4.21
N MET A 1 18.13 18.04 2.46
CA MET A 1 17.02 17.08 2.72
C MET A 1 17.54 15.94 3.62
N GLY A 2 16.86 15.69 4.70
CA GLY A 2 17.31 14.59 5.62
C GLY A 2 16.25 14.35 6.69
N SER A 3 15.81 15.39 7.34
CA SER A 3 14.78 15.22 8.41
C SER A 3 14.34 16.60 8.92
N ARG A 4 14.31 17.57 8.06
CA ARG A 4 13.89 18.94 8.49
C ARG A 4 12.58 18.84 9.28
N ALA A 5 12.57 19.33 10.50
CA ALA A 5 11.34 19.26 11.32
C ALA A 5 10.21 19.99 10.58
N SER A 6 9.90 21.20 11.00
CA SER A 6 8.81 21.96 10.33
C SER A 6 7.56 21.09 10.24
N THR A 7 7.35 20.45 9.12
CA THR A 7 6.14 19.58 8.97
C THR A 7 6.28 18.34 9.84
N LEU A 8 5.19 17.71 10.18
CA LEU A 8 5.26 16.50 11.04
C LEU A 8 3.88 15.84 11.09
N LEU A 9 3.81 14.55 10.92
CA LEU A 9 2.52 13.85 10.96
C LEU A 9 2.16 13.59 12.43
N ARG A 10 1.53 14.53 13.06
CA ARG A 10 1.14 14.35 14.49
C ARG A 10 -0.25 13.72 14.55
N ASP A 11 -0.73 13.46 15.73
CA ASP A 11 -2.08 12.84 15.86
C ASP A 11 -3.09 13.64 15.04
N GLU A 12 -2.77 14.85 14.68
CA GLU A 12 -3.72 15.66 13.89
C GLU A 12 -3.76 15.13 12.45
N GLU A 13 -2.61 14.92 11.86
CA GLU A 13 -2.60 14.40 10.47
C GLU A 13 -3.00 12.93 10.51
N LEU A 14 -2.60 12.21 11.53
CA LEU A 14 -3.00 10.80 11.60
C LEU A 14 -4.52 10.75 11.72
N GLU A 15 -5.05 11.39 12.72
CA GLU A 15 -6.53 11.41 12.91
C GLU A 15 -7.20 11.82 11.61
N GLU A 16 -6.66 12.80 10.92
CA GLU A 16 -7.29 13.23 9.64
C GLU A 16 -7.50 12.03 8.73
N ILE A 17 -6.44 11.43 8.26
CA ILE A 17 -6.61 10.24 7.36
C ILE A 17 -7.37 9.14 8.11
N LYS A 18 -7.12 9.00 9.39
CA LYS A 18 -7.80 7.94 10.19
C LYS A 18 -9.30 7.92 9.89
N LYS A 19 -9.94 9.07 9.86
CA LYS A 19 -11.41 9.09 9.59
C LYS A 19 -11.69 8.97 8.09
N GLU A 20 -10.91 9.59 7.25
CA GLU A 20 -11.18 9.48 5.77
C GLU A 20 -11.37 8.00 5.45
N THR A 21 -10.78 7.12 6.23
CA THR A 21 -10.96 5.66 6.00
C THR A 21 -11.87 5.13 7.10
N GLY A 22 -12.15 5.96 8.07
CA GLY A 22 -13.04 5.55 9.20
C GLY A 22 -14.37 6.29 9.10
N PHE A 23 -14.36 7.60 9.23
CA PHE A 23 -15.65 8.36 9.15
C PHE A 23 -15.38 9.85 8.86
N SER A 24 -16.10 10.72 9.51
CA SER A 24 -15.93 12.20 9.32
C SER A 24 -15.85 12.53 7.81
N HIS A 25 -15.71 13.79 7.50
CA HIS A 25 -15.64 14.20 6.07
C HIS A 25 -15.04 15.60 5.96
N SER A 26 -15.63 16.56 6.62
CA SER A 26 -15.10 17.95 6.56
C SER A 26 -13.67 18.00 7.09
N GLN A 27 -13.33 17.13 7.99
CA GLN A 27 -11.95 17.14 8.55
C GLN A 27 -10.93 16.79 7.46
N ILE A 28 -11.26 15.84 6.62
CA ILE A 28 -10.29 15.43 5.56
C ILE A 28 -10.56 16.21 4.27
N THR A 29 -11.78 16.62 4.01
CA THR A 29 -12.02 17.39 2.75
C THR A 29 -11.01 18.53 2.69
N ARG A 30 -10.74 19.14 3.82
CA ARG A 30 -9.74 20.24 3.84
C ARG A 30 -8.37 19.68 3.44
N LEU A 31 -8.02 18.54 3.97
CA LEU A 31 -6.72 17.92 3.64
C LEU A 31 -6.63 17.76 2.12
N TYR A 32 -7.74 17.58 1.47
CA TYR A 32 -7.71 17.43 0.00
C TYR A 32 -7.52 18.80 -0.64
N SER A 33 -7.99 19.83 0.02
CA SER A 33 -7.83 21.20 -0.55
C SER A 33 -6.35 21.58 -0.62
N ARG A 34 -5.60 21.29 0.40
CA ARG A 34 -4.15 21.63 0.36
C ARG A 34 -3.44 20.67 -0.59
N PHE A 35 -3.62 19.40 -0.36
CA PHE A 35 -2.97 18.39 -1.24
C PHE A 35 -3.30 18.72 -2.71
N THR A 36 -4.56 18.77 -3.02
CA THR A 36 -4.97 19.08 -4.43
C THR A 36 -4.49 20.48 -4.83
N SER A 37 -4.21 21.33 -3.87
CA SER A 37 -3.74 22.69 -4.23
C SER A 37 -2.28 22.61 -4.69
N LEU A 38 -1.61 21.53 -4.37
CA LEU A 38 -0.19 21.39 -4.79
C LEU A 38 -0.12 21.31 -6.32
N ASP A 39 -1.25 21.23 -6.98
CA ASP A 39 -1.23 21.13 -8.45
C ASP A 39 -0.53 22.36 -9.05
N LYS A 40 -1.05 22.83 -10.14
CA LYS A 40 -0.46 24.02 -10.82
C LYS A 40 -1.47 25.17 -10.78
N GLY A 41 -2.34 25.16 -9.82
CA GLY A 41 -3.37 26.24 -9.70
C GLY A 41 -4.72 25.69 -10.15
N GLU A 42 -4.80 24.40 -10.35
CA GLU A 42 -6.10 23.80 -10.79
C GLU A 42 -6.96 23.54 -9.56
N ASN A 43 -6.46 22.77 -8.63
CA ASN A 43 -7.24 22.47 -7.39
C ASN A 43 -8.37 21.51 -7.76
N GLY A 44 -8.03 20.45 -8.45
CA GLY A 44 -9.07 19.46 -8.84
C GLY A 44 -8.41 18.09 -9.00
N THR A 45 -7.32 18.02 -9.72
CA THR A 45 -6.62 16.72 -9.91
C THR A 45 -5.16 16.86 -9.49
N LEU A 46 -4.43 15.78 -9.41
CA LEU A 46 -2.99 15.88 -8.99
C LEU A 46 -2.10 15.07 -9.94
N SER A 47 -0.96 15.60 -10.28
CA SER A 47 -0.01 14.89 -11.19
C SER A 47 1.18 14.40 -10.40
N ARG A 48 2.09 13.71 -11.03
CA ARG A 48 3.29 13.20 -10.32
C ARG A 48 4.07 14.38 -9.73
N GLU A 49 4.19 15.44 -10.47
CA GLU A 49 4.94 16.62 -9.97
C GLU A 49 4.32 17.11 -8.66
N ASP A 50 3.15 16.64 -8.32
CA ASP A 50 2.52 17.10 -7.05
C ASP A 50 2.91 16.12 -5.93
N PHE A 51 2.73 14.86 -6.16
CA PHE A 51 3.08 13.86 -5.11
C PHE A 51 4.55 14.00 -4.70
N GLN A 52 5.37 14.55 -5.56
CA GLN A 52 6.82 14.71 -5.21
C GLN A 52 6.97 15.85 -4.20
N ARG A 53 6.04 16.76 -4.19
CA ARG A 53 6.12 17.89 -3.24
C ARG A 53 6.01 17.39 -1.80
N ILE A 54 5.51 16.18 -1.62
CA ILE A 54 5.39 15.63 -0.26
C ILE A 54 6.68 14.84 0.02
N PRO A 55 7.22 14.93 1.21
CA PRO A 55 8.49 14.22 1.56
C PRO A 55 8.31 12.72 1.61
N GLU A 56 7.22 12.21 1.08
CA GLU A 56 7.00 10.73 1.10
C GLU A 56 7.56 10.12 -0.19
N LEU A 57 7.06 10.57 -1.31
CA LEU A 57 7.55 10.02 -2.60
C LEU A 57 9.00 10.43 -2.84
N ALA A 58 9.32 11.67 -2.62
CA ALA A 58 10.71 12.15 -2.84
C ALA A 58 11.69 11.52 -1.86
N ILE A 59 11.21 10.80 -0.87
CA ILE A 59 12.13 10.18 0.12
C ILE A 59 11.80 8.68 0.25
N ASN A 60 10.96 8.17 -0.60
CA ASN A 60 10.60 6.72 -0.49
C ASN A 60 11.53 5.88 -1.38
N PRO A 61 11.83 4.66 -0.96
CA PRO A 61 12.70 3.74 -1.74
C PRO A 61 12.01 3.25 -3.02
N LEU A 62 10.72 3.15 -2.99
CA LEU A 62 9.95 2.70 -4.19
C LEU A 62 8.92 3.76 -4.57
N GLY A 63 7.99 4.02 -3.70
CA GLY A 63 6.94 5.05 -3.99
C GLY A 63 6.09 4.63 -5.18
N ASP A 64 6.60 3.76 -6.00
CA ASP A 64 5.81 3.30 -7.18
C ASP A 64 4.41 2.91 -6.70
N ARG A 65 4.28 2.68 -5.42
CA ARG A 65 2.95 2.30 -4.87
C ARG A 65 2.02 3.53 -4.85
N ILE A 66 2.44 4.59 -4.23
CA ILE A 66 1.60 5.81 -4.17
C ILE A 66 1.34 6.29 -5.59
N ILE A 67 2.34 6.24 -6.43
CA ILE A 67 2.16 6.70 -7.82
C ILE A 67 0.95 6.01 -8.45
N ASN A 68 0.93 4.70 -8.49
CA ASN A 68 -0.23 4.01 -9.10
C ASN A 68 -1.41 4.00 -8.13
N ALA A 69 -1.22 4.43 -6.91
CA ALA A 69 -2.36 4.43 -5.95
C ALA A 69 -3.34 5.53 -6.36
N PHE A 70 -2.85 6.63 -6.85
CA PHE A 70 -3.76 7.75 -7.26
C PHE A 70 -4.12 7.63 -8.75
N PHE A 71 -3.15 7.47 -9.60
CA PHE A 71 -3.47 7.36 -11.06
C PHE A 71 -4.18 6.03 -11.33
N PRO A 72 -5.09 6.00 -12.28
CA PRO A 72 -5.84 4.76 -12.64
C PRO A 72 -4.96 3.78 -13.43
N GLU A 73 -5.07 3.81 -14.73
CA GLU A 73 -4.25 2.89 -15.58
C GLU A 73 -2.99 3.61 -16.04
N GLY A 74 -3.00 4.93 -16.01
CA GLY A 74 -1.80 5.70 -16.44
C GLY A 74 -2.20 7.12 -16.80
N GLU A 75 -3.12 7.70 -16.07
CA GLU A 75 -3.54 9.10 -16.38
C GLU A 75 -2.50 10.07 -15.81
N ASP A 76 -2.45 11.27 -16.32
CA ASP A 76 -1.46 12.26 -15.82
C ASP A 76 -2.11 13.16 -14.77
N GLN A 77 -3.22 12.74 -14.23
CA GLN A 77 -3.91 13.56 -13.20
C GLN A 77 -4.98 12.74 -12.50
N VAL A 78 -4.97 12.72 -11.18
CA VAL A 78 -5.98 11.92 -10.43
C VAL A 78 -7.04 12.87 -9.86
N ASN A 79 -8.27 12.66 -10.20
CA ASN A 79 -9.35 13.55 -9.69
C ASN A 79 -9.64 13.23 -8.22
N PHE A 80 -10.54 13.96 -7.62
CA PHE A 80 -10.86 13.70 -6.20
C PHE A 80 -11.49 12.32 -6.04
N ARG A 81 -11.94 11.74 -7.12
CA ARG A 81 -12.58 10.40 -7.04
C ARG A 81 -11.59 9.40 -6.42
N GLY A 82 -10.48 9.18 -7.06
CA GLY A 82 -9.51 8.20 -6.50
C GLY A 82 -8.79 8.80 -5.31
N PHE A 83 -8.69 10.10 -5.23
CA PHE A 83 -8.00 10.71 -4.08
C PHE A 83 -8.59 10.12 -2.80
N MET A 84 -9.89 10.17 -2.70
CA MET A 84 -10.57 9.62 -1.51
C MET A 84 -10.71 8.10 -1.62
N ARG A 85 -10.60 7.53 -2.81
CA ARG A 85 -10.75 6.04 -2.89
C ARG A 85 -9.46 5.37 -2.39
N THR A 86 -8.34 5.98 -2.65
CA THR A 86 -7.05 5.40 -2.21
C THR A 86 -6.86 5.66 -0.72
N LEU A 87 -6.98 6.88 -0.31
CA LEU A 87 -6.77 7.21 1.12
C LEU A 87 -7.89 6.58 1.97
N ALA A 88 -9.01 6.27 1.40
CA ALA A 88 -10.12 5.66 2.19
C ALA A 88 -10.08 4.13 2.06
N HIS A 89 -9.31 3.63 1.13
CA HIS A 89 -9.23 2.14 0.94
C HIS A 89 -8.72 1.49 2.22
N PHE A 90 -8.32 2.29 3.17
CA PHE A 90 -7.79 1.73 4.44
C PHE A 90 -8.93 1.52 5.44
N ARG A 91 -10.14 1.39 4.96
CA ARG A 91 -11.29 1.18 5.88
C ARG A 91 -11.16 -0.18 6.57
N PRO A 92 -11.18 -0.23 7.90
CA PRO A 92 -11.07 -1.51 8.64
C PRO A 92 -12.39 -2.29 8.65
N ILE A 93 -12.37 -3.51 8.19
CA ILE A 93 -13.62 -4.32 8.17
C ILE A 93 -13.89 -4.90 9.55
N GLU A 94 -15.14 -5.08 9.90
CA GLU A 94 -15.48 -5.65 11.24
C GLU A 94 -16.79 -6.41 11.14
N ASP A 95 -17.66 -6.01 10.24
CA ASP A 95 -18.96 -6.70 10.09
C ASP A 95 -18.77 -7.96 9.23
N ASN A 96 -17.55 -8.25 8.85
CA ASN A 96 -17.29 -9.46 8.01
C ASN A 96 -17.97 -9.29 6.65
N GLU A 97 -18.07 -8.08 6.18
CA GLU A 97 -18.74 -7.86 4.87
C GLU A 97 -20.08 -8.61 4.82
N LYS A 98 -21.11 -8.02 5.36
CA LYS A 98 -22.44 -8.70 5.35
C LYS A 98 -23.08 -8.53 3.97
N SER A 99 -24.16 -9.22 3.73
CA SER A 99 -24.84 -9.11 2.40
C SER A 99 -26.22 -9.75 2.48
N LYS A 100 -26.28 -11.05 2.37
CA LYS A 100 -27.59 -11.75 2.43
C LYS A 100 -28.57 -11.10 1.45
N ASP A 101 -29.48 -10.30 1.93
CA ASP A 101 -30.45 -9.65 1.02
C ASP A 101 -31.15 -8.50 1.75
N VAL A 102 -30.45 -7.42 1.99
CA VAL A 102 -31.07 -6.28 2.71
C VAL A 102 -30.38 -4.98 2.27
N ASN A 103 -29.08 -4.92 2.39
CA ASN A 103 -28.35 -3.68 1.98
C ASN A 103 -26.89 -4.02 1.68
N GLY A 104 -26.22 -3.20 0.91
CA GLY A 104 -24.79 -3.49 0.59
C GLY A 104 -24.17 -2.27 -0.10
N PRO A 105 -23.88 -1.24 0.66
CA PRO A 105 -23.28 0.01 0.12
C PRO A 105 -22.05 -0.27 -0.75
N GLU A 106 -21.32 0.76 -1.11
CA GLU A 106 -20.12 0.55 -1.97
C GLU A 106 -19.15 -0.41 -1.24
N PRO A 107 -18.35 -1.15 -1.98
CA PRO A 107 -17.37 -2.10 -1.38
C PRO A 107 -16.17 -1.38 -0.76
N LEU A 108 -15.11 -1.22 -1.51
CA LEU A 108 -13.91 -0.53 -0.97
C LEU A 108 -13.33 -1.37 0.18
N ASN A 109 -12.05 -1.63 0.14
CA ASN A 109 -11.41 -2.44 1.22
C ASN A 109 -11.99 -3.86 1.21
N SER A 110 -12.97 -4.10 0.39
CA SER A 110 -13.56 -5.46 0.34
C SER A 110 -12.52 -6.45 -0.17
N ARG A 111 -12.75 -7.72 -0.04
CA ARG A 111 -11.76 -8.73 -0.52
C ARG A 111 -11.31 -8.35 -1.94
N SER A 112 -12.21 -8.42 -2.89
CA SER A 112 -11.83 -8.07 -4.29
C SER A 112 -11.18 -6.69 -4.34
N ASN A 113 -11.58 -5.80 -3.46
CA ASN A 113 -10.98 -4.44 -3.47
C ASN A 113 -9.58 -4.49 -2.86
N LYS A 114 -9.38 -5.36 -1.89
CA LYS A 114 -8.02 -5.43 -1.26
C LYS A 114 -6.99 -5.85 -2.32
N LEU A 115 -7.20 -6.95 -2.98
CA LEU A 115 -6.23 -7.38 -4.02
C LEU A 115 -6.10 -6.27 -5.06
N HIS A 116 -7.21 -5.70 -5.46
CA HIS A 116 -7.17 -4.61 -6.48
C HIS A 116 -6.33 -3.44 -5.99
N PHE A 117 -6.38 -3.12 -4.72
CA PHE A 117 -5.57 -1.97 -4.22
C PHE A 117 -4.08 -2.34 -4.22
N ALA A 118 -3.68 -3.23 -3.34
CA ALA A 118 -2.24 -3.63 -3.31
C ALA A 118 -1.78 -3.94 -4.73
N PHE A 119 -2.69 -4.35 -5.57
CA PHE A 119 -2.34 -4.68 -6.98
C PHE A 119 -1.90 -3.39 -7.69
N ARG A 120 -2.74 -2.39 -7.71
CA ARG A 120 -2.40 -1.13 -8.39
C ARG A 120 -1.05 -0.61 -7.86
N LEU A 121 -0.74 -0.86 -6.63
CA LEU A 121 0.54 -0.35 -6.07
C LEU A 121 1.71 -1.03 -6.79
N TYR A 122 1.67 -2.33 -6.90
CA TYR A 122 2.78 -3.08 -7.58
C TYR A 122 2.51 -3.17 -9.08
N ASP A 123 1.34 -2.81 -9.52
CA ASP A 123 1.05 -2.88 -11.00
C ASP A 123 1.68 -1.67 -11.69
N LEU A 124 2.97 -1.70 -11.90
CA LEU A 124 3.64 -0.54 -12.55
C LEU A 124 3.54 -0.66 -14.08
N ASP A 125 3.68 -1.85 -14.60
CA ASP A 125 3.62 -2.02 -16.09
C ASP A 125 2.18 -2.29 -16.56
N LYS A 126 1.26 -2.47 -15.65
CA LYS A 126 -0.14 -2.74 -16.07
C LYS A 126 -0.20 -4.05 -16.86
N ASP A 127 0.62 -4.99 -16.52
CA ASP A 127 0.59 -6.30 -17.22
C ASP A 127 -0.48 -7.16 -16.57
N GLU A 128 -1.16 -6.60 -15.59
CA GLU A 128 -2.24 -7.32 -14.87
C GLU A 128 -1.63 -8.12 -13.71
N LYS A 129 -0.33 -8.25 -13.66
CA LYS A 129 0.30 -9.02 -12.54
C LYS A 129 1.68 -8.42 -12.23
N ILE A 130 2.18 -8.60 -11.05
CA ILE A 130 3.51 -8.02 -10.71
C ILE A 130 4.59 -8.85 -11.42
N SER A 131 5.17 -8.31 -12.46
CA SER A 131 6.23 -9.04 -13.21
C SER A 131 7.49 -9.15 -12.35
N ARG A 132 8.50 -9.77 -12.87
CA ARG A 132 9.76 -9.92 -12.08
C ARG A 132 10.52 -8.60 -12.01
N ASP A 133 10.50 -7.81 -13.05
CA ASP A 133 11.23 -6.52 -13.00
C ASP A 133 10.57 -5.62 -11.96
N GLU A 134 9.28 -5.71 -11.82
CA GLU A 134 8.58 -4.87 -10.81
C GLU A 134 8.74 -5.49 -9.43
N LEU A 135 8.24 -6.68 -9.26
CA LEU A 135 8.34 -7.37 -7.95
C LEU A 135 9.78 -7.26 -7.42
N LEU A 136 10.75 -7.42 -8.28
CA LEU A 136 12.15 -7.35 -7.83
C LEU A 136 12.48 -5.94 -7.34
N GLN A 137 12.24 -4.94 -8.15
CA GLN A 137 12.55 -3.55 -7.71
C GLN A 137 12.05 -3.32 -6.27
N VAL A 138 10.93 -3.87 -5.91
CA VAL A 138 10.43 -3.66 -4.52
C VAL A 138 11.09 -4.67 -3.58
N LEU A 139 10.95 -5.93 -3.89
CA LEU A 139 11.56 -6.98 -3.03
C LEU A 139 13.00 -6.58 -2.68
N ARG A 140 13.76 -6.10 -3.62
CA ARG A 140 15.15 -5.69 -3.30
C ARG A 140 15.14 -4.44 -2.42
N MET A 141 14.27 -3.50 -2.68
CA MET A 141 14.26 -2.29 -1.83
C MET A 141 13.73 -2.65 -0.44
N MET A 142 13.22 -3.84 -0.28
CA MET A 142 12.68 -4.25 1.06
C MET A 142 13.68 -5.14 1.79
N VAL A 143 14.57 -5.81 1.08
CA VAL A 143 15.57 -6.69 1.75
C VAL A 143 16.98 -6.22 1.40
N GLY A 144 17.15 -5.61 0.26
CA GLY A 144 18.50 -5.11 -0.14
C GLY A 144 19.07 -4.25 0.99
N VAL A 145 18.24 -3.75 1.84
CA VAL A 145 18.74 -2.89 2.96
C VAL A 145 19.85 -3.62 3.71
N ASN A 146 19.93 -4.92 3.59
CA ASN A 146 21.00 -5.67 4.33
C ASN A 146 21.34 -6.96 3.56
N ILE A 147 20.99 -7.05 2.31
CA ILE A 147 21.31 -8.29 1.54
C ILE A 147 22.39 -7.99 0.50
N SER A 148 23.31 -8.91 0.31
CA SER A 148 24.40 -8.69 -0.69
C SER A 148 23.81 -8.76 -2.09
N ASP A 149 24.64 -8.71 -3.10
CA ASP A 149 24.12 -8.75 -4.50
C ASP A 149 23.87 -10.19 -4.94
N GLU A 150 24.89 -10.99 -5.04
CA GLU A 150 24.68 -12.41 -5.47
C GLU A 150 23.61 -13.05 -4.59
N GLN A 151 23.48 -12.61 -3.37
CA GLN A 151 22.44 -13.20 -2.48
C GLN A 151 21.07 -12.72 -2.93
N LEU A 152 20.92 -11.43 -3.15
CA LEU A 152 19.61 -10.91 -3.58
C LEU A 152 19.26 -11.46 -4.97
N GLY A 153 20.20 -11.45 -5.88
CA GLY A 153 19.91 -11.98 -7.23
C GLY A 153 19.34 -13.39 -7.13
N SER A 154 19.90 -14.20 -6.27
CA SER A 154 19.41 -15.60 -6.14
C SER A 154 18.17 -15.66 -5.25
N ILE A 155 17.99 -14.71 -4.37
CA ILE A 155 16.79 -14.74 -3.49
C ILE A 155 15.59 -14.18 -4.27
N ALA A 156 15.86 -13.37 -5.26
CA ALA A 156 14.75 -12.79 -6.05
C ALA A 156 14.29 -13.82 -7.08
N ASP A 157 15.20 -14.45 -7.75
CA ASP A 157 14.81 -15.49 -8.76
C ASP A 157 14.08 -16.62 -8.06
N ARG A 158 14.53 -17.00 -6.89
CA ARG A 158 13.85 -18.11 -6.15
C ARG A 158 12.54 -17.60 -5.55
N THR A 159 12.45 -16.32 -5.32
CA THR A 159 11.20 -15.76 -4.72
C THR A 159 10.09 -15.75 -5.77
N ILE A 160 10.36 -15.25 -6.94
CA ILE A 160 9.31 -15.20 -7.98
C ILE A 160 9.13 -16.59 -8.59
N GLN A 161 10.10 -17.44 -8.41
CA GLN A 161 10.00 -18.81 -9.00
C GLN A 161 9.30 -19.74 -8.01
N GLU A 162 9.43 -19.49 -6.74
CA GLU A 162 8.78 -20.38 -5.74
C GLU A 162 7.34 -19.91 -5.46
N ALA A 163 7.05 -18.66 -5.66
CA ALA A 163 5.66 -18.19 -5.42
C ALA A 163 4.88 -18.34 -6.72
N ASP A 164 5.56 -18.41 -7.82
CA ASP A 164 4.84 -18.52 -9.12
C ASP A 164 3.71 -19.53 -9.03
N GLN A 165 2.53 -19.08 -8.69
CA GLN A 165 1.36 -19.99 -8.61
C GLN A 165 0.60 -19.88 -9.92
N ASP A 166 0.45 -18.70 -10.47
CA ASP A 166 -0.26 -18.60 -11.77
C ASP A 166 0.71 -19.18 -12.79
N GLY A 167 1.91 -19.47 -12.34
CA GLY A 167 2.93 -20.03 -13.25
C GLY A 167 3.29 -18.99 -14.29
N ASP A 168 2.87 -17.79 -14.06
CA ASP A 168 3.18 -16.70 -15.00
C ASP A 168 4.52 -16.14 -14.61
N SER A 169 5.23 -16.83 -13.76
CA SER A 169 6.54 -16.27 -13.32
C SER A 169 6.25 -14.85 -12.84
N ALA A 170 5.01 -14.60 -12.49
CA ALA A 170 4.60 -13.25 -12.05
C ALA A 170 3.47 -13.44 -11.05
N ILE A 171 3.23 -12.50 -10.20
CA ILE A 171 2.13 -12.69 -9.21
C ILE A 171 1.41 -11.39 -8.94
N SER A 172 0.22 -11.50 -8.40
CA SER A 172 -0.50 -10.27 -7.98
C SER A 172 -1.77 -10.66 -7.25
N PHE A 173 -2.54 -11.45 -7.89
CA PHE A 173 -3.86 -11.85 -7.36
C PHE A 173 -3.92 -13.32 -6.90
N THR A 174 -3.07 -14.15 -7.41
CA THR A 174 -3.23 -15.60 -7.10
C THR A 174 -2.61 -16.06 -5.79
N GLU A 175 -1.31 -16.11 -5.68
CA GLU A 175 -0.77 -16.62 -4.39
C GLU A 175 -1.09 -15.58 -3.32
N PHE A 176 -1.54 -14.42 -3.74
CA PHE A 176 -1.93 -13.39 -2.76
C PHE A 176 -3.25 -13.87 -2.16
N VAL A 177 -4.22 -14.12 -3.01
CA VAL A 177 -5.53 -14.62 -2.51
C VAL A 177 -5.29 -15.91 -1.73
N LYS A 178 -4.51 -16.81 -2.26
CA LYS A 178 -4.25 -18.08 -1.53
C LYS A 178 -3.56 -17.77 -0.20
N VAL A 179 -2.92 -16.64 -0.10
CA VAL A 179 -2.24 -16.27 1.18
C VAL A 179 -3.25 -15.71 2.16
N LEU A 180 -4.25 -15.01 1.69
CA LEU A 180 -5.26 -14.43 2.62
C LEU A 180 -5.99 -15.58 3.34
N GLU A 181 -6.21 -16.66 2.65
CA GLU A 181 -6.92 -17.80 3.29
C GLU A 181 -6.16 -18.21 4.57
N LYS A 182 -5.01 -17.62 4.80
CA LYS A 182 -4.21 -17.95 6.01
C LYS A 182 -4.05 -16.71 6.88
N VAL A 183 -4.33 -15.54 6.33
CA VAL A 183 -4.19 -14.29 7.13
C VAL A 183 -5.21 -13.26 6.64
N ASP A 184 -5.98 -12.70 7.54
CA ASP A 184 -7.01 -11.70 7.13
C ASP A 184 -6.32 -10.35 6.86
N VAL A 185 -5.67 -10.22 5.75
CA VAL A 185 -4.98 -8.94 5.43
C VAL A 185 -6.02 -7.84 5.21
N GLU A 186 -7.24 -8.23 4.95
CA GLU A 186 -8.31 -7.21 4.72
C GLU A 186 -8.37 -6.23 5.89
N GLN A 187 -8.15 -6.69 7.09
CA GLN A 187 -8.20 -5.78 8.26
C GLN A 187 -6.84 -5.11 8.44
N LYS A 188 -5.79 -5.75 8.00
CA LYS A 188 -4.44 -5.15 8.13
C LYS A 188 -4.44 -3.76 7.47
N MET A 189 -5.20 -3.61 6.42
CA MET A 189 -5.26 -2.30 5.72
C MET A 189 -5.87 -1.25 6.64
N SER A 190 -5.33 -1.11 7.83
CA SER A 190 -5.86 -0.09 8.78
C SER A 190 -4.69 0.57 9.50
N ILE A 191 -4.63 1.88 9.49
CA ILE A 191 -3.51 2.59 10.15
C ILE A 191 -3.90 2.91 11.60
N ARG A 192 -3.06 2.59 12.54
CA ARG A 192 -3.39 2.87 13.96
C ARG A 192 -2.11 2.80 14.81
N PHE A 193 -1.06 2.24 14.27
CA PHE A 193 0.21 2.14 15.04
C PHE A 193 0.55 3.50 15.65
N LEU A 194 1.58 3.57 16.44
CA LEU A 194 1.96 4.87 17.06
C LEU A 194 2.20 5.91 15.96
N HIS A 195 3.43 6.26 15.73
CA HIS A 195 3.74 7.27 14.67
C HIS A 195 2.80 8.48 14.84
N VAL B 1 -13.62 -30.35 -6.51
CA VAL B 1 -13.40 -30.32 -7.98
C VAL B 1 -11.97 -30.75 -8.29
N ASP B 2 -11.78 -31.51 -9.34
CA ASP B 2 -10.40 -31.96 -9.69
C ASP B 2 -9.79 -32.69 -8.50
N LEU B 3 -8.50 -32.56 -8.31
CA LEU B 3 -7.84 -33.24 -7.16
C LEU B 3 -8.66 -33.01 -5.89
N LEU B 4 -9.39 -34.00 -5.46
CA LEU B 4 -10.21 -33.82 -4.21
C LEU B 4 -9.29 -33.86 -2.99
N ALA B 5 -9.04 -32.73 -2.39
CA ALA B 5 -8.15 -32.70 -1.20
C ALA B 5 -8.18 -31.30 -0.58
N VAL B 6 -7.23 -30.47 -0.93
CA VAL B 6 -7.19 -29.10 -0.36
C VAL B 6 -7.30 -29.17 1.17
N LYS B 7 -6.59 -30.08 1.78
CA LYS B 7 -6.65 -30.20 3.26
C LYS B 7 -5.71 -29.17 3.90
N LYS B 8 -6.15 -28.51 4.92
CA LYS B 8 -5.28 -27.49 5.58
C LYS B 8 -4.24 -28.21 6.45
N LYS B 9 -2.99 -28.08 6.13
CA LYS B 9 -1.93 -28.74 6.94
C LYS B 9 -0.55 -28.25 6.48
N GLN B 10 -0.10 -28.71 5.34
CA GLN B 10 1.23 -28.28 4.84
C GLN B 10 1.35 -28.61 3.36
N GLU B 11 2.22 -27.93 2.65
CA GLU B 11 2.38 -28.22 1.20
C GLU B 11 3.59 -27.46 0.66
N THR B 12 4.16 -26.58 1.44
CA THR B 12 5.34 -25.80 0.97
C THR B 12 6.13 -25.29 2.18
N LYS B 13 7.43 -25.46 2.17
CA LYS B 13 8.25 -24.98 3.32
C LYS B 13 8.55 -23.49 3.15
N ARG B 14 8.60 -22.76 4.24
CA ARG B 14 8.87 -21.31 4.16
C ARG B 14 7.81 -20.62 3.31
N SER B 15 7.48 -19.38 3.62
CA SER B 15 6.44 -18.65 2.85
C SER B 15 7.00 -17.30 2.38
N ILE B 16 7.33 -17.19 1.13
CA ILE B 16 7.88 -15.90 0.60
C ILE B 16 6.74 -14.89 0.49
N ASN B 17 5.59 -15.32 0.05
CA ASN B 17 4.45 -14.38 -0.09
C ASN B 17 4.02 -13.84 1.27
N GLU B 18 4.10 -14.63 2.29
CA GLU B 18 3.68 -14.16 3.64
C GLU B 18 4.68 -13.14 4.19
N GLU B 19 5.94 -13.50 4.25
CA GLU B 19 6.95 -12.55 4.81
C GLU B 19 7.01 -11.27 3.97
N ILE B 20 7.08 -11.38 2.67
CA ILE B 20 7.17 -10.16 1.82
C ILE B 20 5.86 -9.37 1.88
N HIS B 21 4.73 -10.04 1.86
CA HIS B 21 3.44 -9.29 1.90
C HIS B 21 3.28 -8.61 3.27
N THR B 22 3.66 -9.27 4.33
CA THR B 22 3.53 -8.66 5.67
C THR B 22 4.28 -7.34 5.71
N GLN B 23 5.53 -7.35 5.31
CA GLN B 23 6.32 -6.09 5.32
C GLN B 23 5.70 -5.10 4.33
N PHE B 24 5.63 -5.46 3.09
CA PHE B 24 5.02 -4.58 2.05
C PHE B 24 3.73 -3.97 2.61
N LEU B 25 2.91 -4.77 3.24
CA LEU B 25 1.64 -4.26 3.82
C LEU B 25 1.93 -3.10 4.78
N ASP B 26 2.90 -3.23 5.63
CA ASP B 26 3.21 -2.16 6.61
C ASP B 26 3.90 -0.98 5.90
N HIS B 27 4.92 -1.25 5.14
CA HIS B 27 5.65 -0.16 4.44
C HIS B 27 4.72 0.59 3.48
N LEU B 28 3.82 -0.12 2.85
CA LEU B 28 2.91 0.55 1.88
C LEU B 28 1.80 1.30 2.61
N LEU B 29 1.23 0.75 3.64
CA LEU B 29 0.15 1.46 4.37
C LEU B 29 0.76 2.61 5.17
N THR B 30 1.75 2.31 5.97
CA THR B 30 2.40 3.37 6.78
C THR B 30 3.10 4.36 5.84
N GLY B 31 3.42 3.93 4.65
CA GLY B 31 4.11 4.84 3.70
C GLY B 31 3.10 5.74 2.99
N ILE B 32 2.21 5.17 2.22
CA ILE B 32 1.20 6.00 1.50
C ILE B 32 0.33 6.75 2.51
N GLU B 33 0.35 6.36 3.75
CA GLU B 33 -0.48 7.06 4.76
C GLU B 33 0.30 8.26 5.31
N ASP B 34 1.55 8.07 5.58
CA ASP B 34 2.36 9.21 6.11
C ASP B 34 2.16 10.43 5.20
N ILE B 35 1.60 10.22 4.05
CA ILE B 35 1.36 11.34 3.09
C ILE B 35 0.35 12.33 3.67
N CYS B 36 -0.85 11.88 3.92
CA CYS B 36 -1.89 12.80 4.48
C CYS B 36 -1.27 13.72 5.54
N GLY B 37 -0.85 14.89 5.13
CA GLY B 37 -0.22 15.84 6.10
C GLY B 37 -0.50 17.28 5.65
N HIS B 38 -0.94 18.11 6.55
CA HIS B 38 -1.22 19.53 6.18
C HIS B 38 0.06 20.21 5.70
N TYR B 39 0.18 21.49 5.89
CA TYR B 39 1.40 22.21 5.45
C TYR B 39 1.53 23.51 6.23
N GLY B 40 0.45 24.06 6.69
CA GLY B 40 0.50 25.34 7.45
C GLY B 40 -0.86 25.64 8.06
N HIS B 41 -1.09 26.86 8.46
CA HIS B 41 -2.41 27.21 9.06
C HIS B 41 -3.49 27.20 7.99
N HIS B 42 -4.63 27.75 8.27
CA HIS B 42 -5.73 27.76 7.25
C HIS B 42 -5.38 28.75 6.14
N HIS B 43 -4.17 29.25 6.13
CA HIS B 43 -3.78 30.22 5.07
C HIS B 43 -2.26 30.38 5.07
N MET A 1 6.14 23.10 20.20
CA MET A 1 6.23 21.62 20.26
C MET A 1 4.83 21.01 20.34
N GLY A 2 3.82 21.83 20.36
CA GLY A 2 2.43 21.31 20.43
C GLY A 2 1.45 22.38 19.97
N SER A 3 1.89 23.29 19.14
CA SER A 3 0.97 24.36 18.64
C SER A 3 0.00 23.76 17.62
N ARG A 4 -1.02 24.49 17.27
CA ARG A 4 -2.00 23.98 16.28
C ARG A 4 -1.44 24.15 14.87
N ALA A 5 -1.08 23.08 14.23
CA ALA A 5 -0.53 23.19 12.84
C ALA A 5 -0.31 21.78 12.27
N SER A 6 0.91 21.32 12.26
CA SER A 6 1.19 19.97 11.71
C SER A 6 2.52 19.46 12.26
N THR A 7 3.60 19.74 11.58
CA THR A 7 4.93 19.28 12.05
C THR A 7 4.87 17.80 12.43
N LEU A 8 5.30 16.95 11.54
CA LEU A 8 5.28 15.49 11.83
C LEU A 8 3.82 14.99 11.83
N LEU A 9 3.59 13.82 11.32
CA LEU A 9 2.23 13.29 11.27
C LEU A 9 1.73 13.09 12.72
N ARG A 10 1.23 14.13 13.31
CA ARG A 10 0.71 14.01 14.71
C ARG A 10 -0.73 13.51 14.66
N ASP A 11 -1.32 13.32 15.80
CA ASP A 11 -2.73 12.81 15.84
C ASP A 11 -3.62 13.67 14.94
N GLU A 12 -3.17 14.83 14.54
CA GLU A 12 -4.01 15.69 13.67
C GLU A 12 -4.00 15.13 12.25
N GLU A 13 -2.84 14.92 11.69
CA GLU A 13 -2.79 14.35 10.32
C GLU A 13 -3.25 12.91 10.37
N LEU A 14 -3.01 12.22 11.45
CA LEU A 14 -3.48 10.82 11.53
C LEU A 14 -4.99 10.83 11.64
N GLU A 15 -5.52 11.52 12.62
CA GLU A 15 -7.01 11.56 12.77
C GLU A 15 -7.65 11.89 11.42
N GLU A 16 -7.08 12.82 10.70
CA GLU A 16 -7.66 13.19 9.38
C GLU A 16 -7.77 11.94 8.49
N ILE A 17 -6.66 11.39 8.09
CA ILE A 17 -6.71 10.17 7.21
C ILE A 17 -7.44 9.03 7.93
N LYS A 18 -7.13 8.82 9.18
CA LYS A 18 -7.77 7.73 9.96
C LYS A 18 -9.27 7.69 9.68
N LYS A 19 -9.90 8.82 9.54
CA LYS A 19 -11.38 8.84 9.30
C LYS A 19 -11.67 8.73 7.79
N GLU A 20 -10.90 9.36 6.94
CA GLU A 20 -11.19 9.24 5.48
C GLU A 20 -11.36 7.76 5.15
N THR A 21 -10.78 6.90 5.94
CA THR A 21 -10.93 5.44 5.74
C THR A 21 -11.80 4.93 6.87
N GLY A 22 -12.03 5.78 7.84
CA GLY A 22 -12.87 5.40 9.00
C GLY A 22 -14.24 6.07 8.87
N PHE A 23 -14.29 7.38 9.00
CA PHE A 23 -15.60 8.09 8.88
C PHE A 23 -15.38 9.59 8.62
N SER A 24 -16.09 10.43 9.35
CA SER A 24 -15.95 11.91 9.17
C SER A 24 -16.00 12.29 7.68
N HIS A 25 -15.85 13.55 7.39
CA HIS A 25 -15.88 13.99 5.97
C HIS A 25 -15.28 15.40 5.85
N SER A 26 -15.77 16.33 6.62
CA SER A 26 -15.22 17.71 6.56
C SER A 26 -13.79 17.74 7.09
N GLN A 27 -13.46 16.85 7.99
CA GLN A 27 -12.09 16.85 8.57
C GLN A 27 -11.08 16.50 7.47
N ILE A 28 -11.42 15.61 6.58
CA ILE A 28 -10.48 15.21 5.50
C ILE A 28 -10.71 16.06 4.25
N THR A 29 -11.90 16.52 4.00
CA THR A 29 -12.10 17.36 2.78
C THR A 29 -11.07 18.49 2.82
N ARG A 30 -10.78 18.99 4.01
CA ARG A 30 -9.76 20.07 4.13
C ARG A 30 -8.41 19.53 3.66
N LEU A 31 -8.01 18.38 4.18
CA LEU A 31 -6.74 17.78 3.78
C LEU A 31 -6.72 17.64 2.25
N TYR A 32 -7.87 17.51 1.65
CA TYR A 32 -7.91 17.41 0.17
C TYR A 32 -7.83 18.81 -0.41
N SER A 33 -8.42 19.79 0.23
CA SER A 33 -8.38 21.17 -0.31
C SER A 33 -6.93 21.68 -0.41
N ARG A 34 -6.16 21.52 0.62
CA ARG A 34 -4.76 22.02 0.55
C ARG A 34 -3.91 21.05 -0.26
N PHE A 35 -3.95 19.80 0.07
CA PHE A 35 -3.14 18.81 -0.68
C PHE A 35 -3.49 18.87 -2.17
N THR A 36 -4.75 19.00 -2.51
CA THR A 36 -5.12 19.08 -3.94
C THR A 36 -4.78 20.47 -4.47
N SER A 37 -4.66 21.43 -3.61
CA SER A 37 -4.31 22.80 -4.09
C SER A 37 -2.87 22.76 -4.60
N LEU A 38 -2.10 21.79 -4.18
CA LEU A 38 -0.70 21.69 -4.66
C LEU A 38 -0.71 21.61 -6.19
N ASP A 39 -1.86 21.49 -6.78
CA ASP A 39 -1.96 21.39 -8.27
C ASP A 39 -1.50 22.70 -8.90
N LYS A 40 -0.32 23.15 -8.60
CA LYS A 40 0.16 24.43 -9.18
C LYS A 40 -0.91 25.52 -9.04
N GLY A 41 -1.94 25.24 -8.28
CA GLY A 41 -3.03 26.26 -8.09
C GLY A 41 -4.25 25.88 -8.91
N GLU A 42 -4.43 24.63 -9.23
CA GLU A 42 -5.62 24.22 -10.03
C GLU A 42 -6.78 23.94 -9.07
N ASN A 43 -6.59 23.05 -8.14
CA ASN A 43 -7.67 22.71 -7.16
C ASN A 43 -8.70 21.80 -7.83
N GLY A 44 -8.25 20.70 -8.35
CA GLY A 44 -9.19 19.75 -9.01
C GLY A 44 -8.57 18.36 -9.03
N THR A 45 -7.35 18.26 -9.50
CA THR A 45 -6.67 16.92 -9.56
C THR A 45 -5.21 17.08 -9.13
N LEU A 46 -4.49 15.98 -8.99
CA LEU A 46 -3.04 16.09 -8.59
C LEU A 46 -2.19 15.27 -9.55
N SER A 47 -1.08 15.83 -9.97
CA SER A 47 -0.16 15.10 -10.90
C SER A 47 1.05 14.61 -10.11
N ARG A 48 1.88 13.83 -10.73
CA ARG A 48 3.08 13.31 -10.01
C ARG A 48 3.93 14.50 -9.53
N GLU A 49 4.13 15.47 -10.37
CA GLU A 49 4.95 16.65 -9.98
C GLU A 49 4.36 17.29 -8.71
N ASP A 50 3.16 16.94 -8.35
CA ASP A 50 2.55 17.53 -7.13
C ASP A 50 2.85 16.63 -5.92
N PHE A 51 2.69 15.35 -6.08
CA PHE A 51 2.96 14.42 -4.94
C PHE A 51 4.42 14.58 -4.50
N GLN A 52 5.28 15.02 -5.38
CA GLN A 52 6.72 15.19 -5.01
C GLN A 52 6.87 16.35 -4.02
N ARG A 53 5.91 17.22 -3.98
CA ARG A 53 5.99 18.37 -3.04
C ARG A 53 5.95 17.84 -1.61
N ILE A 54 5.35 16.70 -1.39
CA ILE A 54 5.30 16.13 -0.03
C ILE A 54 6.56 15.25 0.17
N PRO A 55 7.17 15.28 1.32
CA PRO A 55 8.40 14.48 1.58
C PRO A 55 8.15 12.97 1.50
N GLU A 56 7.07 12.56 0.89
CA GLU A 56 6.80 11.09 0.78
C GLU A 56 7.39 10.55 -0.53
N LEU A 57 6.84 10.95 -1.64
CA LEU A 57 7.34 10.46 -2.96
C LEU A 57 8.80 10.87 -3.16
N ALA A 58 9.17 12.04 -2.71
CA ALA A 58 10.58 12.49 -2.91
C ALA A 58 11.54 11.71 -2.02
N ILE A 59 11.03 10.98 -1.06
CA ILE A 59 11.92 10.20 -0.15
C ILE A 59 11.45 8.74 -0.12
N ASN A 60 10.60 8.36 -1.03
CA ASN A 60 10.09 6.97 -1.02
C ASN A 60 11.07 6.03 -1.74
N PRO A 61 11.35 4.87 -1.18
CA PRO A 61 12.27 3.89 -1.82
C PRO A 61 11.68 3.31 -3.10
N LEU A 62 10.39 3.13 -3.12
CA LEU A 62 9.70 2.58 -4.33
C LEU A 62 8.87 3.70 -4.97
N GLY A 63 7.91 4.20 -4.25
CA GLY A 63 7.03 5.30 -4.77
C GLY A 63 6.21 4.84 -5.96
N ASP A 64 6.84 4.27 -6.93
CA ASP A 64 6.08 3.78 -8.14
C ASP A 64 4.75 3.18 -7.70
N ARG A 65 4.68 2.72 -6.48
CA ARG A 65 3.41 2.13 -5.96
C ARG A 65 2.53 3.27 -5.45
N ILE A 66 3.11 4.26 -4.80
CA ILE A 66 2.29 5.40 -4.30
C ILE A 66 1.69 6.12 -5.51
N ILE A 67 2.45 6.22 -6.56
CA ILE A 67 1.95 6.89 -7.79
C ILE A 67 0.79 6.09 -8.37
N ASN A 68 0.97 4.80 -8.50
CA ASN A 68 -0.15 3.98 -9.06
C ASN A 68 -1.28 3.92 -8.03
N ALA A 69 -0.99 4.20 -6.80
CA ALA A 69 -2.06 4.19 -5.76
C ALA A 69 -3.06 5.27 -6.13
N PHE A 70 -2.56 6.39 -6.56
CA PHE A 70 -3.45 7.53 -6.94
C PHE A 70 -3.85 7.41 -8.40
N PHE A 71 -2.91 7.20 -9.29
CA PHE A 71 -3.25 7.08 -10.73
C PHE A 71 -2.07 6.44 -11.48
N PRO A 72 -2.32 5.61 -12.46
CA PRO A 72 -1.25 4.95 -13.26
C PRO A 72 -0.58 5.91 -14.23
N GLU A 73 0.27 5.41 -15.09
CA GLU A 73 0.94 6.29 -16.09
C GLU A 73 -0.01 6.53 -17.26
N GLY A 74 -1.29 6.35 -17.04
CA GLY A 74 -2.27 6.57 -18.14
C GLY A 74 -2.67 8.03 -18.17
N GLU A 75 -2.90 8.62 -17.02
CA GLU A 75 -3.29 10.06 -16.94
C GLU A 75 -2.33 10.77 -15.99
N ASP A 76 -2.14 12.05 -16.18
CA ASP A 76 -1.21 12.81 -15.29
C ASP A 76 -2.00 13.64 -14.28
N GLN A 77 -3.12 13.13 -13.81
CA GLN A 77 -3.89 13.92 -12.80
C GLN A 77 -4.97 13.02 -12.15
N VAL A 78 -5.01 12.99 -10.83
CA VAL A 78 -6.03 12.16 -10.12
C VAL A 78 -7.09 13.08 -9.52
N ASN A 79 -8.33 12.83 -9.83
CA ASN A 79 -9.42 13.69 -9.28
C ASN A 79 -9.75 13.27 -7.84
N PHE A 80 -10.51 14.07 -7.18
CA PHE A 80 -10.89 13.77 -5.77
C PHE A 80 -11.47 12.36 -5.68
N ARG A 81 -12.16 11.93 -6.71
CA ARG A 81 -12.76 10.58 -6.69
C ARG A 81 -11.69 9.55 -6.32
N GLY A 82 -10.58 9.55 -6.99
CA GLY A 82 -9.53 8.55 -6.69
C GLY A 82 -8.69 8.98 -5.48
N PHE A 83 -8.46 10.26 -5.29
CA PHE A 83 -7.64 10.67 -4.13
C PHE A 83 -8.24 10.02 -2.88
N MET A 84 -9.54 10.01 -2.79
CA MET A 84 -10.19 9.41 -1.61
C MET A 84 -10.44 7.91 -1.86
N ARG A 85 -10.45 7.47 -3.09
CA ARG A 85 -10.68 6.00 -3.30
C ARG A 85 -9.47 5.24 -2.77
N THR A 86 -8.32 5.87 -2.79
CA THR A 86 -7.09 5.20 -2.29
C THR A 86 -6.94 5.46 -0.79
N LEU A 87 -6.93 6.70 -0.40
CA LEU A 87 -6.77 7.02 1.04
C LEU A 87 -7.93 6.42 1.84
N ALA A 88 -9.04 6.16 1.21
CA ALA A 88 -10.20 5.57 1.96
C ALA A 88 -10.20 4.04 1.80
N HIS A 89 -9.62 3.53 0.74
CA HIS A 89 -9.62 2.04 0.56
C HIS A 89 -9.05 1.36 1.81
N PHE A 90 -8.45 2.12 2.69
CA PHE A 90 -7.86 1.50 3.91
C PHE A 90 -8.95 1.28 4.97
N ARG A 91 -10.19 1.20 4.55
CA ARG A 91 -11.28 0.98 5.53
C ARG A 91 -11.00 -0.31 6.32
N PRO A 92 -10.87 -0.24 7.63
CA PRO A 92 -10.60 -1.43 8.47
C PRO A 92 -11.87 -2.26 8.74
N ILE A 93 -11.83 -3.53 8.49
CA ILE A 93 -13.03 -4.39 8.73
C ILE A 93 -12.98 -4.92 10.16
N GLU A 94 -14.12 -5.25 10.72
CA GLU A 94 -14.14 -5.77 12.11
C GLU A 94 -13.07 -6.86 12.27
N ASP A 95 -12.83 -7.30 13.48
CA ASP A 95 -11.79 -8.35 13.69
C ASP A 95 -12.41 -9.73 13.45
N ASN A 96 -13.66 -9.78 13.04
CA ASN A 96 -14.31 -11.10 12.79
C ASN A 96 -15.29 -10.97 11.62
N GLU A 97 -15.25 -9.86 10.92
CA GLU A 97 -16.17 -9.67 9.77
C GLU A 97 -17.62 -9.61 10.25
N LYS A 98 -17.98 -10.45 11.18
CA LYS A 98 -19.38 -10.43 11.70
C LYS A 98 -20.35 -10.63 10.53
N SER A 99 -20.21 -11.70 9.80
CA SER A 99 -21.12 -11.94 8.65
C SER A 99 -22.48 -12.43 9.17
N LYS A 100 -22.80 -12.12 10.40
CA LYS A 100 -24.10 -12.57 10.96
C LYS A 100 -25.23 -11.74 10.35
N ASP A 101 -26.05 -11.13 11.17
CA ASP A 101 -27.17 -10.31 10.63
C ASP A 101 -26.64 -9.37 9.54
N VAL A 102 -26.80 -9.74 8.30
CA VAL A 102 -26.31 -8.87 7.19
C VAL A 102 -27.12 -7.57 7.17
N ASN A 103 -26.66 -6.58 6.45
CA ASN A 103 -27.40 -5.29 6.38
C ASN A 103 -27.19 -4.65 5.01
N GLY A 104 -25.98 -4.59 4.55
CA GLY A 104 -25.72 -3.99 3.21
C GLY A 104 -24.23 -3.65 3.08
N PRO A 105 -23.41 -4.67 3.02
CA PRO A 105 -21.93 -4.50 2.89
C PRO A 105 -21.56 -3.49 1.80
N GLU A 106 -20.96 -2.39 2.18
CA GLU A 106 -20.57 -1.36 1.16
C GLU A 106 -19.29 -1.81 0.45
N PRO A 107 -19.09 -1.39 -0.77
CA PRO A 107 -17.87 -1.76 -1.56
C PRO A 107 -16.62 -1.06 -1.03
N LEU A 108 -15.58 -1.02 -1.82
CA LEU A 108 -14.32 -0.35 -1.38
C LEU A 108 -13.72 -1.12 -0.20
N ASN A 109 -12.45 -1.42 -0.29
CA ASN A 109 -11.78 -2.17 0.82
C ASN A 109 -12.27 -3.63 0.80
N SER A 110 -13.35 -3.89 0.14
CA SER A 110 -13.87 -5.29 0.09
C SER A 110 -12.73 -6.24 -0.28
N ARG A 111 -12.88 -7.50 0.00
CA ARG A 111 -11.80 -8.48 -0.34
C ARG A 111 -11.31 -8.23 -1.77
N SER A 112 -12.16 -8.43 -2.73
CA SER A 112 -11.75 -8.22 -4.16
C SER A 112 -11.10 -6.84 -4.30
N ASN A 113 -11.52 -5.88 -3.53
CA ASN A 113 -10.91 -4.52 -3.64
C ASN A 113 -9.53 -4.51 -2.96
N LYS A 114 -9.35 -5.30 -1.94
CA LYS A 114 -8.02 -5.32 -1.26
C LYS A 114 -6.97 -5.79 -2.26
N LEU A 115 -7.24 -6.86 -2.96
CA LEU A 115 -6.25 -7.36 -3.95
C LEU A 115 -6.09 -6.31 -5.06
N HIS A 116 -7.17 -5.69 -5.44
CA HIS A 116 -7.11 -4.65 -6.50
C HIS A 116 -6.28 -3.45 -6.03
N PHE A 117 -6.32 -3.15 -4.76
CA PHE A 117 -5.53 -1.98 -4.28
C PHE A 117 -4.04 -2.34 -4.26
N ALA A 118 -3.63 -3.20 -3.37
CA ALA A 118 -2.19 -3.59 -3.33
C ALA A 118 -1.73 -3.92 -4.75
N PHE A 119 -2.64 -4.33 -5.59
CA PHE A 119 -2.29 -4.66 -7.00
C PHE A 119 -1.83 -3.38 -7.71
N ARG A 120 -2.67 -2.38 -7.77
CA ARG A 120 -2.29 -1.12 -8.45
C ARG A 120 -0.93 -0.65 -7.92
N LEU A 121 -0.63 -0.94 -6.69
CA LEU A 121 0.67 -0.48 -6.11
C LEU A 121 1.82 -1.20 -6.84
N TYR A 122 1.76 -2.50 -6.96
CA TYR A 122 2.85 -3.25 -7.65
C TYR A 122 2.53 -3.39 -9.15
N ASP A 123 1.34 -3.05 -9.57
CA ASP A 123 1.01 -3.16 -11.02
C ASP A 123 1.69 -2.02 -11.78
N LEU A 124 2.96 -2.16 -12.05
CA LEU A 124 3.69 -1.08 -12.78
C LEU A 124 3.52 -1.27 -14.30
N ASP A 125 3.53 -2.49 -14.78
CA ASP A 125 3.40 -2.71 -16.25
C ASP A 125 1.95 -3.02 -16.65
N LYS A 126 1.05 -3.10 -15.71
CA LYS A 126 -0.38 -3.39 -16.06
C LYS A 126 -0.46 -4.74 -16.77
N ASP A 127 0.40 -5.66 -16.43
CA ASP A 127 0.34 -7.01 -17.05
C ASP A 127 -0.69 -7.83 -16.28
N GLU A 128 -1.35 -7.18 -15.35
CA GLU A 128 -2.40 -7.85 -14.51
C GLU A 128 -1.74 -8.62 -13.36
N LYS A 129 -0.44 -8.75 -13.37
CA LYS A 129 0.25 -9.49 -12.26
C LYS A 129 1.60 -8.83 -12.01
N ILE A 130 2.17 -8.96 -10.84
CA ILE A 130 3.49 -8.33 -10.59
C ILE A 130 4.55 -9.18 -11.32
N SER A 131 5.00 -8.72 -12.45
CA SER A 131 6.01 -9.46 -13.24
C SER A 131 7.31 -9.61 -12.46
N ARG A 132 8.29 -10.24 -13.04
CA ARG A 132 9.59 -10.44 -12.34
C ARG A 132 10.37 -9.12 -12.26
N ASP A 133 10.30 -8.31 -13.28
CA ASP A 133 11.06 -7.02 -13.25
C ASP A 133 10.41 -6.09 -12.24
N GLU A 134 9.13 -6.18 -12.06
CA GLU A 134 8.45 -5.28 -11.09
C GLU A 134 8.64 -5.83 -9.68
N LEU A 135 8.18 -7.02 -9.43
CA LEU A 135 8.32 -7.61 -8.08
C LEU A 135 9.76 -7.49 -7.61
N LEU A 136 10.71 -7.77 -8.45
CA LEU A 136 12.13 -7.68 -8.04
C LEU A 136 12.49 -6.23 -7.73
N GLN A 137 12.09 -5.31 -8.57
CA GLN A 137 12.43 -3.89 -8.29
C GLN A 137 12.09 -3.55 -6.83
N VAL A 138 10.98 -4.03 -6.34
CA VAL A 138 10.60 -3.74 -4.93
C VAL A 138 11.29 -4.72 -3.99
N LEU A 139 10.98 -5.98 -4.14
CA LEU A 139 11.61 -7.04 -3.29
C LEU A 139 13.10 -6.72 -3.11
N ARG A 140 13.74 -6.14 -4.09
CA ARG A 140 15.18 -5.79 -3.93
C ARG A 140 15.31 -4.47 -3.17
N MET A 141 14.41 -3.54 -3.39
CA MET A 141 14.52 -2.22 -2.69
C MET A 141 14.24 -2.39 -1.19
N MET A 142 13.65 -3.47 -0.77
CA MET A 142 13.34 -3.65 0.69
C MET A 142 14.32 -4.63 1.34
N VAL A 143 14.86 -5.58 0.61
CA VAL A 143 15.81 -6.56 1.25
C VAL A 143 17.25 -6.16 0.92
N GLY A 144 17.46 -5.51 -0.19
CA GLY A 144 18.85 -5.10 -0.55
C GLY A 144 19.48 -4.33 0.61
N VAL A 145 18.67 -3.78 1.48
CA VAL A 145 19.23 -3.01 2.63
C VAL A 145 20.25 -3.86 3.39
N ASN A 146 20.23 -5.16 3.21
CA ASN A 146 21.19 -6.03 3.93
C ASN A 146 21.46 -7.30 3.12
N ILE A 147 21.07 -7.33 1.87
CA ILE A 147 21.32 -8.55 1.04
C ILE A 147 22.41 -8.26 0.00
N SER A 148 23.34 -9.18 -0.16
CA SER A 148 24.45 -8.98 -1.14
C SER A 148 23.88 -8.87 -2.55
N ASP A 149 24.72 -8.80 -3.55
CA ASP A 149 24.20 -8.68 -4.95
C ASP A 149 23.84 -10.06 -5.49
N GLU A 150 24.80 -10.94 -5.65
CA GLU A 150 24.48 -12.30 -6.18
C GLU A 150 23.50 -12.98 -5.23
N GLN A 151 23.47 -12.56 -4.00
CA GLN A 151 22.54 -13.17 -3.03
C GLN A 151 21.13 -12.67 -3.35
N LEU A 152 21.00 -11.40 -3.62
CA LEU A 152 19.67 -10.85 -3.94
C LEU A 152 19.20 -11.43 -5.28
N GLY A 153 20.04 -11.41 -6.27
CA GLY A 153 19.63 -11.95 -7.60
C GLY A 153 19.09 -13.36 -7.43
N SER A 154 19.70 -14.14 -6.57
CA SER A 154 19.21 -15.54 -6.38
C SER A 154 18.05 -15.58 -5.39
N ILE A 155 17.94 -14.62 -4.53
CA ILE A 155 16.81 -14.65 -3.55
C ILE A 155 15.55 -14.13 -4.25
N ALA A 156 15.72 -13.34 -5.27
CA ALA A 156 14.54 -12.81 -6.01
C ALA A 156 14.05 -13.87 -7.00
N ASP A 157 14.93 -14.41 -7.78
CA ASP A 157 14.52 -15.45 -8.76
C ASP A 157 13.85 -16.61 -8.02
N ARG A 158 14.37 -16.97 -6.88
CA ARG A 158 13.76 -18.10 -6.12
C ARG A 158 12.47 -17.64 -5.46
N THR A 159 12.36 -16.39 -5.11
CA THR A 159 11.12 -15.89 -4.45
C THR A 159 9.95 -15.92 -5.44
N ILE A 160 10.13 -15.40 -6.61
CA ILE A 160 9.01 -15.39 -7.59
C ILE A 160 8.89 -16.76 -8.23
N GLN A 161 9.91 -17.57 -8.14
CA GLN A 161 9.84 -18.92 -8.76
C GLN A 161 9.24 -19.91 -7.78
N GLU A 162 9.32 -19.64 -6.51
CA GLU A 162 8.75 -20.59 -5.51
C GLU A 162 7.33 -20.18 -5.13
N ALA A 163 6.96 -18.94 -5.35
CA ALA A 163 5.57 -18.52 -5.02
C ALA A 163 4.74 -18.66 -6.27
N ASP A 164 5.37 -18.67 -7.41
CA ASP A 164 4.61 -18.75 -8.69
C ASP A 164 3.51 -19.79 -8.60
N GLN A 165 2.32 -19.37 -8.25
CA GLN A 165 1.18 -20.30 -8.15
C GLN A 165 0.39 -20.23 -9.46
N ASP A 166 0.24 -19.04 -10.02
CA ASP A 166 -0.49 -19.00 -11.32
C ASP A 166 0.46 -19.59 -12.33
N GLY A 167 1.67 -19.82 -11.91
CA GLY A 167 2.67 -20.40 -12.82
C GLY A 167 3.03 -19.38 -13.88
N ASP A 168 2.57 -18.18 -13.68
CA ASP A 168 2.87 -17.12 -14.65
C ASP A 168 4.24 -16.57 -14.32
N SER A 169 4.97 -17.26 -13.45
CA SER A 169 6.30 -16.73 -13.05
C SER A 169 6.07 -15.29 -12.66
N ALA A 170 4.86 -15.01 -12.24
CA ALA A 170 4.49 -13.63 -11.86
C ALA A 170 3.39 -13.73 -10.82
N ILE A 171 3.26 -12.78 -9.94
CA ILE A 171 2.18 -12.88 -8.93
C ILE A 171 1.59 -11.54 -8.61
N SER A 172 0.40 -11.58 -8.04
CA SER A 172 -0.25 -10.35 -7.54
C SER A 172 -1.57 -10.71 -6.88
N PHE A 173 -2.35 -11.47 -7.57
CA PHE A 173 -3.69 -11.84 -7.08
C PHE A 173 -3.83 -13.31 -6.65
N THR A 174 -3.01 -14.17 -7.17
CA THR A 174 -3.24 -15.62 -6.88
C THR A 174 -2.63 -16.14 -5.58
N GLU A 175 -1.34 -16.24 -5.46
CA GLU A 175 -0.84 -16.81 -4.18
C GLU A 175 -1.18 -15.79 -3.09
N PHE A 176 -1.60 -14.62 -3.49
CA PHE A 176 -2.01 -13.61 -2.49
C PHE A 176 -3.35 -14.09 -1.94
N VAL A 177 -4.31 -14.31 -2.80
CA VAL A 177 -5.62 -14.82 -2.34
C VAL A 177 -5.39 -16.12 -1.57
N LYS A 178 -4.57 -16.99 -2.09
CA LYS A 178 -4.31 -18.27 -1.38
C LYS A 178 -3.62 -17.96 -0.04
N VAL A 179 -2.99 -16.82 0.07
CA VAL A 179 -2.30 -16.47 1.33
C VAL A 179 -3.32 -15.88 2.33
N LEU A 180 -4.31 -15.18 1.85
CA LEU A 180 -5.31 -14.60 2.79
C LEU A 180 -6.04 -15.73 3.51
N GLU A 181 -6.29 -16.81 2.83
CA GLU A 181 -7.00 -17.95 3.49
C GLU A 181 -6.27 -18.29 4.80
N LYS A 182 -5.10 -17.73 5.00
CA LYS A 182 -4.33 -18.02 6.24
C LYS A 182 -4.20 -16.72 7.07
N VAL A 183 -4.41 -15.59 6.45
CA VAL A 183 -4.29 -14.31 7.20
C VAL A 183 -5.29 -13.29 6.63
N ASP A 184 -6.26 -12.89 7.40
CA ASP A 184 -7.26 -11.91 6.89
C ASP A 184 -6.60 -10.56 6.67
N VAL A 185 -5.70 -10.47 5.74
CA VAL A 185 -5.01 -9.17 5.47
C VAL A 185 -6.06 -8.07 5.30
N GLU A 186 -7.29 -8.43 5.02
CA GLU A 186 -8.34 -7.41 4.83
C GLU A 186 -8.39 -6.47 6.03
N GLN A 187 -8.07 -6.95 7.21
CA GLN A 187 -8.09 -6.07 8.41
C GLN A 187 -6.71 -5.43 8.58
N LYS A 188 -5.67 -6.11 8.19
CA LYS A 188 -4.31 -5.52 8.32
C LYS A 188 -4.32 -4.13 7.71
N MET A 189 -5.13 -3.93 6.70
CA MET A 189 -5.20 -2.58 6.05
C MET A 189 -5.81 -1.59 7.06
N SER A 190 -5.19 -1.47 8.20
CA SER A 190 -5.70 -0.53 9.25
C SER A 190 -4.52 0.26 9.79
N ILE A 191 -4.56 1.56 9.66
CA ILE A 191 -3.42 2.40 10.14
C ILE A 191 -3.79 3.04 11.49
N ARG A 192 -2.96 2.87 12.48
CA ARG A 192 -3.27 3.48 13.81
C ARG A 192 -1.97 3.61 14.62
N PHE A 193 -1.64 4.80 15.03
CA PHE A 193 -0.38 4.98 15.82
C PHE A 193 -0.34 6.40 16.37
N LEU A 194 -0.62 6.57 17.63
CA LEU A 194 -0.59 7.94 18.23
C LEU A 194 0.86 8.31 18.54
N HIS A 195 1.21 9.56 18.37
CA HIS A 195 2.61 9.99 18.66
C HIS A 195 2.64 11.52 18.83
N VAL B 1 -8.95 -33.99 -15.75
CA VAL B 1 -7.82 -33.39 -14.97
C VAL B 1 -7.39 -32.08 -15.62
N ASP B 2 -7.07 -31.09 -14.82
CA ASP B 2 -6.65 -29.78 -15.39
C ASP B 2 -5.83 -29.02 -14.36
N LEU B 3 -6.10 -29.23 -13.10
CA LEU B 3 -5.34 -28.51 -12.03
C LEU B 3 -5.56 -29.21 -10.69
N LEU B 4 -6.71 -29.77 -10.50
CA LEU B 4 -7.00 -30.47 -9.21
C LEU B 4 -5.85 -31.44 -8.89
N ALA B 5 -4.99 -31.10 -7.98
CA ALA B 5 -3.86 -31.99 -7.64
C ALA B 5 -3.10 -31.42 -6.44
N VAL B 6 -3.77 -31.24 -5.33
CA VAL B 6 -3.08 -30.69 -4.13
C VAL B 6 -2.26 -31.80 -3.45
N LYS B 7 -1.03 -31.51 -3.11
CA LYS B 7 -0.19 -32.56 -2.46
C LYS B 7 -0.55 -32.63 -0.97
N LYS B 8 0.33 -32.19 -0.11
CA LYS B 8 0.03 -32.24 1.34
C LYS B 8 -0.84 -31.05 1.73
N LYS B 9 -0.28 -30.09 2.42
CA LYS B 9 -1.08 -28.90 2.82
C LYS B 9 -0.16 -27.82 3.38
N GLN B 10 1.13 -27.99 3.23
CA GLN B 10 2.09 -26.98 3.75
C GLN B 10 1.86 -26.79 5.25
N GLU B 11 2.75 -27.29 6.07
CA GLU B 11 2.58 -27.13 7.54
C GLU B 11 2.99 -25.71 7.95
N THR B 12 3.78 -25.58 8.98
CA THR B 12 4.21 -24.23 9.43
C THR B 12 5.50 -23.84 8.72
N LYS B 13 5.63 -24.17 7.46
CA LYS B 13 6.87 -23.83 6.71
C LYS B 13 6.85 -22.34 6.36
N ARG B 14 7.97 -21.67 6.49
CA ARG B 14 8.00 -20.22 6.16
C ARG B 14 7.55 -20.01 4.71
N SER B 15 6.69 -19.06 4.50
CA SER B 15 6.19 -18.79 3.11
C SER B 15 6.82 -17.49 2.59
N ILE B 16 7.16 -17.45 1.33
CA ILE B 16 7.77 -16.21 0.76
C ILE B 16 6.69 -15.14 0.65
N ASN B 17 5.47 -15.52 0.39
CA ASN B 17 4.39 -14.53 0.25
C ASN B 17 3.96 -14.00 1.64
N GLU B 18 4.17 -14.78 2.66
CA GLU B 18 3.77 -14.32 4.02
C GLU B 18 4.82 -13.37 4.60
N GLU B 19 6.07 -13.60 4.33
CA GLU B 19 7.12 -12.71 4.90
C GLU B 19 7.21 -11.41 4.09
N ILE B 20 7.22 -11.49 2.78
CA ILE B 20 7.33 -10.25 1.97
C ILE B 20 6.01 -9.45 2.05
N HIS B 21 4.89 -10.11 2.05
CA HIS B 21 3.60 -9.34 2.13
C HIS B 21 3.46 -8.70 3.50
N THR B 22 3.79 -9.41 4.55
CA THR B 22 3.66 -8.82 5.90
C THR B 22 4.47 -7.52 5.96
N GLN B 23 5.71 -7.56 5.57
CA GLN B 23 6.56 -6.33 5.59
C GLN B 23 6.00 -5.32 4.59
N PHE B 24 5.97 -5.67 3.34
CA PHE B 24 5.45 -4.74 2.29
C PHE B 24 4.15 -4.11 2.78
N LEU B 25 3.15 -4.92 3.06
CA LEU B 25 1.85 -4.38 3.55
C LEU B 25 2.08 -3.29 4.60
N ASP B 26 3.00 -3.51 5.50
CA ASP B 26 3.25 -2.48 6.56
C ASP B 26 3.98 -1.26 5.98
N HIS B 27 4.97 -1.49 5.16
CA HIS B 27 5.73 -0.34 4.58
C HIS B 27 4.86 0.48 3.62
N LEU B 28 3.95 -0.15 2.93
CA LEU B 28 3.09 0.60 1.97
C LEU B 28 1.93 1.27 2.69
N LEU B 29 1.34 0.62 3.66
CA LEU B 29 0.19 1.25 4.38
C LEU B 29 0.68 2.55 5.05
N THR B 30 1.76 2.48 5.77
CA THR B 30 2.29 3.70 6.45
C THR B 30 3.02 4.59 5.44
N GLY B 31 3.48 4.03 4.35
CA GLY B 31 4.21 4.86 3.34
C GLY B 31 3.22 5.62 2.46
N ILE B 32 2.03 5.12 2.31
CA ILE B 32 1.02 5.81 1.44
C ILE B 32 0.21 6.80 2.28
N GLU B 33 0.04 6.55 3.54
CA GLU B 33 -0.76 7.50 4.38
C GLU B 33 0.14 8.63 4.89
N ASP B 34 1.40 8.34 5.11
CA ASP B 34 2.31 9.40 5.61
C ASP B 34 2.12 10.70 4.79
N ILE B 35 1.44 10.60 3.67
CA ILE B 35 1.21 11.82 2.84
C ILE B 35 0.21 12.75 3.54
N CYS B 36 -0.79 12.20 4.18
CA CYS B 36 -1.79 13.06 4.89
C CYS B 36 -1.11 14.24 5.58
N GLY B 37 0.16 14.10 5.90
CA GLY B 37 0.88 15.23 6.56
C GLY B 37 2.09 14.68 7.33
N HIS B 38 3.20 14.50 6.67
CA HIS B 38 4.41 13.98 7.35
C HIS B 38 5.28 15.15 7.81
N TYR B 39 6.24 15.52 7.03
CA TYR B 39 7.13 16.67 7.43
C TYR B 39 7.75 16.38 8.79
N GLY B 40 9.00 16.01 8.82
CA GLY B 40 9.66 15.72 10.12
C GLY B 40 11.13 15.36 9.88
N HIS B 41 11.55 15.31 8.64
CA HIS B 41 12.96 14.97 8.34
C HIS B 41 13.29 13.59 8.91
N HIS B 42 14.27 12.92 8.36
CA HIS B 42 14.63 11.56 8.87
C HIS B 42 15.58 11.71 10.06
N HIS B 43 15.04 11.95 11.23
CA HIS B 43 15.91 12.10 12.43
C HIS B 43 16.53 10.75 12.78
#